data_8TB9
#
_entry.id   8TB9
#
_cell.length_a   1.00
_cell.length_b   1.00
_cell.length_c   1.00
_cell.angle_alpha   90.00
_cell.angle_beta   90.00
_cell.angle_gamma   90.00
#
_symmetry.space_group_name_H-M   'P 1'
#
loop_
_entity.id
_entity.type
_entity.pdbx_description
1 polymer 'Histone H1.0'
2 polymer 'Protein Jumonji'
3 polymer 'Polycomb protein SUZ12'
4 polymer 'Histone-lysine N-methyltransferase EZH2'
5 polymer 'Polycomb protein EED'
6 polymer 'DNA (226-MER)'
7 polymer 'Histone H3.2'
8 polymer 'Histone H4'
9 polymer 'Histone-binding protein RBBP4'
10 polymer 'Histone H2A type 1'
11 polymer 'Histone H2B 1.1'
12 polymer 'DNA (226-MER)'
13 polymer 'Zinc finger protein AEBP2'
14 non-polymer S-ADENOSYL-L-HOMOCYSTEINE
#
loop_
_entity_poly.entity_id
_entity_poly.type
_entity_poly.pdbx_seq_one_letter_code
_entity_poly.pdbx_strand_id
1 'polypeptide(L)'
;GSHMTENSTSAPAAKPKRAKASKKSTDHPKYSDMIVAAIQAEKNRAGSSRQSIQKYIKSHYKVGENADSQIKLSIKRLVT
TGVLKQTKGVGASGSFRLAKSDEPKKSVAFKKTKKEIKKVATPKKASKPKKAASKAPTKKPKATPVKKAKKKLAATPKKA
KKPKTVKAKPVKASKPKKAKPVKPKAKSSAKRAGKKK
;
A
2 'polypeptide(L)'
;MVQSQPNSPSTTPVKIVEPLLPPPATQISDLSKRKPKTEDFLTFLCLRGSPALPNSMVYFGSSQDEEEVEEEDDETEDVK
TATNNASSSCQSTPRKGKTHKHVHNGHVFNGSSRSTREKEPVQKHKSKEATPAKEKHSDHRADSRREQASANHPAAAPST
GSSAKGLAATHHHPPLHRSAQDLRKQVSKVNGVTRMSSLGAGVTSAKKMREVRPSPSKTVKYTATVTKGAVTYTKAKREL
VKDTKPNHHKPSSAVNHTISGKTESSNAKTRKQVLSLGGASKSTGPAVNGLKVSGRLNPKSCTKEVGGRQLREGLQLREG
LRNSKRRLEEAHQA
;
B
3 'polypeptide(L)'
;MVLPVKKPKMEHVQADHELFLQAFEKPTQIYRFLRTRNLIAPIFLHRTLTYMSHRNSRTNIKRKTFKVDDMLSKVEKMKG
EQESHSLSAHLQLTFTGFFHKNDKPSPNSENEQNSVTLEVLLVKVCHKKRKDVSCPIRQVPTGKKQVPLNPDLNQTKPGN
FPSLAVSSNEFEPSNSHMVKSYSLLFRVTRPGRREFNGMINGETNENIDVNEELPARRKRNREDGEKTFVAQMTVFDKNR
RLQLLDGEYEVAMQEMEECPISKKRATWETILDGKRLPPFETFSQGPTLQFTLRWTGETNDKSTAPIAKPLATRNSESLH
QENKPGSVKPTQTIAVKESLTTDLQTRKEKDTPNENRQKLRIFYQFLYNNNTRQQTEARDDLHCPWCTLNCRKLYSLLKH
LKLCHSRFIFNYVYHPKGARIDVSINECYDGSYAGNPQDIHRQPGFAFSRNGPVKRTPITHILVCRPKRTKASMSEFLES
EDGEVEQQRTYSSGHNRLYFHSDTCLPLRPQEMEVDSEDEKDPEWLREKTITQIEEFSDVNEGEKEVMKLWNLHVMKHGF
IADNQMNHACMLFVENYGQKIIKKNLCRNFMLHLVSMHDFNLISIMSIDKAVTKLREMQ
;
D
4 'polypeptide(L)'
;SNAGQTGKKSEKGPVACRKRVKSEYMRLRQLKRFRRADEVKSMFSSNRQKILERTEILNQEWKQRRIQPVHILTSVSSLR
GTRECSVTSDLDFPTQVIPLKTLNAVASVPIMYSWSPLQQNFMVEDETVLHNIPYMGDEVLDQDGTFIEELIKNYDGKVH
GDRECGFINDEIFVELVNALGQYNDDDDDDDGDDPEEREEKQKDLEDHRDDKESRPPRKFPSDKIFEAISSMFPDKGTAE
ELKEKYKELTEQQLPGALPPECTPNIDGPNAKSVQREQSLHSFHTLFCRRCFKYDCFLHRKCNYSFHATPNTYKRKNTET
ALDNKPCGPQCYQHLEGAKEFAAALTAERIKTPPKRPGGRRRGRLPNNSSRPSTPTINVLESKDTDSDREAGTETGGENN
DKEEEEKKDETSSSSEANSRCQTPIKMKPNIEPPENVEWSGAEASMFRVLIGTYYDNFCAIARLIGTKTCRQVYEFRVKE
SSIIAPAPAEDVDTPPRKKKRKHRLWAAHCRKIQLKKDGSSNHVYNYQPCDHPRQPCDSSCPCVIAQNFCEKFCQCSSEC
QNRFPGCRCKAQCNTKQCPCYLAVRECDPDLCLTCGAADHWDSKNVSCKNCSIQRGSKKHLLLAPSDVAGWGIFIKDPVQ
KNEFISEYCGEIISQDEADRRGKVYDKYMCSFLFNLNNDFVVDATRKGNKIRFANHSVNPNCYAKVMMVNGDHRIGIFAK
RAIQTGEELFFDYRYSQADALKYVGIEREMEIP
;
E
5 'polypeptide(L)'
;MSEREVSTAPAGTDMPAAKKQKLSSDENSNPDLSGDENDDAVSIESGTNTERPDTPTNTPNAPGRKSWGKGKWKSKKCKY
SFKCVNSLKEDHNQPLFGVQFNWHSKEGDPLVFATVGSNRVTLYECHSQGEIRLLQSYVDADADENFYTCAWTYDSNTSH
PLLAVAGSRGIIRIINPITMQCIKHYVGHGNAINELKFHPRDPNLLLSVSKDHALRLWNIQTDTLVAIFGGVEGHRDEVL
SADYDLLGEKIMSCGMDHSLKLWRINSKRMMNAIKESYDYNPNKTNRPFISQKIHFPDFSTRDIHRNYVDCVRWLGDLIL
SKSCENAIVCWKPGKMEDDIDKIKPSESNVTILGRFDYSQCDIWYMRFSMDFWQKMLALGNQVGKLYVWDLEVEDPHKAK
CTTLTHHKCGAAIRQTSFSRDSSILIAVCDDASIWRWDRLR
;
G
6 'polydeoxyribonucleotide'
;(DA)(DT)(DC)(DG)(DG)(DG)(DA)(DG)(DC)(DT)(DC)(DC)(DG)(DA)(DC)(DC)(DG)(DA)(DA)(DT)
(DG)(DA)(DC)(DA)(DT)(DG)(DC)(DA)(DT)(DG)(DC)(DA)(DT)(DA)(DC)(DA)(DG)(DG)(DA)(DT)
(DG)(DT)(DA)(DT)(DA)(DT)(DA)(DC)(DC)(DT)(DG)(DA)(DC)(DA)(DC)(DG)(DT)(DG)(DC)(DC)
(DT)(DG)(DG)(DA)(DG)(DA)(DC)(DT)(DA)(DG)(DG)(DG)(DA)(DG)(DT)(DA)(DA)(DC)(DC)(DC)
(DC)(DC)(DT)(DT)(DG)(DG)(DC)(DG)(DG)(DT)(DT)(DA)(DA)(DA)(DA)(DC)(DG)(DC)(DG)(DG)
(DG)(DG)(DG)(DA)(DC)(DA)(DG)(DC)(DG)(DC)(DG)(DT)(DA)(DC)(DG)(DT)(DG)(DC)(DG)(DT)
(DT)(DT)(DA)(DA)(DG)(DC)(DG)(DG)(DT)(DG)(DC)(DT)(DA)(DG)(DA)(DG)(DC)(DT)(DG)(DC)
(DC)(DT)(DA)(DC)(DG)(DA)(DC)(DC)(DA)(DA)(DT)(DG)(DG)(DA)(DG)(DC)(DG)(DG)(DC)(DC)
(DT)(DC)(DG)(DG)(DC)(DA)(DC)(DC)(DG)(DG)(DG)(DA)(DT)(DC)(DC)(DC)(DC)(DC)(DA)(DG)
(DC)(DC)(DG)(DC)(DC)(DG)(DG)(DC)(DA)(DG)(DC)(DG)(DC)(DA)(DG)(DC)(DG)(DC)(DC)(DT)
(DG)(DA)(DC)(DG)(DG)(DG)(DC)(DA)(DC)(DA)(DC)(DA)(DG)(DT)(DC)
;
H
7 'polypeptide(L)'
;MARTKQTARKSTGGKAPRKQLATKAARKSAPATGGVKKPHRYRPGTVALREIRRYQKSTELLIRKLPFQRLVREIAQDFK
TDLRFQSSAVMALQEASEAYLVALFEDTNLCAIHAKRVTIMPKDIQLARRIRGERA
;
I,W
8 'polypeptide(L)'
;MSGRGKGGKGLGKGGAKRHRKVLRDNIQGITKPAIRRLARRGGVKRISGLIYEETRGVLKVFLENVIRDAVTYTEHAKRK
TVTAMDVVYALKRQGRTLYGFGGSSG
;
J,X
9 'polypeptide(L)'
;MADKEAAFDDAVEERVINEEYKIWKKNTPFLYDLVMTHALEWPSLTAQWLPDVTRPEGKDFSIHRLVLGTHTSDEQNHLV
IASVQLPNDDAQFDASHYDSEKGEFGGFGSVSGKIEIEIKINHEGEVNRARYMPQNPCIIATKTPSSDVLVFDYTKHPSK
PDPSGECNPDLRLRGHQKEGYGLSWNPNLSGHLLSASDDHTICLWDISAVPKEGKVVDAKTIFTGHTAVVEDVSWHLLHE
SLFGSVADDQKLMIWDTRSNNTSKPSHSVDAHTAEVNCLSFNPYSEFILATGSADKTVALWDLRNLKLKLHSFESHKDEI
FQVQWSPHNETILASSGTDRRLNVWDLSKIGEEQSPEDAEDGPPELLFIHGGHTAKISDFSWNPNEPWVICSVSEDNIMQ
VWQMAENIYNDEDPEGSVDPEGQGS
;
O
10 'polypeptide(L)'
;SNAMSGRGKQGGKTRAKAKTRSSRAGLQFPVGRVHRLLRKGNYAERVGAGAPVYLAAVLEYLTAEILELAGNAARDNKKT
RIIPRHLQLAVRNDEELNKLLGRVTIAQGGVLPNIQSVLLPKCTESSKSAKSK
;
R,U
11 'polypeptide(L)'
;MAKSAPAPKKGSKKAVTKTQKKDGKKRRKTRKESYAIYVYKVLKQVHPDTGISSKAMSIMNSFVNDVFERIAGEASRLAH
YNKRSTITSREIQTAVRLLLPGELAKHAVSEGTKAVTKYTSAK
;
S,V
12 'polydeoxyribonucleotide'
;(DG)(DA)(DC)(DT)(DG)(DT)(DG)(DT)(DG)(DC)(DC)(DC)(DG)(DT)(DC)(DA)(DG)(DA)(DC)(DG)
(DC)(DT)(DG)(DC)(DG)(DC)(DC)(DG)(DC)(DC)(DG)(DG)(DC)(DG)(DG)(DC)(DC)(DG)(DG)(DA)
(DG)(DA)(DA)(DT)(DC)(DC)(DC)(DG)(DG)(DT)(DG)(DC)(DC)(DG)(DA)(DG)(DG)(DC)(DC)(DG)
(DC)(DC)(DC)(DT)(DA)(DT)(DT)(DG)(DG)(DT)(DC)(DG)(DT)(DA)(DG)(DA)(DC)(DA)(DG)(DC)
(DC)(DC)(DC)(DA)(DG)(DC)(DA)(DC)(DC)(DG)(DC)(DC)(DT)(DA)(DA)(DA)(DC)(DG)(DC)(DA)
(DC)(DG)(DT)(DA)(DC)(DG)(DC)(DG)(DC)(DC)(DG)(DT)(DC)(DC)(DC)(DC)(DC)(DG)(DC)(DG)
(DT)(DT)(DT)(DT)(DA)(DA)(DC)(DC)(DG)(DC)(DC)(DA)(DA)(DG)(DG)(DG)(DG)(DA)(DT)(DT)
(DA)(DC)(DC)(DC)(DC)(DC)(DC)(DA)(DG)(DT)(DC)(DC)(DC)(DC)(DA)(DG)(DG)(DC)(DA)(DC)
(DG)(DT)(DG)(DC)(DC)(DA)(DG)(DA)(DT)(DA)(DT)(DA)(DT)(DA)(DC)(DA)(DT)(DC)(DC)(DC)
(DG)(DT)(DA)(DC)(DG)(DC)(DA)(DC)(DG)(DC)(DA)(DC)(DA)(DT)(DC)(DA)(DT)(DT)(DC)(DG)
(DA)(DT)(DC)(DG)(DG)(DA)(DG)(DC)(DT)(DC)(DC)(DC)(DG)(DA)(DT)
;
T
13 'polypeptide(L)'
;SNAYTRRYSSISSTIMDVDSTISSGRSTPAMMNGQGSTTSSSKNIAYNCCWDQCQACFNSSPDLADHIRSIHVDGQRGGV
FVCLWKGCKVYNTPSTSQSWLQRHMLTHSGDKPFKCVVGGCNASFASQGGLARHVPTHFSQQNSSKVSSQPKAKEESPSK
AGMNKRRKLKNKRRRSLPRPHDFFDAQTLDAIRHRAICFNLSAHIESLGKGHSVVFHSTVIAKRKEDSGKIKLLLHWMPE
DILPDVWVNESERHQLKTKVVHLSKLPKDTALLLDPNIYRTMPQKRLKRTLIRKVFNLYLSKQ
;
Y
#
loop_
_chem_comp.id
_chem_comp.type
_chem_comp.name
_chem_comp.formula
DA DNA linking 2'-DEOXYADENOSINE-5'-MONOPHOSPHATE 'C10 H14 N5 O6 P'
DC DNA linking 2'-DEOXYCYTIDINE-5'-MONOPHOSPHATE 'C9 H14 N3 O7 P'
DG DNA linking 2'-DEOXYGUANOSINE-5'-MONOPHOSPHATE 'C10 H14 N5 O7 P'
DT DNA linking THYMIDINE-5'-MONOPHOSPHATE 'C10 H15 N2 O8 P'
SAH non-polymer S-ADENOSYL-L-HOMOCYSTEINE 'C14 H20 N6 O5 S'
#
# COMPACT_ATOMS: atom_id res chain seq x y z
N ASP A 27 -21.99 34.20 56.45
CA ASP A 27 -22.37 34.52 55.08
C ASP A 27 -22.59 33.26 54.27
N HIS A 28 -23.43 32.38 54.81
CA HIS A 28 -23.69 31.10 54.17
C HIS A 28 -25.16 30.94 53.84
N PRO A 29 -25.55 31.08 52.58
CA PRO A 29 -26.92 30.74 52.19
C PRO A 29 -27.13 29.22 52.18
N LYS A 30 -28.27 28.78 51.63
CA LYS A 30 -28.61 27.38 51.65
C LYS A 30 -27.58 26.56 50.87
N TYR A 31 -27.31 25.35 51.37
CA TYR A 31 -26.19 24.57 50.87
C TYR A 31 -26.33 24.19 49.39
N SER A 32 -27.50 24.40 48.80
CA SER A 32 -27.71 24.06 47.39
C SER A 32 -26.79 24.84 46.47
N ASP A 33 -26.46 26.07 46.88
CA ASP A 33 -25.94 27.06 45.95
C ASP A 33 -24.43 26.98 45.80
N MET A 34 -23.69 26.97 46.90
CA MET A 34 -22.25 26.94 46.76
C MET A 34 -21.81 25.61 46.18
N ILE A 35 -22.51 24.52 46.51
CA ILE A 35 -22.13 23.21 45.99
C ILE A 35 -22.18 23.19 44.47
N VAL A 36 -23.27 23.67 43.88
CA VAL A 36 -23.34 23.73 42.42
C VAL A 36 -22.34 24.75 41.88
N ALA A 37 -22.11 25.84 42.62
CA ALA A 37 -21.11 26.82 42.19
C ALA A 37 -19.71 26.22 42.21
N ALA A 38 -19.40 25.42 43.23
CA ALA A 38 -18.08 24.81 43.34
C ALA A 38 -17.80 23.88 42.17
N ILE A 39 -18.78 23.06 41.79
CA ILE A 39 -18.59 22.17 40.65
C ILE A 39 -18.39 22.97 39.38
N GLN A 40 -19.12 24.09 39.24
CA GLN A 40 -18.94 24.96 38.08
C GLN A 40 -17.53 25.53 38.02
N ALA A 41 -16.91 25.76 39.19
CA ALA A 41 -15.56 26.29 39.21
C ALA A 41 -14.55 25.34 38.58
N GLU A 42 -14.66 24.05 38.88
CA GLU A 42 -13.76 23.03 38.35
C GLU A 42 -14.62 22.04 37.56
N LYS A 43 -14.68 22.22 36.25
CA LYS A 43 -15.57 21.44 35.40
C LYS A 43 -14.95 20.10 35.01
N ASN A 44 -14.92 19.15 35.94
CA ASN A 44 -14.42 17.81 35.66
C ASN A 44 -15.51 17.00 34.97
N ARG A 45 -15.23 16.53 33.76
CA ARG A 45 -16.22 15.73 33.03
C ARG A 45 -16.45 14.40 33.71
N ALA A 46 -15.44 13.85 34.37
CA ALA A 46 -15.57 12.58 35.07
C ALA A 46 -16.32 12.72 36.39
N GLY A 47 -16.63 13.93 36.83
CA GLY A 47 -17.30 14.12 38.10
C GLY A 47 -16.34 14.55 39.19
N SER A 48 -16.75 15.52 40.01
CA SER A 48 -15.87 16.06 41.04
C SER A 48 -15.83 15.13 42.25
N SER A 49 -14.62 14.82 42.71
CA SER A 49 -14.45 13.99 43.88
C SER A 49 -14.89 14.74 45.13
N ARG A 50 -15.26 13.98 46.17
CA ARG A 50 -15.88 14.57 47.35
C ARG A 50 -15.01 15.66 47.97
N GLN A 51 -13.69 15.47 47.93
CA GLN A 51 -12.79 16.42 48.58
C GLN A 51 -12.74 17.74 47.83
N SER A 52 -12.83 17.71 46.50
CA SER A 52 -12.64 18.92 45.70
C SER A 52 -13.61 20.02 46.12
N ILE A 53 -14.88 19.67 46.32
CA ILE A 53 -15.83 20.64 46.84
C ILE A 53 -15.47 21.00 48.28
N GLN A 54 -15.09 20.01 49.09
CA GLN A 54 -14.92 20.23 50.51
C GLN A 54 -13.81 21.24 50.80
N LYS A 55 -12.69 21.14 50.10
CA LYS A 55 -11.58 22.06 50.35
C LYS A 55 -11.95 23.48 49.93
N TYR A 56 -12.53 23.63 48.73
CA TYR A 56 -12.73 24.95 48.15
C TYR A 56 -13.75 25.77 48.93
N ILE A 57 -14.92 25.19 49.20
CA ILE A 57 -16.03 25.99 49.73
C ILE A 57 -15.70 26.48 51.14
N LYS A 58 -14.99 25.66 51.92
CA LYS A 58 -14.55 26.11 53.23
C LYS A 58 -13.42 27.12 53.13
N SER A 59 -12.50 26.94 52.19
CA SER A 59 -11.43 27.91 51.99
C SER A 59 -11.97 29.23 51.47
N HIS A 60 -12.97 29.19 50.59
CA HIS A 60 -13.49 30.41 49.98
C HIS A 60 -14.48 31.11 50.90
N TYR A 61 -15.57 30.43 51.25
CA TYR A 61 -16.64 31.02 52.05
C TYR A 61 -16.39 30.75 53.53
N LYS A 62 -17.33 31.15 54.38
CA LYS A 62 -17.28 30.90 55.81
C LYS A 62 -18.48 30.06 56.20
N VAL A 63 -18.22 28.93 56.86
CA VAL A 63 -19.26 28.00 57.28
C VAL A 63 -19.06 27.71 58.76
N GLY A 64 -20.12 27.23 59.40
CA GLY A 64 -20.12 26.98 60.83
C GLY A 64 -19.08 26.00 61.33
N GLU A 65 -19.02 25.82 62.64
CA GLU A 65 -17.99 24.98 63.24
C GLU A 65 -18.12 23.53 62.78
N ASN A 66 -19.34 23.08 62.49
CA ASN A 66 -19.61 21.70 62.08
C ASN A 66 -19.73 21.59 60.56
N ALA A 67 -18.92 22.35 59.83
CA ALA A 67 -19.10 22.49 58.39
C ALA A 67 -19.03 21.13 57.69
N ASP A 68 -17.93 20.39 57.91
CA ASP A 68 -17.69 19.18 57.13
C ASP A 68 -18.82 18.18 57.27
N SER A 69 -19.43 18.11 58.47
CA SER A 69 -20.56 17.22 58.66
C SER A 69 -21.74 17.64 57.78
N GLN A 70 -22.01 18.94 57.72
CA GLN A 70 -23.15 19.39 56.92
C GLN A 70 -22.92 19.18 55.43
N ILE A 71 -21.66 19.30 54.96
CA ILE A 71 -21.39 19.08 53.54
C ILE A 71 -21.64 17.63 53.16
N LYS A 72 -21.21 16.69 53.99
CA LYS A 72 -21.33 15.27 53.62
C LYS A 72 -22.78 14.89 53.41
N LEU A 73 -23.64 15.18 54.38
CA LEU A 73 -25.07 14.91 54.20
C LEU A 73 -25.69 15.83 53.17
N SER A 74 -25.09 17.01 52.95
CA SER A 74 -25.57 17.87 51.86
C SER A 74 -25.47 17.16 50.53
N ILE A 75 -24.33 16.51 50.27
CA ILE A 75 -24.22 15.64 49.11
C ILE A 75 -25.24 14.51 49.21
N LYS A 76 -25.38 13.93 50.39
CA LYS A 76 -26.26 12.78 50.56
C LYS A 76 -27.69 13.14 50.23
N ARG A 77 -28.17 14.29 50.71
CA ARG A 77 -29.52 14.71 50.35
C ARG A 77 -29.56 15.22 48.90
N LEU A 78 -28.47 15.82 48.43
CA LEU A 78 -28.44 16.34 47.07
C LEU A 78 -28.51 15.21 46.05
N VAL A 79 -27.77 14.12 46.28
CA VAL A 79 -27.82 13.01 45.34
C VAL A 79 -29.19 12.33 45.38
N THR A 80 -29.86 12.34 46.53
CA THR A 80 -31.21 11.78 46.59
C THR A 80 -32.20 12.61 45.77
N THR A 81 -32.02 13.92 45.73
CA THR A 81 -32.83 14.76 44.86
C THR A 81 -32.63 14.43 43.39
N GLY A 82 -31.53 13.77 43.03
CA GLY A 82 -31.32 13.26 41.70
C GLY A 82 -30.72 14.24 40.72
N VAL A 83 -30.53 15.50 41.11
CA VAL A 83 -30.04 16.49 40.14
C VAL A 83 -28.54 16.34 39.93
N LEU A 84 -27.86 15.63 40.84
CA LEU A 84 -26.43 15.39 40.71
C LEU A 84 -26.16 13.89 40.57
N LYS A 85 -25.10 13.56 39.84
CA LYS A 85 -24.75 12.17 39.53
C LYS A 85 -23.42 11.80 40.18
N GLN A 86 -23.42 10.70 40.93
CA GLN A 86 -22.19 10.13 41.47
C GLN A 86 -21.58 9.22 40.43
N THR A 87 -20.51 9.68 39.78
CA THR A 87 -19.88 8.90 38.73
C THR A 87 -19.04 7.75 39.26
N LYS A 88 -18.47 7.90 40.47
CA LYS A 88 -17.62 6.87 41.05
C LYS A 88 -17.82 6.86 42.55
N GLY A 89 -17.58 5.70 43.17
CA GLY A 89 -17.72 5.56 44.60
C GLY A 89 -19.16 5.30 45.02
N VAL A 90 -19.33 5.07 46.32
CA VAL A 90 -20.62 4.76 46.91
C VAL A 90 -20.89 5.74 48.04
N GLY A 91 -22.11 6.25 48.10
CA GLY A 91 -22.46 7.19 49.15
C GLY A 91 -21.76 8.51 48.95
N ALA A 92 -21.04 8.98 49.96
CA ALA A 92 -20.33 10.25 49.90
C ALA A 92 -18.86 10.10 49.55
N SER A 93 -18.32 8.88 49.56
CA SER A 93 -16.88 8.68 49.45
C SER A 93 -16.32 8.82 48.04
N GLY A 94 -17.17 8.89 47.03
CA GLY A 94 -16.72 8.89 45.65
C GLY A 94 -16.72 10.26 45.00
N SER A 95 -16.95 10.27 43.69
CA SER A 95 -16.98 11.48 42.89
C SER A 95 -18.39 11.75 42.40
N PHE A 96 -18.74 13.03 42.29
CA PHE A 96 -20.09 13.44 41.93
C PHE A 96 -20.04 14.41 40.76
N ARG A 97 -21.11 14.42 39.97
CA ARG A 97 -21.21 15.23 38.77
C ARG A 97 -22.51 16.00 38.76
N LEU A 98 -22.48 17.21 38.18
CA LEU A 98 -23.68 18.03 38.09
C LEU A 98 -24.80 17.35 37.31
N ALA A 99 -24.46 16.43 36.40
CA ALA A 99 -25.44 15.68 35.63
C ALA A 99 -26.37 16.59 34.83
N LYS A 100 -25.88 17.79 34.51
CA LYS A 100 -26.63 18.83 33.79
C LYS A 100 -28.13 18.85 34.06
N PRO B 22 -49.00 30.47 -33.08
CA PRO B 22 -48.61 30.16 -31.70
C PRO B 22 -49.65 30.51 -30.62
N PRO B 23 -50.36 31.64 -30.72
CA PRO B 23 -51.43 31.91 -29.76
C PRO B 23 -52.48 30.80 -29.73
N PRO B 24 -52.87 30.22 -30.87
CA PRO B 24 -53.79 29.07 -30.80
C PRO B 24 -53.05 27.79 -30.46
N ALA B 25 -53.29 27.27 -29.25
CA ALA B 25 -52.81 25.95 -28.89
C ALA B 25 -53.72 24.91 -29.54
N THR B 26 -53.59 24.75 -30.86
CA THR B 26 -54.56 24.01 -31.65
C THR B 26 -54.70 22.57 -31.21
N GLN B 27 -53.65 21.77 -31.38
CA GLN B 27 -53.73 20.33 -31.16
C GLN B 27 -52.31 19.78 -31.06
N ILE B 28 -52.22 18.45 -31.07
CA ILE B 28 -50.95 17.74 -31.11
C ILE B 28 -50.37 17.89 -32.51
N SER B 29 -51.19 18.42 -33.43
CA SER B 29 -50.80 18.60 -34.83
C SER B 29 -49.54 19.44 -35.00
N ASP B 30 -49.05 20.07 -33.94
CA ASP B 30 -47.80 20.85 -34.04
C ASP B 30 -46.65 19.98 -34.51
N LEU B 31 -46.66 18.68 -34.17
CA LEU B 31 -45.69 17.77 -34.76
C LEU B 31 -45.86 17.71 -36.28
N SER B 32 -47.11 17.55 -36.73
CA SER B 32 -47.38 17.58 -38.16
C SER B 32 -47.18 18.97 -38.76
N LYS B 33 -46.98 19.98 -37.91
CA LYS B 33 -46.63 21.31 -38.42
C LYS B 33 -45.12 21.46 -38.53
N ARG B 34 -44.38 20.86 -37.58
CA ARG B 34 -42.95 21.13 -37.48
C ARG B 34 -42.15 20.36 -38.53
N LYS B 35 -42.54 19.13 -38.85
CA LYS B 35 -41.69 18.33 -39.71
C LYS B 35 -41.81 18.69 -41.20
N PRO B 36 -43.02 18.83 -41.77
CA PRO B 36 -43.07 19.08 -43.22
C PRO B 36 -43.09 20.57 -43.54
N LYS B 37 -42.05 21.29 -43.14
CA LYS B 37 -41.99 22.73 -43.37
C LYS B 37 -41.87 23.08 -44.84
N THR B 38 -41.40 22.15 -45.68
CA THR B 38 -41.33 22.35 -47.11
C THR B 38 -41.93 21.14 -47.81
N GLU B 39 -41.89 21.17 -49.13
CA GLU B 39 -42.31 20.04 -49.98
C GLU B 39 -43.76 19.65 -49.70
N ASP B 40 -44.65 20.61 -49.99
CA ASP B 40 -46.09 20.40 -49.96
C ASP B 40 -46.57 19.98 -48.56
N PHE B 41 -46.48 20.94 -47.64
CA PHE B 41 -46.97 20.75 -46.28
C PHE B 41 -48.42 20.27 -46.30
N LEU B 42 -48.72 19.20 -45.56
CA LEU B 42 -50.00 18.54 -45.67
C LEU B 42 -51.06 19.21 -44.79
N THR B 43 -52.31 18.84 -45.04
CA THR B 43 -53.50 19.18 -44.24
C THR B 43 -53.89 20.65 -44.40
N PHE B 44 -53.05 21.45 -45.07
CA PHE B 44 -53.38 22.82 -45.43
C PHE B 44 -53.68 23.71 -44.23
N LEU B 45 -53.58 23.15 -43.02
CA LEU B 45 -53.90 23.88 -41.81
C LEU B 45 -52.71 24.02 -40.87
N CYS B 46 -51.57 23.41 -41.20
CA CYS B 46 -50.37 23.54 -40.38
C CYS B 46 -49.86 24.97 -40.35
N LEU B 47 -50.28 25.81 -41.30
CA LEU B 47 -49.84 27.20 -41.31
C LEU B 47 -50.38 27.99 -40.13
N ARG B 48 -51.52 27.59 -39.57
CA ARG B 48 -52.10 28.30 -38.44
C ARG B 48 -51.18 28.29 -37.22
N GLY B 49 -50.58 27.14 -36.90
CA GLY B 49 -49.62 27.08 -35.82
C GLY B 49 -48.20 27.33 -36.32
N SER B 50 -48.02 28.42 -37.04
CA SER B 50 -46.72 28.76 -37.61
C SER B 50 -45.70 29.07 -36.52
N ALA C 15 -38.67 33.42 -27.37
CA ALA C 15 -38.30 33.79 -28.73
C ALA C 15 -39.18 33.06 -29.75
N ASP C 16 -38.71 32.98 -30.98
CA ASP C 16 -39.47 32.31 -32.03
C ASP C 16 -39.55 30.81 -31.74
N HIS C 17 -40.77 30.27 -31.83
CA HIS C 17 -40.94 28.83 -31.62
C HIS C 17 -40.31 28.01 -32.74
N GLU C 18 -40.08 28.62 -33.91
CA GLU C 18 -39.46 27.89 -35.01
C GLU C 18 -38.07 27.40 -34.63
N LEU C 19 -37.28 28.27 -34.00
CA LEU C 19 -35.99 27.82 -33.47
C LEU C 19 -36.16 26.84 -32.33
N PHE C 20 -37.19 27.05 -31.50
CA PHE C 20 -37.49 26.11 -30.43
C PHE C 20 -37.86 24.74 -31.00
N LEU C 21 -38.71 24.73 -32.03
CA LEU C 21 -39.04 23.47 -32.69
C LEU C 21 -37.79 22.87 -33.34
N GLN C 22 -36.96 23.73 -33.93
CA GLN C 22 -35.74 23.27 -34.59
C GLN C 22 -34.83 22.53 -33.61
N ALA C 23 -34.79 22.99 -32.36
CA ALA C 23 -33.98 22.31 -31.35
C ALA C 23 -34.49 20.90 -31.09
N PHE C 24 -35.82 20.72 -31.08
CA PHE C 24 -36.42 19.43 -30.76
C PHE C 24 -36.76 18.60 -32.00
N GLU C 25 -36.51 19.11 -33.20
CA GLU C 25 -36.94 18.40 -34.41
C GLU C 25 -36.23 17.06 -34.54
N LYS C 26 -34.90 17.06 -34.43
CA LYS C 26 -34.11 15.85 -34.60
C LYS C 26 -34.49 14.76 -33.59
N PRO C 27 -34.59 15.06 -32.28
CA PRO C 27 -35.02 14.00 -31.36
C PRO C 27 -36.36 13.38 -31.70
N THR C 28 -37.33 14.20 -32.13
CA THR C 28 -38.63 13.65 -32.50
C THR C 28 -38.53 12.85 -33.79
N GLN C 29 -37.79 13.38 -34.77
CA GLN C 29 -37.62 12.65 -36.04
C GLN C 29 -36.92 11.32 -35.81
N ILE C 30 -35.93 11.29 -34.93
CA ILE C 30 -35.28 10.03 -34.58
C ILE C 30 -36.29 9.07 -33.96
N TYR C 31 -37.11 9.57 -33.03
CA TYR C 31 -38.04 8.70 -32.32
C TYR C 31 -39.14 8.20 -33.23
N ARG C 32 -39.57 9.01 -34.22
CA ARG C 32 -40.58 8.55 -35.16
C ARG C 32 -40.08 7.36 -35.97
N PHE C 33 -38.84 7.41 -36.44
CA PHE C 33 -38.27 6.27 -37.14
C PHE C 33 -38.07 5.08 -36.20
N LEU C 34 -37.67 5.35 -34.96
CA LEU C 34 -37.47 4.25 -34.01
C LEU C 34 -38.77 3.50 -33.78
N ARG C 35 -39.89 4.21 -33.67
CA ARG C 35 -41.19 3.57 -33.52
C ARG C 35 -41.50 2.68 -34.72
N THR C 36 -41.24 3.19 -35.93
CA THR C 36 -41.62 2.46 -37.13
C THR C 36 -40.91 1.12 -37.21
N ARG C 37 -39.60 1.10 -36.96
CA ARG C 37 -38.86 -0.16 -37.06
C ARG C 37 -39.28 -1.13 -35.95
N ASN C 38 -39.39 -0.64 -34.72
CA ASN C 38 -39.79 -1.52 -33.62
C ASN C 38 -41.20 -2.05 -33.83
N LEU C 39 -42.10 -1.23 -34.36
CA LEU C 39 -43.42 -1.74 -34.72
C LEU C 39 -43.33 -2.84 -35.77
N ILE C 40 -42.21 -2.91 -36.49
CA ILE C 40 -41.95 -3.99 -37.42
C ILE C 40 -40.96 -5.01 -36.86
N ALA C 41 -39.88 -4.53 -36.26
CA ALA C 41 -38.85 -5.39 -35.66
C ALA C 41 -38.64 -4.93 -34.23
N PRO C 42 -39.49 -5.38 -33.31
CA PRO C 42 -39.37 -4.94 -31.92
C PRO C 42 -38.13 -5.50 -31.26
N ILE C 43 -37.65 -4.76 -30.26
CA ILE C 43 -36.52 -5.22 -29.47
C ILE C 43 -36.97 -6.15 -28.34
N PHE C 44 -38.19 -6.00 -27.88
CA PHE C 44 -38.70 -6.78 -26.75
C PHE C 44 -40.21 -6.94 -26.89
N LEU C 45 -40.77 -7.82 -26.06
CA LEU C 45 -42.20 -8.07 -26.06
C LEU C 45 -42.87 -7.14 -25.06
N HIS C 46 -43.73 -6.25 -25.55
CA HIS C 46 -44.42 -5.32 -24.67
C HIS C 46 -45.41 -6.03 -23.76
N ARG C 47 -45.94 -7.18 -24.20
CA ARG C 47 -46.85 -7.93 -23.35
C ARG C 47 -46.15 -8.57 -22.16
N THR C 48 -44.82 -8.57 -22.14
CA THR C 48 -44.05 -9.03 -20.99
C THR C 48 -43.78 -7.94 -19.98
N LEU C 49 -44.22 -6.71 -20.26
CA LEU C 49 -43.97 -5.60 -19.34
C LEU C 49 -44.77 -5.79 -18.05
N THR C 50 -44.13 -5.52 -16.91
CA THR C 50 -44.79 -5.69 -15.63
C THR C 50 -45.97 -4.73 -15.48
N TYR C 51 -45.77 -3.46 -15.84
CA TYR C 51 -46.82 -2.45 -15.75
C TYR C 51 -47.87 -2.58 -16.85
N MET C 52 -47.62 -3.42 -17.85
CA MET C 52 -48.58 -3.70 -18.91
C MET C 52 -49.25 -5.05 -18.66
N SER C 53 -49.52 -5.35 -17.40
CA SER C 53 -49.84 -6.71 -16.95
C SER C 53 -51.13 -7.27 -17.53
N HIS C 54 -52.02 -6.39 -18.00
CA HIS C 54 -53.27 -6.90 -18.58
C HIS C 54 -52.98 -7.72 -19.83
N ARG C 55 -51.92 -7.40 -20.55
CA ARG C 55 -51.51 -8.20 -21.70
C ARG C 55 -51.00 -9.57 -21.23
N ASN C 56 -51.38 -10.61 -21.96
CA ASN C 56 -50.99 -11.98 -21.63
C ASN C 56 -51.37 -12.34 -20.19
N SER C 57 -52.59 -11.96 -19.80
CA SER C 57 -53.03 -12.21 -18.44
C SER C 57 -53.19 -13.68 -18.13
N ARG C 58 -53.31 -14.53 -19.15
CA ARG C 58 -53.47 -15.96 -18.93
C ARG C 58 -52.20 -16.55 -18.33
N THR C 59 -52.36 -17.47 -17.39
CA THR C 59 -51.20 -18.13 -16.80
C THR C 59 -50.66 -19.19 -17.75
N ASN C 60 -49.42 -19.60 -17.50
CA ASN C 60 -48.80 -20.68 -18.26
C ASN C 60 -49.19 -22.01 -17.64
N ILE C 61 -50.05 -22.77 -18.32
CA ILE C 61 -50.41 -24.09 -17.87
C ILE C 61 -49.42 -25.08 -18.46
N LYS C 62 -48.27 -25.24 -17.80
CA LYS C 62 -47.24 -26.13 -18.32
C LYS C 62 -47.68 -27.59 -18.29
N ARG C 63 -48.71 -27.90 -17.49
CA ARG C 63 -49.22 -29.27 -17.42
C ARG C 63 -49.79 -29.74 -18.76
N LYS C 64 -50.13 -28.82 -19.65
CA LYS C 64 -50.68 -29.18 -20.95
C LYS C 64 -49.73 -30.10 -21.70
N THR C 65 -50.25 -31.26 -22.13
CA THR C 65 -49.44 -32.23 -22.84
C THR C 65 -49.24 -31.81 -24.30
N PHE C 66 -48.33 -32.50 -24.97
CA PHE C 66 -47.94 -32.15 -26.33
C PHE C 66 -48.04 -33.30 -27.32
N LYS C 67 -48.26 -34.53 -26.84
CA LYS C 67 -48.53 -35.63 -27.76
C LYS C 67 -49.89 -35.47 -28.41
N VAL C 68 -50.76 -34.64 -27.83
CA VAL C 68 -52.08 -34.35 -28.38
C VAL C 68 -51.94 -33.64 -29.72
N ASP C 69 -50.84 -32.91 -29.90
CA ASP C 69 -50.61 -32.22 -31.17
C ASP C 69 -50.47 -33.19 -32.33
N ASP C 70 -50.19 -34.45 -32.04
CA ASP C 70 -49.97 -35.43 -33.12
C ASP C 70 -51.26 -35.70 -33.88
N MET C 71 -52.29 -36.19 -33.17
CA MET C 71 -53.54 -36.50 -33.85
C MET C 71 -54.32 -35.26 -34.23
N LEU C 72 -54.13 -34.16 -33.48
CA LEU C 72 -54.75 -32.90 -33.88
C LEU C 72 -54.23 -32.45 -35.24
N SER C 73 -52.96 -32.71 -35.52
CA SER C 73 -52.40 -32.41 -36.84
C SER C 73 -53.10 -33.23 -37.92
N LYS C 74 -53.35 -34.51 -37.65
CA LYS C 74 -54.09 -35.33 -38.60
C LYS C 74 -55.52 -34.82 -38.77
N VAL C 75 -56.12 -34.35 -37.68
CA VAL C 75 -57.51 -33.87 -37.77
C VAL C 75 -57.61 -32.73 -38.78
N GLU C 76 -56.69 -31.78 -38.73
CA GLU C 76 -56.75 -30.65 -39.64
C GLU C 76 -56.35 -31.06 -41.05
N LYS C 77 -55.48 -32.06 -41.19
CA LYS C 77 -54.96 -32.42 -42.50
C LYS C 77 -56.03 -33.03 -43.40
N MET C 78 -56.79 -34.01 -42.91
CA MET C 78 -57.92 -34.52 -43.68
C MET C 78 -59.02 -33.47 -43.81
N LYS C 79 -59.14 -32.56 -42.84
CA LYS C 79 -60.01 -31.41 -43.01
C LYS C 79 -59.50 -30.51 -44.13
N GLY C 80 -58.19 -30.32 -44.23
CA GLY C 80 -57.62 -29.42 -45.22
C GLY C 80 -57.04 -30.11 -46.43
N GLU C 81 -57.66 -31.21 -46.85
CA GLU C 81 -57.19 -31.92 -48.04
C GLU C 81 -57.47 -31.08 -49.29
N GLN C 82 -56.50 -31.07 -50.20
CA GLN C 82 -56.55 -30.20 -51.38
C GLN C 82 -56.35 -31.03 -52.64
N GLU C 83 -56.86 -30.51 -53.76
CA GLU C 83 -56.71 -31.14 -55.07
C GLU C 83 -56.82 -30.06 -56.13
N SER C 84 -56.40 -30.41 -57.34
CA SER C 84 -56.39 -29.47 -58.46
C SER C 84 -57.05 -30.10 -59.67
N HIS C 85 -57.55 -29.24 -60.55
CA HIS C 85 -58.22 -29.71 -61.77
C HIS C 85 -57.24 -30.36 -62.72
N SER C 86 -57.73 -31.28 -63.53
CA SER C 86 -56.92 -31.98 -64.52
C SER C 86 -57.80 -32.55 -65.63
N HIS C 90 -54.24 -29.80 -65.92
CA HIS C 90 -54.36 -29.76 -67.38
C HIS C 90 -55.02 -28.47 -67.82
N LEU C 91 -54.25 -27.37 -67.77
CA LEU C 91 -54.80 -26.06 -68.08
C LEU C 91 -55.12 -25.94 -69.56
N GLN C 92 -56.22 -25.23 -69.84
CA GLN C 92 -56.65 -24.95 -71.21
C GLN C 92 -57.20 -23.54 -71.27
N LEU C 93 -57.04 -22.89 -72.41
CA LEU C 93 -57.53 -21.53 -72.58
C LEU C 93 -57.75 -21.26 -74.06
N THR C 94 -58.89 -20.65 -74.38
CA THR C 94 -59.25 -20.33 -75.76
C THR C 94 -59.02 -18.84 -76.01
N PHE C 95 -58.53 -18.52 -77.20
CA PHE C 95 -58.13 -17.16 -77.50
C PHE C 95 -59.34 -16.26 -77.75
N THR C 96 -59.14 -14.96 -77.57
CA THR C 96 -60.15 -13.96 -77.89
C THR C 96 -59.42 -12.74 -78.43
N GLY C 97 -60.14 -11.92 -79.19
CA GLY C 97 -59.50 -10.85 -79.93
C GLY C 97 -58.84 -9.83 -79.02
N PHE C 98 -57.69 -9.34 -79.47
CA PHE C 98 -56.99 -8.26 -78.79
C PHE C 98 -57.72 -6.94 -79.02
N PHE C 99 -57.72 -6.08 -78.01
CA PHE C 99 -58.40 -4.80 -78.07
C PHE C 99 -57.39 -3.69 -77.80
N HIS C 100 -57.27 -2.76 -78.75
CA HIS C 100 -56.40 -1.61 -78.60
C HIS C 100 -56.84 -0.51 -79.56
N LYS C 101 -56.44 0.71 -79.24
CA LYS C 101 -56.81 1.87 -80.03
C LYS C 101 -55.74 2.21 -81.07
N VAL C 116 -50.72 -7.04 -85.58
CA VAL C 116 -49.60 -7.53 -84.79
C VAL C 116 -50.05 -8.70 -83.92
N THR C 117 -49.26 -9.78 -83.95
CA THR C 117 -49.56 -10.95 -83.14
C THR C 117 -49.17 -10.71 -81.68
N LEU C 118 -49.49 -11.69 -80.84
CA LEU C 118 -49.18 -11.62 -79.42
C LEU C 118 -48.53 -12.93 -78.99
N GLU C 119 -47.61 -12.83 -78.02
CA GLU C 119 -46.91 -13.98 -77.48
C GLU C 119 -47.18 -14.11 -75.99
N VAL C 120 -47.10 -15.34 -75.50
CA VAL C 120 -47.29 -15.63 -74.08
C VAL C 120 -46.10 -16.42 -73.57
N LEU C 121 -45.77 -16.20 -72.30
CA LEU C 121 -44.64 -16.85 -71.66
C LEU C 121 -45.06 -17.36 -70.29
N LEU C 122 -44.37 -18.39 -69.82
CA LEU C 122 -44.58 -18.94 -68.50
C LEU C 122 -43.28 -18.90 -67.73
N VAL C 123 -43.36 -18.53 -66.45
CA VAL C 123 -42.18 -18.36 -65.60
C VAL C 123 -42.34 -19.23 -64.37
N LYS C 124 -41.20 -19.61 -63.77
CA LYS C 124 -41.17 -20.38 -62.55
C LYS C 124 -40.29 -19.65 -61.54
N VAL C 125 -40.82 -19.43 -60.34
CA VAL C 125 -40.13 -18.66 -59.31
C VAL C 125 -39.69 -19.61 -58.20
N CYS C 126 -38.43 -19.48 -57.78
CA CYS C 126 -37.83 -20.38 -56.81
C CYS C 126 -37.43 -19.61 -55.55
N HIS C 127 -37.38 -20.33 -54.43
CA HIS C 127 -36.99 -19.74 -53.17
C HIS C 127 -35.50 -19.45 -53.14
N LYS C 128 -35.11 -18.42 -52.38
CA LYS C 128 -33.71 -18.09 -52.21
C LYS C 128 -33.03 -19.01 -51.21
N LYS C 129 -31.84 -19.49 -51.55
CA LYS C 129 -31.06 -20.36 -50.69
C LYS C 129 -30.01 -19.54 -49.94
N ARG C 130 -29.14 -20.23 -49.19
CA ARG C 130 -28.16 -19.53 -48.36
C ARG C 130 -27.14 -18.78 -49.21
N LYS C 131 -26.58 -19.45 -50.22
CA LYS C 131 -25.47 -18.86 -50.97
C LYS C 131 -25.94 -17.77 -51.93
N ASP C 132 -27.07 -17.96 -52.60
CA ASP C 132 -27.53 -17.04 -53.61
C ASP C 132 -28.20 -15.82 -52.98
N VAL C 133 -27.93 -14.65 -53.56
CA VAL C 133 -28.35 -13.38 -52.96
C VAL C 133 -29.80 -13.03 -53.27
N SER C 134 -30.32 -13.40 -54.44
CA SER C 134 -31.69 -13.09 -54.84
C SER C 134 -32.34 -14.33 -55.41
N CYS C 135 -33.64 -14.47 -55.18
CA CYS C 135 -34.35 -15.71 -55.46
C CYS C 135 -34.41 -15.96 -56.96
N PRO C 136 -33.86 -17.08 -57.44
CA PRO C 136 -33.82 -17.32 -58.89
C PRO C 136 -35.19 -17.57 -59.49
N ILE C 137 -35.33 -17.19 -60.76
CA ILE C 137 -36.57 -17.34 -61.50
C ILE C 137 -36.23 -17.91 -62.88
N ARG C 138 -37.02 -18.89 -63.30
CA ARG C 138 -36.83 -19.55 -64.59
C ARG C 138 -38.08 -19.36 -65.44
N GLN C 139 -37.87 -19.14 -66.74
CA GLN C 139 -38.95 -18.85 -67.67
C GLN C 139 -38.93 -19.83 -68.82
N VAL C 140 -40.11 -20.11 -69.36
CA VAL C 140 -40.24 -21.01 -70.51
C VAL C 140 -41.16 -20.37 -71.54
N PRO C 141 -40.89 -20.52 -72.83
CA PRO C 141 -41.79 -20.03 -73.90
C PRO C 141 -42.96 -20.98 -74.14
N THR C 142 -44.03 -20.77 -73.38
CA THR C 142 -45.16 -21.71 -73.40
C THR C 142 -45.79 -21.80 -74.79
N GLY C 143 -45.89 -20.68 -75.50
CA GLY C 143 -46.47 -20.71 -76.83
C GLY C 143 -46.73 -19.30 -77.34
N LYS C 144 -47.51 -19.24 -78.41
CA LYS C 144 -47.88 -17.98 -79.03
C LYS C 144 -49.16 -18.19 -79.83
N LYS C 145 -49.74 -17.07 -80.25
CA LYS C 145 -50.94 -17.09 -81.09
C LYS C 145 -50.89 -15.94 -82.06
N GLN C 146 -51.43 -16.15 -83.26
CA GLN C 146 -51.42 -15.12 -84.29
C GLN C 146 -52.63 -14.21 -84.16
N VAL C 147 -52.65 -13.39 -83.13
CA VAL C 147 -53.78 -12.47 -82.93
C VAL C 147 -53.76 -11.40 -84.02
N PRO C 148 -54.89 -11.04 -84.61
CA PRO C 148 -54.90 -9.98 -85.62
C PRO C 148 -54.53 -8.64 -85.01
N LEU C 149 -54.48 -7.62 -85.88
CA LEU C 149 -54.12 -6.27 -85.47
C LEU C 149 -55.32 -5.62 -84.79
N ASN C 150 -55.36 -5.71 -83.46
CA ASN C 150 -56.43 -5.17 -82.62
C ASN C 150 -57.82 -5.59 -83.11
N PRO C 151 -58.09 -6.91 -83.16
CA PRO C 151 -59.42 -7.35 -83.63
C PRO C 151 -60.52 -7.05 -82.62
N ASP C 152 -61.42 -6.13 -82.97
CA ASP C 152 -62.45 -5.71 -82.02
C ASP C 152 -63.63 -6.68 -82.01
N LEU C 153 -64.32 -6.82 -83.15
CA LEU C 153 -65.51 -7.65 -83.22
C LEU C 153 -65.68 -8.18 -84.64
N ASN C 154 -66.32 -9.34 -84.75
CA ASN C 154 -66.59 -9.99 -86.04
C ASN C 154 -65.31 -10.14 -86.86
N GLN C 155 -64.22 -10.50 -86.18
CA GLN C 155 -62.92 -10.59 -86.82
C GLN C 155 -62.74 -11.86 -87.65
N THR C 156 -63.26 -12.99 -87.17
CA THR C 156 -63.03 -14.28 -87.82
C THR C 156 -63.98 -15.31 -87.23
N LYS C 157 -63.88 -16.53 -87.73
CA LYS C 157 -64.70 -17.63 -87.25
C LYS C 157 -63.85 -18.67 -86.52
N PRO C 162 -61.71 -18.87 -80.49
CA PRO C 162 -61.79 -20.05 -81.37
C PRO C 162 -60.65 -21.03 -81.13
N SER C 163 -59.42 -20.58 -81.36
CA SER C 163 -58.26 -21.44 -81.14
C SER C 163 -57.99 -21.60 -79.66
N LEU C 164 -57.52 -22.79 -79.28
CA LEU C 164 -57.35 -23.17 -77.88
C LEU C 164 -55.87 -23.41 -77.61
N ALA C 165 -55.40 -22.92 -76.46
CA ALA C 165 -54.04 -23.18 -76.02
C ALA C 165 -54.05 -24.33 -75.03
N VAL C 166 -53.19 -25.31 -75.25
CA VAL C 166 -53.16 -26.54 -74.47
C VAL C 166 -51.98 -26.49 -73.51
N SER C 167 -52.25 -26.74 -72.23
CA SER C 167 -51.22 -26.80 -71.21
C SER C 167 -51.35 -28.11 -70.45
N SER C 168 -50.25 -28.84 -70.33
CA SER C 168 -50.26 -30.09 -69.59
C SER C 168 -50.09 -29.83 -68.09
N ASN C 169 -49.82 -30.90 -67.35
CA ASN C 169 -49.63 -30.79 -65.91
C ASN C 169 -48.20 -30.36 -65.60
N GLU C 170 -47.78 -29.20 -66.12
CA GLU C 170 -46.45 -28.69 -65.83
C GLU C 170 -46.29 -28.34 -64.36
N PHE C 171 -47.30 -27.73 -63.76
CA PHE C 171 -47.26 -27.44 -62.33
C PHE C 171 -47.30 -28.73 -61.54
N GLU C 172 -46.53 -28.77 -60.44
CA GLU C 172 -46.42 -29.97 -59.63
C GLU C 172 -46.33 -29.54 -58.16
N PRO C 173 -47.19 -30.09 -57.29
CA PRO C 173 -47.09 -29.73 -55.86
C PRO C 173 -45.74 -30.05 -55.26
N SER C 174 -45.12 -31.16 -55.66
CA SER C 174 -43.78 -31.47 -55.16
C SER C 174 -42.76 -30.44 -55.61
N ASN C 175 -42.86 -29.97 -56.85
CA ASN C 175 -41.98 -28.91 -57.32
C ASN C 175 -42.25 -27.62 -56.56
N SER C 176 -43.52 -27.33 -56.27
CA SER C 176 -43.88 -26.12 -55.54
C SER C 176 -43.42 -26.19 -54.08
N HIS C 177 -43.03 -27.39 -53.64
CA HIS C 177 -42.41 -27.51 -52.33
C HIS C 177 -41.04 -26.84 -52.31
N MET C 178 -40.29 -26.96 -53.41
CA MET C 178 -38.93 -26.45 -53.47
C MET C 178 -38.86 -25.05 -54.08
N VAL C 179 -39.87 -24.63 -54.85
CA VAL C 179 -39.88 -23.34 -55.50
C VAL C 179 -41.22 -22.67 -55.22
N LYS C 180 -41.26 -21.34 -55.38
CA LYS C 180 -42.52 -20.65 -55.24
C LYS C 180 -43.44 -20.95 -56.41
N SER C 181 -44.64 -20.35 -56.36
CA SER C 181 -45.64 -20.59 -57.39
C SER C 181 -45.20 -20.02 -58.72
N TYR C 182 -45.73 -20.60 -59.80
CA TYR C 182 -45.39 -20.17 -61.15
C TYR C 182 -46.20 -18.93 -61.53
N SER C 183 -45.87 -18.38 -62.70
CA SER C 183 -46.60 -17.23 -63.22
C SER C 183 -46.44 -17.21 -64.74
N LEU C 184 -47.31 -16.44 -65.38
CA LEU C 184 -47.38 -16.37 -66.84
C LEU C 184 -47.08 -14.96 -67.30
N LEU C 185 -46.49 -14.85 -68.49
CA LEU C 185 -46.13 -13.57 -69.09
C LEU C 185 -46.83 -13.41 -70.43
N PHE C 186 -47.17 -12.16 -70.76
CA PHE C 186 -47.84 -11.85 -72.02
C PHE C 186 -47.11 -10.68 -72.68
N ARG C 187 -46.77 -10.84 -73.96
CA ARG C 187 -46.09 -9.80 -74.71
C ARG C 187 -46.65 -9.77 -76.12
N VAL C 188 -46.92 -8.56 -76.63
CA VAL C 188 -47.40 -8.40 -77.99
C VAL C 188 -46.21 -8.39 -78.95
N PHE C 229 -44.49 -4.05 -74.60
CA PHE C 229 -45.66 -4.88 -74.37
C PHE C 229 -45.38 -5.98 -73.36
N VAL C 230 -45.84 -5.78 -72.11
CA VAL C 230 -45.57 -6.72 -71.02
C VAL C 230 -46.81 -6.84 -70.15
N ALA C 231 -47.11 -8.07 -69.73
CA ALA C 231 -48.19 -8.34 -68.77
C ALA C 231 -47.89 -9.65 -68.07
N GLN C 232 -48.39 -9.78 -66.84
CA GLN C 232 -48.09 -10.94 -66.02
C GLN C 232 -49.33 -11.39 -65.28
N MET C 233 -49.41 -12.70 -65.03
CA MET C 233 -50.55 -13.30 -64.34
C MET C 233 -50.07 -14.60 -63.69
N THR C 234 -50.32 -14.73 -62.39
CA THR C 234 -49.79 -15.84 -61.60
C THR C 234 -50.86 -16.91 -61.37
N VAL C 235 -50.40 -18.16 -61.35
CA VAL C 235 -51.30 -19.31 -61.33
C VAL C 235 -51.64 -19.74 -59.91
N PHE C 236 -50.67 -19.78 -59.01
CA PHE C 236 -50.85 -20.43 -57.72
C PHE C 236 -50.45 -19.49 -56.60
N ASP C 237 -50.90 -19.83 -55.40
CA ASP C 237 -50.55 -19.10 -54.19
C ASP C 237 -49.97 -20.06 -53.16
N LYS C 238 -49.23 -19.49 -52.20
CA LYS C 238 -48.62 -20.30 -51.16
C LYS C 238 -49.65 -20.95 -50.25
N ASN C 239 -50.91 -20.52 -50.29
CA ASN C 239 -51.95 -21.17 -49.52
C ASN C 239 -52.40 -22.49 -50.14
N ARG C 240 -51.68 -22.98 -51.16
CA ARG C 240 -51.99 -24.24 -51.84
C ARG C 240 -53.38 -24.24 -52.46
N ARG C 241 -53.90 -23.06 -52.81
CA ARG C 241 -55.20 -22.93 -53.45
C ARG C 241 -55.02 -22.20 -54.77
N LEU C 242 -55.63 -22.75 -55.82
CA LEU C 242 -55.51 -22.16 -57.14
C LEU C 242 -56.19 -20.80 -57.20
N GLN C 243 -55.58 -19.87 -57.93
CA GLN C 243 -56.13 -18.52 -58.03
C GLN C 243 -57.17 -18.40 -59.14
N LEU C 244 -56.96 -19.10 -60.25
CA LEU C 244 -57.80 -18.93 -61.42
C LEU C 244 -58.88 -20.00 -61.49
N LEU C 245 -59.76 -19.86 -62.47
CA LEU C 245 -60.89 -20.77 -62.67
C LEU C 245 -61.33 -20.66 -64.11
N ASP C 246 -62.30 -21.50 -64.50
CA ASP C 246 -62.65 -21.64 -65.91
C ASP C 246 -63.49 -20.48 -66.46
N GLY C 247 -63.60 -19.33 -65.80
CA GLY C 247 -64.36 -18.22 -66.34
C GLY C 247 -63.57 -17.46 -67.41
N GLU C 248 -64.15 -16.33 -67.82
CA GLU C 248 -63.55 -15.48 -68.85
C GLU C 248 -62.58 -14.50 -68.22
N TYR C 249 -61.55 -14.12 -68.97
CA TYR C 249 -60.49 -13.27 -68.47
C TYR C 249 -60.17 -12.19 -69.50
N GLU C 250 -59.78 -11.01 -69.00
CA GLU C 250 -59.39 -9.87 -69.85
C GLU C 250 -58.35 -9.06 -69.07
N VAL C 251 -57.08 -9.25 -69.41
CA VAL C 251 -55.97 -8.65 -68.68
C VAL C 251 -55.51 -7.40 -69.40
N ALA C 252 -55.12 -6.39 -68.64
CA ALA C 252 -54.54 -5.18 -69.23
C ALA C 252 -53.16 -5.51 -69.82
N MET C 253 -52.79 -4.74 -70.85
CA MET C 253 -51.56 -4.96 -71.58
C MET C 253 -50.75 -3.66 -71.59
N GLN C 254 -49.66 -3.66 -70.83
CA GLN C 254 -48.82 -2.48 -70.70
C GLN C 254 -47.60 -2.61 -71.62
N GLU C 255 -47.11 -1.46 -72.10
CA GLU C 255 -46.07 -1.42 -73.12
C GLU C 255 -44.74 -1.02 -72.50
N MET C 256 -43.67 -1.65 -73.03
CA MET C 256 -42.28 -1.41 -72.63
C MET C 256 -42.03 -1.46 -71.12
N GLN C 285 -59.20 -0.73 -70.71
CA GLN C 285 -58.29 0.42 -70.73
C GLN C 285 -56.96 0.05 -71.39
N GLY C 286 -56.50 0.91 -72.30
CA GLY C 286 -55.27 0.69 -73.00
C GLY C 286 -55.31 -0.59 -73.84
N PRO C 287 -54.15 -1.09 -74.21
CA PRO C 287 -54.10 -2.41 -74.84
C PRO C 287 -54.59 -3.48 -73.87
N THR C 288 -55.31 -4.48 -74.39
CA THR C 288 -55.82 -5.54 -73.54
C THR C 288 -56.11 -6.77 -74.39
N LEU C 289 -55.89 -7.95 -73.79
CA LEU C 289 -56.18 -9.22 -74.42
C LEU C 289 -57.23 -9.96 -73.59
N GLN C 290 -58.16 -10.61 -74.27
CA GLN C 290 -59.22 -11.36 -73.62
C GLN C 290 -59.09 -12.85 -73.95
N PHE C 291 -59.61 -13.69 -73.06
CA PHE C 291 -59.67 -15.13 -73.27
C PHE C 291 -60.52 -15.74 -72.17
N THR C 292 -60.62 -17.06 -72.16
CA THR C 292 -61.27 -17.80 -71.08
C THR C 292 -60.48 -19.06 -70.80
N LEU C 293 -60.63 -19.58 -69.60
CA LEU C 293 -59.85 -20.73 -69.13
C LEU C 293 -60.71 -21.99 -69.18
N ARG C 294 -60.07 -23.11 -69.52
CA ARG C 294 -60.74 -24.41 -69.61
C ARG C 294 -59.86 -25.46 -68.93
N TRP C 295 -60.39 -26.68 -68.83
CA TRP C 295 -59.66 -27.77 -68.19
C TRP C 295 -59.76 -29.08 -68.96
N THR C 296 -59.80 -29.05 -70.29
CA THR C 296 -59.89 -30.28 -71.06
C THR C 296 -58.56 -31.04 -71.04
N LEU C 360 -58.96 11.35 -18.19
CA LEU C 360 -59.02 12.80 -18.23
C LEU C 360 -58.04 13.35 -19.26
N ARG C 361 -58.29 14.57 -19.72
CA ARG C 361 -57.46 15.15 -20.78
C ARG C 361 -56.10 15.58 -20.23
N ILE C 362 -55.11 15.56 -21.11
CA ILE C 362 -53.73 15.86 -20.76
C ILE C 362 -53.22 16.97 -21.67
N PHE C 363 -52.33 17.79 -21.14
CA PHE C 363 -51.70 18.85 -21.92
C PHE C 363 -50.19 18.66 -21.91
N TYR C 364 -49.58 18.81 -23.08
CA TYR C 364 -48.14 18.64 -23.25
C TYR C 364 -47.50 20.02 -23.28
N GLN C 365 -46.53 20.24 -22.41
CA GLN C 365 -45.82 21.50 -22.33
C GLN C 365 -44.39 21.33 -22.79
N PHE C 366 -43.97 22.15 -23.76
CA PHE C 366 -42.61 22.19 -24.23
C PHE C 366 -42.01 23.53 -23.86
N LEU C 367 -40.89 23.50 -23.14
CA LEU C 367 -40.32 24.71 -22.54
C LEU C 367 -38.87 24.86 -22.98
N TYR C 368 -38.50 26.07 -23.35
CA TYR C 368 -37.12 26.42 -23.69
C TYR C 368 -36.73 27.57 -22.76
N ASN C 369 -36.27 27.21 -21.55
CA ASN C 369 -35.89 28.20 -20.54
C ASN C 369 -37.03 29.17 -20.24
N ASN C 370 -38.26 28.76 -20.55
CA ASN C 370 -39.46 29.56 -20.40
C ASN C 370 -39.44 30.78 -21.33
N ASN C 371 -38.36 30.93 -22.10
CA ASN C 371 -38.28 32.02 -23.06
C ASN C 371 -39.29 31.84 -24.19
N THR C 372 -39.33 30.65 -24.78
CA THR C 372 -40.34 30.29 -25.76
C THR C 372 -40.92 28.94 -25.37
N ARG C 373 -42.24 28.81 -25.49
CA ARG C 373 -42.92 27.61 -25.04
C ARG C 373 -44.17 27.39 -25.87
N GLN C 374 -44.53 26.12 -26.05
CA GLN C 374 -45.73 25.73 -26.77
C GLN C 374 -46.47 24.67 -25.97
N GLN C 375 -47.79 24.77 -25.98
CA GLN C 375 -48.64 23.80 -25.29
C GLN C 375 -49.61 23.18 -26.29
N THR C 376 -49.74 21.86 -26.20
CA THR C 376 -50.66 21.12 -27.06
C THR C 376 -51.62 20.34 -26.18
N GLU C 377 -52.63 19.77 -26.81
CA GLU C 377 -53.64 18.98 -26.12
C GLU C 377 -53.52 17.52 -26.53
N ALA C 378 -53.67 16.63 -25.55
CA ALA C 378 -53.49 15.20 -25.80
C ALA C 378 -54.56 14.68 -26.73
N ARG C 379 -54.13 13.90 -27.72
CA ARG C 379 -55.06 13.16 -28.56
C ARG C 379 -55.38 11.81 -27.91
N ASP C 380 -56.51 11.75 -27.20
CA ASP C 380 -56.92 10.61 -26.38
C ASP C 380 -56.00 10.46 -25.17
N ASP C 381 -56.53 9.96 -24.07
CA ASP C 381 -55.73 9.81 -22.86
C ASP C 381 -55.01 8.48 -22.86
N LEU C 382 -53.92 8.43 -22.07
CA LEU C 382 -53.14 7.21 -21.86
C LEU C 382 -52.64 6.64 -23.19
N HIS C 383 -52.18 7.53 -24.06
CA HIS C 383 -51.65 7.15 -25.37
C HIS C 383 -50.35 7.88 -25.60
N CYS C 384 -49.35 7.15 -26.09
CA CYS C 384 -48.04 7.76 -26.33
C CYS C 384 -48.08 8.58 -27.62
N PRO C 385 -47.72 9.86 -27.58
CA PRO C 385 -47.67 10.64 -28.82
C PRO C 385 -46.67 10.10 -29.84
N TRP C 386 -45.55 9.54 -29.38
CA TRP C 386 -44.50 9.07 -30.29
C TRP C 386 -44.66 7.59 -30.62
N CYS C 387 -44.61 6.72 -29.61
CA CYS C 387 -44.70 5.29 -29.84
C CYS C 387 -46.11 4.82 -30.16
N THR C 388 -47.11 5.69 -30.01
CA THR C 388 -48.51 5.39 -30.32
C THR C 388 -49.03 4.20 -29.53
N LEU C 389 -48.57 4.02 -28.30
CA LEU C 389 -49.04 2.92 -27.47
C LEU C 389 -50.22 3.35 -26.62
N ASN C 390 -51.30 2.58 -26.66
CA ASN C 390 -52.42 2.80 -25.75
C ASN C 390 -52.03 2.29 -24.37
N CYS C 391 -51.54 3.20 -23.53
CA CYS C 391 -50.99 2.80 -22.23
C CYS C 391 -52.04 2.20 -21.32
N ARG C 392 -53.24 2.77 -21.29
CA ARG C 392 -54.38 2.28 -20.50
C ARG C 392 -54.10 2.41 -19.01
N LYS C 393 -52.89 2.87 -18.67
CA LYS C 393 -52.51 3.25 -17.32
C LYS C 393 -51.59 4.44 -17.40
N LEU C 394 -51.89 5.47 -16.62
CA LEU C 394 -51.00 6.63 -16.56
C LEU C 394 -49.64 6.22 -16.00
N TYR C 395 -49.63 5.22 -15.11
CA TYR C 395 -48.37 4.66 -14.63
C TYR C 395 -47.64 3.97 -15.77
N SER C 396 -48.33 3.14 -16.54
CA SER C 396 -47.72 2.54 -17.72
C SER C 396 -47.34 3.61 -18.73
N LEU C 397 -48.04 4.74 -18.72
CA LEU C 397 -47.69 5.84 -19.60
C LEU C 397 -46.41 6.52 -19.15
N LEU C 398 -46.35 6.98 -17.90
CA LEU C 398 -45.16 7.68 -17.42
C LEU C 398 -43.95 6.76 -17.42
N LYS C 399 -44.14 5.49 -17.06
CA LYS C 399 -43.05 4.53 -17.17
C LYS C 399 -42.60 4.39 -18.62
N HIS C 400 -43.54 4.39 -19.56
CA HIS C 400 -43.19 4.35 -20.97
C HIS C 400 -42.41 5.59 -21.38
N LEU C 401 -42.79 6.76 -20.84
CA LEU C 401 -42.18 8.01 -21.27
C LEU C 401 -40.68 8.02 -21.00
N LYS C 402 -40.28 7.68 -19.77
CA LYS C 402 -38.88 7.81 -19.41
C LYS C 402 -38.02 6.80 -20.16
N LEU C 403 -38.44 5.53 -20.18
CA LEU C 403 -37.62 4.50 -20.79
C LEU C 403 -37.55 4.64 -22.31
N CYS C 404 -38.71 4.82 -22.96
CA CYS C 404 -38.73 4.87 -24.41
C CYS C 404 -38.12 6.16 -24.93
N HIS C 405 -38.43 7.29 -24.31
CA HIS C 405 -38.02 8.60 -24.80
C HIS C 405 -36.85 9.18 -24.01
N SER C 406 -35.89 8.34 -23.64
CA SER C 406 -34.77 8.72 -22.80
C SER C 406 -34.04 9.97 -23.27
N ARG C 407 -34.17 10.30 -24.57
CA ARG C 407 -33.49 11.49 -25.09
C ARG C 407 -34.06 12.78 -24.52
N PHE C 408 -35.23 12.73 -23.90
CA PHE C 408 -35.89 13.90 -23.32
C PHE C 408 -36.02 13.73 -21.81
N ILE C 409 -36.44 14.82 -21.17
CA ILE C 409 -36.85 14.79 -19.76
C ILE C 409 -38.35 15.02 -19.71
N PHE C 410 -38.97 14.61 -18.61
CA PHE C 410 -40.41 14.65 -18.46
C PHE C 410 -40.76 14.99 -17.02
N ASN C 411 -41.87 15.72 -16.84
CA ASN C 411 -42.34 16.09 -15.52
C ASN C 411 -43.86 16.16 -15.53
N TYR C 412 -44.45 16.04 -14.35
CA TYR C 412 -45.88 16.15 -14.15
C TYR C 412 -46.16 17.42 -13.35
N VAL C 413 -47.05 18.27 -13.87
CA VAL C 413 -47.30 19.58 -13.29
C VAL C 413 -48.76 19.73 -12.89
N TYR C 414 -49.55 18.68 -13.11
CA TYR C 414 -50.97 18.66 -12.76
C TYR C 414 -51.76 19.64 -13.62
N HIS C 415 -53.06 19.41 -13.74
CA HIS C 415 -53.93 20.19 -14.61
C HIS C 415 -55.21 20.49 -13.85
N PRO C 416 -55.95 21.53 -14.26
CA PRO C 416 -57.31 21.70 -13.73
C PRO C 416 -58.16 20.45 -13.87
N LYS C 417 -58.00 19.71 -14.97
CA LYS C 417 -58.57 18.37 -15.05
C LYS C 417 -57.83 17.41 -14.12
N GLY C 418 -56.50 17.53 -14.06
CA GLY C 418 -55.72 16.71 -13.17
C GLY C 418 -54.37 16.25 -13.71
N ALA C 419 -54.25 16.14 -15.03
CA ALA C 419 -53.05 15.60 -15.65
C ALA C 419 -52.49 16.59 -16.67
N ARG C 420 -51.24 17.00 -16.48
CA ARG C 420 -50.53 17.83 -17.44
C ARG C 420 -49.05 17.49 -17.36
N ILE C 421 -48.41 17.38 -18.53
CA ILE C 421 -47.03 16.92 -18.62
C ILE C 421 -46.20 18.00 -19.30
N ASP C 422 -45.06 18.34 -18.70
CA ASP C 422 -44.08 19.24 -19.28
C ASP C 422 -42.81 18.45 -19.57
N VAL C 423 -42.24 18.66 -20.75
CA VAL C 423 -41.08 17.89 -21.19
C VAL C 423 -40.00 18.84 -21.70
N SER C 424 -38.77 18.35 -21.71
CA SER C 424 -37.63 19.11 -22.20
C SER C 424 -36.52 18.15 -22.58
N ILE C 425 -35.49 18.68 -23.24
CA ILE C 425 -34.40 17.86 -23.72
C ILE C 425 -33.54 17.40 -22.55
N ASN C 426 -32.98 16.19 -22.68
CA ASN C 426 -32.00 15.68 -21.72
C ASN C 426 -30.66 16.34 -22.02
N GLU C 427 -30.24 17.25 -21.15
CA GLU C 427 -28.95 17.92 -21.35
C GLU C 427 -27.80 16.93 -21.25
N CYS C 428 -27.90 15.97 -20.33
CA CYS C 428 -26.88 14.96 -20.11
C CYS C 428 -27.24 13.64 -20.78
N TYR C 429 -27.87 13.69 -21.95
CA TYR C 429 -28.24 12.46 -22.66
C TYR C 429 -27.00 11.65 -22.99
N ASP C 430 -27.12 10.33 -22.81
CA ASP C 430 -26.00 9.42 -22.89
C ASP C 430 -25.74 8.90 -24.30
N GLY C 431 -26.16 9.64 -25.32
CA GLY C 431 -25.95 9.22 -26.69
C GLY C 431 -24.48 9.10 -27.05
N SER C 432 -24.01 7.88 -27.26
CA SER C 432 -22.63 7.64 -27.68
C SER C 432 -22.51 6.19 -28.15
N TYR C 433 -21.43 5.92 -28.86
CA TYR C 433 -21.15 4.56 -29.31
C TYR C 433 -20.85 3.66 -28.11
N ALA C 434 -21.37 2.44 -28.14
CA ALA C 434 -21.27 1.55 -27.00
C ALA C 434 -20.30 0.40 -27.21
N GLY C 435 -19.94 0.07 -28.44
CA GLY C 435 -19.08 -1.05 -28.71
C GLY C 435 -17.63 -0.75 -28.36
N ASN C 436 -16.73 -1.41 -29.08
CA ASN C 436 -15.31 -1.25 -28.81
C ASN C 436 -14.87 0.19 -29.11
N PRO C 437 -14.32 0.91 -28.15
CA PRO C 437 -13.94 2.31 -28.40
C PRO C 437 -12.90 2.46 -29.49
N GLN C 438 -12.01 1.48 -29.63
CA GLN C 438 -10.93 1.58 -30.62
C GLN C 438 -11.47 1.65 -32.04
N ASP C 439 -12.72 1.26 -32.25
CA ASP C 439 -13.27 1.22 -33.60
C ASP C 439 -13.62 2.62 -34.12
N ILE C 440 -14.00 3.53 -33.21
CA ILE C 440 -14.46 4.85 -33.64
C ILE C 440 -13.36 5.62 -34.36
N HIS C 441 -12.12 5.56 -33.84
CA HIS C 441 -11.06 6.40 -34.36
C HIS C 441 -10.38 5.84 -35.60
N ARG C 442 -10.78 4.66 -36.06
CA ARG C 442 -10.26 4.15 -37.32
C ARG C 442 -10.78 4.98 -38.48
N GLN C 443 -10.06 4.94 -39.59
CA GLN C 443 -10.49 5.65 -40.78
C GLN C 443 -11.80 5.07 -41.29
N PRO C 444 -12.64 5.87 -41.95
CA PRO C 444 -13.91 5.35 -42.47
C PRO C 444 -13.68 4.21 -43.44
N GLY C 445 -14.57 3.24 -43.40
CA GLY C 445 -14.38 1.98 -44.11
C GLY C 445 -13.71 0.94 -43.24
N PHE C 446 -12.58 1.31 -42.64
CA PHE C 446 -11.96 0.44 -41.65
C PHE C 446 -12.77 0.39 -40.37
N ALA C 447 -13.52 1.45 -40.07
CA ALA C 447 -14.42 1.46 -38.92
C ALA C 447 -15.66 0.63 -39.21
N PHE C 448 -16.24 0.07 -38.15
CA PHE C 448 -17.41 -0.80 -38.24
C PHE C 448 -17.17 -1.96 -39.20
N SER C 449 -15.94 -2.49 -39.20
CA SER C 449 -15.63 -3.62 -40.07
C SER C 449 -16.40 -4.86 -39.68
N ARG C 450 -16.16 -5.36 -38.46
CA ARG C 450 -16.81 -6.57 -37.97
C ARG C 450 -16.59 -7.74 -38.91
N ASN C 451 -15.40 -7.79 -39.53
CA ASN C 451 -15.09 -8.81 -40.53
C ASN C 451 -13.95 -9.71 -40.11
N GLY C 452 -13.50 -9.61 -38.86
CA GLY C 452 -12.43 -10.44 -38.36
C GLY C 452 -12.31 -10.30 -36.86
N PRO C 453 -11.64 -11.26 -36.21
CA PRO C 453 -11.44 -11.17 -34.77
C PRO C 453 -10.64 -9.92 -34.42
N VAL C 454 -11.01 -9.28 -33.32
CA VAL C 454 -10.39 -8.04 -32.87
C VAL C 454 -9.96 -8.23 -31.43
N LYS C 455 -8.67 -8.09 -31.18
CA LYS C 455 -8.17 -8.08 -29.81
C LYS C 455 -8.71 -6.85 -29.09
N ARG C 456 -9.40 -7.08 -27.97
CA ARG C 456 -9.95 -5.97 -27.22
C ARG C 456 -9.78 -6.24 -25.74
N THR C 457 -9.66 -5.16 -24.97
CA THR C 457 -9.38 -5.28 -23.55
C THR C 457 -10.54 -5.95 -22.84
N PRO C 458 -10.28 -6.76 -21.81
CA PRO C 458 -11.39 -7.37 -21.06
C PRO C 458 -12.18 -6.32 -20.30
N ILE C 459 -13.47 -6.60 -20.14
CA ILE C 459 -14.37 -5.71 -19.41
C ILE C 459 -15.53 -6.51 -18.83
N THR C 460 -16.12 -5.99 -17.77
CA THR C 460 -17.27 -6.61 -17.13
C THR C 460 -18.09 -5.56 -16.41
N HIS C 461 -19.40 -5.65 -16.55
CA HIS C 461 -20.31 -4.74 -15.87
C HIS C 461 -21.44 -5.52 -15.25
N ILE C 462 -21.93 -5.04 -14.11
CA ILE C 462 -23.08 -5.65 -13.43
C ILE C 462 -24.15 -4.58 -13.26
N LEU C 463 -25.35 -4.87 -13.77
CA LEU C 463 -26.42 -3.88 -13.82
C LEU C 463 -27.68 -4.29 -13.09
N VAL C 464 -27.91 -5.59 -12.88
CA VAL C 464 -29.12 -6.06 -12.20
C VAL C 464 -28.69 -7.10 -11.17
N CYS C 465 -28.75 -6.74 -9.89
CA CYS C 465 -28.51 -7.70 -8.82
C CYS C 465 -29.81 -8.36 -8.41
N ARG C 466 -30.88 -7.57 -8.30
CA ARG C 466 -32.22 -8.05 -8.07
C ARG C 466 -33.17 -6.94 -8.50
N PRO C 467 -34.14 -7.22 -9.37
CA PRO C 467 -35.16 -6.21 -9.68
C PRO C 467 -35.99 -5.91 -8.44
N LYS C 468 -36.20 -4.62 -8.18
CA LYS C 468 -36.98 -4.23 -7.01
C LYS C 468 -38.42 -4.71 -7.11
N ARG C 469 -39.01 -4.61 -8.30
CA ARG C 469 -40.37 -5.10 -8.56
C ARG C 469 -41.38 -4.48 -7.61
N THR C 470 -41.21 -3.19 -7.31
CA THR C 470 -42.16 -2.48 -6.48
C THR C 470 -43.49 -2.31 -7.21
N LYS C 471 -44.59 -2.39 -6.47
CA LYS C 471 -45.90 -2.27 -7.06
C LYS C 471 -46.18 -0.83 -7.48
N ALA C 472 -46.99 -0.69 -8.54
CA ALA C 472 -47.33 0.63 -9.05
C ALA C 472 -48.15 1.42 -8.05
N SER C 473 -47.84 2.71 -7.92
CA SER C 473 -48.57 3.57 -6.98
C SER C 473 -48.38 5.02 -7.45
N MET C 474 -49.48 5.65 -7.87
CA MET C 474 -49.40 7.00 -8.42
C MET C 474 -49.32 8.06 -7.33
N SER C 475 -49.93 7.81 -6.17
CA SER C 475 -49.85 8.77 -5.08
C SER C 475 -48.41 9.05 -4.70
N GLU C 476 -47.58 8.00 -4.70
CA GLU C 476 -46.15 8.18 -4.47
C GLU C 476 -45.42 8.62 -5.74
N PHE C 477 -45.87 8.17 -6.90
CA PHE C 477 -45.13 8.42 -8.13
C PHE C 477 -45.26 9.87 -8.59
N LEU C 478 -46.48 10.41 -8.59
CA LEU C 478 -46.66 11.81 -8.97
C LEU C 478 -46.01 12.75 -7.96
N GLU C 479 -46.11 12.43 -6.67
CA GLU C 479 -45.48 13.24 -5.65
C GLU C 479 -43.96 13.26 -5.80
N SER C 480 -43.35 12.11 -6.11
CA SER C 480 -41.93 12.08 -6.39
C SER C 480 -41.58 12.91 -7.62
N GLU C 481 -42.39 12.83 -8.67
CA GLU C 481 -42.15 13.66 -9.85
C GLU C 481 -42.40 15.13 -9.57
N ASP C 482 -43.34 15.44 -8.68
CA ASP C 482 -43.63 16.82 -8.31
C ASP C 482 -42.52 17.40 -7.45
N THR C 490 -24.20 -0.10 -12.36
CA THR C 490 -23.01 0.73 -12.22
C THR C 490 -21.86 -0.05 -11.60
N TYR C 491 -22.11 -1.31 -11.25
CA TYR C 491 -21.06 -2.20 -10.76
C TYR C 491 -20.21 -2.67 -11.95
N SER C 492 -19.37 -1.75 -12.41
CA SER C 492 -18.44 -2.07 -13.49
C SER C 492 -17.16 -2.66 -12.92
N SER C 493 -16.33 -3.19 -13.81
CA SER C 493 -15.05 -3.77 -13.42
C SER C 493 -14.15 -3.86 -14.64
N GLY C 494 -12.96 -3.28 -14.51
CA GLY C 494 -11.96 -3.36 -15.57
C GLY C 494 -11.70 -2.03 -16.25
N HIS C 495 -10.73 -2.07 -17.16
CA HIS C 495 -10.32 -0.91 -17.93
C HIS C 495 -11.39 -0.62 -18.97
N ASN C 496 -12.27 0.34 -18.66
CA ASN C 496 -13.42 0.60 -19.53
C ASN C 496 -13.04 1.51 -20.70
N ARG C 497 -12.63 2.73 -20.39
CA ARG C 497 -12.42 3.75 -21.41
C ARG C 497 -11.12 3.50 -22.17
N LEU C 498 -11.04 4.08 -23.38
CA LEU C 498 -9.86 3.94 -24.21
C LEU C 498 -8.78 4.91 -23.76
N TYR C 499 -7.55 4.43 -23.74
CA TYR C 499 -6.40 5.23 -23.33
C TYR C 499 -5.56 5.61 -24.54
N PHE C 500 -4.73 6.62 -24.36
CA PHE C 500 -3.98 7.21 -25.47
C PHE C 500 -2.50 7.23 -25.18
N HIS C 501 -1.70 7.22 -26.24
CA HIS C 501 -0.25 7.34 -26.14
C HIS C 501 0.12 8.67 -25.50
N SER C 502 0.71 8.62 -24.31
CA SER C 502 1.05 9.83 -23.60
C SER C 502 2.07 10.67 -24.36
N ASP C 503 3.04 10.01 -24.97
CA ASP C 503 4.10 10.73 -25.69
C ASP C 503 3.55 11.55 -26.83
N THR C 504 2.58 11.01 -27.57
CA THR C 504 2.15 11.64 -28.81
C THR C 504 0.67 11.95 -28.87
N CYS C 505 -0.07 11.79 -27.78
CA CYS C 505 -1.50 12.02 -27.75
C CYS C 505 -2.25 11.19 -28.78
N LEU C 506 -1.85 9.95 -28.99
CA LEU C 506 -2.50 9.10 -29.98
C LEU C 506 -3.16 7.91 -29.30
N PRO C 507 -4.23 7.37 -29.88
CA PRO C 507 -4.92 6.25 -29.23
C PRO C 507 -4.06 5.00 -29.17
N LEU C 508 -4.11 4.32 -28.04
CA LEU C 508 -3.43 3.04 -27.88
C LEU C 508 -4.21 1.94 -28.59
N ARG C 509 -3.57 0.77 -28.70
CA ARG C 509 -4.30 -0.44 -29.02
C ARG C 509 -4.10 -1.48 -27.93
N PRO C 510 -5.08 -2.33 -27.69
CA PRO C 510 -4.97 -3.33 -26.63
C PRO C 510 -3.79 -4.26 -26.83
N GLN C 511 -3.33 -4.39 -28.08
CA GLN C 511 -2.24 -5.29 -28.39
C GLN C 511 -0.97 -4.91 -27.64
N GLU C 512 -0.64 -3.62 -27.62
CA GLU C 512 0.56 -3.12 -26.98
C GLU C 512 0.28 -2.50 -25.62
N MET C 513 -0.88 -2.79 -25.04
CA MET C 513 -1.34 -2.09 -23.84
C MET C 513 -0.48 -2.48 -22.63
N GLU C 514 0.37 -3.47 -22.78
CA GLU C 514 1.16 -3.91 -21.63
C GLU C 514 2.57 -3.36 -21.63
N VAL C 515 3.33 -3.54 -22.72
CA VAL C 515 4.74 -3.16 -22.75
C VAL C 515 4.95 -1.65 -22.74
N ASP C 516 3.89 -0.86 -22.74
CA ASP C 516 3.96 0.56 -23.04
C ASP C 516 4.36 1.40 -21.83
N SER C 517 5.52 1.13 -21.25
CA SER C 517 6.01 1.96 -20.15
C SER C 517 6.18 3.40 -20.60
N GLU C 518 6.72 3.60 -21.79
CA GLU C 518 6.99 4.93 -22.35
C GLU C 518 7.96 5.71 -21.47
N ASP C 519 8.48 5.05 -20.43
CA ASP C 519 9.33 5.69 -19.45
C ASP C 519 10.51 4.79 -19.14
N GLU C 520 11.63 5.41 -18.78
CA GLU C 520 12.88 4.69 -18.59
C GLU C 520 13.80 5.55 -17.72
N LYS C 521 15.06 5.12 -17.61
CA LYS C 521 16.05 5.85 -16.82
C LYS C 521 16.31 7.24 -17.40
N ASP C 522 16.37 7.35 -18.72
CA ASP C 522 16.91 8.57 -19.30
C ASP C 522 16.35 8.83 -20.69
N PRO C 523 15.68 9.97 -20.90
CA PRO C 523 15.18 10.32 -22.23
C PRO C 523 16.28 10.73 -23.17
N GLU C 524 16.01 10.56 -24.46
CA GLU C 524 17.01 10.82 -25.48
C GLU C 524 17.34 12.30 -25.56
N TRP C 525 16.31 13.16 -25.62
CA TRP C 525 16.55 14.58 -25.77
C TRP C 525 17.42 15.12 -24.66
N LEU C 526 17.31 14.55 -23.46
CA LEU C 526 18.14 14.99 -22.35
C LEU C 526 19.61 14.71 -22.66
N ARG C 527 19.89 13.56 -23.27
CA ARG C 527 21.25 13.25 -23.67
C ARG C 527 21.79 14.29 -24.65
N GLU C 528 20.96 14.70 -25.61
CA GLU C 528 21.38 15.71 -26.56
C GLU C 528 21.69 17.03 -25.87
N LYS C 529 20.80 17.45 -24.97
CA LYS C 529 20.94 18.77 -24.37
C LYS C 529 22.21 18.86 -23.52
N THR C 530 22.50 17.81 -22.75
CA THR C 530 23.69 17.84 -21.91
C THR C 530 24.96 17.86 -22.75
N ILE C 531 24.98 17.13 -23.87
CA ILE C 531 26.17 17.12 -24.72
C ILE C 531 26.41 18.51 -25.28
N THR C 532 25.33 19.17 -25.73
CA THR C 532 25.47 20.53 -26.25
C THR C 532 26.00 21.48 -25.18
N GLN C 533 25.50 21.34 -23.95
CA GLN C 533 25.94 22.23 -22.89
C GLN C 533 27.42 22.02 -22.57
N ILE C 534 27.94 20.81 -22.80
CA ILE C 534 29.35 20.55 -22.59
C ILE C 534 30.19 21.41 -23.52
N GLU C 535 29.79 21.50 -24.79
CA GLU C 535 30.60 22.21 -25.77
C GLU C 535 30.69 23.70 -25.47
N GLU C 536 29.70 24.23 -24.76
CA GLU C 536 29.70 25.64 -24.40
C GLU C 536 30.95 26.00 -23.59
N PHE C 537 31.39 25.08 -22.74
CA PHE C 537 32.56 25.33 -21.92
C PHE C 537 33.78 25.54 -22.79
N SER C 538 34.55 26.58 -22.48
CA SER C 538 35.71 26.91 -23.29
C SER C 538 37.00 26.44 -22.64
N ASP C 539 37.08 26.46 -21.31
CA ASP C 539 38.30 26.10 -20.60
C ASP C 539 38.63 24.63 -20.70
N VAL C 540 37.72 23.80 -21.20
CA VAL C 540 37.90 22.36 -21.23
C VAL C 540 38.38 21.96 -22.60
N ASN C 541 39.52 21.25 -22.64
CA ASN C 541 39.99 20.68 -23.89
C ASN C 541 39.08 19.51 -24.28
N GLU C 542 39.04 19.23 -25.58
CA GLU C 542 38.14 18.20 -26.07
C GLU C 542 38.49 16.83 -25.54
N GLY C 543 39.76 16.60 -25.18
CA GLY C 543 40.13 15.32 -24.61
C GLY C 543 39.38 15.03 -23.32
N GLU C 544 39.31 16.04 -22.45
CA GLU C 544 38.49 15.93 -21.24
C GLU C 544 37.02 15.91 -21.58
N LYS C 545 36.59 16.80 -22.49
CA LYS C 545 35.16 16.95 -22.77
C LYS C 545 34.51 15.63 -23.12
N GLU C 546 35.16 14.84 -23.97
CA GLU C 546 34.65 13.51 -24.30
C GLU C 546 34.57 12.62 -23.06
N VAL C 547 35.47 12.82 -22.10
CA VAL C 547 35.56 11.92 -20.96
C VAL C 547 34.25 11.91 -20.18
N MET C 548 33.76 13.08 -19.78
CA MET C 548 32.54 13.10 -19.00
C MET C 548 31.33 12.81 -19.88
N LYS C 549 31.38 13.16 -21.16
CA LYS C 549 30.29 12.80 -22.06
C LYS C 549 30.01 11.31 -21.99
N LEU C 550 31.06 10.50 -22.16
CA LEU C 550 30.89 9.05 -22.01
C LEU C 550 30.53 8.68 -20.59
N TRP C 551 31.25 9.26 -19.61
CA TRP C 551 31.03 8.88 -18.23
C TRP C 551 29.65 9.32 -17.76
N ASN C 552 29.27 10.57 -18.03
CA ASN C 552 27.94 11.03 -17.63
C ASN C 552 26.86 10.21 -18.33
N LEU C 553 26.94 10.09 -19.65
CA LEU C 553 25.94 9.32 -20.37
C LEU C 553 25.87 7.90 -19.85
N HIS C 554 26.98 7.42 -19.29
CA HIS C 554 26.95 6.15 -18.57
C HIS C 554 26.12 6.26 -17.30
N VAL C 555 26.04 7.46 -16.71
CA VAL C 555 25.44 7.57 -15.38
C VAL C 555 23.92 7.47 -15.45
N MET C 556 23.26 8.45 -16.07
CA MET C 556 21.79 8.42 -16.07
C MET C 556 21.27 7.30 -16.95
N LYS C 557 22.16 6.66 -17.71
CA LYS C 557 21.80 5.39 -18.33
C LYS C 557 21.43 4.36 -17.27
N HIS C 558 22.15 4.37 -16.15
CA HIS C 558 21.93 3.39 -15.10
C HIS C 558 21.44 4.00 -13.80
N GLY C 559 21.74 5.27 -13.55
CA GLY C 559 21.27 5.93 -12.34
C GLY C 559 21.81 5.38 -11.05
N PHE C 560 23.13 5.15 -10.98
CA PHE C 560 23.74 4.74 -9.72
C PHE C 560 23.54 5.82 -8.66
N ILE C 561 23.42 5.39 -7.41
CA ILE C 561 23.23 6.32 -6.31
C ILE C 561 24.11 6.03 -5.11
N ALA C 562 24.78 4.88 -5.04
CA ALA C 562 25.54 4.50 -3.87
C ALA C 562 27.04 4.51 -4.15
N ASP C 563 27.81 4.67 -3.08
CA ASP C 563 29.27 4.61 -3.18
C ASP C 563 29.73 3.24 -3.66
N ASN C 564 29.10 2.18 -3.18
CA ASN C 564 29.41 0.85 -3.68
C ASN C 564 29.12 0.77 -5.18
N GLN C 565 27.96 1.28 -5.58
CA GLN C 565 27.66 1.39 -7.00
C GLN C 565 28.68 2.26 -7.71
N MET C 566 29.14 3.32 -7.04
CA MET C 566 30.15 4.21 -7.61
C MET C 566 31.39 3.44 -8.02
N ASN C 567 31.92 2.62 -7.12
CA ASN C 567 33.04 1.75 -7.46
C ASN C 567 32.62 0.75 -8.52
N HIS C 568 31.49 0.07 -8.32
CA HIS C 568 31.04 -0.91 -9.30
C HIS C 568 30.85 -0.29 -10.66
N ALA C 569 30.44 0.98 -10.70
CA ALA C 569 30.35 1.68 -11.98
C ALA C 569 31.73 1.82 -12.62
N CYS C 570 32.79 1.87 -11.81
CA CYS C 570 34.12 2.08 -12.36
C CYS C 570 34.53 0.93 -13.27
N MET C 571 34.61 -0.29 -12.74
CA MET C 571 34.93 -1.42 -13.60
C MET C 571 33.85 -1.62 -14.65
N LEU C 572 32.62 -1.22 -14.35
CA LEU C 572 31.56 -1.30 -15.35
C LEU C 572 31.82 -0.37 -16.52
N PHE C 573 32.14 0.90 -16.23
CA PHE C 573 32.35 1.86 -17.31
C PHE C 573 33.58 1.50 -18.13
N VAL C 574 34.67 1.08 -17.47
CA VAL C 574 35.86 0.70 -18.21
C VAL C 574 35.60 -0.56 -19.02
N GLU C 575 34.76 -1.46 -18.51
CA GLU C 575 34.48 -2.70 -19.21
C GLU C 575 33.78 -2.44 -20.53
N ASN C 576 32.80 -1.52 -20.52
CA ASN C 576 32.02 -1.27 -21.72
C ASN C 576 32.78 -0.43 -22.73
N TYR C 577 33.53 0.57 -22.27
CA TYR C 577 34.09 1.57 -23.15
C TYR C 577 35.61 1.64 -23.11
N GLY C 578 36.27 0.67 -22.48
CA GLY C 578 37.73 0.68 -22.45
C GLY C 578 38.34 0.64 -23.84
N GLN C 579 37.74 -0.14 -24.73
CA GLN C 579 38.18 -0.14 -26.13
C GLN C 579 37.96 1.23 -26.76
N LYS C 580 36.81 1.84 -26.49
CA LYS C 580 36.54 3.19 -27.01
C LYS C 580 37.52 4.20 -26.45
N ILE C 581 37.98 3.98 -25.21
CA ILE C 581 39.05 4.81 -24.65
C ILE C 581 40.30 4.70 -25.51
N ILE C 582 40.67 3.47 -25.89
CA ILE C 582 41.77 3.28 -26.82
C ILE C 582 41.47 3.95 -28.15
N LYS C 583 40.23 3.80 -28.64
CA LYS C 583 39.85 4.41 -29.91
C LYS C 583 39.97 5.93 -29.86
N LYS C 584 39.46 6.55 -28.80
CA LYS C 584 39.60 7.98 -28.67
C LYS C 584 41.01 8.36 -28.24
N ASN C 585 41.77 7.40 -27.71
CA ASN C 585 43.10 7.63 -27.17
C ASN C 585 43.08 8.76 -26.14
N LEU C 586 42.06 8.71 -25.28
CA LEU C 586 41.92 9.66 -24.19
C LEU C 586 42.14 9.01 -22.83
N CYS C 587 43.07 8.05 -22.76
CA CYS C 587 43.29 7.32 -21.52
C CYS C 587 43.84 8.23 -20.43
N ARG C 588 44.93 8.95 -20.72
CA ARG C 588 45.61 9.70 -19.67
C ARG C 588 44.68 10.69 -19.00
N ASN C 589 43.83 11.36 -19.79
CA ASN C 589 42.81 12.23 -19.20
C ASN C 589 41.86 11.43 -18.32
N PHE C 590 41.63 10.17 -18.67
CA PHE C 590 40.66 9.36 -17.95
C PHE C 590 41.22 8.88 -16.62
N MET C 591 42.51 8.53 -16.57
CA MET C 591 43.14 8.26 -15.28
C MET C 591 43.05 9.45 -14.33
N LEU C 592 43.33 10.65 -14.83
CA LEU C 592 43.21 11.83 -13.98
C LEU C 592 41.77 12.02 -13.52
N HIS C 593 40.82 11.77 -14.41
CA HIS C 593 39.41 11.85 -14.05
C HIS C 593 39.08 10.84 -12.97
N LEU C 594 39.73 9.67 -13.00
CA LEU C 594 39.59 8.70 -11.91
C LEU C 594 40.17 9.24 -10.61
N VAL C 595 41.36 9.85 -10.68
CA VAL C 595 42.06 10.25 -9.47
C VAL C 595 41.21 11.22 -8.65
N SER C 596 40.43 12.05 -9.33
CA SER C 596 39.56 12.98 -8.62
C SER C 596 38.61 12.25 -7.69
N MET C 597 38.00 11.15 -8.16
CA MET C 597 37.13 10.37 -7.30
C MET C 597 37.89 9.75 -6.14
N HIS C 598 39.12 9.28 -6.39
CA HIS C 598 39.91 8.78 -5.28
C HIS C 598 40.22 9.89 -4.30
N ASP C 599 40.36 11.12 -4.80
CA ASP C 599 40.38 12.28 -3.93
C ASP C 599 39.02 12.53 -3.30
N PHE C 600 37.93 12.16 -3.97
CA PHE C 600 36.60 12.27 -3.44
C PHE C 600 36.17 11.02 -2.68
N ASN C 601 37.10 10.10 -2.45
CA ASN C 601 36.93 8.89 -1.65
C ASN C 601 36.02 7.87 -2.30
N LEU C 602 35.54 8.11 -3.51
CA LEU C 602 34.71 7.13 -4.21
C LEU C 602 35.51 6.07 -4.93
N ILE C 603 36.84 6.15 -4.88
CA ILE C 603 37.72 5.24 -5.59
C ILE C 603 38.83 4.78 -4.67
N SER C 604 39.12 3.48 -4.72
CA SER C 604 40.25 2.90 -4.01
C SER C 604 41.38 2.64 -5.00
N ILE C 605 42.56 2.33 -4.45
CA ILE C 605 43.73 2.15 -5.30
C ILE C 605 43.57 0.94 -6.20
N MET C 606 43.09 -0.17 -5.65
CA MET C 606 42.92 -1.39 -6.45
C MET C 606 41.90 -1.17 -7.56
N SER C 607 40.93 -0.26 -7.34
CA SER C 607 40.02 0.11 -8.40
C SER C 607 40.78 0.75 -9.57
N ILE C 608 41.76 1.60 -9.26
CA ILE C 608 42.57 2.21 -10.31
C ILE C 608 43.35 1.14 -11.06
N ASP C 609 43.86 0.15 -10.33
CA ASP C 609 44.57 -0.96 -10.97
C ASP C 609 43.67 -1.69 -11.95
N LYS C 610 42.39 -1.84 -11.61
CA LYS C 610 41.45 -2.53 -12.49
C LYS C 610 41.32 -1.81 -13.83
N ALA C 611 41.25 -0.49 -13.81
CA ALA C 611 41.14 0.27 -15.04
C ALA C 611 42.38 0.07 -15.92
N VAL C 612 43.55 0.02 -15.29
CA VAL C 612 44.78 -0.20 -16.05
C VAL C 612 44.74 -1.55 -16.75
N THR C 613 44.31 -2.58 -16.02
CA THR C 613 44.21 -3.92 -16.61
C THR C 613 43.19 -3.95 -17.74
N LYS C 614 42.03 -3.32 -17.52
CA LYS C 614 41.00 -3.31 -18.55
C LYS C 614 41.48 -2.55 -19.79
N LEU C 615 42.15 -1.43 -19.60
CA LEU C 615 42.69 -0.68 -20.73
C LEU C 615 43.71 -1.50 -21.51
N ARG C 616 44.56 -2.24 -20.82
CA ARG C 616 45.63 -2.97 -21.46
C ARG C 616 45.35 -4.47 -21.47
N LYS D 19 29.67 71.29 -43.91
CA LYS D 19 29.00 69.99 -44.01
C LYS D 19 29.94 68.95 -44.62
N ARG D 20 31.19 69.35 -44.89
CA ARG D 20 32.14 68.43 -45.49
C ARG D 20 32.51 67.30 -44.53
N VAL D 21 32.61 67.59 -43.24
CA VAL D 21 32.95 66.57 -42.27
C VAL D 21 31.84 65.52 -42.17
N LYS D 22 30.58 65.97 -42.19
CA LYS D 22 29.47 65.02 -42.24
C LYS D 22 29.48 64.23 -43.55
N SER D 23 29.76 64.92 -44.66
CA SER D 23 29.87 64.23 -45.95
C SER D 23 31.03 63.24 -45.93
N GLU D 24 32.17 63.64 -45.37
CA GLU D 24 33.29 62.72 -45.24
C GLU D 24 32.89 61.54 -44.35
N TYR D 25 32.20 61.81 -43.25
CA TYR D 25 31.73 60.73 -42.39
C TYR D 25 30.68 59.88 -43.10
N MET D 26 29.76 60.53 -43.83
CA MET D 26 28.74 59.79 -44.57
C MET D 26 29.37 58.96 -45.68
N ARG D 27 30.27 59.56 -46.47
CA ARG D 27 30.91 58.83 -47.55
C ARG D 27 31.80 57.72 -47.01
N LEU D 28 32.44 57.94 -45.86
CA LEU D 28 33.16 56.85 -45.20
C LEU D 28 32.19 55.73 -44.83
N ARG D 29 31.03 56.09 -44.29
CA ARG D 29 29.98 55.11 -44.05
C ARG D 29 29.44 54.56 -45.35
N GLN D 30 29.37 55.40 -46.39
CA GLN D 30 28.82 54.97 -47.66
C GLN D 30 29.72 53.96 -48.36
N LEU D 31 31.00 53.91 -47.99
CA LEU D 31 31.93 53.04 -48.69
C LEU D 31 31.51 51.57 -48.57
N LYS D 32 31.10 51.15 -47.37
CA LYS D 32 30.54 49.82 -47.22
C LYS D 32 29.08 49.80 -47.66
N ARG D 33 28.42 50.96 -47.71
CA ARG D 33 27.00 50.99 -48.02
C ARG D 33 26.72 50.58 -49.46
N PHE D 34 27.42 51.21 -50.41
CA PHE D 34 27.12 50.89 -51.81
C PHE D 34 27.76 49.58 -52.24
N ARG D 35 28.89 49.21 -51.62
CA ARG D 35 29.48 47.91 -51.92
C ARG D 35 28.58 46.79 -51.45
N ARG D 36 27.81 47.04 -50.38
CA ARG D 36 26.73 46.13 -50.01
C ARG D 36 25.69 46.07 -51.11
N ALA D 37 25.29 47.24 -51.63
CA ALA D 37 24.31 47.29 -52.70
C ALA D 37 24.81 46.55 -53.93
N ASP D 38 26.10 46.70 -54.24
CA ASP D 38 26.70 45.91 -55.31
C ASP D 38 26.64 44.43 -54.99
N GLU D 39 26.94 44.06 -53.74
CA GLU D 39 26.89 42.65 -53.36
C GLU D 39 25.46 42.11 -53.41
N VAL D 40 24.52 42.81 -52.77
CA VAL D 40 23.17 42.26 -52.67
C VAL D 40 22.59 41.98 -54.05
N LYS D 41 22.88 42.85 -55.01
CA LYS D 41 22.44 42.62 -56.39
C LYS D 41 22.98 41.30 -56.91
N SER D 42 24.17 40.91 -56.45
CA SER D 42 24.79 39.68 -56.94
C SER D 42 24.02 38.45 -56.49
N MET D 43 23.93 38.23 -55.17
CA MET D 43 23.15 37.08 -54.71
C MET D 43 21.65 37.26 -54.95
N PHE D 44 21.19 38.48 -55.22
CA PHE D 44 19.87 38.61 -55.82
C PHE D 44 19.83 37.88 -57.15
N SER D 45 20.85 38.06 -57.99
CA SER D 45 20.90 37.37 -59.26
C SER D 45 21.13 35.87 -59.07
N SER D 46 22.07 35.50 -58.19
CA SER D 46 22.43 34.10 -58.04
C SER D 46 21.25 33.29 -57.51
N ASN D 47 20.48 33.87 -56.58
CA ASN D 47 19.27 33.21 -56.15
C ASN D 47 18.23 33.16 -57.26
N ARG D 48 18.16 34.20 -58.08
CA ARG D 48 17.17 34.24 -59.15
C ARG D 48 17.38 33.11 -60.15
N GLN D 49 18.63 32.87 -60.55
CA GLN D 49 18.89 31.74 -61.45
C GLN D 49 18.55 30.42 -60.76
N LYS D 50 18.89 30.30 -59.47
CA LYS D 50 18.50 29.11 -58.72
C LYS D 50 16.99 28.98 -58.65
N ILE D 51 16.28 30.12 -58.57
CA ILE D 51 14.83 30.09 -58.69
C ILE D 51 14.43 29.52 -60.04
N LEU D 52 15.03 30.03 -61.12
CA LEU D 52 14.66 29.59 -62.45
C LEU D 52 14.96 28.10 -62.66
N GLU D 53 16.11 27.64 -62.18
CA GLU D 53 16.47 26.23 -62.33
C GLU D 53 15.45 25.33 -61.62
N ARG D 54 15.19 25.61 -60.34
CA ARG D 54 14.34 24.73 -59.55
C ARG D 54 12.89 24.82 -60.00
N THR D 55 12.41 26.04 -60.28
CA THR D 55 11.02 26.21 -60.68
C THR D 55 10.73 25.46 -61.97
N GLU D 56 11.65 25.49 -62.92
CA GLU D 56 11.47 24.72 -64.14
C GLU D 56 11.53 23.23 -63.86
N ILE D 57 12.45 22.80 -62.99
CA ILE D 57 12.60 21.37 -62.70
C ILE D 57 11.30 20.82 -62.12
N LEU D 58 10.76 21.49 -61.10
CA LEU D 58 9.49 21.05 -60.54
C LEU D 58 8.37 21.21 -61.56
N ASN D 59 8.45 22.22 -62.42
CA ASN D 59 7.45 22.37 -63.48
C ASN D 59 7.49 21.18 -64.42
N GLN D 60 8.68 20.69 -64.74
CA GLN D 60 8.81 19.51 -65.59
C GLN D 60 8.14 18.31 -64.95
N GLU D 61 8.38 18.10 -63.66
CA GLU D 61 7.73 17.00 -62.97
C GLU D 61 6.23 17.23 -62.90
N TRP D 62 5.83 18.48 -62.68
CA TRP D 62 4.40 18.82 -62.76
C TRP D 62 3.83 18.50 -64.12
N LYS D 63 4.63 18.66 -65.18
CA LYS D 63 4.23 18.22 -66.50
C LYS D 63 4.05 16.70 -66.53
N GLN D 64 4.95 15.97 -65.88
CA GLN D 64 4.87 14.51 -65.89
C GLN D 64 3.62 14.01 -65.19
N ARG D 65 3.27 14.62 -64.06
CA ARG D 65 2.13 14.19 -63.24
C ARG D 65 0.84 14.50 -63.97
N ARG D 66 0.21 13.48 -64.54
CA ARG D 66 -1.11 13.66 -65.14
C ARG D 66 -2.13 14.02 -64.05
N ILE D 67 -3.00 14.98 -64.36
CA ILE D 67 -3.94 15.52 -63.40
C ILE D 67 -5.36 15.41 -63.96
N GLN D 68 -6.27 14.94 -63.13
CA GLN D 68 -7.67 14.81 -63.54
C GLN D 68 -8.38 16.15 -63.46
N PRO D 69 -9.04 16.59 -64.53
CA PRO D 69 -9.83 17.82 -64.46
C PRO D 69 -11.02 17.68 -63.52
N VAL D 70 -11.47 18.83 -63.01
CA VAL D 70 -12.52 18.83 -62.00
C VAL D 70 -13.86 18.46 -62.62
N HIS D 71 -14.80 18.07 -61.76
CA HIS D 71 -16.18 17.83 -62.13
C HIS D 71 -17.09 18.66 -61.22
N ILE D 72 -18.25 19.05 -61.76
CA ILE D 72 -19.18 19.91 -61.03
C ILE D 72 -20.07 19.06 -60.13
N LEU D 73 -20.73 19.72 -59.17
CA LEU D 73 -21.63 19.05 -58.25
C LEU D 73 -22.90 18.61 -58.99
N THR D 74 -23.48 17.52 -58.51
CA THR D 74 -24.75 17.02 -59.04
C THR D 74 -25.74 16.85 -57.88
N SER D 75 -27.02 16.87 -58.23
CA SER D 75 -28.07 16.69 -57.22
C SER D 75 -28.07 15.27 -56.69
N VAL D 76 -28.27 15.14 -55.37
CA VAL D 76 -28.39 13.84 -54.70
C VAL D 76 -29.84 13.69 -54.28
N SER D 77 -30.51 12.67 -54.83
CA SER D 77 -31.95 12.53 -54.63
C SER D 77 -32.30 12.30 -53.17
N SER D 78 -31.51 11.49 -52.47
CA SER D 78 -31.83 11.11 -51.09
C SER D 78 -31.68 12.26 -50.11
N LEU D 79 -31.11 13.39 -50.52
CA LEU D 79 -30.86 14.51 -49.61
C LEU D 79 -31.27 15.84 -50.22
N ARG D 80 -32.49 15.94 -50.75
CA ARG D 80 -32.95 17.22 -51.27
C ARG D 80 -33.16 18.25 -50.17
N GLY D 81 -33.20 17.80 -48.91
CA GLY D 81 -33.32 18.73 -47.80
C GLY D 81 -32.07 19.52 -47.51
N THR D 82 -30.97 19.23 -48.20
CA THR D 82 -29.72 19.93 -47.97
C THR D 82 -29.85 21.41 -48.32
N ARG D 83 -29.07 22.23 -47.62
CA ARG D 83 -29.15 23.67 -47.82
C ARG D 83 -28.46 24.07 -49.11
N GLU D 84 -28.86 25.23 -49.62
CA GLU D 84 -28.34 25.77 -50.87
C GLU D 84 -27.76 27.15 -50.61
N CYS D 85 -26.60 27.43 -51.20
CA CYS D 85 -25.95 28.72 -51.05
C CYS D 85 -25.89 29.43 -52.40
N SER D 86 -26.04 30.75 -52.36
CA SER D 86 -26.03 31.59 -53.55
C SER D 86 -24.90 32.59 -53.42
N VAL D 87 -23.76 32.30 -54.03
CA VAL D 87 -22.60 33.17 -53.94
C VAL D 87 -22.89 34.44 -54.73
N THR D 88 -23.15 35.54 -54.01
CA THR D 88 -23.51 36.79 -54.65
C THR D 88 -22.31 37.37 -55.40
N SER D 89 -22.58 37.92 -56.58
CA SER D 89 -21.56 38.57 -57.38
C SER D 89 -21.56 40.06 -57.09
N ASP D 90 -20.43 40.59 -56.63
CA ASP D 90 -20.30 42.02 -56.42
C ASP D 90 -20.44 42.79 -57.74
N LEU D 91 -19.97 42.21 -58.83
CA LEU D 91 -20.08 42.83 -60.15
C LEU D 91 -21.44 42.50 -60.75
N ASP D 92 -21.60 42.78 -62.04
CA ASP D 92 -22.86 42.57 -62.73
C ASP D 92 -23.21 41.10 -62.91
N PHE D 93 -22.29 40.19 -62.62
CA PHE D 93 -22.48 38.80 -62.98
C PHE D 93 -23.64 38.18 -62.20
N PRO D 94 -24.33 37.21 -62.79
CA PRO D 94 -25.44 36.57 -62.08
C PRO D 94 -24.95 35.80 -60.87
N THR D 95 -25.79 35.73 -59.85
CA THR D 95 -25.48 34.96 -58.65
C THR D 95 -25.67 33.48 -58.93
N GLN D 96 -24.66 32.67 -58.64
CA GLN D 96 -24.68 31.24 -58.92
C GLN D 96 -25.01 30.48 -57.64
N VAL D 97 -25.77 29.39 -57.79
CA VAL D 97 -26.29 28.64 -56.64
C VAL D 97 -25.81 27.20 -56.73
N ILE D 98 -25.24 26.70 -55.63
CA ILE D 98 -24.87 25.29 -55.51
C ILE D 98 -25.17 24.84 -54.09
N PRO D 99 -25.83 23.69 -53.90
CA PRO D 99 -26.22 23.28 -52.55
C PRO D 99 -25.03 22.96 -51.66
N LEU D 100 -25.26 23.07 -50.36
CA LEU D 100 -24.24 22.71 -49.38
C LEU D 100 -24.18 21.20 -49.21
N LYS D 101 -23.26 20.75 -48.35
CA LYS D 101 -23.10 19.34 -48.06
C LYS D 101 -22.38 19.20 -46.73
N THR D 102 -22.95 18.40 -45.83
CA THR D 102 -22.37 18.24 -44.50
C THR D 102 -21.11 17.40 -44.56
N LEU D 103 -20.06 17.90 -43.93
CA LEU D 103 -18.78 17.21 -43.92
C LEU D 103 -18.84 15.97 -43.03
N ASN D 104 -17.78 15.16 -43.11
CA ASN D 104 -17.65 14.02 -42.24
C ASN D 104 -17.50 14.46 -40.79
N ALA D 105 -17.89 13.59 -39.87
CA ALA D 105 -17.81 13.88 -38.44
C ALA D 105 -16.62 13.16 -37.81
N VAL D 106 -15.87 13.89 -37.01
CA VAL D 106 -14.68 13.35 -36.35
C VAL D 106 -14.73 13.73 -34.87
N ALA D 107 -14.37 12.79 -34.00
CA ALA D 107 -14.36 13.05 -32.57
C ALA D 107 -13.22 14.00 -32.20
N SER D 108 -13.38 14.71 -31.09
CA SER D 108 -12.37 15.65 -30.65
C SER D 108 -11.79 15.23 -29.30
N VAL D 109 -10.52 15.54 -29.09
CA VAL D 109 -9.80 15.15 -27.87
C VAL D 109 -9.66 16.34 -26.95
N PRO D 110 -9.40 16.14 -25.67
CA PRO D 110 -9.20 17.27 -24.75
C PRO D 110 -8.00 18.11 -25.13
N ILE D 111 -8.11 19.42 -24.83
CA ILE D 111 -7.03 20.36 -25.07
C ILE D 111 -5.83 20.00 -24.20
N MET D 112 -4.63 20.23 -24.74
CA MET D 112 -3.40 19.93 -24.02
C MET D 112 -2.24 20.66 -24.69
N TYR D 113 -1.32 21.15 -23.86
CA TYR D 113 -0.15 21.87 -24.34
C TYR D 113 1.09 20.98 -24.36
N SER D 114 2.01 21.29 -25.27
CA SER D 114 3.21 20.50 -25.44
C SER D 114 4.07 20.54 -24.19
N TRP D 115 4.92 19.52 -24.05
CA TRP D 115 5.78 19.33 -22.90
C TRP D 115 6.74 18.19 -23.21
N SER D 116 7.68 17.95 -22.30
CA SER D 116 8.70 16.95 -22.54
C SER D 116 8.78 16.02 -21.35
N PRO D 117 9.07 14.74 -21.57
CA PRO D 117 9.19 13.82 -20.44
C PRO D 117 10.34 14.20 -19.54
N LEU D 118 10.19 13.88 -18.25
CA LEU D 118 11.20 14.23 -17.27
C LEU D 118 11.06 13.33 -16.06
N GLN D 119 12.15 12.68 -15.67
CA GLN D 119 12.15 11.75 -14.55
C GLN D 119 13.02 12.23 -13.38
N GLN D 120 13.38 13.51 -13.38
CA GLN D 120 14.15 14.11 -12.31
C GLN D 120 13.74 15.58 -12.21
N ASN D 121 14.58 16.39 -11.57
CA ASN D 121 14.28 17.80 -11.38
C ASN D 121 15.43 18.65 -11.90
N PHE D 122 15.09 19.78 -12.48
CA PHE D 122 16.01 20.60 -13.27
C PHE D 122 15.88 22.05 -12.85
N MET D 123 17.00 22.70 -12.55
CA MET D 123 16.93 24.10 -12.17
C MET D 123 16.93 24.97 -13.42
N VAL D 124 16.51 26.21 -13.26
CA VAL D 124 16.58 27.17 -14.37
C VAL D 124 17.28 28.43 -13.89
N HIS D 160 12.67 44.37 -26.44
CA HIS D 160 13.21 43.38 -27.37
C HIS D 160 12.83 43.73 -28.82
N GLY D 161 13.74 43.46 -29.74
CA GLY D 161 13.54 43.80 -31.13
C GLY D 161 13.88 45.22 -31.50
N ASP D 162 14.37 46.02 -30.56
CA ASP D 162 14.72 47.41 -30.80
C ASP D 162 16.23 47.55 -30.99
N ARG D 163 16.63 48.65 -31.62
CA ARG D 163 18.03 48.99 -31.89
C ARG D 163 18.69 47.98 -32.82
N GLU D 164 19.90 48.31 -33.31
CA GLU D 164 20.65 47.44 -34.20
C GLU D 164 22.09 47.32 -33.72
N CYS D 165 22.54 46.08 -33.55
CA CYS D 165 23.94 45.73 -33.29
C CYS D 165 24.45 46.26 -31.96
N GLY D 166 23.62 47.00 -31.23
CA GLY D 166 23.95 47.41 -29.87
C GLY D 166 25.03 48.46 -29.76
N PHE D 167 26.27 48.09 -30.07
CA PHE D 167 27.43 48.95 -29.90
C PHE D 167 27.62 49.88 -31.09
N ILE D 168 28.14 51.08 -30.81
CA ILE D 168 28.62 51.95 -31.87
C ILE D 168 29.75 51.23 -32.61
N ASN D 169 29.63 51.16 -33.93
CA ASN D 169 30.48 50.29 -34.72
C ASN D 169 31.96 50.64 -34.55
N ASP D 170 32.77 49.63 -34.20
CA ASP D 170 34.21 49.82 -34.09
C ASP D 170 34.86 50.04 -35.45
N GLU D 171 34.22 49.59 -36.53
CA GLU D 171 34.73 49.89 -37.86
C GLU D 171 34.62 51.38 -38.16
N ILE D 172 33.56 52.02 -37.69
CA ILE D 172 33.46 53.47 -37.78
C ILE D 172 34.57 54.11 -36.96
N PHE D 173 34.94 53.51 -35.82
CA PHE D 173 36.14 53.94 -35.12
C PHE D 173 37.37 53.77 -35.99
N VAL D 174 37.45 52.65 -36.70
CA VAL D 174 38.53 52.48 -37.68
C VAL D 174 38.39 53.49 -38.80
N GLU D 175 37.16 53.77 -39.24
CA GLU D 175 36.93 54.91 -40.12
C GLU D 175 37.35 56.21 -39.43
N LEU D 176 37.11 56.31 -38.13
CA LEU D 176 37.58 57.45 -37.38
C LEU D 176 39.10 57.44 -37.27
N VAL D 177 39.70 56.24 -37.21
CA VAL D 177 41.15 56.13 -37.22
C VAL D 177 41.72 56.70 -38.51
N ASN D 178 41.02 56.51 -39.63
CA ASN D 178 41.46 57.12 -40.88
C ASN D 178 41.49 58.64 -40.76
N ALA D 179 40.56 59.21 -39.98
CA ALA D 179 40.63 60.64 -39.70
C ALA D 179 41.82 61.00 -38.83
N LEU D 180 42.31 60.08 -38.00
CA LEU D 180 43.52 60.32 -37.24
C LEU D 180 44.75 60.29 -38.14
N GLY D 181 44.82 59.29 -39.03
CA GLY D 181 45.97 59.18 -39.91
C GLY D 181 46.05 60.29 -40.93
N GLN D 182 44.91 60.78 -41.41
CA GLN D 182 44.91 61.86 -42.39
C GLN D 182 45.52 63.14 -41.84
N TYR D 183 45.60 63.26 -40.51
CA TYR D 183 46.27 64.40 -39.89
C TYR D 183 47.78 64.30 -40.06
N SER D 222 46.03 72.56 -37.78
CA SER D 222 46.29 71.38 -36.95
C SER D 222 45.16 71.18 -35.95
N ASP D 223 44.84 72.24 -35.20
CA ASP D 223 43.78 72.15 -34.20
C ASP D 223 42.42 71.95 -34.85
N LYS D 224 42.18 72.57 -36.01
CA LYS D 224 40.90 72.40 -36.69
C LYS D 224 40.67 70.96 -37.08
N ILE D 225 41.74 70.23 -37.42
CA ILE D 225 41.61 68.81 -37.70
C ILE D 225 41.19 68.05 -36.45
N PHE D 226 41.71 68.47 -35.29
CA PHE D 226 41.43 67.77 -34.05
C PHE D 226 39.95 67.79 -33.71
N GLU D 227 39.31 68.96 -33.85
CA GLU D 227 37.89 69.07 -33.53
C GLU D 227 37.04 68.47 -34.64
N ALA D 228 37.47 68.55 -35.89
CA ALA D 228 36.75 67.89 -36.97
C ALA D 228 36.73 66.38 -36.74
N ILE D 229 37.84 65.82 -36.27
CA ILE D 229 37.86 64.43 -35.83
C ILE D 229 36.93 64.24 -34.64
N SER D 230 37.00 65.17 -33.68
CA SER D 230 36.23 65.04 -32.45
C SER D 230 34.74 65.31 -32.64
N SER D 231 34.35 65.97 -33.73
CA SER D 231 32.96 66.37 -33.90
C SER D 231 32.07 65.25 -34.41
N MET D 232 32.53 64.48 -35.40
CA MET D 232 31.68 63.46 -36.01
C MET D 232 31.52 62.25 -35.09
N PHE D 233 32.63 61.58 -34.76
CA PHE D 233 32.57 60.48 -33.82
C PHE D 233 32.42 61.02 -32.40
N PRO D 234 31.77 60.25 -31.51
CA PRO D 234 31.57 60.75 -30.14
C PRO D 234 32.87 61.01 -29.38
N ASP D 235 34.00 60.46 -29.82
CA ASP D 235 35.24 60.66 -29.09
C ASP D 235 35.78 62.07 -29.30
N LYS D 236 36.86 62.36 -28.58
CA LYS D 236 37.50 63.68 -28.50
C LYS D 236 38.79 63.73 -29.30
N GLY D 237 38.80 63.19 -30.51
CA GLY D 237 40.03 62.80 -31.17
C GLY D 237 40.98 63.91 -31.57
N THR D 238 41.44 64.68 -30.59
CA THR D 238 42.59 65.55 -30.79
C THR D 238 43.87 64.73 -30.81
N ALA D 239 44.97 65.39 -31.19
CA ALA D 239 46.25 64.68 -31.30
C ALA D 239 46.63 64.01 -29.98
N GLU D 240 46.36 64.65 -28.85
CA GLU D 240 46.58 64.00 -27.57
C GLU D 240 45.64 62.81 -27.38
N GLU D 241 44.46 62.86 -28.00
CA GLU D 241 43.52 61.74 -27.98
C GLU D 241 43.78 60.77 -29.12
N LEU D 242 44.45 61.22 -30.19
CA LEU D 242 44.93 60.30 -31.21
C LEU D 242 45.75 59.17 -30.59
N LYS D 243 46.60 59.52 -29.62
CA LYS D 243 47.42 58.51 -28.95
C LYS D 243 46.55 57.53 -28.18
N GLU D 244 45.54 58.04 -27.46
CA GLU D 244 44.65 57.16 -26.71
C GLU D 244 43.92 56.19 -27.63
N LYS D 245 43.40 56.69 -28.76
CA LYS D 245 42.80 55.82 -29.75
C LYS D 245 43.84 54.87 -30.35
N TYR D 246 45.06 55.35 -30.56
CA TYR D 246 46.15 54.48 -30.97
C TYR D 246 46.43 53.43 -29.90
N LYS D 247 46.35 53.83 -28.63
CA LYS D 247 46.54 52.88 -27.54
C LYS D 247 45.49 51.77 -27.59
N GLU D 248 44.23 52.13 -27.84
CA GLU D 248 43.20 51.12 -27.97
C GLU D 248 43.35 50.32 -29.25
N LEU D 249 44.05 50.87 -30.24
CA LEU D 249 44.32 50.12 -31.46
C LEU D 249 45.41 49.08 -31.24
N THR D 250 46.31 49.33 -30.28
CA THR D 250 47.47 48.47 -30.08
C THR D 250 47.12 47.14 -29.44
N GLU D 251 45.85 46.96 -29.03
CA GLU D 251 45.43 45.68 -28.47
C GLU D 251 45.64 44.56 -29.49
N GLN D 252 45.09 44.73 -30.69
CA GLN D 252 45.47 43.96 -31.87
C GLN D 252 45.10 42.49 -31.79
N GLN D 253 44.57 42.05 -30.64
CA GLN D 253 44.26 40.64 -30.44
C GLN D 253 43.49 40.47 -29.15
N LEU D 254 42.85 39.32 -29.01
CA LEU D 254 42.10 38.93 -27.82
C LEU D 254 42.50 37.53 -27.39
N PRO D 255 42.59 37.28 -26.08
CA PRO D 255 42.91 35.91 -25.62
C PRO D 255 41.91 34.86 -26.08
N GLY D 256 40.63 35.21 -26.17
CA GLY D 256 39.62 34.29 -26.66
C GLY D 256 39.09 33.37 -25.58
N ALA D 257 38.01 32.67 -25.93
CA ALA D 257 37.35 31.74 -25.02
C ALA D 257 38.09 30.39 -25.07
N LEU D 258 39.13 30.30 -24.26
CA LEU D 258 39.96 29.12 -24.16
C LEU D 258 40.72 29.20 -22.84
N PRO D 259 41.26 28.09 -22.35
CA PRO D 259 42.17 28.17 -21.21
C PRO D 259 43.40 28.96 -21.57
N PRO D 260 43.56 30.17 -21.00
CA PRO D 260 44.70 31.02 -21.42
C PRO D 260 46.03 30.36 -21.20
N GLU D 261 46.16 29.58 -20.13
CA GLU D 261 47.36 28.81 -19.90
C GLU D 261 47.40 27.62 -20.84
N CYS D 262 48.60 27.21 -21.23
CA CYS D 262 48.73 26.07 -22.12
C CYS D 262 48.37 24.80 -21.37
N THR D 263 47.10 24.41 -21.42
CA THR D 263 46.60 23.25 -20.69
C THR D 263 45.81 22.35 -21.64
N PRO D 264 46.50 21.69 -22.58
CA PRO D 264 45.81 20.72 -23.42
C PRO D 264 45.53 19.45 -22.64
N ASN D 265 44.71 18.59 -23.23
CA ASN D 265 44.47 17.29 -22.62
C ASN D 265 45.78 16.52 -22.51
N ILE D 266 45.95 15.81 -21.39
CA ILE D 266 47.19 15.08 -21.13
C ILE D 266 47.47 14.07 -22.23
N ASP D 267 46.43 13.41 -22.73
CA ASP D 267 46.60 12.50 -23.85
C ASP D 267 47.11 13.23 -25.09
N GLY D 268 46.82 14.52 -25.20
CA GLY D 268 47.36 15.33 -26.27
C GLY D 268 48.85 15.56 -26.07
N PRO D 269 49.61 15.48 -27.16
CA PRO D 269 51.07 15.62 -27.04
C PRO D 269 51.51 16.99 -26.57
N ASN D 270 50.65 18.00 -26.71
CA ASN D 270 51.03 19.36 -26.36
C ASN D 270 50.82 19.68 -24.89
N ALA D 271 50.40 18.71 -24.09
CA ALA D 271 50.16 18.94 -22.67
C ALA D 271 51.43 19.42 -21.98
N LYS D 272 51.29 20.51 -21.22
CA LYS D 272 52.43 21.10 -20.54
C LYS D 272 52.76 20.33 -19.26
N SER D 273 53.89 20.67 -18.65
CA SER D 273 54.25 20.11 -17.36
C SER D 273 53.45 20.77 -16.26
N VAL D 274 52.13 20.67 -16.34
CA VAL D 274 51.24 21.32 -15.39
C VAL D 274 51.37 20.65 -14.03
N GLN D 275 51.27 21.45 -12.97
CA GLN D 275 51.34 20.91 -11.63
C GLN D 275 50.11 20.05 -11.32
N ARG D 276 50.15 19.40 -10.16
CA ARG D 276 49.07 18.52 -9.75
C ARG D 276 47.76 19.30 -9.57
N GLU D 277 47.85 20.48 -8.96
CA GLU D 277 46.64 21.23 -8.62
C GLU D 277 45.90 21.73 -9.87
N GLN D 278 46.62 22.38 -10.79
CA GLN D 278 45.96 23.10 -11.87
C GLN D 278 45.20 22.14 -12.77
N SER D 279 45.72 20.94 -12.99
CA SER D 279 45.03 19.96 -13.83
C SER D 279 43.69 19.57 -13.23
N LEU D 280 43.65 19.32 -11.93
CA LEU D 280 42.40 18.93 -11.29
C LEU D 280 41.42 20.08 -11.16
N HIS D 281 41.87 21.32 -11.41
CA HIS D 281 40.98 22.47 -11.32
C HIS D 281 39.80 22.32 -12.27
N SER D 282 40.06 21.95 -13.51
CA SER D 282 38.98 21.75 -14.47
C SER D 282 38.05 20.64 -14.02
N PHE D 283 38.62 19.54 -13.51
CA PHE D 283 37.79 18.43 -13.06
C PHE D 283 37.00 18.80 -11.82
N HIS D 284 37.67 19.40 -10.83
CA HIS D 284 37.01 19.71 -9.56
C HIS D 284 35.92 20.75 -9.73
N THR D 285 36.16 21.79 -10.52
CA THR D 285 35.16 22.83 -10.72
C THR D 285 33.91 22.29 -11.43
N LEU D 286 34.11 21.43 -12.43
CA LEU D 286 32.97 20.96 -13.22
C LEU D 286 32.17 19.90 -12.48
N PHE D 287 32.86 19.05 -11.74
CA PHE D 287 32.20 17.93 -11.06
C PHE D 287 31.30 18.43 -9.94
N CYS D 288 30.25 17.67 -9.65
CA CYS D 288 29.36 17.93 -8.52
C CYS D 288 29.03 16.62 -7.84
N ARG D 289 29.55 16.42 -6.64
CA ARG D 289 29.48 15.13 -5.95
C ARG D 289 28.09 14.80 -5.46
N ARG D 290 27.28 15.81 -5.13
CA ARG D 290 25.95 15.53 -4.58
C ARG D 290 25.10 14.70 -5.53
N CYS D 291 25.30 14.86 -6.84
CA CYS D 291 24.79 13.89 -7.81
C CYS D 291 25.92 13.27 -8.59
N PHE D 292 27.16 13.38 -8.09
CA PHE D 292 28.35 12.73 -8.63
C PHE D 292 28.36 12.73 -10.15
N LYS D 293 28.12 13.91 -10.71
CA LYS D 293 28.20 14.11 -12.15
C LYS D 293 28.84 15.46 -12.42
N TYR D 294 29.51 15.55 -13.57
CA TYR D 294 30.10 16.82 -13.97
C TYR D 294 29.00 17.74 -14.48
N ASP D 295 28.97 18.96 -13.93
CA ASP D 295 27.96 19.96 -14.28
C ASP D 295 26.55 19.41 -14.03
N CYS D 296 26.29 19.15 -12.76
CA CYS D 296 25.00 18.59 -12.36
C CYS D 296 23.88 19.59 -12.63
N PHE D 297 22.73 19.07 -13.04
CA PHE D 297 21.58 19.87 -13.41
C PHE D 297 20.61 20.09 -12.27
N LEU D 298 21.00 19.71 -11.05
CA LEU D 298 20.17 19.93 -9.88
C LEU D 298 20.95 20.59 -8.73
N HIS D 299 22.14 21.10 -9.01
CA HIS D 299 22.96 21.71 -7.97
C HIS D 299 23.51 23.06 -8.42
N PHE D 306 29.16 24.38 -3.22
CA PHE D 306 29.82 23.29 -3.94
C PHE D 306 31.17 23.75 -4.46
N HIS D 307 31.25 25.02 -4.85
CA HIS D 307 32.49 25.58 -5.35
C HIS D 307 33.42 26.02 -4.23
N ALA D 308 32.97 25.92 -2.97
CA ALA D 308 33.71 26.49 -1.86
C ALA D 308 35.11 25.89 -1.75
N THR D 309 35.22 24.57 -1.70
CA THR D 309 36.50 23.90 -1.51
C THR D 309 36.59 22.70 -2.45
N PRO D 310 37.79 22.37 -2.90
CA PRO D 310 38.03 21.03 -3.45
C PRO D 310 38.13 20.02 -2.34
N ASN D 311 38.56 18.80 -2.65
CA ASN D 311 38.65 17.76 -1.63
C ASN D 311 39.79 18.07 -0.66
N THR D 312 39.62 19.13 0.12
CA THR D 312 40.67 19.61 1.02
C THR D 312 40.72 18.85 2.33
N TYR D 313 39.80 17.91 2.57
CA TYR D 313 39.77 17.17 3.82
C TYR D 313 41.06 16.36 3.98
N LYS D 314 41.51 16.25 5.22
CA LYS D 314 42.70 15.46 5.53
C LYS D 314 42.34 13.97 5.60
N ARG D 315 43.23 13.14 5.05
CA ARG D 315 42.96 11.72 4.91
C ARG D 315 44.20 10.94 5.34
N LYS D 316 43.97 9.72 5.81
CA LYS D 316 45.08 8.82 6.12
C LYS D 316 45.88 8.52 4.87
N ASN D 317 47.20 8.38 5.04
CA ASN D 317 48.10 8.09 3.93
C ASN D 317 48.96 6.85 4.15
N THR D 318 48.95 6.25 5.34
CA THR D 318 49.82 5.12 5.65
C THR D 318 49.11 3.78 5.47
N GLU D 319 47.94 3.75 4.82
CA GLU D 319 47.23 2.50 4.61
C GLU D 319 47.93 1.58 3.60
N THR D 320 48.95 2.06 2.90
CA THR D 320 49.64 1.23 1.93
C THR D 320 50.43 0.13 2.62
N ALA D 321 50.52 -1.03 1.96
CA ALA D 321 51.27 -2.15 2.52
C ALA D 321 52.77 -1.89 2.53
N LEU D 322 53.28 -1.23 1.48
CA LEU D 322 54.70 -0.88 1.36
C LEU D 322 55.59 -2.11 1.44
N ASP D 323 55.21 -3.19 0.74
CA ASP D 323 56.07 -4.36 0.61
C ASP D 323 57.05 -4.10 -0.54
N ASN D 324 58.02 -3.23 -0.27
CA ASN D 324 59.05 -2.88 -1.25
C ASN D 324 59.91 -4.11 -1.49
N LYS D 325 59.77 -4.70 -2.68
CA LYS D 325 60.47 -5.91 -3.06
C LYS D 325 61.04 -5.75 -4.45
N PRO D 326 62.09 -6.49 -4.79
CA PRO D 326 62.66 -6.40 -6.14
C PRO D 326 61.73 -6.98 -7.18
N CYS D 327 60.65 -6.25 -7.49
CA CYS D 327 59.62 -6.73 -8.40
C CYS D 327 59.56 -5.94 -9.69
N GLY D 328 60.37 -4.91 -9.86
CA GLY D 328 60.30 -4.07 -11.03
C GLY D 328 61.58 -4.08 -11.85
N PRO D 329 62.15 -5.27 -12.08
CA PRO D 329 63.53 -5.40 -12.56
C PRO D 329 64.49 -4.28 -12.20
N GLN D 330 64.19 -3.05 -12.60
CA GLN D 330 64.93 -1.87 -12.15
C GLN D 330 63.97 -0.97 -11.40
N CYS D 331 64.23 -0.77 -10.12
CA CYS D 331 63.24 -0.26 -9.18
C CYS D 331 63.96 0.50 -8.07
N TYR D 332 63.20 0.96 -7.08
CA TYR D 332 63.84 1.42 -5.85
C TYR D 332 64.60 0.27 -5.21
N GLN D 333 64.12 -0.95 -5.40
CA GLN D 333 64.83 -2.15 -4.99
C GLN D 333 65.82 -2.57 -6.07
N HIS D 334 66.34 -3.80 -5.96
CA HIS D 334 67.38 -4.34 -6.84
C HIS D 334 68.72 -3.65 -6.61
N LEU D 335 68.73 -2.63 -5.74
CA LEU D 335 69.93 -1.90 -5.39
C LEU D 335 69.81 -1.45 -3.96
N GLU D 336 70.76 -1.88 -3.12
CA GLU D 336 70.72 -1.51 -1.71
C GLU D 336 70.86 -0.01 -1.53
N GLY D 337 71.75 0.62 -2.29
CA GLY D 337 71.88 2.06 -2.22
C GLY D 337 70.61 2.78 -2.65
N ALA D 338 69.99 2.32 -3.73
CA ALA D 338 68.71 2.89 -4.15
C ALA D 338 67.63 2.63 -3.12
N LYS D 339 67.60 1.42 -2.56
CA LYS D 339 66.57 1.07 -1.58
C LYS D 339 66.77 1.84 -0.29
N GLU D 340 68.00 1.91 0.22
CA GLU D 340 68.26 2.65 1.45
C GLU D 340 67.98 4.13 1.26
N PHE D 341 68.33 4.68 0.10
CA PHE D 341 68.03 6.09 -0.18
C PHE D 341 66.53 6.33 -0.20
N ALA D 342 65.77 5.40 -0.78
CA ALA D 342 64.31 5.53 -0.79
C ALA D 342 63.75 5.55 0.63
N ALA D 343 64.24 4.64 1.48
CA ALA D 343 63.75 4.58 2.85
C ALA D 343 64.11 5.84 3.63
N ALA D 344 65.32 6.36 3.42
CA ALA D 344 65.74 7.57 4.11
C ALA D 344 64.93 8.77 3.66
N LEU D 345 64.47 8.78 2.41
CA LEU D 345 63.71 9.90 1.87
C LEU D 345 62.23 9.83 2.20
N THR D 346 61.78 8.78 2.90
CA THR D 346 60.38 8.66 3.28
C THR D 346 59.96 9.76 4.26
N PRO D 433 70.71 8.89 -9.48
CA PRO D 433 70.47 9.67 -10.70
C PRO D 433 69.64 8.90 -11.73
N PRO D 434 68.57 9.51 -12.24
CA PRO D 434 67.77 8.85 -13.27
C PRO D 434 68.57 8.64 -14.54
N GLU D 435 68.25 7.56 -15.26
CA GLU D 435 68.98 7.19 -16.45
C GLU D 435 68.70 8.18 -17.58
N ASN D 436 69.26 7.88 -18.76
CA ASN D 436 69.13 8.76 -19.90
C ASN D 436 67.69 8.89 -20.38
N VAL D 437 66.80 7.99 -19.95
CA VAL D 437 65.40 8.06 -20.35
C VAL D 437 64.77 9.29 -19.72
N GLU D 438 64.54 10.33 -20.53
CA GLU D 438 64.05 11.58 -20.00
C GLU D 438 62.55 11.52 -19.76
N TRP D 439 62.03 12.59 -19.15
CA TRP D 439 60.62 12.69 -18.79
C TRP D 439 59.99 13.84 -19.56
N SER D 440 58.90 13.56 -20.26
CA SER D 440 58.18 14.60 -20.96
C SER D 440 57.51 15.54 -19.96
N GLY D 441 57.22 16.76 -20.43
CA GLY D 441 56.45 17.68 -19.61
C GLY D 441 55.13 17.09 -19.18
N ALA D 442 54.42 16.48 -20.13
CA ALA D 442 53.21 15.74 -19.78
C ALA D 442 53.52 14.59 -18.83
N GLU D 443 54.62 13.88 -19.09
CA GLU D 443 55.03 12.82 -18.16
C GLU D 443 55.38 13.42 -16.80
N ALA D 444 56.12 14.52 -16.79
CA ALA D 444 56.45 15.18 -15.53
C ALA D 444 55.22 15.78 -14.88
N SER D 445 54.26 16.23 -15.69
CA SER D 445 53.05 16.84 -15.15
C SER D 445 52.26 15.85 -14.31
N MET D 446 51.96 14.67 -14.87
CA MET D 446 51.20 13.69 -14.12
C MET D 446 52.10 12.92 -13.17
N PHE D 447 53.41 13.04 -13.34
CA PHE D 447 54.34 12.63 -12.29
C PHE D 447 54.10 13.46 -11.03
N ARG D 448 53.84 14.76 -11.21
CA ARG D 448 53.49 15.61 -10.08
C ARG D 448 52.18 15.19 -9.45
N VAL D 449 51.31 14.53 -10.22
CA VAL D 449 50.02 14.10 -9.68
C VAL D 449 50.17 12.79 -8.93
N LEU D 450 50.90 11.84 -9.52
CA LEU D 450 51.03 10.51 -8.93
C LEU D 450 51.72 10.53 -7.58
N ILE D 451 52.67 11.44 -7.36
CA ILE D 451 53.26 11.56 -6.03
C ILE D 451 52.20 11.99 -5.03
N GLY D 452 51.36 12.95 -5.40
CA GLY D 452 50.31 13.40 -4.51
C GLY D 452 49.29 12.35 -4.16
N THR D 453 49.28 11.23 -4.88
CA THR D 453 48.39 10.13 -4.58
C THR D 453 49.01 9.16 -3.58
N TYR D 454 50.28 8.80 -3.78
CA TYR D 454 50.94 7.79 -2.97
C TYR D 454 52.07 8.32 -2.11
N TYR D 455 52.89 9.21 -2.66
CA TYR D 455 54.05 9.83 -2.01
C TYR D 455 55.17 8.81 -1.83
N ASP D 456 54.87 7.53 -2.04
CA ASP D 456 55.88 6.48 -1.89
C ASP D 456 55.82 5.37 -2.92
N ASN D 457 54.72 5.20 -3.66
CA ASN D 457 54.51 4.00 -4.46
C ASN D 457 55.05 4.21 -5.87
N PHE D 458 56.38 4.16 -5.98
CA PHE D 458 57.04 4.27 -7.27
C PHE D 458 56.67 3.10 -8.17
N CYS D 459 56.50 1.91 -7.60
CA CYS D 459 56.14 0.74 -8.41
C CYS D 459 54.79 0.91 -9.06
N ALA D 460 53.77 1.31 -8.29
CA ALA D 460 52.46 1.57 -8.86
C ALA D 460 52.51 2.74 -9.83
N ILE D 461 53.27 3.77 -9.49
CA ILE D 461 53.51 4.87 -10.43
C ILE D 461 54.15 4.33 -11.70
N ALA D 462 55.16 3.47 -11.55
CA ALA D 462 55.73 2.81 -12.72
C ALA D 462 54.72 1.92 -13.42
N ARG D 463 53.85 1.25 -12.66
CA ARG D 463 52.77 0.49 -13.28
C ARG D 463 51.87 1.40 -14.10
N LEU D 464 51.54 2.56 -13.56
CA LEU D 464 50.76 3.54 -14.32
C LEU D 464 51.58 4.12 -15.46
N ILE D 465 52.83 4.52 -15.16
CA ILE D 465 53.70 5.12 -16.16
C ILE D 465 54.46 4.03 -16.89
N GLY D 466 53.87 3.48 -17.95
CA GLY D 466 54.57 2.50 -18.76
C GLY D 466 55.74 3.07 -19.53
N THR D 467 55.85 4.39 -19.62
CA THR D 467 56.97 5.02 -20.32
C THR D 467 58.28 4.87 -19.57
N LYS D 468 58.25 4.52 -18.30
CA LYS D 468 59.46 4.31 -17.51
C LYS D 468 59.30 3.05 -16.66
N THR D 469 60.42 2.38 -16.42
CA THR D 469 60.45 1.30 -15.44
C THR D 469 60.41 1.90 -14.04
N CYS D 470 60.42 1.04 -13.02
CA CYS D 470 60.33 1.56 -11.66
C CYS D 470 61.58 2.36 -11.30
N ARG D 471 62.74 1.96 -11.80
CA ARG D 471 63.89 2.85 -11.78
C ARG D 471 63.66 4.00 -12.75
N GLN D 472 64.25 5.15 -12.42
CA GLN D 472 64.07 6.41 -13.15
C GLN D 472 62.67 6.96 -12.90
N VAL D 473 61.82 6.16 -12.25
CA VAL D 473 60.61 6.68 -11.63
C VAL D 473 60.91 7.06 -10.19
N TYR D 474 61.46 6.10 -9.44
CA TYR D 474 61.96 6.39 -8.11
C TYR D 474 63.10 7.40 -8.18
N GLU D 475 63.98 7.27 -9.17
CA GLU D 475 65.08 8.21 -9.32
C GLU D 475 64.57 9.61 -9.62
N PHE D 476 63.65 9.74 -10.59
CA PHE D 476 63.06 11.04 -10.85
C PHE D 476 62.20 11.50 -9.68
N ARG D 477 61.59 10.55 -8.96
CA ARG D 477 60.93 10.91 -7.71
C ARG D 477 61.93 11.49 -6.72
N VAL D 478 63.13 10.89 -6.65
CA VAL D 478 64.21 11.49 -5.87
C VAL D 478 64.54 12.88 -6.41
N LYS D 479 64.64 12.98 -7.74
CA LYS D 479 64.89 14.29 -8.35
C LYS D 479 63.77 15.26 -8.04
N GLU D 480 62.51 14.83 -8.16
CA GLU D 480 61.39 15.70 -7.85
C GLU D 480 61.35 16.02 -6.37
N SER D 481 61.47 15.00 -5.51
CA SER D 481 61.46 15.24 -4.08
C SER D 481 62.63 16.11 -3.64
N SER D 482 63.77 16.02 -4.31
CA SER D 482 64.86 16.94 -4.07
C SER D 482 64.49 18.36 -4.46
N ILE D 483 63.74 18.53 -5.54
CA ILE D 483 63.38 19.88 -6.00
C ILE D 483 62.19 20.40 -5.21
N ILE D 484 61.11 19.63 -5.17
CA ILE D 484 59.88 20.09 -4.53
C ILE D 484 59.92 19.78 -3.04
N ALA D 485 59.02 20.43 -2.29
CA ALA D 485 58.92 20.18 -0.87
C ALA D 485 58.34 18.79 -0.61
N PRO D 486 58.76 18.15 0.48
CA PRO D 486 58.19 16.83 0.81
C PRO D 486 56.72 16.93 1.20
N ALA D 487 55.99 15.85 0.97
CA ALA D 487 54.56 15.80 1.22
C ALA D 487 54.29 15.78 2.73
N PRO D 488 53.09 16.26 3.14
CA PRO D 488 52.75 16.22 4.56
C PRO D 488 52.65 14.80 5.12
N ALA D 489 51.79 13.98 4.51
CA ALA D 489 51.59 12.58 4.91
C ALA D 489 51.22 12.49 6.39
N GLU D 490 50.06 13.03 6.72
CA GLU D 490 49.59 13.11 8.11
C GLU D 490 48.36 12.25 8.30
N ASP D 491 48.25 11.65 9.49
CA ASP D 491 47.13 10.80 9.86
C ASP D 491 46.62 11.19 11.24
N VAL D 492 45.30 11.05 11.43
CA VAL D 492 44.66 11.38 12.70
C VAL D 492 43.69 10.27 13.07
N ASP D 493 43.31 10.24 14.35
CA ASP D 493 42.40 9.23 14.88
C ASP D 493 41.25 9.79 15.70
N THR D 494 41.29 11.06 16.09
CA THR D 494 40.29 11.76 16.90
C THR D 494 40.16 11.18 18.31
N PRO D 495 39.82 12.00 19.30
CA PRO D 495 39.65 11.49 20.67
C PRO D 495 38.55 10.45 20.77
N PRO D 496 37.35 10.67 20.20
CA PRO D 496 36.30 9.65 20.33
C PRO D 496 36.64 8.39 19.55
N ARG D 497 36.41 7.24 20.18
CA ARG D 497 36.63 5.94 19.57
C ARG D 497 35.36 5.13 19.44
N LYS D 498 34.63 4.92 20.54
CA LYS D 498 33.38 4.17 20.51
C LYS D 498 32.55 4.60 21.70
N LYS D 499 31.26 4.25 21.64
CA LYS D 499 30.30 4.61 22.69
C LYS D 499 30.28 6.11 22.92
N LYS D 500 29.79 6.53 24.08
CA LYS D 500 29.69 7.95 24.46
C LYS D 500 28.89 8.76 23.45
N ARG D 501 28.18 8.08 22.55
CA ARG D 501 27.40 8.70 21.50
C ARG D 501 26.02 8.04 21.45
N LYS D 502 25.44 7.81 22.62
CA LYS D 502 24.10 7.26 22.68
C LYS D 502 23.14 8.15 21.91
N HIS D 503 22.32 7.52 21.08
CA HIS D 503 21.48 8.29 20.16
C HIS D 503 20.41 9.09 20.89
N ARG D 504 20.11 8.75 22.13
CA ARG D 504 19.19 9.57 22.91
C ARG D 504 19.75 10.95 23.16
N LEU D 505 21.08 11.09 23.16
CA LEU D 505 21.68 12.42 23.18
C LEU D 505 21.30 13.20 21.94
N TRP D 506 21.28 12.53 20.79
CA TRP D 506 20.79 13.18 19.58
C TRP D 506 19.33 13.57 19.72
N ALA D 507 18.55 12.75 20.43
CA ALA D 507 17.16 13.10 20.68
C ALA D 507 17.05 14.40 21.44
N ALA D 508 18.00 14.67 22.33
CA ALA D 508 18.02 15.95 23.03
C ALA D 508 18.26 17.10 22.07
N HIS D 509 19.19 16.92 21.12
CA HIS D 509 19.54 18.02 20.22
C HIS D 509 18.36 18.44 19.36
N CYS D 510 17.69 17.48 18.72
CA CYS D 510 16.52 17.82 17.92
C CYS D 510 15.40 18.33 18.79
N ARG D 511 15.32 17.83 20.03
CA ARG D 511 14.37 18.40 20.99
C ARG D 511 14.64 19.88 21.19
N LYS D 512 15.92 20.24 21.34
CA LYS D 512 16.29 21.64 21.37
C LYS D 512 15.86 22.32 20.08
N ILE D 513 16.24 21.75 18.94
CA ILE D 513 15.94 22.38 17.65
C ILE D 513 14.43 22.54 17.48
N GLN D 514 13.67 21.53 17.90
CA GLN D 514 12.22 21.62 17.82
C GLN D 514 11.68 22.74 18.71
N LEU D 515 12.25 22.88 19.91
CA LEU D 515 11.69 23.86 20.85
C LEU D 515 12.04 25.29 20.46
N LYS D 516 13.25 25.53 19.96
CA LYS D 516 13.58 26.90 19.59
C LYS D 516 12.86 27.30 18.31
N LYS D 517 13.11 26.59 17.22
CA LYS D 517 12.67 27.06 15.92
C LYS D 517 11.75 26.09 15.19
N ASP D 518 12.02 24.79 15.26
CA ASP D 518 11.25 23.83 14.47
C ASP D 518 9.84 23.62 15.02
N GLY D 519 9.51 24.23 16.15
CA GLY D 519 8.12 24.25 16.59
C GLY D 519 7.20 24.99 15.64
N SER D 520 7.75 25.89 14.82
CA SER D 520 6.93 26.60 13.85
C SER D 520 6.32 25.68 12.81
N SER D 521 7.12 24.72 12.31
CA SER D 521 6.66 23.71 11.36
C SER D 521 6.13 24.33 10.07
N ASN D 522 6.68 25.47 9.66
CA ASN D 522 6.32 26.10 8.40
C ASN D 522 7.51 26.55 7.57
N HIS D 523 8.68 26.73 8.18
CA HIS D 523 9.85 27.24 7.47
C HIS D 523 10.74 26.09 7.00
N VAL D 524 10.26 25.40 5.97
CA VAL D 524 11.00 24.28 5.40
C VAL D 524 12.08 24.85 4.48
N TYR D 525 13.34 24.59 4.81
CA TYR D 525 14.44 25.10 4.02
C TYR D 525 15.11 23.97 3.26
N ASN D 526 15.44 24.24 2.00
CA ASN D 526 16.24 23.31 1.23
C ASN D 526 17.58 23.08 1.90
N TYR D 527 18.05 21.84 1.85
CA TYR D 527 19.33 21.52 2.48
C TYR D 527 20.45 22.30 1.82
N GLN D 528 21.40 22.72 2.64
CA GLN D 528 22.60 23.38 2.16
C GLN D 528 23.80 22.78 2.87
N PRO D 529 24.86 22.45 2.15
CA PRO D 529 26.01 21.83 2.79
C PRO D 529 26.79 22.81 3.66
N CYS D 530 26.64 22.69 4.97
CA CYS D 530 27.34 23.57 5.89
C CYS D 530 28.83 23.21 5.92
N ASP D 531 29.66 24.24 5.99
CA ASP D 531 31.10 24.08 5.96
C ASP D 531 31.71 24.56 7.27
N HIS D 532 32.48 23.69 7.91
CA HIS D 532 33.12 23.98 9.19
C HIS D 532 34.57 23.50 9.15
N PRO D 533 35.42 24.18 8.36
CA PRO D 533 36.81 23.71 8.22
C PRO D 533 37.57 23.62 9.53
N ARG D 534 37.36 24.59 10.42
CA ARG D 534 37.90 24.54 11.78
C ARG D 534 36.85 24.82 12.84
N GLN D 535 35.73 25.43 12.49
CA GLN D 535 34.67 25.67 13.45
C GLN D 535 34.04 24.33 13.84
N PRO D 536 33.48 24.25 15.04
CA PRO D 536 32.64 23.10 15.40
C PRO D 536 31.26 23.29 14.79
N CYS D 537 30.43 22.26 14.95
CA CYS D 537 29.06 22.32 14.43
C CYS D 537 28.21 23.16 15.38
N ASP D 538 28.59 24.42 15.56
CA ASP D 538 27.98 25.27 16.56
C ASP D 538 26.61 25.77 16.12
N SER D 539 26.06 26.69 16.89
CA SER D 539 24.80 27.33 16.52
C SER D 539 24.93 28.18 15.26
N SER D 540 26.15 28.51 14.85
CA SER D 540 26.37 29.21 13.60
C SER D 540 26.31 28.29 12.39
N CYS D 541 26.15 26.99 12.60
CA CYS D 541 26.11 26.04 11.51
C CYS D 541 24.96 26.37 10.57
N PRO D 542 25.20 26.52 9.27
CA PRO D 542 24.09 26.80 8.34
C PRO D 542 22.98 25.77 8.44
N CYS D 543 23.31 24.49 8.59
CA CYS D 543 22.26 23.50 8.81
C CYS D 543 21.52 23.76 10.11
N VAL D 544 22.26 24.12 11.16
CA VAL D 544 21.62 24.41 12.44
C VAL D 544 20.67 25.58 12.30
N ILE D 545 21.13 26.68 11.71
CA ILE D 545 20.26 27.84 11.54
C ILE D 545 19.13 27.53 10.57
N ALA D 546 19.35 26.57 9.67
CA ALA D 546 18.30 26.15 8.74
C ALA D 546 17.33 25.16 9.37
N GLN D 547 17.46 24.89 10.66
CA GLN D 547 16.56 23.98 11.37
C GLN D 547 16.56 22.60 10.74
N ASN D 548 17.72 22.14 10.28
CA ASN D 548 17.79 20.89 9.54
C ASN D 548 19.10 20.17 9.86
N PHE D 549 19.07 18.86 9.68
CA PHE D 549 20.24 18.04 9.96
C PHE D 549 21.37 18.34 8.99
N CYS D 550 22.60 18.13 9.47
CA CYS D 550 23.75 18.17 8.58
C CYS D 550 23.81 16.86 7.79
N GLU D 551 23.90 16.97 6.47
CA GLU D 551 24.03 15.78 5.65
C GLU D 551 25.48 15.33 5.58
N LYS D 552 25.69 14.09 5.14
CA LYS D 552 27.05 13.59 4.97
C LYS D 552 27.85 14.43 3.99
N PHE D 553 27.18 15.17 3.11
CA PHE D 553 27.86 16.10 2.22
C PHE D 553 28.38 17.33 2.95
N CYS D 554 27.93 17.58 4.17
CA CYS D 554 28.40 18.74 4.92
C CYS D 554 29.84 18.52 5.37
N GLN D 555 30.53 19.63 5.61
CA GLN D 555 31.89 19.58 6.13
C GLN D 555 31.92 19.34 7.64
N CYS D 556 30.77 19.35 8.31
CA CYS D 556 30.72 18.86 9.68
C CYS D 556 31.26 17.43 9.72
N SER D 557 32.15 17.19 10.67
CA SER D 557 32.95 15.96 10.66
C SER D 557 32.07 14.74 10.94
N SER D 558 32.73 13.58 10.98
CA SER D 558 32.05 12.32 11.27
C SER D 558 31.63 12.25 12.73
N GLU D 559 31.83 13.35 13.46
CA GLU D 559 31.41 13.45 14.83
C GLU D 559 30.37 14.55 15.04
N CYS D 560 29.89 15.17 13.97
CA CYS D 560 28.84 16.17 14.08
C CYS D 560 27.59 15.56 14.69
N GLN D 561 26.99 16.28 15.63
CA GLN D 561 25.79 15.79 16.29
C GLN D 561 24.51 16.16 15.55
N ASN D 562 24.62 16.95 14.48
CA ASN D 562 23.46 17.30 13.68
C ASN D 562 23.23 16.33 12.53
N ARG D 563 24.12 15.38 12.31
CA ARG D 563 23.95 14.40 11.25
C ARG D 563 22.94 13.32 11.67
N PHE D 564 22.38 12.65 10.68
CA PHE D 564 21.44 11.57 10.97
C PHE D 564 22.18 10.36 11.55
N PRO D 565 21.57 9.64 12.48
CA PRO D 565 22.30 8.57 13.17
C PRO D 565 22.46 7.28 12.38
N GLY D 566 21.50 6.97 11.52
CA GLY D 566 21.43 5.66 10.91
C GLY D 566 20.14 4.94 11.24
N CYS D 567 19.53 4.36 10.22
CA CYS D 567 18.10 4.07 10.26
C CYS D 567 17.89 2.56 10.35
N ARG D 568 17.97 2.05 11.57
CA ARG D 568 18.16 0.63 11.78
C ARG D 568 16.88 -0.16 12.01
N CYS D 569 15.78 0.26 11.41
CA CYS D 569 14.51 -0.43 11.58
C CYS D 569 14.62 -1.83 10.98
N LYS D 570 14.43 -2.86 11.82
CA LYS D 570 14.78 -4.20 11.42
C LYS D 570 13.85 -4.76 10.35
N ALA D 571 12.53 -4.67 10.56
CA ALA D 571 11.62 -5.36 9.66
C ALA D 571 11.54 -4.65 8.31
N GLN D 572 11.02 -3.43 8.30
CA GLN D 572 11.13 -2.54 7.15
C GLN D 572 11.18 -1.11 7.67
N CYS D 573 12.07 -0.31 7.10
CA CYS D 573 12.15 1.09 7.50
C CYS D 573 10.93 1.80 6.93
N ASN D 574 9.73 1.45 7.40
CA ASN D 574 8.52 1.82 6.70
C ASN D 574 7.32 2.20 7.55
N THR D 575 7.44 2.26 8.88
CA THR D 575 6.24 2.40 9.69
C THR D 575 6.44 3.46 10.76
N LYS D 576 5.43 3.62 11.61
CA LYS D 576 5.46 4.66 12.63
C LYS D 576 6.65 4.49 13.56
N GLN D 577 7.00 3.24 13.87
CA GLN D 577 8.18 3.01 14.69
C GLN D 577 9.46 3.40 13.96
N CYS D 578 9.46 3.33 12.64
CA CYS D 578 10.61 3.80 11.88
C CYS D 578 10.78 5.30 12.09
N PRO D 579 11.85 5.73 12.77
CA PRO D 579 12.06 7.17 12.92
C PRO D 579 12.20 7.86 11.58
N CYS D 580 12.82 7.17 10.64
CA CYS D 580 12.99 7.70 9.29
C CYS D 580 11.65 7.91 8.62
N TYR D 581 10.74 6.96 8.78
CA TYR D 581 9.36 7.20 8.35
C TYR D 581 8.73 8.33 9.15
N LEU D 582 8.98 8.38 10.45
CA LEU D 582 8.54 9.53 11.23
C LEU D 582 9.24 10.79 10.75
N ALA D 583 10.52 10.69 10.41
CA ALA D 583 11.21 11.80 9.79
C ALA D 583 10.67 12.04 8.39
N VAL D 584 11.01 13.18 7.82
CA VAL D 584 10.68 13.46 6.44
C VAL D 584 11.73 12.82 5.52
N ARG D 585 12.77 12.23 6.10
CA ARG D 585 13.88 11.67 5.36
C ARG D 585 13.59 10.23 4.98
N GLU D 586 13.77 9.91 3.70
CA GLU D 586 13.80 8.52 3.27
C GLU D 586 15.04 7.85 3.84
N CYS D 587 14.89 6.62 4.33
CA CYS D 587 16.03 5.93 4.90
C CYS D 587 17.11 5.78 3.85
N ASP D 588 18.25 6.40 4.09
CA ASP D 588 19.31 6.42 3.09
C ASP D 588 19.80 5.01 2.81
N PRO D 589 20.21 4.73 1.57
CA PRO D 589 20.73 3.39 1.27
C PRO D 589 21.89 2.99 2.16
N ASP D 590 22.76 3.93 2.51
CA ASP D 590 23.89 3.60 3.36
C ASP D 590 23.53 3.50 4.84
N LEU D 591 22.26 3.68 5.19
CA LEU D 591 21.87 3.70 6.59
C LEU D 591 20.93 2.57 6.99
N CYS D 592 19.79 2.42 6.31
CA CYS D 592 18.83 1.37 6.68
C CYS D 592 19.33 0.02 6.17
N LEU D 593 20.42 -0.44 6.80
CA LEU D 593 20.99 -1.74 6.46
C LEU D 593 20.09 -2.89 6.88
N THR D 594 19.16 -2.65 7.79
CA THR D 594 18.25 -3.68 8.25
C THR D 594 17.08 -3.93 7.31
N CYS D 595 16.70 -2.92 6.52
CA CYS D 595 15.66 -3.07 5.52
C CYS D 595 16.22 -3.31 4.13
N GLY D 596 17.52 -3.54 4.03
CA GLY D 596 18.14 -3.80 2.75
C GLY D 596 18.19 -2.61 1.81
N ALA D 597 18.18 -1.39 2.34
CA ALA D 597 18.22 -0.22 1.47
C ALA D 597 19.47 -0.23 0.61
N ALA D 598 20.61 -0.57 1.20
CA ALA D 598 21.83 -0.75 0.44
C ALA D 598 21.84 -2.06 -0.34
N ASP D 599 21.17 -3.10 0.16
CA ASP D 599 21.27 -4.42 -0.44
C ASP D 599 20.59 -4.42 -1.80
N HIS D 600 21.28 -4.99 -2.79
CA HIS D 600 20.72 -5.23 -4.12
C HIS D 600 20.13 -3.95 -4.71
N TRP D 601 20.97 -2.91 -4.75
CA TRP D 601 20.57 -1.67 -5.39
C TRP D 601 20.14 -1.88 -6.83
N ASP D 602 20.70 -2.90 -7.48
CA ASP D 602 20.26 -3.27 -8.83
C ASP D 602 18.88 -3.88 -8.82
N SER D 603 18.57 -4.71 -7.81
CA SER D 603 17.28 -5.37 -7.76
C SER D 603 16.17 -4.37 -7.44
N LYS D 604 14.94 -4.76 -7.77
CA LYS D 604 13.81 -3.85 -7.66
C LYS D 604 13.00 -4.06 -6.39
N ASN D 605 12.94 -5.28 -5.89
CA ASN D 605 12.12 -5.59 -4.72
C ASN D 605 12.99 -5.67 -3.48
N VAL D 606 12.63 -4.89 -2.45
CA VAL D 606 13.35 -4.85 -1.19
C VAL D 606 12.35 -4.99 -0.06
N SER D 607 12.86 -5.32 1.12
CA SER D 607 12.00 -5.39 2.30
C SER D 607 11.43 -4.01 2.64
N CYS D 608 12.25 -2.97 2.52
CA CYS D 608 11.80 -1.63 2.87
C CYS D 608 10.68 -1.17 1.94
N LYS D 609 9.88 -0.24 2.44
CA LYS D 609 8.91 0.48 1.63
C LYS D 609 9.28 1.94 1.48
N ASN D 610 9.94 2.51 2.48
CA ASN D 610 10.42 3.89 2.39
C ASN D 610 11.84 3.92 1.85
N CYS D 611 12.05 3.28 0.71
CA CYS D 611 13.29 3.44 -0.04
C CYS D 611 13.04 3.53 -1.54
N SER D 612 11.78 3.63 -1.96
CA SER D 612 11.43 3.45 -3.36
C SER D 612 11.90 4.60 -4.23
N ILE D 613 11.75 5.85 -3.77
CA ILE D 613 12.03 6.99 -4.63
C ILE D 613 13.46 6.95 -5.14
N GLN D 614 14.40 6.55 -4.28
CA GLN D 614 15.77 6.34 -4.74
C GLN D 614 15.81 5.36 -5.89
N ARG D 615 15.16 4.22 -5.72
CA ARG D 615 15.10 3.22 -6.78
C ARG D 615 14.08 3.56 -7.85
N GLY D 616 13.17 4.49 -7.59
CA GLY D 616 12.19 4.90 -8.57
C GLY D 616 11.30 3.77 -9.03
N SER D 617 10.79 2.97 -8.09
CA SER D 617 9.92 1.87 -8.45
C SER D 617 8.52 2.38 -8.78
N LYS D 618 8.42 3.19 -9.82
CA LYS D 618 7.16 3.79 -10.20
C LYS D 618 6.19 2.74 -10.72
N LYS D 619 4.91 3.02 -10.58
CA LYS D 619 3.88 2.16 -11.14
C LYS D 619 3.54 2.60 -12.56
N HIS D 620 2.90 1.70 -13.30
CA HIS D 620 2.51 1.99 -14.66
C HIS D 620 1.17 2.71 -14.68
N LEU D 621 1.08 3.77 -15.47
CA LEU D 621 -0.11 4.61 -15.51
C LEU D 621 -0.72 4.62 -16.91
N LEU D 622 -1.93 5.15 -16.99
CA LEU D 622 -2.64 5.31 -18.25
C LEU D 622 -3.17 6.73 -18.38
N LEU D 623 -3.14 7.26 -19.59
CA LEU D 623 -3.63 8.59 -19.90
C LEU D 623 -4.96 8.48 -20.61
N ALA D 624 -5.96 9.18 -20.11
CA ALA D 624 -7.29 9.14 -20.70
C ALA D 624 -7.97 10.47 -20.41
N PRO D 625 -8.94 10.85 -21.23
CA PRO D 625 -9.74 12.05 -20.92
C PRO D 625 -10.53 11.86 -19.64
N SER D 626 -10.19 12.65 -18.61
CA SER D 626 -10.85 12.52 -17.33
C SER D 626 -12.34 12.87 -17.43
N ASP D 627 -13.14 12.18 -16.62
CA ASP D 627 -14.56 12.50 -16.54
C ASP D 627 -14.77 13.92 -16.03
N VAL D 628 -13.94 14.34 -15.07
CA VAL D 628 -14.13 15.64 -14.44
C VAL D 628 -13.86 16.76 -15.43
N ALA D 629 -12.65 16.78 -15.99
CA ALA D 629 -12.27 17.88 -16.88
C ALA D 629 -11.09 17.42 -17.74
N GLY D 630 -11.32 17.34 -19.06
CA GLY D 630 -10.23 17.12 -19.99
C GLY D 630 -9.46 15.84 -19.69
N TRP D 631 -8.15 15.90 -19.89
CA TRP D 631 -7.29 14.74 -19.70
C TRP D 631 -7.22 14.37 -18.23
N GLY D 632 -6.97 13.09 -17.96
CA GLY D 632 -6.83 12.59 -16.60
C GLY D 632 -5.90 11.40 -16.58
N ILE D 633 -5.65 10.90 -15.38
CA ILE D 633 -4.73 9.79 -15.17
C ILE D 633 -5.50 8.60 -14.60
N PHE D 634 -5.24 7.42 -15.14
CA PHE D 634 -5.82 6.20 -14.64
C PHE D 634 -4.72 5.18 -14.37
N ILE D 635 -4.90 4.41 -13.31
CA ILE D 635 -3.90 3.44 -12.88
C ILE D 635 -4.17 2.11 -13.56
N LYS D 636 -3.10 1.41 -13.92
CA LYS D 636 -3.23 0.18 -14.67
C LYS D 636 -3.54 -1.01 -13.78
N ASP D 637 -3.06 -0.99 -12.54
CA ASP D 637 -3.10 -2.16 -11.68
C ASP D 637 -3.62 -1.83 -10.29
N PRO D 638 -4.20 -2.80 -9.59
CA PRO D 638 -4.69 -2.56 -8.23
C PRO D 638 -3.55 -2.33 -7.26
N VAL D 639 -3.79 -1.44 -6.28
CA VAL D 639 -2.84 -1.17 -5.21
C VAL D 639 -3.57 -1.04 -3.88
N GLN D 640 -2.84 -1.17 -2.79
CA GLN D 640 -3.38 -1.06 -1.44
C GLN D 640 -3.17 0.34 -0.88
N LYS D 641 -3.58 0.52 0.37
CA LYS D 641 -3.32 1.77 1.06
C LYS D 641 -1.82 2.04 1.15
N ASN D 642 -1.49 3.32 1.33
CA ASN D 642 -0.12 3.80 1.57
C ASN D 642 0.92 3.01 0.81
N GLU D 643 0.76 2.92 -0.50
CA GLU D 643 1.71 2.26 -1.37
C GLU D 643 2.35 3.29 -2.29
N PHE D 644 3.64 3.11 -2.53
CA PHE D 644 4.39 4.09 -3.29
C PHE D 644 3.85 4.20 -4.71
N ILE D 645 3.71 5.44 -5.18
CA ILE D 645 3.31 5.71 -6.54
C ILE D 645 4.31 6.68 -7.13
N SER D 646 4.14 6.99 -8.42
CA SER D 646 5.13 7.72 -9.18
C SER D 646 5.34 9.12 -8.62
N GLU D 647 6.57 9.61 -8.75
CA GLU D 647 6.96 10.92 -8.24
C GLU D 647 6.33 12.03 -9.09
N TYR D 648 6.33 13.23 -8.54
CA TYR D 648 5.86 14.42 -9.24
C TYR D 648 7.07 15.22 -9.71
N CYS D 649 7.61 14.82 -10.85
CA CYS D 649 8.80 15.47 -11.37
C CYS D 649 8.48 16.89 -11.84
N GLY D 650 9.53 17.67 -12.08
CA GLY D 650 9.36 19.02 -12.55
C GLY D 650 10.67 19.80 -12.64
N GLU D 651 10.56 21.12 -12.67
CA GLU D 651 11.73 21.99 -12.74
C GLU D 651 11.80 22.88 -11.51
N ILE D 652 13.03 23.21 -11.13
CA ILE D 652 13.28 24.06 -9.97
C ILE D 652 13.16 25.52 -10.39
N ILE D 653 12.32 26.28 -9.67
CA ILE D 653 12.18 27.71 -9.89
C ILE D 653 11.87 28.37 -8.56
N SER D 654 12.39 29.58 -8.38
CA SER D 654 12.25 30.31 -7.13
C SER D 654 10.82 30.80 -6.94
N GLN D 655 10.51 31.18 -5.70
CA GLN D 655 9.17 31.61 -5.36
C GLN D 655 8.74 32.84 -6.13
N ASP D 656 9.63 33.83 -6.25
CA ASP D 656 9.26 35.09 -6.87
C ASP D 656 8.89 34.91 -8.34
N GLU D 657 9.68 34.12 -9.07
CA GLU D 657 9.32 33.85 -10.46
C GLU D 657 8.09 32.95 -10.54
N ALA D 658 7.93 32.05 -9.58
CA ALA D 658 6.70 31.27 -9.50
C ALA D 658 5.50 32.20 -9.42
N ASP D 659 5.65 33.34 -8.78
CA ASP D 659 4.60 34.34 -8.83
C ASP D 659 4.38 34.81 -10.26
N ARG D 660 5.46 35.18 -10.95
CA ARG D 660 5.34 35.69 -12.31
C ARG D 660 4.72 34.65 -13.23
N ARG D 661 5.28 33.43 -13.24
CA ARG D 661 4.69 32.37 -14.04
C ARG D 661 3.28 32.05 -13.56
N GLY D 662 3.09 31.97 -12.25
CA GLY D 662 1.74 31.84 -11.71
C GLY D 662 0.86 33.00 -12.11
N LYS D 663 1.40 34.22 -12.08
CA LYS D 663 0.67 35.37 -12.59
C LYS D 663 0.25 35.15 -14.04
N VAL D 664 1.15 34.57 -14.83
CA VAL D 664 0.79 34.24 -16.20
C VAL D 664 -0.20 33.09 -16.22
N TYR D 665 -0.06 32.15 -15.28
CA TYR D 665 -0.92 30.98 -15.26
C TYR D 665 -2.39 31.34 -15.05
N ASP D 666 -2.68 32.29 -14.16
CA ASP D 666 -4.07 32.55 -13.81
C ASP D 666 -4.83 33.19 -14.97
N LYS D 667 -4.12 33.77 -15.94
CA LYS D 667 -4.84 34.35 -17.07
C LYS D 667 -5.47 33.31 -17.96
N TYR D 668 -5.07 32.04 -17.86
CA TYR D 668 -5.74 30.98 -18.61
C TYR D 668 -6.08 29.80 -17.71
N MET D 669 -6.26 30.02 -16.41
CA MET D 669 -6.72 29.01 -15.48
C MET D 669 -5.83 27.78 -15.46
N CYS D 670 -4.54 27.96 -15.68
CA CYS D 670 -3.61 26.84 -15.60
C CYS D 670 -3.04 26.74 -14.19
N SER D 671 -2.67 25.51 -13.82
CA SER D 671 -2.01 25.30 -12.53
C SER D 671 -1.02 24.15 -12.71
N PHE D 672 0.26 24.49 -12.67
CA PHE D 672 1.33 23.51 -12.66
C PHE D 672 2.45 23.91 -11.72
N LEU D 673 2.15 24.73 -10.72
CA LEU D 673 3.10 25.15 -9.71
C LEU D 673 2.78 24.45 -8.40
N PHE D 674 3.79 23.84 -7.80
CA PHE D 674 3.64 23.13 -6.54
C PHE D 674 4.59 23.70 -5.52
N ASN D 675 4.05 24.09 -4.37
CA ASN D 675 4.88 24.69 -3.33
C ASN D 675 5.75 23.63 -2.66
N LEU D 676 6.92 23.39 -3.24
CA LEU D 676 7.77 22.31 -2.74
C LEU D 676 8.18 22.57 -1.29
N ASN D 677 8.72 23.75 -1.02
CA ASN D 677 9.09 24.12 0.34
C ASN D 677 8.89 25.61 0.49
N ASN D 678 9.28 26.15 1.64
CA ASN D 678 9.13 27.58 1.88
C ASN D 678 9.98 28.40 0.92
N ASP D 679 11.00 27.79 0.32
CA ASP D 679 11.95 28.52 -0.50
C ASP D 679 11.80 28.27 -1.99
N PHE D 680 11.07 27.23 -2.39
CA PHE D 680 10.99 26.86 -3.80
C PHE D 680 9.60 26.37 -4.16
N VAL D 681 9.31 26.43 -5.46
CA VAL D 681 8.11 25.86 -6.05
C VAL D 681 8.51 25.10 -7.31
N VAL D 682 7.96 23.92 -7.48
CA VAL D 682 8.25 23.14 -8.67
C VAL D 682 7.19 23.42 -9.72
N ASP D 683 7.59 23.36 -10.99
CA ASP D 683 6.70 23.55 -12.12
C ASP D 683 6.82 22.37 -13.07
N ALA D 684 5.69 21.89 -13.57
CA ALA D 684 5.69 20.82 -14.56
C ALA D 684 5.04 21.25 -15.87
N THR D 685 4.93 22.55 -16.13
CA THR D 685 4.26 23.01 -17.34
C THR D 685 5.00 22.56 -18.59
N ARG D 686 6.33 22.65 -18.58
CA ARG D 686 7.11 22.36 -19.77
C ARG D 686 7.83 21.02 -19.65
N LYS D 687 8.39 20.73 -18.49
CA LYS D 687 9.10 19.48 -18.26
C LYS D 687 8.48 18.74 -17.08
N GLY D 688 8.33 17.42 -17.24
CA GLY D 688 7.74 16.63 -16.17
C GLY D 688 7.41 15.25 -16.67
N ASN D 689 6.72 14.49 -15.82
CA ASN D 689 6.23 13.17 -16.18
C ASN D 689 4.70 13.19 -16.21
N LYS D 690 4.11 12.01 -16.41
CA LYS D 690 2.70 11.92 -16.78
C LYS D 690 1.78 12.36 -15.64
N ILE D 691 2.23 12.22 -14.40
CA ILE D 691 1.36 12.42 -13.25
C ILE D 691 0.87 13.85 -13.15
N ARG D 692 1.45 14.76 -13.92
CA ARG D 692 1.07 16.17 -13.80
C ARG D 692 -0.39 16.41 -14.15
N PHE D 693 -1.00 15.49 -14.89
CA PHE D 693 -2.37 15.70 -15.34
C PHE D 693 -3.40 15.18 -14.35
N ALA D 694 -2.99 14.79 -13.14
CA ALA D 694 -3.92 14.27 -12.16
C ALA D 694 -4.96 15.32 -11.79
N ASN D 695 -6.19 14.88 -11.60
CA ASN D 695 -7.28 15.79 -11.31
C ASN D 695 -7.36 16.10 -9.82
N HIS D 696 -8.37 16.87 -9.46
CA HIS D 696 -8.60 17.27 -8.07
C HIS D 696 -9.89 16.66 -7.54
N SER D 697 -9.86 16.30 -6.26
CA SER D 697 -11.07 15.92 -5.54
C SER D 697 -10.87 16.20 -4.06
N VAL D 698 -11.99 16.50 -3.39
CA VAL D 698 -11.93 16.77 -1.96
C VAL D 698 -11.92 15.48 -1.15
N ASN D 699 -12.27 14.36 -1.77
CA ASN D 699 -12.29 13.05 -1.10
C ASN D 699 -11.45 12.06 -1.89
N PRO D 700 -10.14 12.27 -1.96
CA PRO D 700 -9.33 11.56 -2.94
C PRO D 700 -8.91 10.18 -2.47
N ASN D 701 -8.62 9.33 -3.44
CA ASN D 701 -7.99 8.05 -3.15
C ASN D 701 -6.48 8.17 -2.99
N CYS D 702 -5.92 9.34 -3.26
CA CYS D 702 -4.49 9.57 -3.14
C CYS D 702 -4.24 10.91 -2.47
N TYR D 703 -3.08 11.02 -1.85
CA TYR D 703 -2.68 12.22 -1.13
C TYR D 703 -1.23 12.54 -1.42
N ALA D 704 -0.89 13.82 -1.29
CA ALA D 704 0.48 14.27 -1.53
C ALA D 704 1.22 14.33 -0.20
N LYS D 705 2.53 14.08 -0.26
CA LYS D 705 3.36 14.08 0.93
C LYS D 705 4.79 14.47 0.58
N VAL D 706 5.26 15.59 1.14
CA VAL D 706 6.63 16.00 0.94
C VAL D 706 7.55 14.97 1.60
N MET D 707 8.79 14.90 1.13
CA MET D 707 9.73 13.91 1.63
C MET D 707 11.12 14.47 1.45
N MET D 708 12.08 13.94 2.22
CA MET D 708 13.47 14.36 2.13
C MET D 708 14.31 13.21 1.62
N VAL D 709 15.03 13.45 0.52
CA VAL D 709 15.84 12.41 -0.11
C VAL D 709 17.21 12.98 -0.43
N ASN D 710 18.24 12.49 0.25
CA ASN D 710 19.63 12.78 -0.11
C ASN D 710 19.88 14.28 -0.22
N GLY D 711 19.29 15.05 0.68
CA GLY D 711 19.41 16.49 0.61
C GLY D 711 18.53 17.14 -0.43
N ASP D 712 17.71 16.36 -1.13
CA ASP D 712 16.83 16.91 -2.16
C ASP D 712 15.39 16.78 -1.71
N HIS D 713 14.68 17.91 -1.69
CA HIS D 713 13.27 17.88 -1.39
C HIS D 713 12.47 17.38 -2.58
N ARG D 714 11.60 16.41 -2.34
CA ARG D 714 10.74 15.86 -3.38
C ARG D 714 9.35 15.64 -2.79
N ILE D 715 8.37 15.52 -3.68
CA ILE D 715 7.00 15.26 -3.28
C ILE D 715 6.55 13.99 -3.97
N GLY D 716 6.01 13.06 -3.19
CA GLY D 716 5.44 11.86 -3.75
C GLY D 716 3.95 11.77 -3.50
N ILE D 717 3.33 10.78 -4.13
CA ILE D 717 1.90 10.52 -3.99
C ILE D 717 1.71 9.10 -3.51
N PHE D 718 0.75 8.89 -2.60
CA PHE D 718 0.46 7.57 -2.08
C PHE D 718 -1.04 7.37 -2.03
N ALA D 719 -1.44 6.11 -2.12
CA ALA D 719 -2.86 5.76 -2.14
C ALA D 719 -3.48 5.96 -0.76
N LYS D 720 -4.47 6.86 -0.66
CA LYS D 720 -5.17 7.08 0.58
C LYS D 720 -5.98 5.87 0.98
N ARG D 721 -6.38 5.05 0.04
CA ARG D 721 -7.11 3.82 0.32
C ARG D 721 -6.58 2.76 -0.65
N ALA D 722 -6.94 1.52 -0.40
CA ALA D 722 -6.63 0.45 -1.33
C ALA D 722 -7.40 0.65 -2.63
N ILE D 723 -6.77 0.29 -3.74
CA ILE D 723 -7.25 0.66 -5.07
C ILE D 723 -7.19 -0.55 -5.99
N GLN D 724 -8.22 -0.72 -6.81
CA GLN D 724 -8.28 -1.83 -7.76
C GLN D 724 -7.91 -1.35 -9.16
N THR D 725 -8.02 -2.26 -10.12
CA THR D 725 -7.66 -1.97 -11.49
C THR D 725 -8.52 -0.86 -12.08
N GLY D 726 -7.88 0.00 -12.88
CA GLY D 726 -8.60 0.95 -13.71
C GLY D 726 -9.21 2.14 -13.01
N GLU D 727 -8.78 2.46 -11.80
CA GLU D 727 -9.35 3.60 -11.09
C GLU D 727 -8.88 4.92 -11.70
N GLU D 728 -9.66 5.97 -11.46
CA GLU D 728 -9.21 7.32 -11.72
C GLU D 728 -8.59 7.90 -10.45
N LEU D 729 -7.47 8.59 -10.61
CA LEU D 729 -6.72 9.05 -9.45
C LEU D 729 -7.07 10.49 -9.12
N PHE D 730 -7.09 10.81 -7.83
CA PHE D 730 -7.35 12.18 -7.39
C PHE D 730 -6.53 12.48 -6.15
N PHE D 731 -6.30 13.77 -5.93
CA PHE D 731 -5.67 14.27 -4.73
C PHE D 731 -6.06 15.74 -4.57
N ASP D 732 -5.96 16.22 -3.34
CA ASP D 732 -6.38 17.58 -3.01
C ASP D 732 -5.27 18.54 -3.41
N TYR D 733 -5.61 19.52 -4.26
CA TYR D 733 -4.64 20.55 -4.60
C TYR D 733 -4.36 21.48 -3.41
N ARG D 734 -5.29 21.57 -2.47
CA ARG D 734 -5.09 22.28 -1.21
C ARG D 734 -4.80 23.77 -1.44
N TYR D 735 -5.60 24.39 -2.29
CA TYR D 735 -5.59 25.85 -2.32
C TYR D 735 -6.59 26.38 -1.28
N SER D 736 -6.82 27.68 -1.33
CA SER D 736 -7.84 28.28 -0.48
C SER D 736 -9.22 27.80 -0.89
N GLN D 737 -10.18 27.94 0.02
CA GLN D 737 -11.54 27.56 -0.28
C GLN D 737 -12.10 28.37 -1.45
N ALA D 738 -11.88 29.69 -1.45
CA ALA D 738 -12.30 30.51 -2.58
C ALA D 738 -11.55 30.11 -3.85
N ASP D 739 -10.25 29.84 -3.72
CA ASP D 739 -9.49 29.37 -4.88
C ASP D 739 -10.01 28.03 -5.39
N ALA D 740 -10.39 27.14 -4.47
CA ALA D 740 -10.90 25.83 -4.90
C ALA D 740 -12.15 25.99 -5.76
N LEU D 741 -13.05 26.89 -5.37
CA LEU D 741 -14.21 27.17 -6.20
C LEU D 741 -13.80 27.80 -7.52
N LYS D 742 -12.70 28.57 -7.51
CA LYS D 742 -12.27 29.25 -8.73
C LYS D 742 -11.80 28.27 -9.79
N TYR D 743 -11.10 27.20 -9.39
CA TYR D 743 -10.50 26.29 -10.35
C TYR D 743 -11.07 24.88 -10.31
N VAL D 744 -11.28 24.31 -9.13
CA VAL D 744 -11.58 22.88 -9.03
C VAL D 744 -12.96 22.67 -8.45
N GLY D 745 -13.89 23.57 -8.77
CA GLY D 745 -15.23 23.52 -8.19
C GLY D 745 -16.01 22.25 -8.50
N ILE D 746 -15.63 21.51 -9.53
CA ILE D 746 -16.34 20.28 -9.88
C ILE D 746 -16.05 19.21 -8.83
N GLU D 747 -17.10 18.57 -8.32
CA GLU D 747 -16.93 17.60 -7.26
C GLU D 747 -17.47 16.22 -7.65
N ARG D 748 -18.36 16.15 -8.64
CA ARG D 748 -18.90 14.90 -9.20
C ARG D 748 -19.37 13.93 -8.10
N GLU D 749 -20.32 14.42 -7.31
CA GLU D 749 -20.83 13.63 -6.20
C GLU D 749 -22.33 13.79 -6.07
N MET D 750 -23.02 12.67 -5.95
CA MET D 750 -24.44 12.61 -5.57
C MET D 750 -24.57 12.35 -4.09
N GLU D 751 -25.54 13.01 -3.49
CA GLU D 751 -25.77 12.89 -2.06
C GLU D 751 -26.70 11.71 -1.80
N ILE D 752 -26.18 10.68 -1.13
CA ILE D 752 -26.96 9.51 -0.76
C ILE D 752 -27.98 9.88 0.32
N PRO D 753 -27.60 10.59 1.40
CA PRO D 753 -28.66 10.94 2.36
C PRO D 753 -29.55 12.08 1.86
N TYR E 80 2.17 44.68 -61.58
CA TYR E 80 1.94 46.10 -61.88
C TYR E 80 0.85 46.26 -62.94
N SER E 81 0.89 45.39 -63.95
CA SER E 81 -0.09 45.43 -65.04
C SER E 81 -1.28 44.58 -64.63
N PHE E 82 -2.17 45.17 -63.82
CA PHE E 82 -3.27 44.43 -63.25
C PHE E 82 -4.44 45.36 -63.02
N LYS E 83 -5.64 44.77 -62.97
CA LYS E 83 -6.85 45.50 -62.59
C LYS E 83 -7.90 44.50 -62.15
N CYS E 84 -8.77 44.93 -61.24
CA CYS E 84 -9.90 44.12 -60.84
C CYS E 84 -10.85 43.94 -62.02
N VAL E 85 -11.23 42.69 -62.28
CA VAL E 85 -12.09 42.36 -63.42
C VAL E 85 -13.31 41.60 -62.91
N ASN E 86 -13.19 40.99 -61.74
CA ASN E 86 -14.29 40.21 -61.17
C ASN E 86 -14.30 40.37 -59.66
N SER E 87 -15.50 40.18 -59.09
CA SER E 87 -15.66 40.21 -57.65
C SER E 87 -16.96 39.51 -57.28
N LEU E 88 -16.86 38.49 -56.43
CA LEU E 88 -18.01 37.76 -55.92
C LEU E 88 -17.98 37.79 -54.40
N LYS E 89 -19.16 37.71 -53.78
CA LYS E 89 -19.28 37.70 -52.33
C LYS E 89 -20.11 36.52 -51.88
N GLU E 90 -19.60 35.78 -50.88
CA GLU E 90 -20.38 34.70 -50.30
C GLU E 90 -21.53 35.25 -49.47
N ASP E 91 -22.64 34.53 -49.46
CA ASP E 91 -23.86 34.99 -48.79
C ASP E 91 -23.83 34.76 -47.28
N HIS E 92 -22.94 33.93 -46.77
CA HIS E 92 -22.92 33.64 -45.34
C HIS E 92 -22.39 34.79 -44.51
N ASN E 93 -21.67 35.74 -45.12
CA ASN E 93 -21.15 36.92 -44.43
C ASN E 93 -20.17 36.57 -43.32
N GLN E 94 -19.70 35.33 -43.28
CA GLN E 94 -18.69 34.95 -42.31
C GLN E 94 -17.32 35.47 -42.76
N PRO E 95 -16.41 35.69 -41.82
CA PRO E 95 -15.04 36.04 -42.20
C PRO E 95 -14.42 34.95 -43.05
N LEU E 96 -13.64 35.35 -44.04
CA LEU E 96 -13.03 34.40 -44.96
C LEU E 96 -11.58 34.14 -44.57
N PHE E 97 -11.05 33.03 -45.06
CA PHE E 97 -9.74 32.56 -44.64
C PHE E 97 -8.95 32.01 -45.83
N GLY E 98 -7.87 31.30 -45.55
CA GLY E 98 -6.88 30.90 -46.55
C GLY E 98 -7.40 30.50 -47.92
N VAL E 99 -6.81 31.09 -48.95
CA VAL E 99 -7.17 30.80 -50.33
C VAL E 99 -6.17 29.80 -50.88
N GLN E 100 -6.59 29.08 -51.93
CA GLN E 100 -5.75 28.05 -52.54
C GLN E 100 -6.12 27.94 -54.01
N PHE E 101 -5.12 28.07 -54.88
CA PHE E 101 -5.29 27.87 -56.31
C PHE E 101 -4.60 26.57 -56.71
N ASN E 102 -5.30 25.73 -57.46
CA ASN E 102 -4.79 24.40 -57.80
C ASN E 102 -3.67 24.56 -58.82
N TRP E 103 -2.48 24.83 -58.31
CA TRP E 103 -1.30 24.79 -59.17
C TRP E 103 -0.93 23.36 -59.53
N HIS E 104 -1.35 22.39 -58.73
CA HIS E 104 -1.19 20.98 -59.05
C HIS E 104 -2.24 20.63 -60.10
N SER E 105 -1.94 21.00 -61.34
CA SER E 105 -2.82 20.76 -62.46
C SER E 105 -1.97 20.27 -63.62
N LYS E 106 -2.57 20.22 -64.81
CA LYS E 106 -1.84 19.97 -66.03
C LYS E 106 -2.12 21.09 -67.02
N GLU E 107 -1.26 21.21 -68.02
CA GLU E 107 -1.46 22.20 -69.06
C GLU E 107 -2.81 22.00 -69.73
N GLY E 108 -3.59 23.08 -69.80
CA GLY E 108 -4.92 23.03 -70.37
C GLY E 108 -6.02 22.64 -69.40
N ASP E 109 -5.69 22.26 -68.18
CA ASP E 109 -6.72 21.89 -67.22
C ASP E 109 -7.54 23.12 -66.82
N PRO E 110 -8.79 22.94 -66.42
CA PRO E 110 -9.55 24.06 -65.87
C PRO E 110 -8.86 24.63 -64.64
N LEU E 111 -8.82 25.96 -64.56
CA LEU E 111 -8.08 26.66 -63.51
C LEU E 111 -8.97 26.78 -62.27
N VAL E 112 -8.80 25.83 -61.36
CA VAL E 112 -9.65 25.73 -60.18
C VAL E 112 -8.90 26.26 -58.97
N PHE E 113 -9.58 27.08 -58.17
CA PHE E 113 -9.04 27.55 -56.91
C PHE E 113 -10.07 27.34 -55.81
N ALA E 114 -9.59 27.23 -54.58
CA ALA E 114 -10.44 26.94 -53.44
C ALA E 114 -10.19 27.96 -52.33
N THR E 115 -11.18 28.08 -51.45
CA THR E 115 -11.12 29.00 -50.33
C THR E 115 -11.91 28.42 -49.17
N VAL E 116 -11.43 28.66 -47.95
CA VAL E 116 -12.08 28.17 -46.73
C VAL E 116 -12.70 29.35 -46.00
N GLY E 117 -13.97 29.21 -45.62
CA GLY E 117 -14.66 30.18 -44.81
C GLY E 117 -14.66 29.79 -43.35
N SER E 118 -15.68 30.23 -42.63
CA SER E 118 -15.82 29.84 -41.23
C SER E 118 -15.98 28.34 -41.13
N ASN E 119 -17.10 27.82 -41.63
CA ASN E 119 -17.33 26.39 -41.69
C ASN E 119 -17.63 25.89 -43.11
N ARG E 120 -17.84 26.80 -44.06
CA ARG E 120 -18.04 26.39 -45.44
C ARG E 120 -16.69 26.27 -46.15
N VAL E 121 -16.63 25.36 -47.13
CA VAL E 121 -15.49 25.26 -48.04
C VAL E 121 -16.03 25.39 -49.45
N THR E 122 -15.42 26.28 -50.24
CA THR E 122 -15.91 26.60 -51.56
C THR E 122 -14.77 26.54 -52.57
N LEU E 123 -15.09 26.08 -53.78
CA LEU E 123 -14.16 26.01 -54.87
C LEU E 123 -14.73 26.76 -56.07
N TYR E 124 -13.85 27.38 -56.85
CA TYR E 124 -14.27 28.11 -58.03
C TYR E 124 -13.22 27.93 -59.12
N GLU E 125 -13.66 28.18 -60.36
CA GLU E 125 -12.76 28.21 -61.50
C GLU E 125 -12.88 29.56 -62.20
N CYS E 126 -11.73 30.18 -62.43
CA CYS E 126 -11.70 31.44 -63.16
C CYS E 126 -12.04 31.20 -64.63
N HIS E 127 -12.69 32.18 -65.24
CA HIS E 127 -13.08 32.10 -66.63
C HIS E 127 -12.83 33.43 -67.32
N SER E 128 -12.91 33.42 -68.64
CA SER E 128 -12.65 34.62 -69.43
C SER E 128 -13.76 35.64 -69.22
N GLN E 129 -13.55 36.82 -69.79
CA GLN E 129 -14.50 37.94 -69.76
C GLN E 129 -14.73 38.47 -68.34
N GLY E 130 -14.06 37.89 -67.35
CA GLY E 130 -14.31 38.22 -65.96
C GLY E 130 -15.28 37.30 -65.27
N GLU E 131 -15.85 36.33 -65.97
CA GLU E 131 -16.76 35.40 -65.33
C GLU E 131 -16.00 34.43 -64.44
N ILE E 132 -16.63 34.05 -63.34
CA ILE E 132 -16.13 32.99 -62.46
C ILE E 132 -17.27 32.04 -62.18
N ARG E 133 -17.08 30.76 -62.49
CA ARG E 133 -18.12 29.76 -62.31
C ARG E 133 -17.96 29.10 -60.95
N LEU E 134 -18.99 29.25 -60.11
CA LEU E 134 -18.97 28.61 -58.80
C LEU E 134 -18.96 27.10 -58.96
N LEU E 135 -18.06 26.44 -58.23
CA LEU E 135 -17.92 25.00 -58.30
C LEU E 135 -18.51 24.38 -57.02
N GLN E 136 -18.35 23.06 -56.89
CA GLN E 136 -18.94 22.34 -55.77
C GLN E 136 -18.44 22.91 -54.45
N SER E 137 -19.39 23.21 -53.56
CA SER E 137 -19.08 23.82 -52.28
C SER E 137 -19.74 23.03 -51.16
N TYR E 138 -19.02 22.91 -50.05
CA TYR E 138 -19.45 22.12 -48.91
C TYR E 138 -19.47 22.99 -47.67
N VAL E 139 -19.96 22.43 -46.57
CA VAL E 139 -20.03 23.13 -45.30
C VAL E 139 -19.81 22.13 -44.18
N ASP E 140 -19.10 22.55 -43.14
CA ASP E 140 -18.91 21.73 -41.94
C ASP E 140 -20.10 22.00 -41.02
N ALA E 141 -21.19 21.29 -41.26
CA ALA E 141 -22.41 21.44 -40.48
C ALA E 141 -22.37 20.66 -39.17
N ASP E 142 -21.32 19.90 -38.93
CA ASP E 142 -21.17 19.13 -37.70
C ASP E 142 -20.19 19.77 -36.72
N ALA E 143 -19.04 20.26 -37.21
CA ALA E 143 -18.05 20.90 -36.36
C ALA E 143 -18.24 22.41 -36.44
N ASP E 144 -18.68 23.02 -35.35
CA ASP E 144 -18.90 24.46 -35.28
C ASP E 144 -17.57 25.14 -34.98
N GLU E 145 -16.76 25.29 -36.03
CA GLU E 145 -15.45 25.87 -35.88
C GLU E 145 -15.09 26.65 -37.13
N ASN E 146 -14.15 27.57 -36.99
CA ASN E 146 -13.71 28.45 -38.07
C ASN E 146 -12.50 27.83 -38.74
N PHE E 147 -12.65 27.43 -39.99
CA PHE E 147 -11.53 26.86 -40.74
C PHE E 147 -10.48 27.93 -40.98
N TYR E 148 -9.22 27.54 -40.88
CA TYR E 148 -8.12 28.50 -40.95
C TYR E 148 -7.21 28.29 -42.14
N THR E 149 -6.81 27.05 -42.41
CA THR E 149 -5.81 26.79 -43.43
C THR E 149 -6.26 25.64 -44.32
N CYS E 150 -5.77 25.65 -45.55
CA CYS E 150 -6.04 24.61 -46.51
C CYS E 150 -4.88 24.51 -47.50
N ALA E 151 -4.75 23.35 -48.13
CA ALA E 151 -3.66 23.13 -49.08
C ALA E 151 -4.11 22.12 -50.12
N TRP E 152 -3.86 22.44 -51.39
CA TRP E 152 -4.23 21.54 -52.48
C TRP E 152 -3.47 20.23 -52.36
N THR E 153 -4.14 19.15 -52.74
CA THR E 153 -3.59 17.82 -52.60
C THR E 153 -3.76 17.06 -53.91
N TYR E 154 -2.90 16.07 -54.11
CA TYR E 154 -2.96 15.23 -55.30
C TYR E 154 -2.60 13.81 -54.93
N ASP E 155 -3.30 12.85 -55.54
CA ASP E 155 -3.02 11.43 -55.35
C ASP E 155 -2.40 10.88 -56.62
N SER E 156 -1.19 10.32 -56.49
CA SER E 156 -0.55 9.70 -57.64
C SER E 156 -1.27 8.44 -58.07
N ASN E 157 -1.83 7.69 -57.12
CA ASN E 157 -2.43 6.40 -57.43
C ASN E 157 -3.65 6.55 -58.34
N THR E 158 -4.58 7.42 -57.95
CA THR E 158 -5.78 7.62 -58.75
C THR E 158 -5.69 8.80 -59.69
N SER E 159 -4.58 9.54 -59.68
CA SER E 159 -4.41 10.78 -60.44
C SER E 159 -5.46 11.82 -60.07
N HIS E 160 -6.12 11.66 -58.92
CA HIS E 160 -7.17 12.57 -58.48
C HIS E 160 -6.60 13.62 -57.54
N PRO E 161 -6.78 14.90 -57.84
CA PRO E 161 -6.38 15.95 -56.91
C PRO E 161 -7.32 16.02 -55.72
N LEU E 162 -6.82 16.60 -54.64
CA LEU E 162 -7.60 16.79 -53.43
C LEU E 162 -7.23 18.15 -52.84
N LEU E 163 -7.67 18.39 -51.61
CA LEU E 163 -7.28 19.61 -50.88
C LEU E 163 -7.56 19.40 -49.41
N ALA E 164 -6.51 19.43 -48.60
CA ALA E 164 -6.66 19.32 -47.16
C ALA E 164 -7.16 20.65 -46.58
N VAL E 165 -7.83 20.56 -45.42
CA VAL E 165 -8.35 21.73 -44.73
C VAL E 165 -8.04 21.59 -43.24
N ALA E 166 -8.15 22.71 -42.53
CA ALA E 166 -7.94 22.72 -41.09
C ALA E 166 -8.59 23.96 -40.51
N GLY E 167 -8.72 23.97 -39.18
CA GLY E 167 -9.36 25.06 -38.51
C GLY E 167 -9.00 25.15 -37.04
N SER E 168 -9.90 25.76 -36.28
CA SER E 168 -9.65 26.01 -34.86
C SER E 168 -9.66 24.74 -34.02
N ARG E 169 -10.33 23.69 -34.48
CA ARG E 169 -10.40 22.47 -33.69
C ARG E 169 -9.21 21.55 -33.90
N GLY E 170 -8.27 21.93 -34.76
CA GLY E 170 -7.07 21.13 -34.96
C GLY E 170 -7.32 19.75 -35.55
N ILE E 171 -8.23 19.66 -36.52
CA ILE E 171 -8.53 18.40 -37.19
C ILE E 171 -8.34 18.59 -38.69
N ILE E 172 -7.66 17.64 -39.31
CA ILE E 172 -7.35 17.71 -40.73
C ILE E 172 -8.35 16.86 -41.50
N ARG E 173 -8.96 17.46 -42.52
CA ARG E 173 -9.83 16.76 -43.45
C ARG E 173 -9.33 17.00 -44.88
N ILE E 174 -9.34 15.95 -45.69
CA ILE E 174 -8.84 16.01 -47.06
C ILE E 174 -9.93 15.50 -47.99
N ILE E 175 -10.58 16.41 -48.69
CA ILE E 175 -11.70 16.07 -49.58
C ILE E 175 -11.16 15.87 -50.99
N ASN E 176 -11.55 14.76 -51.61
CA ASN E 176 -11.30 14.56 -53.03
C ASN E 176 -12.51 15.06 -53.82
N PRO E 177 -12.34 16.04 -54.71
CA PRO E 177 -13.47 16.43 -55.57
C PRO E 177 -14.00 15.30 -56.41
N ILE E 178 -13.13 14.37 -56.80
CA ILE E 178 -13.59 13.18 -57.52
C ILE E 178 -14.43 12.29 -56.61
N THR E 179 -14.04 12.20 -55.34
CA THR E 179 -14.82 11.44 -54.37
C THR E 179 -15.92 12.29 -53.74
N MET E 180 -15.87 13.61 -53.95
CA MET E 180 -16.78 14.58 -53.34
C MET E 180 -16.72 14.55 -51.82
N GLN E 181 -15.77 13.84 -51.23
CA GLN E 181 -15.80 13.59 -49.78
C GLN E 181 -14.39 13.43 -49.25
N CYS E 182 -14.28 13.51 -47.92
CA CYS E 182 -13.04 13.26 -47.20
C CYS E 182 -13.16 11.95 -46.45
N ILE E 183 -12.16 11.08 -46.59
CA ILE E 183 -12.15 9.78 -45.92
C ILE E 183 -10.86 9.56 -45.16
N LYS E 184 -10.06 10.60 -44.96
CA LYS E 184 -8.82 10.51 -44.20
C LYS E 184 -8.96 11.44 -43.01
N HIS E 185 -9.01 10.86 -41.81
CA HIS E 185 -9.25 11.60 -40.59
C HIS E 185 -7.97 11.60 -39.76
N TYR E 186 -7.52 12.78 -39.36
CA TYR E 186 -6.25 12.93 -38.65
C TYR E 186 -6.43 13.93 -37.53
N VAL E 187 -6.26 13.47 -36.29
CA VAL E 187 -6.36 14.30 -35.10
C VAL E 187 -5.16 13.99 -34.22
N GLY E 188 -4.89 14.85 -33.25
CA GLY E 188 -3.78 14.66 -32.34
C GLY E 188 -3.12 15.95 -31.93
N HIS E 189 -3.33 17.00 -32.71
CA HIS E 189 -2.82 18.32 -32.33
C HIS E 189 -3.61 18.86 -31.15
N GLY E 190 -2.98 19.72 -30.37
CA GLY E 190 -3.55 20.19 -29.13
C GLY E 190 -4.73 21.12 -29.25
N ASN E 191 -4.52 22.34 -29.74
CA ASN E 191 -5.55 23.36 -29.65
C ASN E 191 -6.13 23.71 -31.02
N ALA E 192 -5.28 24.14 -31.96
CA ALA E 192 -5.76 24.61 -33.25
C ALA E 192 -4.63 24.46 -34.26
N ILE E 193 -4.99 24.55 -35.53
CA ILE E 193 -4.04 24.50 -36.63
C ILE E 193 -4.04 25.84 -37.33
N ASN E 194 -2.85 26.40 -37.55
CA ASN E 194 -2.70 27.71 -38.14
C ASN E 194 -1.80 27.73 -39.38
N GLU E 195 -1.42 26.58 -39.92
CA GLU E 195 -0.58 26.54 -41.11
C GLU E 195 -0.69 25.17 -41.76
N LEU E 196 -0.75 25.17 -43.10
CA LEU E 196 -0.80 23.94 -43.87
C LEU E 196 0.02 24.11 -45.14
N LYS E 197 0.90 23.13 -45.41
CA LYS E 197 1.73 23.17 -46.60
C LYS E 197 2.29 21.78 -46.88
N PHE E 198 2.34 21.41 -48.15
CA PHE E 198 2.84 20.12 -48.54
C PHE E 198 4.33 20.17 -48.87
N HIS E 199 4.94 19.00 -48.94
CA HIS E 199 6.30 18.91 -49.46
C HIS E 199 6.29 19.19 -50.96
N PRO E 200 7.24 19.98 -51.45
CA PRO E 200 7.26 20.28 -52.89
C PRO E 200 7.38 19.05 -53.77
N ARG E 201 8.13 18.04 -53.32
CA ARG E 201 8.34 16.84 -54.12
C ARG E 201 7.33 15.74 -53.79
N ASP E 202 7.32 15.30 -52.53
CA ASP E 202 6.42 14.22 -52.13
C ASP E 202 5.07 14.82 -51.75
N PRO E 203 3.98 14.49 -52.46
CA PRO E 203 2.67 15.04 -52.10
C PRO E 203 2.05 14.37 -50.89
N ASN E 204 2.68 13.32 -50.36
CA ASN E 204 2.13 12.58 -49.24
C ASN E 204 2.64 13.05 -47.89
N LEU E 205 3.38 14.16 -47.83
CA LEU E 205 3.92 14.68 -46.59
C LEU E 205 3.38 16.08 -46.37
N LEU E 206 2.97 16.37 -45.14
CA LEU E 206 2.34 17.63 -44.79
C LEU E 206 2.81 18.10 -43.43
N LEU E 207 3.02 19.40 -43.30
CA LEU E 207 3.27 20.04 -42.01
C LEU E 207 2.05 20.83 -41.57
N SER E 208 1.55 20.49 -40.38
CA SER E 208 0.46 21.23 -39.77
C SER E 208 0.98 21.92 -38.51
N VAL E 209 1.28 23.21 -38.64
CA VAL E 209 1.68 23.99 -37.48
C VAL E 209 0.48 24.21 -36.60
N SER E 210 0.67 24.11 -35.29
CA SER E 210 -0.44 24.04 -34.36
C SER E 210 -0.34 25.15 -33.32
N LYS E 211 -1.41 25.26 -32.54
CA LYS E 211 -1.46 26.25 -31.46
C LYS E 211 -0.64 25.83 -30.26
N ASP E 212 -0.48 24.52 -30.03
CA ASP E 212 0.32 24.09 -28.88
C ASP E 212 1.81 24.07 -29.14
N HIS E 213 2.29 24.85 -30.12
CA HIS E 213 3.70 25.01 -30.41
C HIS E 213 4.29 23.76 -31.04
N ALA E 214 3.45 22.87 -31.55
CA ALA E 214 3.87 21.57 -32.01
C ALA E 214 4.03 21.55 -33.53
N LEU E 215 5.00 20.80 -34.00
CA LEU E 215 5.28 20.64 -35.43
C LEU E 215 5.28 19.15 -35.75
N ARG E 216 4.11 18.63 -36.10
CA ARG E 216 3.95 17.21 -36.40
C ARG E 216 3.90 16.96 -37.90
N LEU E 217 4.41 15.79 -38.31
CA LEU E 217 4.45 15.37 -39.71
C LEU E 217 3.65 14.09 -39.88
N TRP E 218 2.86 14.03 -40.94
CA TRP E 218 2.01 12.88 -41.24
C TRP E 218 2.41 12.27 -42.58
N ASN E 219 2.44 10.94 -42.63
CA ASN E 219 2.60 10.19 -43.89
C ASN E 219 1.21 9.70 -44.29
N ILE E 220 0.45 10.58 -44.96
CA ILE E 220 -0.94 10.28 -45.27
C ILE E 220 -1.06 9.03 -46.14
N GLN E 221 -0.09 8.81 -47.04
CA GLN E 221 -0.14 7.63 -47.89
C GLN E 221 -0.13 6.35 -47.07
N THR E 222 0.69 6.30 -46.03
CA THR E 222 0.64 5.20 -45.07
C THR E 222 -0.22 5.51 -43.85
N ASP E 223 -0.78 6.71 -43.76
CA ASP E 223 -1.56 7.18 -42.62
C ASP E 223 -0.79 7.08 -41.31
N THR E 224 0.53 6.97 -41.37
CA THR E 224 1.37 6.88 -40.19
C THR E 224 2.00 8.23 -39.89
N LEU E 225 2.15 8.53 -38.60
CA LEU E 225 2.76 9.78 -38.20
C LEU E 225 4.26 9.75 -38.43
N VAL E 226 4.82 10.91 -38.76
CA VAL E 226 6.25 11.06 -38.97
C VAL E 226 6.75 11.97 -37.85
N ALA E 227 8.06 12.20 -37.83
CA ALA E 227 8.73 12.91 -36.74
C ALA E 227 8.02 14.22 -36.42
N ILE E 228 8.12 14.62 -35.15
CA ILE E 228 7.52 15.85 -34.64
C ILE E 228 8.62 16.80 -34.22
N PHE E 229 8.40 18.09 -34.41
CA PHE E 229 9.40 19.10 -34.15
C PHE E 229 8.90 20.10 -33.12
N GLY E 230 9.85 20.72 -32.42
CA GLY E 230 9.54 21.60 -31.31
C GLY E 230 9.94 20.99 -29.98
N GLY E 231 8.97 20.56 -29.21
CA GLY E 231 9.23 19.86 -27.97
C GLY E 231 9.92 20.67 -26.88
N VAL E 232 10.98 20.09 -26.31
CA VAL E 232 11.57 20.65 -25.08
C VAL E 232 12.25 21.98 -25.35
N GLU E 233 12.85 22.15 -26.52
CA GLU E 233 13.56 23.39 -26.83
C GLU E 233 12.97 24.07 -28.05
N GLY E 234 11.69 23.84 -28.32
CA GLY E 234 11.01 24.47 -29.43
C GLY E 234 10.51 25.85 -29.07
N HIS E 235 9.57 26.36 -29.87
CA HIS E 235 9.01 27.66 -29.60
C HIS E 235 8.18 27.63 -28.32
N ARG E 236 8.47 28.55 -27.41
CA ARG E 236 7.69 28.71 -26.19
C ARG E 236 6.42 29.51 -26.42
N ASP E 237 6.06 29.77 -27.67
CA ASP E 237 4.82 30.44 -27.99
C ASP E 237 4.24 29.81 -29.23
N GLU E 238 2.99 30.15 -29.52
CA GLU E 238 2.30 29.55 -30.65
C GLU E 238 2.95 29.93 -31.96
N VAL E 239 3.30 28.92 -32.75
CA VAL E 239 3.78 29.14 -34.10
C VAL E 239 2.60 29.18 -35.07
N LEU E 240 2.67 30.07 -36.05
CA LEU E 240 1.56 30.22 -36.98
C LEU E 240 2.03 30.30 -38.43
N SER E 241 3.33 30.49 -38.64
CA SER E 241 3.87 30.66 -39.98
C SER E 241 5.09 29.78 -40.17
N ALA E 242 5.12 29.04 -41.28
CA ALA E 242 6.23 28.18 -41.62
C ALA E 242 6.24 27.99 -43.13
N ASP E 243 7.38 27.56 -43.66
CA ASP E 243 7.53 27.43 -45.11
C ASP E 243 8.48 26.31 -45.46
N TYR E 244 8.22 25.66 -46.58
CA TYR E 244 9.16 24.73 -47.20
C TYR E 244 10.08 25.51 -48.12
N ASP E 245 11.31 25.04 -48.26
CA ASP E 245 12.17 25.58 -49.31
C ASP E 245 11.77 24.96 -50.64
N LEU E 246 12.41 25.43 -51.72
CA LEU E 246 12.06 24.98 -53.05
C LEU E 246 12.27 23.49 -53.22
N LEU E 247 13.37 22.96 -52.71
CA LEU E 247 13.65 21.53 -52.83
C LEU E 247 13.15 20.72 -51.65
N GLY E 248 12.66 21.37 -50.60
CA GLY E 248 12.19 20.65 -49.43
C GLY E 248 13.32 20.05 -48.62
N GLU E 249 14.23 20.90 -48.15
CA GLU E 249 15.38 20.46 -47.36
C GLU E 249 15.47 21.14 -46.01
N LYS E 250 14.99 22.38 -45.90
CA LYS E 250 14.98 23.10 -44.63
C LYS E 250 13.62 23.75 -44.47
N ILE E 251 13.14 23.81 -43.23
CA ILE E 251 11.81 24.34 -42.93
C ILE E 251 11.92 25.45 -41.90
N MET E 252 11.59 26.67 -42.30
CA MET E 252 11.58 27.83 -41.43
C MET E 252 10.31 27.83 -40.60
N SER E 253 10.40 28.39 -39.39
CA SER E 253 9.25 28.46 -38.49
C SER E 253 9.30 29.74 -37.67
N CYS E 254 8.16 30.42 -37.59
CA CYS E 254 8.08 31.64 -36.81
C CYS E 254 6.70 31.76 -36.18
N GLY E 255 6.68 32.27 -34.96
CA GLY E 255 5.43 32.42 -34.22
C GLY E 255 5.34 33.73 -33.46
N MET E 256 4.35 33.85 -32.58
CA MET E 256 4.15 35.07 -31.82
C MET E 256 5.34 35.40 -30.93
N ASP E 257 6.14 34.40 -30.55
CA ASP E 257 7.38 34.66 -29.83
C ASP E 257 8.41 35.37 -30.69
N HIS E 258 8.12 35.58 -31.97
CA HIS E 258 9.02 36.20 -32.94
C HIS E 258 10.30 35.40 -33.15
N SER E 259 10.27 34.10 -32.86
CA SER E 259 11.46 33.27 -33.02
C SER E 259 11.54 32.72 -34.44
N LEU E 260 12.76 32.51 -34.91
CA LEU E 260 13.02 32.06 -36.28
C LEU E 260 13.78 30.75 -36.21
N LYS E 261 13.06 29.64 -36.10
CA LYS E 261 13.67 28.33 -35.97
C LYS E 261 13.48 27.54 -37.25
N LEU E 262 14.55 26.94 -37.74
CA LEU E 262 14.48 26.10 -38.92
C LEU E 262 15.12 24.75 -38.66
N TRP E 263 14.66 23.75 -39.39
CA TRP E 263 15.15 22.39 -39.25
C TRP E 263 15.48 21.82 -40.63
N ARG E 264 16.58 21.10 -40.71
CA ARG E 264 17.05 20.54 -41.98
C ARG E 264 16.39 19.18 -42.20
N ILE E 265 15.61 19.07 -43.27
CA ILE E 265 15.00 17.78 -43.62
C ILE E 265 16.08 16.77 -43.96
N ASN E 266 17.12 17.22 -44.66
CA ASN E 266 18.15 16.34 -45.20
C ASN E 266 18.95 15.65 -44.09
N SER E 267 18.65 15.97 -42.84
CA SER E 267 19.34 15.34 -41.72
C SER E 267 19.25 13.82 -41.84
N LYS E 268 20.43 13.19 -41.81
CA LYS E 268 20.57 11.78 -42.16
C LYS E 268 19.51 10.90 -41.51
N ARG E 269 19.12 11.23 -40.27
CA ARG E 269 18.18 10.41 -39.54
C ARG E 269 16.80 10.38 -40.22
N MET E 270 16.35 11.53 -40.75
CA MET E 270 14.92 11.69 -41.01
C MET E 270 14.45 10.84 -42.18
N MET E 271 15.17 10.88 -43.29
CA MET E 271 14.68 10.16 -44.47
C MET E 271 14.64 8.66 -44.20
N ASN E 272 15.49 8.18 -43.28
CA ASN E 272 15.35 6.82 -42.79
C ASN E 272 13.95 6.60 -42.27
N ALA E 273 13.50 7.48 -41.36
CA ALA E 273 12.14 7.39 -40.85
C ALA E 273 11.12 7.60 -41.95
N ILE E 274 11.36 8.57 -42.84
CA ILE E 274 10.44 8.81 -43.93
C ILE E 274 10.31 7.57 -44.79
N LYS E 275 11.44 6.93 -45.10
CA LYS E 275 11.41 5.65 -45.78
C LYS E 275 10.67 4.63 -44.93
N GLU E 276 10.98 4.57 -43.64
CA GLU E 276 10.26 3.66 -42.75
C GLU E 276 8.83 4.09 -42.54
N SER E 277 8.55 5.39 -42.66
CA SER E 277 7.16 5.85 -42.62
C SER E 277 6.36 5.23 -43.75
N TYR E 278 6.99 5.04 -44.90
CA TYR E 278 6.35 4.35 -46.00
C TYR E 278 6.40 2.84 -45.84
N ASP E 279 7.11 2.32 -44.84
CA ASP E 279 7.22 0.89 -44.59
C ASP E 279 6.63 0.60 -43.20
N TYR E 280 5.32 0.38 -43.15
CA TYR E 280 4.65 0.10 -41.89
C TYR E 280 3.37 -0.70 -42.15
N ASN E 281 3.11 -1.67 -41.28
CA ASN E 281 1.87 -2.42 -41.28
C ASN E 281 1.33 -2.45 -39.86
N PRO E 282 0.12 -1.97 -39.61
CA PRO E 282 -0.45 -2.08 -38.27
C PRO E 282 -0.55 -3.52 -37.79
N ASN E 283 -0.82 -4.45 -38.69
CA ASN E 283 -0.92 -5.86 -38.32
C ASN E 283 0.44 -6.53 -38.24
N LYS E 284 1.51 -5.84 -38.60
CA LYS E 284 2.85 -6.43 -38.55
C LYS E 284 3.24 -6.80 -37.13
N THR E 285 2.97 -5.91 -36.17
CA THR E 285 3.33 -6.16 -34.78
C THR E 285 2.48 -5.27 -33.90
N ASN E 286 2.47 -5.60 -32.61
CA ASN E 286 1.73 -4.79 -31.64
C ASN E 286 2.39 -3.42 -31.45
N ARG E 287 3.68 -3.33 -31.71
CA ARG E 287 4.39 -2.07 -31.49
C ARG E 287 3.94 -1.04 -32.52
N PRO E 288 3.44 0.11 -32.10
CA PRO E 288 3.03 1.14 -33.06
C PRO E 288 4.24 1.80 -33.70
N PHE E 289 3.98 2.56 -34.77
CA PHE E 289 5.05 3.25 -35.47
C PHE E 289 5.69 4.28 -34.56
N ILE E 290 7.01 4.44 -34.69
CA ILE E 290 7.78 5.33 -33.82
C ILE E 290 8.08 6.59 -34.62
N SER E 291 7.22 7.60 -34.48
CA SER E 291 7.56 8.92 -35.00
C SER E 291 8.63 9.56 -34.13
N GLN E 292 9.43 10.42 -34.72
CA GLN E 292 10.56 10.97 -33.98
C GLN E 292 10.23 12.35 -33.41
N LYS E 293 11.15 12.86 -32.61
CA LYS E 293 10.99 14.14 -31.94
C LYS E 293 12.28 14.95 -32.09
N ILE E 294 12.11 16.24 -32.34
CA ILE E 294 13.24 17.16 -32.52
C ILE E 294 13.04 18.37 -31.63
N HIS E 295 14.15 18.90 -31.11
CA HIS E 295 14.12 20.09 -30.25
C HIS E 295 15.27 21.04 -30.53
N PHE E 296 16.03 20.83 -31.60
CA PHE E 296 17.29 21.56 -31.80
C PHE E 296 17.36 22.10 -33.22
N PRO E 297 16.81 23.29 -33.45
CA PRO E 297 16.84 23.87 -34.80
C PRO E 297 18.24 24.19 -35.25
N ASP E 298 18.43 24.20 -36.58
CA ASP E 298 19.73 24.51 -37.14
C ASP E 298 20.09 25.98 -36.95
N PHE E 299 19.15 26.79 -36.48
CA PHE E 299 19.40 28.20 -36.18
C PHE E 299 18.13 28.77 -35.55
N SER E 300 18.33 29.80 -34.73
CA SER E 300 17.20 30.52 -34.16
C SER E 300 17.61 31.96 -33.87
N THR E 301 16.61 32.83 -33.83
CA THR E 301 16.80 34.24 -33.48
C THR E 301 15.43 34.87 -33.27
N ARG E 302 15.44 36.08 -32.71
CA ARG E 302 14.24 36.87 -32.54
C ARG E 302 14.42 38.34 -32.87
N ASP E 303 15.61 38.76 -33.28
CA ASP E 303 15.90 40.18 -33.44
C ASP E 303 15.20 40.82 -34.64
N ILE E 304 14.65 40.01 -35.54
CA ILE E 304 14.09 40.55 -36.78
C ILE E 304 12.93 41.49 -36.50
N HIS E 305 12.01 41.10 -35.62
CA HIS E 305 10.81 41.88 -35.36
C HIS E 305 10.62 42.08 -33.86
N ARG E 306 10.13 43.26 -33.49
CA ARG E 306 9.67 43.52 -32.15
C ARG E 306 8.16 43.33 -32.01
N ASN E 307 7.48 42.91 -33.07
CA ASN E 307 6.07 42.61 -33.02
C ASN E 307 5.83 41.25 -33.67
N TYR E 308 4.58 40.79 -33.58
CA TYR E 308 4.22 39.46 -34.04
C TYR E 308 4.56 39.26 -35.51
N VAL E 309 5.11 38.10 -35.82
CA VAL E 309 5.48 37.75 -37.19
C VAL E 309 4.49 36.70 -37.70
N ASP E 310 3.98 36.90 -38.92
CA ASP E 310 2.96 36.03 -39.48
C ASP E 310 3.15 35.70 -40.95
N CYS E 311 4.26 36.10 -41.56
CA CYS E 311 4.45 35.90 -43.00
C CYS E 311 5.95 35.79 -43.29
N VAL E 312 6.42 34.57 -43.46
CA VAL E 312 7.80 34.30 -43.86
C VAL E 312 7.77 33.30 -45.01
N ARG E 313 8.62 33.52 -46.00
CA ARG E 313 8.68 32.61 -47.14
C ARG E 313 10.12 32.39 -47.57
N TRP E 314 10.34 31.22 -48.17
CA TRP E 314 11.65 30.84 -48.71
C TRP E 314 11.89 31.51 -50.06
N LEU E 315 12.56 32.65 -50.06
CA LEU E 315 12.95 33.31 -51.30
C LEU E 315 14.26 32.69 -51.78
N GLY E 316 14.13 31.46 -52.27
CA GLY E 316 15.32 30.69 -52.62
C GLY E 316 16.15 30.44 -51.37
N ASP E 317 17.43 30.81 -51.43
CA ASP E 317 18.27 30.75 -50.25
C ASP E 317 18.04 31.91 -49.30
N LEU E 318 17.19 32.87 -49.67
CA LEU E 318 16.87 34.01 -48.83
C LEU E 318 15.51 33.82 -48.17
N ILE E 319 15.31 34.53 -47.06
CA ILE E 319 14.15 34.34 -46.21
C ILE E 319 13.40 35.66 -46.12
N LEU E 320 12.14 35.66 -46.54
CA LEU E 320 11.27 36.79 -46.32
C LEU E 320 10.68 36.75 -44.91
N SER E 321 10.20 37.89 -44.45
CA SER E 321 9.58 37.97 -43.13
C SER E 321 8.76 39.24 -42.98
N LYS E 322 7.53 39.09 -42.49
CA LYS E 322 6.59 40.21 -42.35
C LYS E 322 5.99 40.19 -40.96
N SER E 323 5.85 41.37 -40.37
CA SER E 323 5.29 41.51 -39.03
C SER E 323 4.12 42.49 -39.08
N CYS E 324 3.56 42.77 -37.90
CA CYS E 324 2.49 43.75 -37.80
C CYS E 324 3.01 45.17 -37.88
N GLU E 325 4.33 45.35 -37.84
CA GLU E 325 4.93 46.67 -37.77
C GLU E 325 5.01 47.36 -39.12
N ASN E 326 4.21 46.88 -40.09
CA ASN E 326 4.09 47.52 -41.40
C ASN E 326 5.43 47.54 -42.14
N ALA E 327 6.18 46.46 -42.04
CA ALA E 327 7.41 46.31 -42.81
C ALA E 327 7.56 44.87 -43.26
N ILE E 328 8.19 44.68 -44.41
CA ILE E 328 8.57 43.36 -44.90
C ILE E 328 10.07 43.36 -45.12
N VAL E 329 10.74 42.38 -44.53
CA VAL E 329 12.19 42.33 -44.51
C VAL E 329 12.65 40.96 -44.97
N CYS E 330 13.67 40.95 -45.82
CA CYS E 330 14.32 39.74 -46.27
C CYS E 330 15.72 39.70 -45.67
N TRP E 331 16.17 38.49 -45.36
CA TRP E 331 17.40 38.34 -44.59
C TRP E 331 17.96 36.95 -44.79
N LYS E 332 19.24 36.80 -44.50
CA LYS E 332 19.95 35.53 -44.64
C LYS E 332 20.80 35.30 -43.40
N PRO E 333 21.06 34.04 -43.05
CA PRO E 333 21.74 33.74 -41.80
C PRO E 333 23.18 34.23 -41.78
N GLY E 334 23.65 34.52 -40.57
CA GLY E 334 25.05 34.87 -40.39
C GLY E 334 25.44 36.08 -41.20
N LYS E 335 26.59 36.01 -41.83
CA LYS E 335 27.07 37.05 -42.74
C LYS E 335 26.53 36.79 -44.14
N MET E 336 26.68 37.80 -45.00
CA MET E 336 26.13 37.70 -46.34
C MET E 336 26.83 36.64 -47.17
N GLU E 337 28.08 36.32 -46.84
CA GLU E 337 28.80 35.28 -47.56
C GLU E 337 28.56 33.89 -47.00
N ASP E 338 27.91 33.79 -45.84
CA ASP E 338 27.77 32.49 -45.17
C ASP E 338 26.75 31.64 -45.90
N ASP E 339 27.11 30.39 -46.21
CA ASP E 339 26.17 29.47 -46.82
C ASP E 339 25.06 29.14 -45.84
N ILE E 340 23.82 29.11 -46.34
CA ILE E 340 22.69 28.73 -45.50
C ILE E 340 22.87 27.32 -44.99
N ASP E 341 23.30 26.41 -45.86
CA ASP E 341 23.46 25.01 -45.49
C ASP E 341 24.69 24.75 -44.64
N LYS E 342 25.65 25.69 -44.61
CA LYS E 342 26.83 25.52 -43.77
C LYS E 342 26.64 26.06 -42.37
N ILE E 343 25.51 26.73 -42.10
CA ILE E 343 25.31 27.38 -40.82
C ILE E 343 25.08 26.33 -39.74
N LYS E 344 25.82 26.45 -38.64
CA LYS E 344 25.66 25.56 -37.50
C LYS E 344 24.51 26.01 -36.61
N PRO E 345 23.94 25.10 -35.82
CA PRO E 345 22.89 25.50 -34.86
C PRO E 345 23.35 26.56 -33.88
N SER E 346 24.62 26.53 -33.49
CA SER E 346 25.18 27.52 -32.57
C SER E 346 25.23 28.92 -33.16
N GLU E 347 25.02 29.07 -34.46
CA GLU E 347 25.11 30.38 -35.09
C GLU E 347 24.01 31.30 -34.56
N SER E 348 24.33 32.60 -34.49
CA SER E 348 23.37 33.60 -34.06
C SER E 348 23.41 34.89 -34.87
N ASN E 349 24.26 35.00 -35.89
CA ASN E 349 24.37 36.25 -36.64
C ASN E 349 23.30 36.35 -37.73
N VAL E 350 23.01 37.58 -38.12
CA VAL E 350 21.93 37.89 -39.05
C VAL E 350 22.45 38.84 -40.11
N THR E 351 21.89 38.74 -41.33
CA THR E 351 22.21 39.63 -42.44
C THR E 351 20.90 40.15 -43.03
N ILE E 352 20.60 41.42 -42.78
CA ILE E 352 19.31 41.98 -43.14
C ILE E 352 19.40 42.74 -44.45
N LEU E 353 18.63 42.30 -45.45
CA LEU E 353 18.67 42.88 -46.78
C LEU E 353 17.28 43.11 -47.37
N GLY E 354 16.30 43.48 -46.55
CA GLY E 354 14.96 43.70 -47.06
C GLY E 354 14.23 44.89 -46.45
N ARG E 355 13.66 45.75 -47.28
CA ARG E 355 12.96 46.93 -46.77
C ARG E 355 11.68 47.23 -47.52
N PHE E 356 11.02 46.21 -48.07
CA PHE E 356 9.76 46.39 -48.80
C PHE E 356 8.62 46.66 -47.82
N ASP E 357 8.71 47.80 -47.14
CA ASP E 357 7.78 48.10 -46.07
C ASP E 357 6.43 48.55 -46.63
N TYR E 358 5.44 48.56 -45.74
CA TYR E 358 4.06 48.88 -46.11
C TYR E 358 3.45 49.70 -44.98
N SER E 359 2.13 49.81 -44.97
CA SER E 359 1.41 50.49 -43.90
C SER E 359 -0.06 50.06 -43.92
N GLN E 360 -0.86 50.68 -43.07
CA GLN E 360 -2.30 50.46 -42.97
C GLN E 360 -2.66 49.00 -42.66
N CYS E 361 -1.67 48.21 -42.27
CA CYS E 361 -1.86 46.79 -42.00
C CYS E 361 -1.16 46.39 -40.71
N ASP E 362 -1.44 47.11 -39.64
CA ASP E 362 -0.73 46.96 -38.38
C ASP E 362 -1.21 45.74 -37.58
N ILE E 363 -2.08 44.93 -38.17
CA ILE E 363 -2.61 43.75 -37.51
C ILE E 363 -2.12 42.51 -38.23
N TRP E 364 -1.92 41.44 -37.48
CA TRP E 364 -1.42 40.18 -38.02
C TRP E 364 -2.58 39.36 -38.58
N TYR E 365 -2.28 38.10 -38.93
CA TYR E 365 -3.23 37.18 -39.56
C TYR E 365 -3.61 37.62 -40.97
N MET E 366 -2.70 38.35 -41.61
CA MET E 366 -2.78 38.65 -43.04
C MET E 366 -1.69 37.87 -43.75
N ARG E 367 -2.03 37.25 -44.89
CA ARG E 367 -1.09 36.47 -45.67
C ARG E 367 -1.09 36.97 -47.11
N PHE E 368 0.12 37.08 -47.68
CA PHE E 368 0.26 37.53 -49.06
C PHE E 368 0.18 36.34 -50.02
N SER E 369 0.60 36.58 -51.25
CA SER E 369 0.60 35.54 -52.29
C SER E 369 1.84 35.70 -53.16
N MET E 370 2.19 34.61 -53.85
CA MET E 370 3.33 34.57 -54.74
C MET E 370 2.92 34.00 -56.09
N ASP E 371 3.53 34.49 -57.15
CA ASP E 371 3.36 33.87 -58.45
C ASP E 371 4.03 32.50 -58.47
N PHE E 372 3.67 31.69 -59.46
CA PHE E 372 4.23 30.35 -59.55
C PHE E 372 5.74 30.37 -59.75
N TRP E 373 6.25 31.30 -60.55
CA TRP E 373 7.65 31.32 -60.92
C TRP E 373 8.51 32.14 -59.98
N GLN E 374 7.95 32.64 -58.89
CA GLN E 374 8.68 33.44 -57.90
C GLN E 374 9.29 34.67 -58.56
N LYS E 375 8.43 35.48 -59.18
CA LYS E 375 8.84 36.68 -59.88
C LYS E 375 7.98 37.89 -59.57
N MET E 376 6.97 37.76 -58.71
CA MET E 376 5.99 38.81 -58.54
C MET E 376 5.35 38.63 -57.17
N LEU E 377 5.40 39.68 -56.34
CA LEU E 377 4.84 39.66 -55.00
C LEU E 377 3.67 40.63 -54.92
N ALA E 378 2.55 40.16 -54.38
CA ALA E 378 1.36 40.97 -54.20
C ALA E 378 0.83 40.78 -52.79
N LEU E 379 0.62 41.87 -52.07
CA LEU E 379 0.09 41.84 -50.72
C LEU E 379 -1.09 42.81 -50.64
N GLY E 380 -2.17 42.36 -50.01
CA GLY E 380 -3.35 43.17 -49.80
C GLY E 380 -3.15 44.19 -48.72
N ASN E 381 -4.26 44.71 -48.20
CA ASN E 381 -4.20 45.66 -47.10
C ASN E 381 -5.47 45.58 -46.29
N GLN E 382 -5.36 45.95 -45.02
CA GLN E 382 -6.54 46.02 -44.17
C GLN E 382 -7.52 47.07 -44.69
N VAL E 383 -7.01 48.21 -45.14
CA VAL E 383 -7.86 49.27 -45.68
C VAL E 383 -8.27 48.94 -47.11
N GLY E 384 -7.84 47.78 -47.60
CA GLY E 384 -8.33 47.27 -48.87
C GLY E 384 -7.49 47.56 -50.09
N LYS E 385 -6.29 48.08 -49.93
CA LYS E 385 -5.44 48.33 -51.09
C LYS E 385 -4.49 47.16 -51.32
N LEU E 386 -3.64 47.31 -52.32
CA LEU E 386 -2.67 46.28 -52.67
C LEU E 386 -1.26 46.85 -52.61
N TYR E 387 -0.32 46.01 -52.18
CA TYR E 387 1.10 46.33 -52.16
C TYR E 387 1.82 45.31 -53.02
N VAL E 388 2.32 45.74 -54.16
CA VAL E 388 2.79 44.83 -55.21
C VAL E 388 4.24 45.16 -55.55
N TRP E 389 5.08 44.12 -55.62
CA TRP E 389 6.44 44.25 -56.08
C TRP E 389 6.84 42.99 -56.84
N ASP E 390 7.83 43.14 -57.72
CA ASP E 390 8.36 42.00 -58.45
C ASP E 390 9.55 41.41 -57.69
N LEU E 391 9.88 40.16 -58.03
CA LEU E 391 11.05 39.49 -57.48
C LEU E 391 12.24 39.56 -58.42
N GLU E 392 12.27 40.55 -59.32
CA GLU E 392 13.36 40.72 -60.25
C GLU E 392 14.50 41.49 -59.59
N VAL E 393 15.42 42.01 -60.41
CA VAL E 393 16.55 42.79 -59.92
C VAL E 393 16.07 44.01 -59.14
N GLU E 394 14.78 44.33 -59.25
CA GLU E 394 14.19 45.32 -58.37
C GLU E 394 14.37 44.87 -56.92
N ASP E 395 15.05 45.68 -56.14
CA ASP E 395 15.53 45.31 -54.82
C ASP E 395 15.16 46.40 -53.82
N PRO E 396 15.16 46.10 -52.52
CA PRO E 396 14.78 47.12 -51.53
C PRO E 396 15.72 48.31 -51.46
N HIS E 397 16.74 48.37 -52.32
CA HIS E 397 17.58 49.57 -52.41
C HIS E 397 16.72 50.79 -52.70
N LYS E 398 15.70 50.65 -53.54
CA LYS E 398 14.72 51.69 -53.76
C LYS E 398 13.29 51.25 -53.53
N ALA E 399 12.96 49.98 -53.73
CA ALA E 399 11.64 49.42 -53.44
C ALA E 399 10.55 50.19 -54.18
N LYS E 400 10.62 50.11 -55.51
CA LYS E 400 9.65 50.76 -56.39
C LYS E 400 8.34 50.00 -56.29
N CYS E 401 7.50 50.44 -55.36
CA CYS E 401 6.25 49.75 -55.07
C CYS E 401 5.20 50.01 -56.15
N THR E 402 4.21 49.12 -56.22
CA THR E 402 3.04 49.29 -57.06
C THR E 402 1.80 49.15 -56.18
N THR E 403 1.23 50.28 -55.79
CA THR E 403 0.09 50.25 -54.88
C THR E 403 -1.22 50.23 -55.65
N LEU E 404 -1.59 49.06 -56.16
CA LEU E 404 -2.89 48.90 -56.81
C LEU E 404 -4.00 49.02 -55.77
N THR E 405 -5.16 49.51 -56.21
CA THR E 405 -6.26 49.74 -55.29
C THR E 405 -7.58 49.71 -56.04
N HIS E 406 -8.57 49.04 -55.46
CA HIS E 406 -9.95 49.09 -55.92
C HIS E 406 -10.78 49.78 -54.84
N HIS E 407 -11.55 50.79 -55.25
CA HIS E 407 -12.32 51.58 -54.30
C HIS E 407 -13.40 50.75 -53.61
N LYS E 408 -13.97 49.77 -54.31
CA LYS E 408 -15.07 49.00 -53.75
C LYS E 408 -14.65 48.07 -52.62
N CYS E 409 -13.36 47.74 -52.53
CA CYS E 409 -12.87 46.83 -51.50
C CYS E 409 -12.01 47.60 -50.50
N GLY E 410 -12.52 47.75 -49.27
CA GLY E 410 -11.79 48.47 -48.26
C GLY E 410 -11.90 47.92 -46.85
N ALA E 411 -12.58 46.79 -46.67
CA ALA E 411 -12.87 46.30 -45.32
C ALA E 411 -11.66 45.63 -44.70
N ALA E 412 -11.25 44.47 -45.22
CA ALA E 412 -10.02 43.81 -44.82
C ALA E 412 -9.62 42.75 -45.83
N ILE E 413 -8.49 42.94 -46.50
CA ILE E 413 -8.02 41.93 -47.44
C ILE E 413 -7.35 40.82 -46.65
N ARG E 414 -8.09 39.72 -46.42
CA ARG E 414 -7.59 38.68 -45.54
C ARG E 414 -6.43 37.91 -46.16
N GLN E 415 -6.57 37.49 -47.41
CA GLN E 415 -5.51 36.78 -48.11
C GLN E 415 -5.50 37.15 -49.58
N THR E 416 -4.53 36.59 -50.30
CA THR E 416 -4.40 36.72 -51.74
C THR E 416 -3.92 35.39 -52.30
N SER E 417 -4.18 35.16 -53.59
CA SER E 417 -3.74 33.92 -54.22
C SER E 417 -3.49 34.14 -55.70
N PHE E 418 -2.31 33.75 -56.16
CA PHE E 418 -2.01 33.76 -57.58
C PHE E 418 -2.43 32.45 -58.23
N SER E 419 -2.53 32.46 -59.56
CA SER E 419 -2.68 31.22 -60.31
C SER E 419 -1.31 30.57 -60.48
N ARG E 420 -1.28 29.50 -61.28
CA ARG E 420 -0.01 28.83 -61.57
C ARG E 420 0.76 29.64 -62.60
N ASP E 421 0.34 30.89 -62.79
CA ASP E 421 0.97 31.85 -63.68
C ASP E 421 0.92 33.21 -62.99
N SER E 422 1.18 34.26 -63.75
CA SER E 422 1.07 35.62 -63.26
C SER E 422 -0.08 36.38 -63.91
N SER E 423 -1.06 35.67 -64.47
CA SER E 423 -2.15 36.32 -65.19
C SER E 423 -3.36 36.59 -64.31
N ILE E 424 -3.68 35.70 -63.37
CA ILE E 424 -4.89 35.82 -62.57
C ILE E 424 -4.52 35.96 -61.10
N LEU E 425 -5.08 36.99 -60.46
CA LEU E 425 -4.93 37.21 -59.04
C LEU E 425 -6.31 37.32 -58.41
N ILE E 426 -6.52 36.59 -57.32
CA ILE E 426 -7.78 36.61 -56.60
C ILE E 426 -7.52 37.16 -55.21
N ALA E 427 -8.11 38.31 -54.91
CA ALA E 427 -8.01 38.91 -53.59
C ALA E 427 -9.30 38.68 -52.83
N VAL E 428 -9.17 38.20 -51.59
CA VAL E 428 -10.31 37.85 -50.76
C VAL E 428 -10.39 38.83 -49.61
N CYS E 429 -11.56 39.43 -49.43
CA CYS E 429 -11.82 40.33 -48.32
C CYS E 429 -12.45 39.54 -47.18
N ASP E 430 -12.38 40.10 -45.97
CA ASP E 430 -12.89 39.38 -44.81
C ASP E 430 -14.40 39.21 -44.89
N ASP E 431 -15.12 40.22 -45.38
CA ASP E 431 -16.57 40.20 -45.35
C ASP E 431 -17.15 39.33 -46.46
N ALA E 432 -16.72 38.07 -46.52
CA ALA E 432 -17.28 37.07 -47.41
C ALA E 432 -17.19 37.45 -48.89
N SER E 433 -16.44 38.49 -49.21
CA SER E 433 -16.36 38.99 -50.57
C SER E 433 -14.96 38.78 -51.14
N ILE E 434 -14.90 38.39 -52.41
CA ILE E 434 -13.64 38.20 -53.13
C ILE E 434 -13.59 39.21 -54.26
N TRP E 435 -12.38 39.45 -54.75
CA TRP E 435 -12.12 40.49 -55.75
C TRP E 435 -11.02 39.98 -56.67
N ARG E 436 -11.40 39.51 -57.87
CA ARG E 436 -10.41 38.99 -58.79
C ARG E 436 -9.76 40.12 -59.59
N TRP E 437 -8.44 40.12 -59.64
CA TRP E 437 -7.66 41.02 -60.47
C TRP E 437 -6.94 40.22 -61.55
N ASP E 438 -7.14 40.61 -62.80
CA ASP E 438 -6.53 39.94 -63.93
C ASP E 438 -5.40 40.80 -64.47
N ARG E 439 -4.34 40.14 -64.94
CA ARG E 439 -3.17 40.86 -65.42
C ARG E 439 -3.52 41.68 -66.66
N LEU E 440 -3.04 42.92 -66.69
CA LEU E 440 -3.30 43.83 -67.78
C LEU E 440 -2.27 43.74 -68.90
N ARG E 441 -1.55 42.63 -68.99
CA ARG E 441 -0.58 42.43 -70.07
C ARG E 441 -1.31 42.07 -71.36
N THR G 23 1.22 39.34 -3.46
CA THR G 23 0.53 38.43 -4.37
C THR G 23 1.24 37.09 -4.49
N LYS G 24 0.51 36.01 -4.29
CA LYS G 24 1.07 34.67 -4.36
C LYS G 24 0.16 33.81 -5.23
N ALA G 25 0.77 33.01 -6.11
CA ALA G 25 0.01 32.15 -6.98
C ALA G 25 -0.59 30.99 -6.20
N ALA G 26 -1.59 30.34 -6.80
CA ALA G 26 -2.23 29.20 -6.18
C ALA G 26 -1.30 27.98 -6.27
N ARG G 27 -0.35 27.90 -5.35
CA ARG G 27 0.58 26.78 -5.30
C ARG G 27 -0.11 25.56 -4.72
N LYS G 28 0.05 24.42 -5.35
CA LYS G 28 -0.32 23.19 -4.68
C LYS G 28 0.73 22.83 -3.63
N SER G 29 0.27 22.27 -2.52
CA SER G 29 1.15 21.98 -1.40
C SER G 29 0.60 20.78 -0.63
N ALA G 30 1.48 20.17 0.15
CA ALA G 30 1.12 19.03 0.97
C ALA G 30 1.49 19.30 2.43
N PRO G 31 0.71 18.77 3.38
CA PRO G 31 1.02 18.99 4.80
C PRO G 31 2.43 18.57 5.16
N ALA G 32 3.22 19.48 5.72
CA ALA G 32 4.55 19.14 6.18
C ALA G 32 4.52 18.72 7.65
N THR G 33 5.49 17.90 8.04
CA THR G 33 5.56 17.38 9.40
C THR G 33 6.97 17.51 9.93
N GLY G 34 7.10 17.36 11.25
CA GLY G 34 8.39 17.40 11.90
C GLY G 34 8.54 16.33 12.97
N GLY G 35 7.85 15.21 12.80
CA GLY G 35 7.93 14.14 13.78
C GLY G 35 9.33 13.62 13.95
N VAL G 36 9.70 13.38 15.20
CA VAL G 36 11.05 12.97 15.57
C VAL G 36 10.93 11.93 16.69
N LYS G 37 12.00 11.16 16.88
CA LYS G 37 11.99 10.06 17.84
C LYS G 37 11.82 10.58 19.26
N LYS G 38 11.24 9.74 20.10
CA LYS G 38 10.98 9.90 21.53
C LYS G 38 12.07 9.23 22.35
N PRO G 39 12.75 9.97 23.24
CA PRO G 39 13.71 9.32 24.14
C PRO G 39 13.03 8.26 25.00
N HIS G 40 13.79 7.20 25.29
CA HIS G 40 13.25 6.05 25.99
C HIS G 40 13.57 6.10 27.46
N ARG G 41 12.55 5.94 28.30
CA ARG G 41 12.71 5.85 29.74
C ARG G 41 11.93 4.65 30.26
N TYR G 42 12.61 3.78 31.01
CA TYR G 42 11.93 2.67 31.65
C TYR G 42 10.96 3.18 32.72
N ARG G 43 9.87 2.44 32.90
CA ARG G 43 8.93 2.81 33.95
C ARG G 43 9.56 2.59 35.32
N PRO G 44 9.09 3.31 36.34
CA PRO G 44 9.69 3.14 37.67
C PRO G 44 9.57 1.71 38.17
N GLY G 45 10.65 1.24 38.78
CA GLY G 45 10.65 -0.08 39.41
C GLY G 45 11.30 -1.17 38.59
N THR G 46 11.04 -1.20 37.29
CA THR G 46 11.56 -2.30 36.48
C THR G 46 13.08 -2.32 36.47
N VAL G 47 13.73 -1.17 36.67
CA VAL G 47 15.18 -1.18 36.84
C VAL G 47 15.56 -1.96 38.08
N ALA G 48 14.85 -1.73 39.18
CA ALA G 48 15.17 -2.40 40.42
C ALA G 48 15.05 -3.91 40.29
N LEU G 49 13.97 -4.37 39.66
CA LEU G 49 13.79 -5.80 39.48
C LEU G 49 14.98 -6.41 38.75
N ARG G 50 15.48 -5.72 37.73
CA ARG G 50 16.68 -6.19 37.06
C ARG G 50 17.87 -6.18 38.01
N GLU G 51 17.93 -5.18 38.88
CA GLU G 51 19.00 -5.13 39.87
C GLU G 51 18.92 -6.29 40.84
N ILE G 52 17.71 -6.66 41.26
CA ILE G 52 17.56 -7.70 42.28
C ILE G 52 18.21 -8.98 41.79
N ARG G 53 17.86 -9.41 40.57
CA ARG G 53 18.36 -10.67 40.07
C ARG G 53 19.87 -10.63 39.87
N ARG G 54 20.36 -9.54 39.27
CA ARG G 54 21.80 -9.45 39.04
C ARG G 54 22.56 -9.38 40.35
N TYR G 55 22.01 -8.71 41.35
CA TYR G 55 22.71 -8.59 42.61
C TYR G 55 22.60 -9.88 43.42
N GLN G 56 21.44 -10.52 43.42
CA GLN G 56 21.32 -11.80 44.09
C GLN G 56 22.25 -12.83 43.48
N LYS G 57 22.35 -12.85 42.16
CA LYS G 57 23.33 -13.72 41.52
C LYS G 57 24.75 -13.29 41.88
N SER G 58 25.00 -11.99 41.91
CA SER G 58 26.32 -11.49 42.21
C SER G 58 26.71 -11.84 43.65
N THR G 59 28.02 -12.02 43.87
CA THR G 59 28.53 -12.42 45.16
C THR G 59 29.56 -11.47 45.75
N GLU G 60 29.94 -10.41 45.04
CA GLU G 60 30.97 -9.51 45.52
C GLU G 60 30.39 -8.52 46.52
N LEU G 61 31.29 -7.91 47.29
CA LEU G 61 30.87 -6.98 48.33
C LEU G 61 30.45 -5.66 47.69
N LEU G 62 29.54 -4.95 48.35
CA LEU G 62 28.88 -3.81 47.74
C LEU G 62 29.39 -2.45 48.20
N ILE G 63 29.97 -2.35 49.38
CA ILE G 63 30.43 -1.07 49.88
C ILE G 63 31.82 -0.77 49.35
N ARG G 64 32.06 0.48 49.00
CA ARG G 64 33.38 0.90 48.54
C ARG G 64 34.44 0.47 49.54
N LYS G 65 35.53 -0.13 49.02
CA LYS G 65 36.50 -0.78 49.89
C LYS G 65 37.19 0.22 50.82
N LEU G 66 37.69 1.33 50.28
CA LEU G 66 38.54 2.20 51.08
C LEU G 66 37.84 2.81 52.29
N PRO G 67 36.62 3.36 52.18
CA PRO G 67 36.07 4.10 53.34
C PRO G 67 36.01 3.30 54.62
N PHE G 68 35.86 1.97 54.53
CA PHE G 68 35.78 1.17 55.74
C PHE G 68 37.08 1.22 56.52
N GLN G 69 38.22 1.07 55.84
CA GLN G 69 39.49 1.02 56.55
C GLN G 69 39.73 2.29 57.34
N ARG G 70 39.35 3.44 56.79
CA ARG G 70 39.35 4.66 57.58
C ARG G 70 38.32 4.58 58.71
N LEU G 71 37.12 4.07 58.41
CA LEU G 71 36.05 4.08 59.40
C LEU G 71 36.41 3.22 60.60
N VAL G 72 36.93 2.02 60.36
CA VAL G 72 37.29 1.15 61.48
C VAL G 72 38.40 1.78 62.30
N ARG G 73 39.39 2.38 61.64
CA ARG G 73 40.47 3.03 62.38
C ARG G 73 39.94 4.16 63.23
N GLU G 74 38.95 4.90 62.73
CA GLU G 74 38.41 6.03 63.48
C GLU G 74 37.71 5.56 64.74
N ILE G 75 36.79 4.59 64.60
CA ILE G 75 36.04 4.13 65.75
C ILE G 75 36.96 3.44 66.75
N ALA G 76 37.87 2.60 66.26
CA ALA G 76 38.76 1.87 67.16
C ALA G 76 39.61 2.81 67.99
N GLN G 77 39.89 4.01 67.48
CA GLN G 77 40.73 4.95 68.22
C GLN G 77 40.08 5.35 69.54
N ASP G 78 38.75 5.31 69.61
CA ASP G 78 38.07 5.63 70.85
C ASP G 78 38.38 4.60 71.93
N PHE G 79 38.28 3.33 71.60
CA PHE G 79 38.46 2.29 72.60
C PHE G 79 39.91 2.20 73.05
N LYS G 80 40.85 2.41 72.14
CA LYS G 80 42.26 2.36 72.49
C LYS G 80 43.03 3.15 71.46
N THR G 81 44.30 3.37 71.73
CA THR G 81 45.15 4.19 70.87
C THR G 81 46.24 3.35 70.23
N ASP G 82 46.63 3.74 69.01
CA ASP G 82 47.69 3.08 68.25
C ASP G 82 47.35 1.59 68.04
N LEU G 83 46.36 1.33 67.19
CA LEU G 83 46.07 -0.05 66.80
C LEU G 83 46.42 -0.24 65.34
N ARG G 84 47.56 -0.86 65.09
CA ARG G 84 47.87 -1.31 63.74
C ARG G 84 46.94 -2.47 63.42
N PHE G 85 46.34 -2.43 62.23
CA PHE G 85 45.33 -3.40 61.85
C PHE G 85 45.91 -4.38 60.84
N GLN G 86 45.79 -5.66 61.13
CA GLN G 86 46.21 -6.67 60.17
C GLN G 86 45.29 -6.62 58.95
N SER G 87 45.89 -6.67 57.77
CA SER G 87 45.11 -6.49 56.55
C SER G 87 44.03 -7.55 56.42
N SER G 88 44.35 -8.80 56.74
CA SER G 88 43.37 -9.89 56.60
C SER G 88 42.17 -9.67 57.50
N ALA G 89 42.41 -9.14 58.70
CA ALA G 89 41.30 -8.94 59.63
C ALA G 89 40.31 -7.92 59.10
N VAL G 90 40.72 -7.09 58.14
CA VAL G 90 39.88 -5.97 57.74
C VAL G 90 38.62 -6.47 57.05
N MET G 91 38.76 -7.20 55.94
CA MET G 91 37.59 -7.47 55.10
C MET G 91 36.54 -8.26 55.85
N ALA G 92 36.92 -8.90 56.95
CA ALA G 92 35.94 -9.64 57.75
C ALA G 92 34.81 -8.73 58.21
N LEU G 93 35.15 -7.55 58.73
CA LEU G 93 34.12 -6.67 59.28
C LEU G 93 33.05 -6.36 58.25
N GLN G 94 33.47 -6.03 57.02
CA GLN G 94 32.49 -5.82 55.96
C GLN G 94 31.59 -7.04 55.80
N GLU G 95 32.16 -8.22 55.60
CA GLU G 95 31.34 -9.39 55.32
C GLU G 95 30.39 -9.67 56.48
N ALA G 96 30.90 -9.63 57.71
CA ALA G 96 30.04 -9.84 58.86
C ALA G 96 28.97 -8.76 58.93
N SER G 97 29.38 -7.50 58.80
CA SER G 97 28.39 -6.42 58.79
C SER G 97 27.46 -6.53 57.59
N GLU G 98 27.99 -6.95 56.44
CA GLU G 98 27.16 -7.01 55.25
C GLU G 98 26.02 -7.98 55.45
N ALA G 99 26.33 -9.21 55.84
CA ALA G 99 25.30 -10.22 56.03
C ALA G 99 24.34 -9.79 57.13
N TYR G 100 24.87 -9.26 58.22
CA TYR G 100 24.02 -8.73 59.28
C TYR G 100 23.08 -7.67 58.73
N LEU G 101 23.63 -6.74 57.95
CA LEU G 101 22.78 -5.74 57.31
C LEU G 101 21.82 -6.38 56.33
N VAL G 102 22.32 -7.31 55.51
CA VAL G 102 21.47 -7.96 54.51
C VAL G 102 20.34 -8.70 55.20
N ALA G 103 20.67 -9.49 56.23
CA ALA G 103 19.64 -10.20 56.97
C ALA G 103 18.68 -9.21 57.61
N LEU G 104 19.21 -8.13 58.17
CA LEU G 104 18.37 -7.13 58.81
C LEU G 104 17.48 -6.43 57.78
N PHE G 105 17.85 -6.53 56.51
CA PHE G 105 17.07 -5.86 55.48
C PHE G 105 15.87 -6.69 55.04
N GLU G 106 16.09 -7.97 54.73
CA GLU G 106 15.04 -8.77 54.11
C GLU G 106 13.81 -8.84 54.98
N ASP G 107 13.99 -9.13 56.27
CA ASP G 107 12.86 -9.25 57.17
C ASP G 107 12.10 -7.94 57.26
N THR G 108 12.78 -6.82 57.03
CA THR G 108 12.10 -5.54 57.07
C THR G 108 11.01 -5.47 56.00
N ASN G 109 11.26 -6.09 54.85
CA ASN G 109 10.24 -6.14 53.81
C ASN G 109 8.99 -6.83 54.32
N LEU G 110 9.15 -7.98 54.99
CA LEU G 110 7.99 -8.69 55.51
C LEU G 110 7.21 -7.82 56.47
N CYS G 111 7.91 -7.05 57.30
CA CYS G 111 7.23 -6.06 58.12
C CYS G 111 6.55 -5.02 57.24
N ALA G 112 7.20 -4.60 56.17
CA ALA G 112 6.63 -3.58 55.30
C ALA G 112 5.42 -4.11 54.55
N ILE G 113 5.55 -5.28 53.93
CA ILE G 113 4.45 -5.83 53.14
C ILE G 113 3.28 -6.15 54.03
N HIS G 114 3.55 -6.47 55.30
CA HIS G 114 2.49 -6.82 56.22
C HIS G 114 1.51 -5.66 56.36
N ALA G 115 2.01 -4.44 56.43
CA ALA G 115 1.14 -3.27 56.43
C ALA G 115 0.66 -2.90 55.04
N LYS G 116 0.82 -3.80 54.07
CA LYS G 116 0.29 -3.62 52.73
C LYS G 116 1.00 -2.50 51.98
N ARG G 117 2.11 -2.01 52.51
CA ARG G 117 2.89 -1.03 51.79
C ARG G 117 3.95 -1.74 50.93
N VAL G 118 4.73 -0.95 50.21
CA VAL G 118 5.79 -1.50 49.37
C VAL G 118 7.11 -0.84 49.74
N THR G 119 7.04 0.35 50.30
CA THR G 119 8.25 1.09 50.67
C THR G 119 8.53 0.91 52.16
N ILE G 120 9.80 0.76 52.51
CA ILE G 120 10.16 0.61 53.91
C ILE G 120 10.47 1.96 54.53
N MET G 121 10.06 2.15 55.77
CA MET G 121 10.35 3.36 56.52
C MET G 121 11.00 2.97 57.85
N PRO G 122 11.76 3.88 58.46
CA PRO G 122 12.55 3.52 59.63
C PRO G 122 11.73 3.01 60.81
N LYS G 123 10.45 3.38 60.91
CA LYS G 123 9.65 2.83 61.99
C LYS G 123 9.55 1.32 61.88
N ASP G 124 9.66 0.78 60.67
CA ASP G 124 9.68 -0.67 60.52
C ASP G 124 11.00 -1.26 60.96
N ILE G 125 12.12 -0.67 60.56
CA ILE G 125 13.42 -1.23 60.93
C ILE G 125 13.60 -1.21 62.44
N GLN G 126 12.93 -0.26 63.09
CA GLN G 126 12.91 -0.26 64.55
C GLN G 126 12.05 -1.40 65.08
N LEU G 127 10.87 -1.59 64.48
CA LEU G 127 10.00 -2.68 64.90
C LEU G 127 10.68 -4.02 64.71
N ALA G 128 11.34 -4.21 63.56
CA ALA G 128 11.99 -5.48 63.28
C ALA G 128 13.08 -5.78 64.30
N ARG G 129 13.89 -4.77 64.62
CA ARG G 129 14.97 -5.00 65.59
C ARG G 129 14.41 -5.26 66.97
N ARG G 130 13.16 -4.91 67.23
CA ARG G 130 12.55 -5.26 68.50
C ARG G 130 12.19 -6.73 68.54
N ILE G 131 11.52 -7.22 67.50
CA ILE G 131 11.00 -8.58 67.54
C ILE G 131 12.14 -9.58 67.69
N ARG G 132 13.26 -9.32 67.03
CA ARG G 132 14.44 -10.12 67.29
C ARG G 132 14.88 -10.02 68.74
N GLY G 133 14.54 -8.92 69.41
CA GLY G 133 14.98 -8.69 70.77
C GLY G 133 16.16 -7.76 70.89
N GLU G 134 16.86 -7.48 69.80
CA GLU G 134 18.07 -6.66 69.87
C GLU G 134 17.77 -5.20 70.17
N ARG G 135 16.56 -4.72 69.87
CA ARG G 135 16.26 -3.31 70.10
C ARG G 135 16.43 -2.95 71.57
N ALA G 136 15.91 -3.79 72.45
CA ALA G 136 16.05 -3.57 73.88
C ALA G 136 17.52 -3.59 74.24
N LYS H 21 38.23 17.16 49.89
CA LYS H 21 37.09 17.45 50.76
C LYS H 21 36.57 16.18 51.43
N VAL H 22 37.48 15.46 52.10
CA VAL H 22 37.14 14.20 52.74
C VAL H 22 37.29 14.24 54.25
N LEU H 23 37.78 15.34 54.82
CA LEU H 23 38.00 15.41 56.27
C LEU H 23 36.70 15.61 57.03
N ARG H 24 36.11 14.51 57.49
CA ARG H 24 34.93 14.56 58.35
C ARG H 24 34.80 13.19 59.02
N ASP H 25 33.65 12.98 59.65
CA ASP H 25 33.31 11.65 60.14
C ASP H 25 33.28 10.65 58.99
N ASN H 26 33.92 9.51 59.18
CA ASN H 26 33.97 8.54 58.09
C ASN H 26 32.67 7.77 57.94
N ILE H 27 31.72 7.94 58.85
CA ILE H 27 30.42 7.29 58.71
C ILE H 27 29.74 7.76 57.44
N GLN H 28 29.83 9.06 57.15
CA GLN H 28 29.31 9.55 55.88
C GLN H 28 30.10 9.03 54.69
N GLY H 29 31.27 8.45 54.91
CA GLY H 29 31.98 7.75 53.86
C GLY H 29 31.22 6.58 53.31
N ILE H 30 30.18 6.13 54.02
CA ILE H 30 29.26 5.12 53.53
C ILE H 30 28.25 5.79 52.63
N THR H 31 28.52 5.78 51.33
CA THR H 31 27.71 6.54 50.39
C THR H 31 26.29 6.00 50.31
N LYS H 32 25.34 6.90 50.08
CA LYS H 32 23.94 6.51 49.92
C LYS H 32 23.72 5.45 48.86
N PRO H 33 24.30 5.52 47.66
CA PRO H 33 24.09 4.42 46.69
C PRO H 33 24.55 3.07 47.19
N ALA H 34 25.61 3.02 48.00
CA ALA H 34 26.04 1.75 48.56
C ALA H 34 24.92 1.11 49.37
N ILE H 35 24.21 1.90 50.16
CA ILE H 35 23.03 1.40 50.85
C ILE H 35 21.98 0.94 49.85
N ARG H 36 21.74 1.75 48.82
CA ARG H 36 20.74 1.40 47.83
C ARG H 36 21.05 0.05 47.20
N ARG H 37 22.33 -0.24 47.00
CA ARG H 37 22.71 -1.54 46.45
C ARG H 37 22.35 -2.66 47.42
N LEU H 38 22.65 -2.49 48.70
CA LEU H 38 22.42 -3.56 49.66
C LEU H 38 20.94 -3.87 49.80
N ALA H 39 20.10 -2.84 49.77
CA ALA H 39 18.66 -3.07 49.82
C ALA H 39 18.23 -3.95 48.65
N ARG H 40 18.86 -3.80 47.50
CA ARG H 40 18.53 -4.63 46.36
C ARG H 40 18.87 -6.09 46.64
N ARG H 41 20.05 -6.33 47.21
CA ARG H 41 20.45 -7.71 47.47
C ARG H 41 19.52 -8.35 48.49
N GLY H 42 18.93 -7.56 49.36
CA GLY H 42 17.93 -8.08 50.27
C GLY H 42 16.56 -8.13 49.63
N GLY H 43 16.47 -7.70 48.38
CA GLY H 43 15.20 -7.72 47.69
C GLY H 43 14.30 -6.54 47.96
N VAL H 44 14.82 -5.45 48.53
CA VAL H 44 14.00 -4.28 48.79
C VAL H 44 13.76 -3.54 47.49
N LYS H 45 12.49 -3.27 47.19
CA LYS H 45 12.15 -2.57 45.96
C LYS H 45 12.28 -1.05 46.13
N ARG H 46 11.49 -0.47 47.02
CA ARG H 46 11.39 0.97 47.15
C ARG H 46 11.85 1.38 48.54
N ILE H 47 12.67 2.43 48.60
CA ILE H 47 13.30 2.88 49.84
C ILE H 47 12.95 4.35 50.04
N SER H 48 12.51 4.70 51.25
CA SER H 48 12.29 6.09 51.58
C SER H 48 13.59 6.76 51.98
N GLY H 49 13.62 8.09 51.85
CA GLY H 49 14.85 8.82 52.09
C GLY H 49 15.34 8.71 53.52
N LEU H 50 14.41 8.67 54.47
CA LEU H 50 14.78 8.69 55.88
C LEU H 50 15.49 7.42 56.32
N ILE H 51 15.55 6.39 55.48
CA ILE H 51 16.22 5.16 55.87
C ILE H 51 17.72 5.37 56.02
N TYR H 52 18.30 6.23 55.20
CA TYR H 52 19.75 6.33 55.10
C TYR H 52 20.43 6.72 56.42
N GLU H 53 19.67 7.28 57.36
CA GLU H 53 20.25 7.80 58.59
C GLU H 53 20.36 6.73 59.66
N GLU H 54 19.23 6.13 60.06
CA GLU H 54 19.27 5.11 61.10
C GLU H 54 20.13 3.94 60.67
N THR H 55 20.08 3.58 59.39
CA THR H 55 20.97 2.57 58.86
C THR H 55 22.42 2.90 59.21
N ARG H 56 22.80 4.16 59.09
CA ARG H 56 24.11 4.56 59.57
C ARG H 56 24.23 4.33 61.07
N GLY H 57 23.26 4.83 61.84
CA GLY H 57 23.32 4.63 63.28
C GLY H 57 23.25 3.17 63.66
N VAL H 58 22.34 2.43 63.03
CA VAL H 58 22.19 1.01 63.35
C VAL H 58 23.49 0.27 63.05
N LEU H 59 24.06 0.52 61.88
CA LEU H 59 25.34 -0.09 61.56
C LEU H 59 26.39 0.36 62.56
N LYS H 60 26.41 1.68 62.85
CA LYS H 60 27.34 2.22 63.82
C LYS H 60 27.29 1.46 65.13
N VAL H 61 26.06 1.19 65.61
CA VAL H 61 25.88 0.44 66.85
C VAL H 61 26.56 -0.92 66.72
N PHE H 62 26.41 -1.56 65.57
CA PHE H 62 26.91 -2.91 65.41
C PHE H 62 28.42 -2.97 65.60
N LEU H 63 29.14 -2.00 65.04
CA LEU H 63 30.58 -2.02 65.20
C LEU H 63 30.99 -1.88 66.65
N GLU H 64 30.27 -1.06 67.41
CA GLU H 64 30.69 -0.73 68.77
C GLU H 64 30.91 -2.00 69.59
N ASN H 65 29.98 -2.94 69.48
CA ASN H 65 30.09 -4.17 70.26
C ASN H 65 31.27 -5.02 69.77
N VAL H 66 31.35 -5.26 68.48
CA VAL H 66 32.29 -6.28 67.98
C VAL H 66 33.72 -5.85 68.22
N ILE H 67 34.05 -4.59 67.95
CA ILE H 67 35.43 -4.17 68.14
C ILE H 67 35.80 -4.17 69.61
N ARG H 68 34.87 -3.75 70.48
CA ARG H 68 35.14 -3.73 71.91
C ARG H 68 35.68 -5.07 72.38
N ASP H 69 34.98 -6.14 72.00
CA ASP H 69 35.50 -7.47 72.27
C ASP H 69 36.78 -7.72 71.47
N ALA H 70 36.78 -7.31 70.20
CA ALA H 70 37.95 -7.53 69.37
C ALA H 70 39.17 -6.85 69.96
N VAL H 71 38.99 -5.62 70.44
CA VAL H 71 40.07 -4.96 71.17
C VAL H 71 40.46 -5.79 72.37
N THR H 72 39.48 -6.32 73.09
CA THR H 72 39.74 -6.94 74.38
C THR H 72 40.70 -8.11 74.26
N TYR H 73 40.44 -9.02 73.31
CA TYR H 73 41.34 -10.16 73.15
C TYR H 73 42.74 -9.70 72.80
N THR H 74 42.85 -8.69 71.93
CA THR H 74 44.15 -8.22 71.51
C THR H 74 44.95 -7.69 72.70
N GLU H 75 44.35 -6.80 73.47
CA GLU H 75 45.10 -6.18 74.56
C GLU H 75 45.35 -7.18 75.69
N HIS H 76 44.45 -8.15 75.84
CA HIS H 76 44.71 -9.21 76.82
C HIS H 76 45.94 -10.01 76.42
N ALA H 77 46.07 -10.31 75.13
CA ALA H 77 47.28 -10.93 74.61
C ALA H 77 48.45 -9.97 74.56
N LYS H 78 48.27 -8.74 75.03
CA LYS H 78 49.25 -7.66 75.02
C LYS H 78 49.58 -7.20 73.61
N ARG H 79 48.95 -7.79 72.59
CA ARG H 79 49.23 -7.44 71.22
C ARG H 79 48.71 -6.04 70.91
N LYS H 80 49.49 -5.26 70.17
CA LYS H 80 49.03 -3.96 69.71
C LYS H 80 48.32 -4.04 68.37
N THR H 81 48.35 -5.20 67.73
CA THR H 81 47.82 -5.37 66.38
C THR H 81 46.59 -6.26 66.43
N VAL H 82 45.49 -5.78 65.86
CA VAL H 82 44.28 -6.59 65.78
C VAL H 82 44.44 -7.60 64.65
N THR H 83 44.30 -8.88 64.98
CA THR H 83 44.48 -9.95 64.01
C THR H 83 43.14 -10.56 63.65
N ALA H 84 43.16 -11.39 62.61
CA ALA H 84 41.91 -11.87 62.01
C ALA H 84 41.13 -12.77 62.94
N MET H 85 41.82 -13.69 63.60
CA MET H 85 41.12 -14.64 64.47
C MET H 85 40.40 -13.92 65.60
N ASP H 86 40.95 -12.81 66.08
CA ASP H 86 40.26 -12.05 67.10
C ASP H 86 38.87 -11.64 66.64
N VAL H 87 38.71 -11.36 65.35
CA VAL H 87 37.41 -10.95 64.84
C VAL H 87 36.40 -12.07 64.97
N VAL H 88 36.75 -13.26 64.49
CA VAL H 88 35.75 -14.33 64.43
C VAL H 88 35.33 -14.73 65.83
N TYR H 89 36.28 -14.69 66.77
CA TYR H 89 35.96 -15.08 68.14
C TYR H 89 34.86 -14.20 68.71
N ALA H 90 35.02 -12.88 68.56
CA ALA H 90 33.98 -11.97 69.02
C ALA H 90 32.69 -12.18 68.25
N LEU H 91 32.78 -12.38 66.93
CA LEU H 91 31.59 -12.63 66.14
C LEU H 91 30.90 -13.90 66.60
N LYS H 92 31.67 -14.91 67.00
CA LYS H 92 31.08 -16.12 67.53
C LYS H 92 30.30 -15.83 68.80
N ARG H 93 30.76 -14.85 69.58
CA ARG H 93 30.07 -14.54 70.84
C ARG H 93 28.66 -14.02 70.58
N GLN H 94 28.48 -13.20 69.56
CA GLN H 94 27.15 -12.66 69.27
C GLN H 94 26.25 -13.64 68.55
N GLY H 95 26.58 -14.92 68.54
CA GLY H 95 25.75 -15.89 67.87
C GLY H 95 25.79 -15.82 66.38
N ARG H 96 26.86 -15.27 65.80
CA ARG H 96 27.04 -15.21 64.35
C ARG H 96 28.43 -15.73 64.03
N THR H 97 28.53 -17.04 63.81
CA THR H 97 29.81 -17.65 63.46
C THR H 97 30.21 -17.24 62.06
N LEU H 98 31.51 -17.27 61.79
CA LEU H 98 32.08 -16.85 60.51
C LEU H 98 32.97 -17.96 59.97
N TYR H 99 32.46 -18.71 59.01
CA TYR H 99 33.29 -19.67 58.31
C TYR H 99 34.18 -18.95 57.30
N GLY H 100 35.41 -19.41 57.17
CA GLY H 100 36.24 -18.95 56.08
C GLY H 100 37.53 -18.25 56.45
N PHE H 101 37.70 -17.89 57.71
CA PHE H 101 38.86 -17.09 58.09
C PHE H 101 39.65 -17.66 59.25
N GLY H 102 39.58 -18.97 59.48
CA GLY H 102 40.39 -19.56 60.52
C GLY H 102 39.55 -20.33 61.53
N GLY H 103 40.20 -21.15 62.35
CA GLY H 103 39.51 -21.93 63.34
C GLY H 103 38.64 -23.02 62.74
N LYS I 4 -21.15 3.54 -51.90
CA LYS I 4 -22.45 3.06 -52.33
C LYS I 4 -23.51 3.31 -51.26
N GLU I 5 -24.78 3.22 -51.66
CA GLU I 5 -25.86 3.42 -50.72
C GLU I 5 -25.89 2.32 -49.67
N ALA I 6 -25.57 1.08 -50.07
CA ALA I 6 -25.53 -0.02 -49.12
C ALA I 6 -24.50 0.24 -48.04
N ALA I 7 -23.32 0.74 -48.43
CA ALA I 7 -22.33 1.15 -47.43
C ALA I 7 -22.87 2.28 -46.57
N PHE I 8 -23.54 3.25 -47.20
CA PHE I 8 -24.15 4.34 -46.45
C PHE I 8 -25.21 3.82 -45.49
N ASP I 9 -26.08 2.94 -45.98
CA ASP I 9 -27.14 2.41 -45.13
C ASP I 9 -26.57 1.58 -43.98
N ASP I 10 -25.53 0.79 -44.25
CA ASP I 10 -24.86 0.05 -43.18
C ASP I 10 -24.29 1.00 -42.14
N ALA I 11 -23.68 2.09 -42.59
CA ALA I 11 -23.19 3.10 -41.65
C ALA I 11 -24.34 3.66 -40.82
N VAL I 12 -25.47 3.93 -41.45
CA VAL I 12 -26.67 4.30 -40.72
C VAL I 12 -27.08 3.15 -39.78
N GLU I 13 -26.98 1.92 -40.28
CA GLU I 13 -27.30 0.77 -39.45
C GLU I 13 -26.39 0.68 -38.23
N GLU I 14 -25.13 1.12 -38.37
CA GLU I 14 -24.25 1.15 -37.22
C GLU I 14 -24.79 2.05 -36.12
N ARG I 15 -25.35 3.20 -36.51
CA ARG I 15 -26.00 4.05 -35.53
C ARG I 15 -27.22 3.35 -34.93
N VAL I 16 -27.98 2.62 -35.75
CA VAL I 16 -29.22 2.03 -35.27
C VAL I 16 -28.93 1.01 -34.19
N ILE I 17 -28.01 0.08 -34.45
CA ILE I 17 -27.75 -1.00 -33.50
C ILE I 17 -27.27 -0.42 -32.17
N ASN I 18 -26.48 0.65 -32.23
CA ASN I 18 -26.08 1.33 -31.01
C ASN I 18 -27.29 1.90 -30.28
N GLU I 19 -28.23 2.48 -31.03
CA GLU I 19 -29.45 2.99 -30.43
C GLU I 19 -30.27 1.88 -29.79
N GLU I 20 -30.43 0.75 -30.50
CA GLU I 20 -31.26 -0.33 -29.98
C GLU I 20 -30.67 -0.89 -28.69
N TYR I 21 -29.34 -1.08 -28.66
CA TYR I 21 -28.70 -1.54 -27.44
C TYR I 21 -28.92 -0.56 -26.31
N LYS I 22 -28.78 0.74 -26.59
CA LYS I 22 -29.05 1.76 -25.59
C LYS I 22 -30.49 1.66 -25.11
N ILE I 23 -31.43 1.55 -26.04
CA ILE I 23 -32.85 1.46 -25.67
C ILE I 23 -33.10 0.16 -24.92
N TRP I 24 -32.54 -0.94 -25.39
CA TRP I 24 -32.70 -2.22 -24.70
C TRP I 24 -32.12 -2.14 -23.29
N LYS I 25 -30.95 -1.51 -23.15
CA LYS I 25 -30.35 -1.36 -21.83
C LYS I 25 -31.28 -0.59 -20.90
N LYS I 26 -31.93 0.46 -21.42
CA LYS I 26 -32.81 1.28 -20.60
C LYS I 26 -33.95 0.46 -20.01
N ASN I 27 -34.55 -0.43 -20.81
CA ASN I 27 -35.69 -1.19 -20.36
C ASN I 27 -35.29 -2.51 -19.72
N THR I 28 -34.00 -2.88 -19.78
CA THR I 28 -33.57 -4.21 -19.37
C THR I 28 -33.84 -4.53 -17.90
N PRO I 29 -33.51 -3.68 -16.92
CA PRO I 29 -33.70 -4.08 -15.51
C PRO I 29 -35.13 -4.41 -15.14
N PHE I 30 -36.12 -3.74 -15.74
CA PHE I 30 -37.51 -3.95 -15.39
C PHE I 30 -38.10 -5.20 -16.04
N LEU I 31 -37.35 -5.84 -16.94
CA LEU I 31 -37.81 -7.04 -17.61
C LEU I 31 -36.89 -8.25 -17.39
N TYR I 32 -35.66 -8.03 -16.95
CA TYR I 32 -34.73 -9.11 -16.66
C TYR I 32 -34.39 -9.11 -15.18
N ASP I 33 -34.26 -10.31 -14.62
CA ASP I 33 -33.91 -10.46 -13.21
C ASP I 33 -32.41 -10.58 -12.97
N LEU I 34 -31.60 -10.65 -14.03
CA LEU I 34 -30.15 -10.73 -13.91
C LEU I 34 -29.51 -10.13 -15.15
N VAL I 35 -28.45 -9.35 -14.96
CA VAL I 35 -27.73 -8.77 -16.10
C VAL I 35 -26.24 -8.91 -15.93
N MET I 36 -25.64 -9.87 -16.64
CA MET I 36 -24.19 -10.06 -16.65
C MET I 36 -23.66 -9.73 -18.03
N THR I 37 -22.51 -9.08 -18.07
CA THR I 37 -21.84 -8.80 -19.33
C THR I 37 -20.33 -8.90 -19.15
N HIS I 38 -19.67 -9.50 -20.15
CA HIS I 38 -18.22 -9.62 -20.16
C HIS I 38 -17.75 -9.72 -21.60
N ALA I 39 -16.63 -9.08 -21.91
CA ALA I 39 -16.05 -9.10 -23.24
C ALA I 39 -14.74 -9.88 -23.22
N LEU I 40 -14.51 -10.69 -24.24
CA LEU I 40 -13.35 -11.57 -24.27
C LEU I 40 -12.36 -11.08 -25.32
N GLU I 41 -11.09 -11.41 -25.14
CA GLU I 41 -10.04 -10.91 -26.03
C GLU I 41 -10.25 -11.37 -27.46
N TRP I 42 -10.61 -12.63 -27.66
CA TRP I 42 -10.78 -13.20 -28.99
C TRP I 42 -12.12 -13.92 -29.05
N PRO I 43 -12.91 -13.70 -30.09
CA PRO I 43 -14.24 -14.30 -30.15
C PRO I 43 -14.19 -15.82 -30.11
N SER I 44 -15.20 -16.41 -29.48
CA SER I 44 -15.36 -17.86 -29.41
C SER I 44 -16.65 -18.23 -30.12
N LEU I 45 -16.56 -19.24 -31.00
CA LEU I 45 -17.70 -19.58 -31.83
C LEU I 45 -18.82 -20.23 -31.02
N THR I 46 -18.49 -21.18 -30.14
CA THR I 46 -19.47 -21.93 -29.38
C THR I 46 -19.10 -21.92 -27.90
N ALA I 47 -20.10 -22.15 -27.05
CA ALA I 47 -19.88 -22.24 -25.61
C ALA I 47 -20.91 -23.18 -25.00
N GLN I 48 -20.52 -23.83 -23.91
CA GLN I 48 -21.40 -24.76 -23.23
C GLN I 48 -21.03 -24.82 -21.75
N TRP I 49 -22.04 -25.05 -20.93
CA TRP I 49 -21.85 -25.13 -19.48
C TRP I 49 -21.33 -26.50 -19.07
N LEU I 50 -20.42 -26.50 -18.10
CA LEU I 50 -20.06 -27.76 -17.46
C LEU I 50 -21.24 -28.27 -16.63
N PRO I 51 -21.61 -29.53 -16.78
CA PRO I 51 -22.75 -30.05 -16.00
C PRO I 51 -22.52 -29.98 -14.50
N ASP I 52 -21.28 -30.20 -14.06
CA ASP I 52 -20.96 -30.13 -12.66
C ASP I 52 -21.07 -28.70 -12.15
N VAL I 53 -21.62 -28.53 -10.95
CA VAL I 53 -21.81 -27.23 -10.34
C VAL I 53 -21.70 -27.37 -8.83
N THR I 54 -21.29 -26.29 -8.18
CA THR I 54 -21.19 -26.25 -6.73
C THR I 54 -21.58 -24.87 -6.24
N ARG I 55 -22.34 -24.83 -5.15
CA ARG I 55 -22.79 -23.56 -4.58
C ARG I 55 -22.15 -23.36 -3.22
N PRO I 56 -21.35 -22.32 -3.02
CA PRO I 56 -20.68 -22.13 -1.73
C PRO I 56 -21.68 -21.83 -0.63
N GLU I 57 -21.38 -22.33 0.57
CA GLU I 57 -22.26 -22.14 1.71
C GLU I 57 -22.28 -20.68 2.14
N GLY I 58 -23.47 -20.19 2.49
CA GLY I 58 -23.62 -18.82 2.94
C GLY I 58 -23.29 -17.76 1.90
N LYS I 59 -23.19 -18.14 0.63
CA LYS I 59 -22.79 -17.25 -0.44
C LYS I 59 -23.76 -17.39 -1.60
N ASP I 60 -24.43 -16.29 -1.95
CA ASP I 60 -25.42 -16.33 -3.01
C ASP I 60 -24.78 -16.68 -4.34
N PHE I 61 -23.62 -16.11 -4.65
CA PHE I 61 -22.96 -16.37 -5.92
C PHE I 61 -22.60 -17.84 -6.04
N SER I 62 -23.08 -18.48 -7.11
CA SER I 62 -22.85 -19.90 -7.30
C SER I 62 -21.70 -20.13 -8.26
N ILE I 63 -20.90 -21.16 -7.97
CA ILE I 63 -19.70 -21.46 -8.73
C ILE I 63 -20.11 -22.25 -9.96
N HIS I 64 -19.95 -21.65 -11.14
CA HIS I 64 -20.23 -22.30 -12.40
C HIS I 64 -19.01 -22.20 -13.30
N ARG I 65 -18.85 -23.20 -14.17
CA ARG I 65 -17.71 -23.25 -15.08
C ARG I 65 -18.18 -23.36 -16.52
N LEU I 66 -17.55 -22.59 -17.39
CA LEU I 66 -17.86 -22.56 -18.81
C LEU I 66 -16.62 -22.90 -19.62
N VAL I 67 -16.81 -23.55 -20.75
CA VAL I 67 -15.73 -23.93 -21.65
C VAL I 67 -15.97 -23.25 -23.00
N LEU I 68 -14.88 -22.78 -23.60
CA LEU I 68 -14.95 -22.06 -24.87
C LEU I 68 -13.69 -22.31 -25.66
N GLY I 69 -13.71 -21.88 -26.92
CA GLY I 69 -12.54 -21.91 -27.78
C GLY I 69 -11.98 -20.54 -28.03
N THR I 70 -11.18 -20.43 -29.08
CA THR I 70 -10.58 -19.15 -29.43
C THR I 70 -10.59 -18.98 -30.94
N HIS I 71 -10.99 -17.80 -31.38
CA HIS I 71 -10.90 -17.41 -32.79
C HIS I 71 -10.16 -16.08 -32.87
N THR I 72 -9.06 -16.09 -33.61
CA THR I 72 -8.20 -14.92 -33.71
C THR I 72 -7.85 -14.66 -35.15
N SER I 73 -7.30 -13.47 -35.40
CA SER I 73 -6.90 -13.10 -36.76
C SER I 73 -5.69 -13.91 -37.22
N ASP I 74 -4.58 -13.79 -36.50
CA ASP I 74 -3.36 -14.48 -36.90
C ASP I 74 -2.56 -15.05 -35.74
N GLU I 75 -3.05 -14.97 -34.52
CA GLU I 75 -2.28 -15.33 -33.34
C GLU I 75 -2.61 -16.79 -32.99
N GLN I 76 -2.02 -17.31 -31.92
CA GLN I 76 -2.31 -18.66 -31.47
C GLN I 76 -3.67 -18.72 -30.78
N ASN I 77 -4.47 -19.69 -31.17
CA ASN I 77 -5.76 -19.93 -30.54
C ASN I 77 -5.59 -20.91 -29.37
N HIS I 78 -6.52 -20.83 -28.43
CA HIS I 78 -6.46 -21.65 -27.23
C HIS I 78 -7.82 -22.24 -26.92
N LEU I 79 -7.80 -23.38 -26.22
CA LEU I 79 -9.00 -23.94 -25.64
C LEU I 79 -9.08 -23.46 -24.20
N VAL I 80 -10.20 -22.83 -23.86
CA VAL I 80 -10.29 -22.07 -22.62
C VAL I 80 -11.49 -22.55 -21.82
N ILE I 81 -11.29 -22.65 -20.50
CA ILE I 81 -12.36 -22.92 -19.55
C ILE I 81 -12.37 -21.80 -18.53
N ALA I 82 -13.55 -21.24 -18.30
CA ALA I 82 -13.68 -20.05 -17.45
C ALA I 82 -14.73 -20.30 -16.38
N SER I 83 -14.53 -19.72 -15.21
CA SER I 83 -15.47 -19.85 -14.11
C SER I 83 -16.23 -18.54 -13.89
N VAL I 84 -17.43 -18.66 -13.33
CA VAL I 84 -18.32 -17.53 -13.13
C VAL I 84 -19.14 -17.74 -11.87
N GLN I 85 -19.41 -16.64 -11.16
CA GLN I 85 -20.19 -16.65 -9.93
C GLN I 85 -21.48 -15.88 -10.15
N LEU I 86 -22.62 -16.48 -9.81
CA LEU I 86 -23.91 -15.86 -10.04
C LEU I 86 -24.76 -16.01 -8.78
N PRO I 87 -25.42 -14.93 -8.34
CA PRO I 87 -26.13 -14.97 -7.06
C PRO I 87 -27.32 -15.92 -7.06
N ASN I 88 -27.20 -17.02 -6.32
CA ASN I 88 -28.35 -17.88 -6.10
C ASN I 88 -29.47 -17.14 -5.37
N ASP I 89 -29.11 -16.32 -4.39
CA ASP I 89 -30.06 -15.47 -3.69
C ASP I 89 -29.93 -14.05 -4.22
N ASP I 90 -31.05 -13.50 -4.68
CA ASP I 90 -31.06 -12.10 -5.13
C ASP I 90 -31.33 -11.14 -3.99
N ALA I 91 -31.71 -11.63 -2.81
CA ALA I 91 -31.93 -10.77 -1.66
C ALA I 91 -30.65 -10.13 -1.15
N GLN I 92 -29.50 -10.71 -1.48
CA GLN I 92 -28.21 -10.19 -1.02
C GLN I 92 -27.77 -9.06 -1.94
N PHE I 93 -27.83 -7.83 -1.43
CA PHE I 93 -27.36 -6.67 -2.17
C PHE I 93 -25.90 -6.37 -1.83
N GLY I 106 -19.85 -3.11 -5.86
CA GLY I 106 -20.25 -4.41 -5.33
C GLY I 106 -21.75 -4.52 -5.16
N GLY I 107 -22.46 -4.56 -6.30
CA GLY I 107 -23.91 -4.54 -6.31
C GLY I 107 -24.57 -5.60 -5.44
N PHE I 108 -24.34 -6.88 -5.74
CA PHE I 108 -24.89 -7.95 -4.92
C PHE I 108 -23.81 -8.56 -4.02
N GLY I 109 -22.61 -8.76 -4.57
CA GLY I 109 -21.52 -9.37 -3.85
C GLY I 109 -20.35 -8.43 -3.65
N SER I 110 -19.17 -9.01 -3.48
CA SER I 110 -17.97 -8.23 -3.27
C SER I 110 -17.57 -7.50 -4.55
N VAL I 111 -16.72 -6.48 -4.39
CA VAL I 111 -16.23 -5.71 -5.52
C VAL I 111 -15.18 -6.44 -6.33
N SER I 112 -14.73 -7.61 -5.88
CA SER I 112 -13.60 -8.29 -6.49
C SER I 112 -13.91 -8.89 -7.86
N GLY I 113 -15.17 -8.91 -8.27
CA GLY I 113 -15.53 -9.53 -9.53
C GLY I 113 -15.96 -10.99 -9.36
N LYS I 114 -16.77 -11.45 -10.31
CA LYS I 114 -17.42 -12.75 -10.17
C LYS I 114 -17.17 -13.64 -11.38
N ILE I 115 -16.17 -13.30 -12.20
CA ILE I 115 -15.94 -14.02 -13.44
C ILE I 115 -14.45 -13.98 -13.75
N GLU I 116 -13.94 -15.06 -14.33
CA GLU I 116 -12.51 -15.18 -14.62
C GLU I 116 -12.31 -16.40 -15.50
N ILE I 117 -11.06 -16.57 -15.94
CA ILE I 117 -10.64 -17.70 -16.77
C ILE I 117 -9.54 -18.44 -16.02
N GLU I 118 -9.58 -19.78 -16.08
CA GLU I 118 -8.62 -20.59 -15.36
C GLU I 118 -7.80 -21.51 -16.24
N ILE I 119 -8.34 -21.96 -17.37
CA ILE I 119 -7.72 -23.01 -18.18
C ILE I 119 -7.45 -22.47 -19.57
N LYS I 120 -6.22 -22.67 -20.05
CA LYS I 120 -5.83 -22.35 -21.42
C LYS I 120 -4.94 -23.45 -21.97
N ILE I 121 -5.26 -23.93 -23.17
CA ILE I 121 -4.47 -24.92 -23.88
C ILE I 121 -4.43 -24.53 -25.35
N ASN I 122 -3.27 -24.69 -25.98
CA ASN I 122 -3.09 -24.28 -27.36
C ASN I 122 -4.10 -24.98 -28.27
N HIS I 123 -4.82 -24.19 -29.06
CA HIS I 123 -5.82 -24.69 -29.98
C HIS I 123 -5.41 -24.34 -31.40
N GLU I 124 -5.82 -25.19 -32.35
CA GLU I 124 -5.46 -25.02 -33.75
C GLU I 124 -6.68 -24.53 -34.52
N GLY I 125 -6.50 -23.46 -35.30
CA GLY I 125 -7.62 -22.89 -36.02
C GLY I 125 -8.65 -22.34 -35.06
N GLU I 126 -9.92 -22.57 -35.37
CA GLU I 126 -11.01 -22.13 -34.51
C GLU I 126 -11.92 -23.32 -34.23
N VAL I 127 -12.54 -23.28 -33.05
CA VAL I 127 -13.39 -24.38 -32.63
C VAL I 127 -14.70 -24.34 -33.41
N ASN I 128 -14.81 -25.18 -34.44
CA ASN I 128 -16.06 -25.29 -35.18
C ASN I 128 -17.18 -25.78 -34.28
N ARG I 129 -16.89 -26.79 -33.46
CA ARG I 129 -17.86 -27.33 -32.52
C ARG I 129 -17.12 -28.15 -31.48
N ALA I 130 -17.51 -28.00 -30.22
CA ALA I 130 -16.87 -28.75 -29.15
C ALA I 130 -17.89 -29.03 -28.05
N ARG I 131 -17.79 -30.23 -27.48
CA ARG I 131 -18.65 -30.65 -26.38
C ARG I 131 -17.89 -31.61 -25.51
N TYR I 132 -18.40 -31.81 -24.29
CA TYR I 132 -17.91 -32.83 -23.39
C TYR I 132 -18.77 -34.08 -23.51
N MET I 133 -18.13 -35.24 -23.46
CA MET I 133 -18.91 -36.47 -23.49
C MET I 133 -19.58 -36.68 -22.13
N PRO I 134 -20.88 -36.94 -22.10
CA PRO I 134 -21.63 -36.86 -20.84
C PRO I 134 -21.11 -37.74 -19.73
N GLN I 135 -20.72 -38.98 -20.02
CA GLN I 135 -20.30 -39.88 -18.97
C GLN I 135 -19.02 -39.42 -18.28
N ASN I 136 -18.28 -38.49 -18.89
CA ASN I 136 -17.12 -37.88 -18.25
C ASN I 136 -16.87 -36.53 -18.89
N PRO I 137 -17.40 -35.45 -18.30
CA PRO I 137 -17.24 -34.13 -18.92
C PRO I 137 -15.79 -33.68 -19.03
N CYS I 138 -14.88 -34.31 -18.29
CA CYS I 138 -13.47 -33.93 -18.36
C CYS I 138 -12.91 -34.13 -19.76
N ILE I 139 -13.27 -35.21 -20.43
CA ILE I 139 -12.86 -35.47 -21.81
C ILE I 139 -13.80 -34.75 -22.74
N ILE I 140 -13.24 -34.02 -23.71
CA ILE I 140 -14.03 -33.28 -24.69
C ILE I 140 -13.48 -33.55 -26.08
N ALA I 141 -14.33 -33.33 -27.09
CA ALA I 141 -13.92 -33.35 -28.48
C ALA I 141 -14.20 -32.00 -29.11
N THR I 142 -13.35 -31.59 -30.04
CA THR I 142 -13.44 -30.27 -30.65
C THR I 142 -13.36 -30.37 -32.15
N LYS I 143 -14.33 -29.77 -32.84
CA LYS I 143 -14.27 -29.67 -34.28
C LYS I 143 -13.35 -28.53 -34.68
N THR I 144 -12.41 -28.81 -35.58
CA THR I 144 -11.37 -27.86 -35.95
C THR I 144 -11.34 -27.69 -37.46
N PRO I 145 -10.73 -26.62 -37.97
CA PRO I 145 -10.57 -26.51 -39.43
C PRO I 145 -9.80 -27.66 -40.04
N SER I 146 -8.90 -28.30 -39.27
CA SER I 146 -8.23 -29.50 -39.74
C SER I 146 -9.22 -30.66 -39.80
N SER I 147 -8.87 -31.66 -40.62
CA SER I 147 -9.75 -32.80 -40.82
C SER I 147 -9.93 -33.62 -39.54
N ASP I 148 -8.85 -33.82 -38.79
CA ASP I 148 -8.92 -34.63 -37.57
C ASP I 148 -9.69 -33.88 -36.49
N VAL I 149 -10.61 -34.57 -35.83
CA VAL I 149 -11.37 -33.97 -34.74
C VAL I 149 -10.57 -34.14 -33.45
N LEU I 150 -10.17 -33.03 -32.85
CA LEU I 150 -9.28 -33.08 -31.70
C LEU I 150 -10.04 -33.44 -30.43
N VAL I 151 -9.36 -34.18 -29.55
CA VAL I 151 -9.92 -34.63 -28.28
C VAL I 151 -8.99 -34.23 -27.16
N PHE I 152 -9.55 -33.70 -26.08
CA PHE I 152 -8.76 -33.24 -24.95
C PHE I 152 -9.45 -33.58 -23.64
N ASP I 153 -8.64 -33.68 -22.58
CA ASP I 153 -9.12 -33.70 -21.21
C ASP I 153 -8.29 -32.70 -20.42
N TYR I 154 -8.96 -31.71 -19.82
CA TYR I 154 -8.24 -30.69 -19.07
C TYR I 154 -7.58 -31.22 -17.81
N THR I 155 -8.01 -32.39 -17.32
CA THR I 155 -7.36 -32.97 -16.15
C THR I 155 -5.91 -33.34 -16.41
N LYS I 156 -5.64 -33.98 -17.55
CA LYS I 156 -4.27 -34.40 -17.86
C LYS I 156 -3.42 -33.22 -18.33
N HIS I 157 -4.01 -32.31 -19.10
CA HIS I 157 -3.27 -31.20 -19.66
C HIS I 157 -3.15 -30.05 -18.64
N PRO I 158 -2.07 -29.28 -18.70
CA PRO I 158 -1.92 -28.16 -17.77
C PRO I 158 -2.96 -27.08 -18.01
N SER I 159 -3.43 -26.47 -16.92
CA SER I 159 -4.37 -25.36 -17.02
C SER I 159 -3.72 -24.16 -17.70
N LYS I 160 -2.47 -23.88 -17.39
CA LYS I 160 -1.75 -22.79 -18.00
C LYS I 160 -1.56 -23.04 -19.49
N PRO I 161 -1.64 -21.99 -20.31
CA PRO I 161 -1.32 -22.15 -21.73
C PRO I 161 0.15 -22.50 -21.90
N ASP I 162 0.43 -23.30 -22.91
CA ASP I 162 1.81 -23.66 -23.24
C ASP I 162 2.31 -22.72 -24.33
N PRO I 163 3.24 -21.81 -24.02
CA PRO I 163 3.66 -20.82 -25.02
C PRO I 163 4.44 -21.41 -26.18
N SER I 164 4.91 -22.66 -26.06
CA SER I 164 5.66 -23.28 -27.14
C SER I 164 4.85 -23.41 -28.42
N GLY I 165 3.52 -23.34 -28.32
CA GLY I 165 2.66 -23.48 -29.48
C GLY I 165 2.25 -24.90 -29.79
N GLU I 166 2.95 -25.89 -29.24
CA GLU I 166 2.57 -27.28 -29.45
C GLU I 166 1.25 -27.58 -28.75
N CYS I 167 0.43 -28.38 -29.41
CA CYS I 167 -0.80 -28.90 -28.84
C CYS I 167 -0.70 -30.42 -28.75
N ASN I 168 -1.50 -31.00 -27.86
CA ASN I 168 -1.51 -32.45 -27.63
C ASN I 168 -2.93 -32.95 -27.74
N PRO I 169 -3.48 -33.02 -28.96
CA PRO I 169 -4.83 -33.57 -29.16
C PRO I 169 -4.86 -35.09 -28.97
N ASP I 170 -4.57 -35.52 -27.75
CA ASP I 170 -4.48 -36.94 -27.46
C ASP I 170 -5.83 -37.60 -27.67
N LEU I 171 -5.80 -38.77 -28.31
CA LEU I 171 -7.00 -39.52 -28.67
C LEU I 171 -7.90 -38.73 -29.61
N ARG I 172 -7.31 -37.90 -30.47
CA ARG I 172 -8.10 -37.19 -31.47
C ARG I 172 -8.70 -38.19 -32.46
N LEU I 173 -9.66 -37.70 -33.24
CA LEU I 173 -10.47 -38.57 -34.10
C LEU I 173 -10.19 -38.26 -35.56
N ARG I 174 -9.91 -39.30 -36.32
CA ARG I 174 -9.78 -39.24 -37.76
C ARG I 174 -10.99 -39.92 -38.41
N GLY I 175 -11.19 -39.60 -39.69
CA GLY I 175 -12.30 -40.20 -40.42
C GLY I 175 -13.00 -39.23 -41.34
N HIS I 176 -12.95 -37.93 -41.00
CA HIS I 176 -13.52 -36.92 -41.86
C HIS I 176 -12.42 -36.32 -42.75
N GLN I 177 -12.72 -36.21 -44.04
CA GLN I 177 -11.73 -35.71 -44.99
C GLN I 177 -11.46 -34.22 -44.80
N LYS I 178 -12.49 -33.46 -44.46
CA LYS I 178 -12.38 -32.02 -44.27
C LYS I 178 -13.00 -31.66 -42.93
N GLU I 179 -12.99 -30.36 -42.61
CA GLU I 179 -13.65 -29.89 -41.41
C GLU I 179 -15.16 -29.90 -41.61
N GLY I 180 -15.88 -29.46 -40.59
CA GLY I 180 -17.32 -29.40 -40.67
C GLY I 180 -17.91 -28.95 -39.36
N TYR I 181 -19.24 -29.06 -39.28
CA TYR I 181 -19.99 -28.72 -38.09
C TYR I 181 -20.95 -29.86 -37.77
N GLY I 182 -21.23 -30.04 -36.48
CA GLY I 182 -22.09 -31.13 -36.05
C GLY I 182 -21.36 -32.14 -35.19
N LEU I 183 -21.73 -32.19 -33.92
CA LEU I 183 -21.09 -33.09 -32.96
C LEU I 183 -22.16 -33.57 -31.99
N SER I 184 -22.15 -34.87 -31.67
CA SER I 184 -23.13 -35.43 -30.75
C SER I 184 -22.60 -36.72 -30.16
N TRP I 185 -22.28 -36.69 -28.87
CA TRP I 185 -21.95 -37.90 -28.13
C TRP I 185 -23.22 -38.72 -27.88
N ASN I 186 -23.04 -40.03 -27.82
CA ASN I 186 -24.17 -40.90 -27.48
C ASN I 186 -24.55 -40.68 -26.02
N PRO I 187 -25.80 -40.33 -25.73
CA PRO I 187 -26.20 -40.14 -24.33
C PRO I 187 -26.10 -41.39 -23.50
N ASN I 188 -26.14 -42.57 -24.12
CA ASN I 188 -26.09 -43.84 -23.40
C ASN I 188 -24.76 -44.55 -23.62
N LEU I 189 -24.30 -44.64 -24.87
CA LEU I 189 -23.04 -45.32 -25.16
C LEU I 189 -21.87 -44.40 -24.82
N SER I 190 -20.98 -44.87 -23.95
CA SER I 190 -19.79 -44.10 -23.62
C SER I 190 -18.79 -44.18 -24.74
N GLY I 191 -18.26 -43.02 -25.14
CA GLY I 191 -17.28 -42.98 -26.19
C GLY I 191 -17.82 -42.99 -27.60
N HIS I 192 -19.13 -42.96 -27.77
CA HIS I 192 -19.73 -42.99 -29.10
C HIS I 192 -20.24 -41.61 -29.46
N LEU I 193 -19.78 -41.10 -30.60
CA LEU I 193 -20.16 -39.76 -31.03
C LEU I 193 -20.29 -39.73 -32.54
N LEU I 194 -21.25 -38.94 -33.02
CA LEU I 194 -21.46 -38.74 -34.44
C LEU I 194 -20.99 -37.35 -34.83
N SER I 195 -20.16 -37.28 -35.88
CA SER I 195 -19.63 -36.02 -36.37
C SER I 195 -19.98 -35.84 -37.83
N ALA I 196 -20.35 -34.61 -38.18
CA ALA I 196 -20.70 -34.28 -39.55
C ALA I 196 -19.59 -33.44 -40.17
N SER I 197 -19.52 -33.46 -41.51
CA SER I 197 -18.44 -32.79 -42.20
C SER I 197 -18.93 -32.29 -43.56
N ASP I 198 -18.06 -31.56 -44.24
CA ASP I 198 -18.33 -31.07 -45.58
C ASP I 198 -18.15 -32.22 -46.58
N ASP I 199 -17.59 -33.32 -46.11
CA ASP I 199 -17.45 -34.52 -46.92
C ASP I 199 -18.78 -35.21 -47.18
N HIS I 200 -19.90 -34.61 -46.77
CA HIS I 200 -21.24 -35.18 -46.84
C HIS I 200 -21.34 -36.51 -46.11
N THR I 201 -20.42 -36.77 -45.19
CA THR I 201 -20.34 -38.04 -44.48
C THR I 201 -20.44 -37.81 -42.99
N ILE I 202 -21.03 -38.78 -42.29
CA ILE I 202 -21.15 -38.78 -40.85
C ILE I 202 -20.27 -39.90 -40.30
N CYS I 203 -19.34 -39.55 -39.43
CA CYS I 203 -18.37 -40.49 -38.90
C CYS I 203 -18.62 -40.74 -37.42
N LEU I 204 -18.30 -41.96 -37.00
CA LEU I 204 -18.53 -42.43 -35.65
C LEU I 204 -17.24 -42.97 -35.06
N TRP I 205 -17.11 -42.86 -33.73
CA TRP I 205 -15.95 -43.37 -33.03
C TRP I 205 -16.41 -44.05 -31.74
N ASP I 206 -15.55 -44.92 -31.20
CA ASP I 206 -15.79 -45.58 -29.92
C ASP I 206 -14.59 -45.27 -29.02
N ILE I 207 -14.70 -44.20 -28.24
CA ILE I 207 -13.61 -43.77 -27.39
C ILE I 207 -13.35 -44.79 -26.28
N SER I 208 -14.41 -45.40 -25.76
CA SER I 208 -14.23 -46.39 -24.71
C SER I 208 -13.36 -47.55 -25.17
N ALA I 209 -13.39 -47.85 -26.47
CA ALA I 209 -12.60 -48.94 -27.03
C ALA I 209 -11.26 -48.47 -27.62
N VAL I 210 -10.92 -47.20 -27.47
CA VAL I 210 -9.70 -46.68 -28.10
C VAL I 210 -8.46 -47.17 -27.36
N PRO I 211 -7.55 -47.87 -28.03
CA PRO I 211 -6.29 -48.27 -27.40
C PRO I 211 -5.21 -47.22 -27.58
N LYS I 212 -3.98 -47.52 -27.15
CA LYS I 212 -2.84 -46.65 -27.37
C LYS I 212 -2.36 -46.75 -28.82
N GLU I 213 -3.27 -46.40 -29.73
CA GLU I 213 -3.02 -46.57 -31.16
C GLU I 213 -2.21 -45.44 -31.77
N GLY I 214 -1.94 -44.38 -31.01
CA GLY I 214 -1.20 -43.25 -31.55
C GLY I 214 -1.94 -41.94 -31.37
N LYS I 215 -2.90 -41.93 -30.47
CA LYS I 215 -3.69 -40.76 -30.09
C LYS I 215 -4.53 -40.20 -31.24
N VAL I 216 -4.62 -40.91 -32.37
CA VAL I 216 -5.52 -40.51 -33.44
C VAL I 216 -6.40 -41.72 -33.78
N VAL I 217 -7.71 -41.53 -33.77
CA VAL I 217 -8.66 -42.61 -33.91
C VAL I 217 -9.40 -42.45 -35.23
N ASP I 218 -9.33 -43.47 -36.07
CA ASP I 218 -10.09 -43.46 -37.31
C ASP I 218 -11.57 -43.67 -37.02
N ALA I 219 -12.40 -43.21 -37.96
CA ALA I 219 -13.84 -43.31 -37.81
C ALA I 219 -14.27 -44.76 -37.71
N LYS I 220 -14.96 -45.10 -36.62
CA LYS I 220 -15.47 -46.46 -36.45
C LYS I 220 -16.50 -46.80 -37.52
N THR I 221 -17.41 -45.88 -37.79
CA THR I 221 -18.45 -46.08 -38.79
C THR I 221 -18.68 -44.78 -39.54
N ILE I 222 -18.83 -44.89 -40.87
CA ILE I 222 -19.01 -43.75 -41.74
C ILE I 222 -20.33 -43.90 -42.49
N PHE I 223 -21.15 -42.85 -42.44
CA PHE I 223 -22.46 -42.84 -43.07
C PHE I 223 -22.46 -41.84 -44.21
N THR I 224 -23.18 -42.16 -45.28
CA THR I 224 -23.20 -41.32 -46.48
C THR I 224 -24.64 -41.15 -46.97
N GLY I 225 -25.54 -40.77 -46.08
CA GLY I 225 -26.93 -40.61 -46.43
C GLY I 225 -27.24 -39.31 -47.18
N HIS I 226 -26.94 -38.19 -46.55
CA HIS I 226 -27.23 -36.90 -47.16
C HIS I 226 -26.37 -36.67 -48.40
N THR I 227 -27.01 -36.11 -49.44
CA THR I 227 -26.28 -35.74 -50.64
C THR I 227 -25.46 -34.47 -50.46
N ALA I 228 -25.94 -33.54 -49.65
CA ALA I 228 -25.31 -32.25 -49.45
C ALA I 228 -24.35 -32.31 -48.26
N VAL I 229 -23.73 -31.17 -47.95
CA VAL I 229 -22.85 -31.10 -46.80
C VAL I 229 -23.66 -31.32 -45.53
N VAL I 230 -23.40 -32.44 -44.86
CA VAL I 230 -24.10 -32.71 -43.61
C VAL I 230 -23.53 -31.81 -42.53
N GLU I 231 -24.41 -31.09 -41.86
CA GLU I 231 -23.99 -30.09 -40.88
C GLU I 231 -24.52 -30.34 -39.48
N ASP I 232 -25.53 -31.19 -39.30
CA ASP I 232 -26.02 -31.51 -37.98
C ASP I 232 -26.31 -33.00 -37.92
N VAL I 233 -25.94 -33.60 -36.79
CA VAL I 233 -26.22 -35.01 -36.54
C VAL I 233 -26.26 -35.23 -35.03
N SER I 234 -27.28 -35.91 -34.54
CA SER I 234 -27.47 -36.04 -33.11
C SER I 234 -28.12 -37.38 -32.78
N TRP I 235 -27.72 -37.95 -31.65
CA TRP I 235 -28.36 -39.16 -31.14
C TRP I 235 -29.71 -38.81 -30.51
N HIS I 236 -30.61 -39.79 -30.49
CA HIS I 236 -31.83 -39.64 -29.70
C HIS I 236 -31.46 -39.53 -28.23
N LEU I 237 -32.11 -38.60 -27.54
CA LEU I 237 -31.73 -38.28 -26.16
C LEU I 237 -32.06 -39.41 -25.18
N LEU I 238 -32.89 -40.37 -25.60
CA LEU I 238 -33.21 -41.53 -24.78
C LEU I 238 -32.65 -42.83 -25.34
N HIS I 239 -32.51 -42.93 -26.65
CA HIS I 239 -32.09 -44.16 -27.31
C HIS I 239 -30.68 -44.00 -27.84
N GLU I 240 -29.80 -44.93 -27.46
CA GLU I 240 -28.48 -44.98 -28.05
C GLU I 240 -28.51 -45.50 -29.49
N SER I 241 -29.53 -46.29 -29.83
CA SER I 241 -29.63 -46.83 -31.18
C SER I 241 -30.14 -45.79 -32.16
N LEU I 242 -31.10 -44.97 -31.73
CA LEU I 242 -31.72 -44.01 -32.62
C LEU I 242 -30.88 -42.73 -32.72
N PHE I 243 -30.70 -42.24 -33.95
CA PHE I 243 -30.02 -40.98 -34.18
C PHE I 243 -30.43 -40.45 -35.55
N GLY I 244 -30.22 -39.15 -35.74
CA GLY I 244 -30.60 -38.52 -36.99
C GLY I 244 -29.55 -37.52 -37.43
N SER I 245 -29.61 -37.16 -38.70
CA SER I 245 -28.65 -36.24 -39.29
C SER I 245 -29.40 -35.17 -40.09
N VAL I 246 -28.79 -33.99 -40.15
CA VAL I 246 -29.39 -32.83 -40.82
C VAL I 246 -28.33 -32.16 -41.67
N ALA I 247 -28.68 -31.90 -42.93
CA ALA I 247 -27.74 -31.32 -43.88
C ALA I 247 -28.39 -30.16 -44.62
N ASP I 248 -27.59 -29.55 -45.49
CA ASP I 248 -28.01 -28.40 -46.29
C ASP I 248 -29.00 -28.82 -47.37
N ASP I 249 -29.18 -30.13 -47.54
CA ASP I 249 -30.08 -30.69 -48.54
C ASP I 249 -31.55 -30.39 -48.26
N GLN I 250 -31.85 -29.63 -47.19
CA GLN I 250 -33.21 -29.28 -46.80
C GLN I 250 -34.01 -30.53 -46.45
N LYS I 251 -33.34 -31.66 -46.40
CA LYS I 251 -33.94 -32.95 -46.09
C LYS I 251 -33.19 -33.61 -44.94
N LEU I 252 -33.94 -33.96 -43.90
CA LEU I 252 -33.36 -34.69 -42.78
C LEU I 252 -33.75 -36.16 -42.88
N MET I 253 -32.88 -37.01 -42.33
CA MET I 253 -33.11 -38.45 -42.35
C MET I 253 -32.82 -39.05 -40.99
N ILE I 254 -33.69 -39.96 -40.57
CA ILE I 254 -33.58 -40.65 -39.29
C ILE I 254 -32.81 -41.94 -39.51
N TRP I 255 -31.94 -42.27 -38.56
CA TRP I 255 -31.06 -43.43 -38.67
C TRP I 255 -31.19 -44.32 -37.45
N ASP I 256 -30.77 -45.57 -37.62
CA ASP I 256 -30.68 -46.52 -36.53
C ASP I 256 -29.36 -47.25 -36.63
N THR I 257 -28.76 -47.58 -35.49
CA THR I 257 -27.47 -48.27 -35.50
C THR I 257 -27.63 -49.68 -36.05
N ARG I 258 -26.51 -50.23 -36.53
CA ARG I 258 -26.39 -51.60 -37.05
C ARG I 258 -27.31 -51.86 -38.24
N SER I 259 -27.95 -50.82 -38.78
CA SER I 259 -28.95 -50.99 -39.83
C SER I 259 -28.29 -51.20 -41.20
N ASN I 260 -27.41 -52.20 -41.28
CA ASN I 260 -26.83 -52.68 -42.54
C ASN I 260 -26.11 -51.51 -43.24
N ASN I 261 -26.48 -51.17 -44.47
CA ASN I 261 -25.77 -50.12 -45.20
C ASN I 261 -25.93 -48.77 -44.51
N THR I 262 -24.87 -47.97 -44.54
CA THR I 262 -24.82 -46.71 -43.82
C THR I 262 -25.31 -45.51 -44.63
N SER I 263 -25.78 -45.73 -45.86
CA SER I 263 -26.27 -44.64 -46.70
C SER I 263 -27.79 -44.63 -46.83
N LYS I 264 -28.48 -45.68 -46.41
CA LYS I 264 -29.94 -45.73 -46.50
C LYS I 264 -30.55 -45.48 -45.13
N PRO I 265 -31.15 -44.31 -44.91
CA PRO I 265 -31.73 -44.02 -43.59
C PRO I 265 -33.02 -44.80 -43.36
N SER I 266 -33.32 -45.01 -42.08
CA SER I 266 -34.59 -45.63 -41.71
C SER I 266 -35.77 -44.76 -42.13
N HIS I 267 -35.65 -43.45 -41.94
CA HIS I 267 -36.71 -42.52 -42.29
C HIS I 267 -36.10 -41.28 -42.90
N SER I 268 -36.92 -40.53 -43.64
CA SER I 268 -36.44 -39.30 -44.28
C SER I 268 -37.62 -38.37 -44.49
N VAL I 269 -37.32 -37.07 -44.47
CA VAL I 269 -38.33 -36.04 -44.71
C VAL I 269 -37.59 -34.73 -44.97
N ASP I 270 -38.19 -33.88 -45.81
CA ASP I 270 -37.65 -32.55 -46.05
C ASP I 270 -38.22 -31.60 -45.02
N ALA I 271 -37.34 -31.00 -44.20
CA ALA I 271 -37.80 -30.17 -43.10
C ALA I 271 -38.45 -28.89 -43.59
N HIS I 272 -37.78 -28.18 -44.51
CA HIS I 272 -38.26 -26.89 -44.95
C HIS I 272 -37.86 -26.65 -46.39
N THR I 273 -38.21 -25.47 -46.89
CA THR I 273 -37.90 -25.06 -48.25
C THR I 273 -36.50 -24.44 -48.38
N ALA I 274 -35.79 -24.25 -47.27
CA ALA I 274 -34.44 -23.74 -47.30
C ALA I 274 -33.54 -24.71 -46.55
N GLU I 275 -32.25 -24.39 -46.51
CA GLU I 275 -31.28 -25.25 -45.84
C GLU I 275 -31.62 -25.36 -44.36
N VAL I 276 -31.41 -26.56 -43.81
CA VAL I 276 -31.65 -26.84 -42.41
C VAL I 276 -30.34 -27.34 -41.81
N ASN I 277 -29.97 -26.79 -40.65
CA ASN I 277 -28.73 -27.21 -40.00
C ASN I 277 -28.89 -27.29 -38.48
N CYS I 278 -30.10 -27.50 -37.99
CA CYS I 278 -30.36 -27.48 -36.55
C CYS I 278 -31.36 -28.58 -36.20
N LEU I 279 -30.97 -29.44 -35.26
CA LEU I 279 -31.77 -30.57 -34.82
C LEU I 279 -31.71 -30.64 -33.30
N SER I 280 -32.84 -30.97 -32.67
CA SER I 280 -32.88 -31.07 -31.20
C SER I 280 -34.05 -31.94 -30.79
N PHE I 281 -33.76 -33.09 -30.20
CA PHE I 281 -34.79 -33.93 -29.62
C PHE I 281 -35.22 -33.40 -28.26
N ASN I 282 -36.44 -33.74 -27.86
CA ASN I 282 -36.91 -33.38 -26.54
C ASN I 282 -36.38 -34.38 -25.51
N PRO I 283 -35.66 -33.92 -24.47
CA PRO I 283 -35.15 -34.86 -23.47
C PRO I 283 -36.24 -35.60 -22.71
N TYR I 284 -37.39 -34.97 -22.49
CA TYR I 284 -38.49 -35.57 -21.74
C TYR I 284 -39.41 -36.40 -22.63
N SER I 285 -40.00 -35.79 -23.65
CA SER I 285 -40.87 -36.51 -24.57
C SER I 285 -40.01 -37.18 -25.63
N GLU I 286 -40.13 -38.51 -25.73
CA GLU I 286 -39.36 -39.27 -26.71
C GLU I 286 -39.72 -38.84 -28.12
N PHE I 287 -41.00 -38.58 -28.38
CA PHE I 287 -41.48 -38.37 -29.74
C PHE I 287 -41.11 -37.00 -30.28
N ILE I 288 -41.07 -35.99 -29.42
CA ILE I 288 -40.91 -34.61 -29.87
C ILE I 288 -39.48 -34.39 -30.33
N LEU I 289 -39.33 -33.87 -31.54
CA LEU I 289 -38.03 -33.57 -32.14
C LEU I 289 -38.13 -32.21 -32.83
N ALA I 290 -37.45 -31.22 -32.27
CA ALA I 290 -37.53 -29.86 -32.80
C ALA I 290 -36.54 -29.68 -33.95
N THR I 291 -37.00 -28.97 -34.99
CA THR I 291 -36.21 -28.74 -36.19
C THR I 291 -36.39 -27.30 -36.64
N GLY I 292 -35.32 -26.52 -36.61
CA GLY I 292 -35.35 -25.19 -37.17
C GLY I 292 -35.02 -25.21 -38.65
N SER I 293 -34.79 -24.02 -39.21
CA SER I 293 -34.42 -23.91 -40.61
C SER I 293 -33.84 -22.52 -40.86
N ALA I 294 -33.20 -22.37 -42.02
CA ALA I 294 -32.66 -21.08 -42.40
C ALA I 294 -33.74 -20.13 -42.92
N ASP I 295 -34.91 -20.66 -43.28
CA ASP I 295 -35.96 -19.83 -43.87
C ASP I 295 -36.79 -19.16 -42.79
N LYS I 296 -36.12 -18.53 -41.82
CA LYS I 296 -36.78 -17.83 -40.72
C LYS I 296 -37.79 -18.71 -40.01
N THR I 297 -37.68 -20.03 -40.16
CA THR I 297 -38.71 -20.96 -39.71
C THR I 297 -38.12 -22.03 -38.81
N VAL I 298 -38.84 -22.31 -37.72
CA VAL I 298 -38.52 -23.38 -36.80
C VAL I 298 -39.75 -24.26 -36.65
N ALA I 299 -39.54 -25.56 -36.58
CA ALA I 299 -40.64 -26.51 -36.53
C ALA I 299 -40.26 -27.69 -35.64
N LEU I 300 -41.12 -28.69 -35.63
CA LEU I 300 -40.90 -29.91 -34.87
C LEU I 300 -41.64 -31.05 -35.54
N TRP I 301 -41.21 -32.27 -35.25
CA TRP I 301 -41.79 -33.46 -35.84
C TRP I 301 -41.99 -34.53 -34.79
N ASP I 302 -42.72 -35.57 -35.16
CA ASP I 302 -43.04 -36.69 -34.29
C ASP I 302 -42.33 -37.94 -34.78
N LEU I 303 -41.90 -38.78 -33.84
CA LEU I 303 -41.25 -40.03 -34.22
C LEU I 303 -42.17 -40.90 -35.06
N ARG I 304 -43.47 -40.81 -34.84
CA ARG I 304 -44.43 -41.58 -35.63
C ARG I 304 -44.88 -40.79 -36.86
N ASN I 305 -45.31 -39.55 -36.65
CA ASN I 305 -45.86 -38.71 -37.72
C ASN I 305 -44.71 -37.94 -38.36
N LEU I 306 -44.14 -38.51 -39.42
CA LEU I 306 -43.10 -37.82 -40.18
C LEU I 306 -43.68 -36.97 -41.30
N LYS I 307 -44.81 -37.38 -41.86
CA LYS I 307 -45.39 -36.68 -43.01
C LYS I 307 -46.05 -35.36 -42.63
N LEU I 308 -46.53 -35.23 -41.40
CA LEU I 308 -47.25 -34.03 -40.98
C LEU I 308 -46.40 -33.25 -39.98
N LYS I 309 -46.20 -31.97 -40.26
CA LYS I 309 -45.52 -31.08 -39.31
C LYS I 309 -46.46 -30.75 -38.17
N LEU I 310 -45.96 -30.91 -36.94
CA LEU I 310 -46.79 -30.61 -35.78
C LEU I 310 -47.08 -29.12 -35.68
N HIS I 311 -46.05 -28.29 -35.79
CA HIS I 311 -46.23 -26.84 -35.77
C HIS I 311 -44.98 -26.20 -36.34
N SER I 312 -45.11 -24.92 -36.70
CA SER I 312 -44.01 -24.14 -37.25
C SER I 312 -43.95 -22.79 -36.56
N PHE I 313 -42.72 -22.28 -36.39
CA PHE I 313 -42.48 -20.99 -35.77
C PHE I 313 -41.66 -20.14 -36.72
N GLU I 314 -42.11 -18.90 -36.95
CA GLU I 314 -41.50 -18.04 -37.96
C GLU I 314 -41.37 -16.61 -37.49
N SER I 315 -41.27 -16.40 -36.17
CA SER I 315 -41.09 -15.04 -35.66
C SER I 315 -39.70 -14.50 -35.97
N HIS I 316 -38.70 -15.37 -36.06
CA HIS I 316 -37.35 -14.93 -36.35
C HIS I 316 -37.29 -14.23 -37.69
N LYS I 317 -36.49 -13.17 -37.77
CA LYS I 317 -36.37 -12.35 -38.97
C LYS I 317 -35.14 -12.69 -39.79
N ASP I 318 -34.48 -13.80 -39.50
CA ASP I 318 -33.32 -14.23 -40.29
C ASP I 318 -33.08 -15.71 -40.04
N GLU I 319 -31.93 -16.19 -40.54
CA GLU I 319 -31.61 -17.60 -40.45
C GLU I 319 -31.39 -18.01 -38.99
N ILE I 320 -31.82 -19.22 -38.66
CA ILE I 320 -31.63 -19.79 -37.33
C ILE I 320 -30.93 -21.14 -37.50
N PHE I 321 -29.89 -21.36 -36.70
CA PHE I 321 -29.20 -22.64 -36.75
C PHE I 321 -28.83 -23.18 -35.38
N GLN I 322 -29.27 -22.54 -34.29
CA GLN I 322 -29.01 -23.03 -32.95
C GLN I 322 -30.33 -23.19 -32.22
N VAL I 323 -30.61 -24.41 -31.75
CA VAL I 323 -31.87 -24.73 -31.09
C VAL I 323 -31.57 -25.59 -29.87
N GLN I 324 -32.36 -25.41 -28.82
CA GLN I 324 -32.16 -26.20 -27.61
C GLN I 324 -33.44 -26.18 -26.78
N TRP I 325 -33.63 -27.27 -26.03
CA TRP I 325 -34.79 -27.42 -25.15
C TRP I 325 -34.42 -27.02 -23.73
N SER I 326 -35.29 -26.27 -23.09
CA SER I 326 -34.98 -25.74 -21.77
C SER I 326 -34.94 -26.86 -20.74
N PRO I 327 -33.96 -26.86 -19.82
CA PRO I 327 -33.94 -27.87 -18.76
C PRO I 327 -35.10 -27.64 -17.80
N HIS I 328 -35.56 -28.74 -17.21
CA HIS I 328 -36.60 -28.69 -16.18
C HIS I 328 -37.90 -28.15 -16.73
N ASN I 329 -37.97 -27.95 -18.04
CA ASN I 329 -39.08 -27.26 -18.69
C ASN I 329 -39.31 -27.92 -20.05
N GLU I 330 -40.28 -28.83 -20.10
CA GLU I 330 -40.56 -29.53 -21.36
C GLU I 330 -41.27 -28.63 -22.36
N THR I 331 -41.98 -27.60 -21.87
CA THR I 331 -42.79 -26.74 -22.72
C THR I 331 -42.01 -25.60 -23.34
N ILE I 332 -40.71 -25.48 -23.10
CA ILE I 332 -39.93 -24.32 -23.49
C ILE I 332 -38.88 -24.75 -24.51
N LEU I 333 -38.86 -24.08 -25.66
CA LEU I 333 -37.84 -24.25 -26.68
C LEU I 333 -37.38 -22.87 -27.15
N ALA I 334 -36.07 -22.75 -27.39
CA ALA I 334 -35.49 -21.46 -27.76
C ALA I 334 -34.60 -21.63 -28.99
N SER I 335 -34.48 -20.55 -29.74
CA SER I 335 -33.67 -20.53 -30.94
C SER I 335 -33.23 -19.11 -31.24
N SER I 336 -32.08 -18.97 -31.90
CA SER I 336 -31.53 -17.67 -32.23
C SER I 336 -30.65 -17.81 -33.46
N GLY I 337 -30.42 -16.68 -34.13
CA GLY I 337 -29.62 -16.69 -35.33
C GLY I 337 -29.08 -15.34 -35.75
N THR I 338 -28.98 -15.12 -37.06
CA THR I 338 -28.37 -13.91 -37.61
C THR I 338 -29.21 -12.66 -37.40
N ASP I 339 -30.50 -12.79 -37.07
CA ASP I 339 -31.33 -11.63 -36.83
C ASP I 339 -30.97 -10.91 -35.53
N ARG I 340 -29.97 -11.40 -34.80
CA ARG I 340 -29.58 -10.83 -33.51
C ARG I 340 -30.76 -10.80 -32.55
N ARG I 341 -31.60 -11.82 -32.63
CA ARG I 341 -32.75 -11.97 -31.75
C ARG I 341 -32.81 -13.40 -31.25
N LEU I 342 -33.30 -13.56 -30.03
CA LEU I 342 -33.49 -14.87 -29.42
C LEU I 342 -34.97 -15.01 -29.07
N ASN I 343 -35.59 -16.08 -29.56
CA ASN I 343 -37.03 -16.28 -29.42
C ASN I 343 -37.31 -17.46 -28.50
N VAL I 344 -38.19 -17.24 -27.53
CA VAL I 344 -38.62 -18.26 -26.60
C VAL I 344 -40.08 -18.58 -26.91
N TRP I 345 -40.43 -19.86 -26.86
CA TRP I 345 -41.75 -20.33 -27.27
C TRP I 345 -42.35 -21.20 -26.18
N ASP I 346 -43.66 -21.05 -25.97
CA ASP I 346 -44.42 -21.88 -25.03
C ASP I 346 -45.21 -22.89 -25.84
N LEU I 347 -44.90 -24.16 -25.66
CA LEU I 347 -45.67 -25.20 -26.34
C LEU I 347 -47.07 -25.32 -25.79
N SER I 348 -47.23 -25.11 -24.48
CA SER I 348 -48.56 -25.19 -23.87
C SER I 348 -49.49 -24.07 -24.32
N LYS I 349 -48.94 -23.02 -24.93
CA LYS I 349 -49.72 -21.87 -25.35
C LYS I 349 -49.95 -21.82 -26.85
N ILE I 350 -49.69 -22.92 -27.56
CA ILE I 350 -49.87 -22.95 -29.01
C ILE I 350 -51.34 -22.75 -29.35
N GLY I 351 -51.66 -21.66 -30.03
CA GLY I 351 -53.02 -21.40 -30.45
C GLY I 351 -53.95 -20.93 -29.35
N GLU I 352 -53.43 -20.64 -28.16
CA GLU I 352 -54.27 -20.20 -27.06
C GLU I 352 -54.81 -18.80 -27.33
N GLU I 353 -56.10 -18.59 -27.04
CA GLU I 353 -56.69 -17.28 -27.30
C GLU I 353 -56.04 -16.22 -26.42
N GLN I 354 -55.80 -15.06 -27.01
CA GLN I 354 -55.14 -13.96 -26.32
C GLN I 354 -55.80 -12.65 -26.72
N SER I 355 -55.62 -11.64 -25.86
CA SER I 355 -56.21 -10.33 -26.10
C SER I 355 -55.59 -9.71 -27.34
N PRO I 356 -56.30 -8.78 -27.99
CA PRO I 356 -55.71 -8.11 -29.17
C PRO I 356 -54.42 -7.41 -28.87
N GLU I 357 -54.22 -6.97 -27.63
CA GLU I 357 -52.94 -6.40 -27.23
C GLU I 357 -51.83 -7.45 -27.18
N ASP I 358 -52.19 -8.73 -27.19
CA ASP I 358 -51.19 -9.80 -27.24
C ASP I 358 -50.91 -10.24 -28.68
N ALA I 359 -51.96 -10.39 -29.49
CA ALA I 359 -51.77 -10.80 -30.88
C ALA I 359 -50.94 -9.77 -31.64
N GLU I 360 -51.21 -8.48 -31.40
CA GLU I 360 -50.37 -7.45 -31.99
C GLU I 360 -48.94 -7.51 -31.47
N ASP I 361 -48.72 -8.09 -30.29
CA ASP I 361 -47.38 -8.27 -29.76
C ASP I 361 -46.74 -9.55 -30.29
N GLY I 362 -47.47 -10.65 -30.27
CA GLY I 362 -46.96 -11.90 -30.80
C GLY I 362 -47.94 -13.05 -30.65
N PRO I 363 -47.61 -14.19 -31.25
CA PRO I 363 -48.47 -15.36 -31.11
C PRO I 363 -48.47 -15.87 -29.68
N PRO I 364 -49.55 -16.53 -29.26
CA PRO I 364 -49.60 -17.03 -27.88
C PRO I 364 -48.49 -18.02 -27.57
N GLU I 365 -48.11 -18.86 -28.54
CA GLU I 365 -47.04 -19.81 -28.34
C GLU I 365 -45.71 -19.13 -28.10
N LEU I 366 -45.51 -17.92 -28.64
CA LEU I 366 -44.27 -17.19 -28.45
C LEU I 366 -44.13 -16.81 -26.98
N LEU I 367 -43.16 -17.41 -26.30
CA LEU I 367 -42.98 -17.16 -24.88
C LEU I 367 -42.29 -15.82 -24.65
N PHE I 368 -41.09 -15.64 -25.19
CA PHE I 368 -40.32 -14.43 -24.94
C PHE I 368 -39.41 -14.17 -26.13
N ILE I 369 -38.99 -12.91 -26.26
CA ILE I 369 -38.05 -12.49 -27.30
C ILE I 369 -36.96 -11.64 -26.66
N HIS I 370 -35.71 -12.03 -26.90
CA HIS I 370 -34.55 -11.31 -26.38
C HIS I 370 -33.69 -10.82 -27.53
N GLY I 371 -33.24 -9.57 -27.41
CA GLY I 371 -32.41 -8.98 -28.45
C GLY I 371 -31.27 -8.13 -27.91
N GLY I 372 -30.84 -8.41 -26.68
CA GLY I 372 -29.81 -7.60 -26.05
C GLY I 372 -28.39 -7.94 -26.43
N HIS I 373 -28.02 -7.65 -27.68
CA HIS I 373 -26.64 -7.84 -28.14
C HIS I 373 -26.48 -7.10 -29.45
N THR I 374 -25.49 -6.20 -29.51
CA THR I 374 -25.22 -5.48 -30.74
C THR I 374 -24.82 -6.42 -31.86
N ALA I 375 -23.92 -7.36 -31.55
CA ALA I 375 -23.45 -8.31 -32.55
C ALA I 375 -24.35 -9.53 -32.58
N LYS I 376 -24.30 -10.22 -33.72
CA LYS I 376 -25.02 -11.49 -33.86
C LYS I 376 -24.46 -12.51 -32.89
N ILE I 377 -25.36 -13.32 -32.34
CA ILE I 377 -24.99 -14.36 -31.38
C ILE I 377 -24.90 -15.69 -32.10
N SER I 378 -23.77 -16.37 -31.93
CA SER I 378 -23.53 -17.65 -32.57
C SER I 378 -23.84 -18.85 -31.69
N ASP I 379 -24.00 -18.65 -30.38
CA ASP I 379 -24.28 -19.75 -29.46
C ASP I 379 -25.02 -19.22 -28.25
N PHE I 380 -25.99 -20.00 -27.78
CA PHE I 380 -26.67 -19.72 -26.53
C PHE I 380 -26.87 -21.03 -25.78
N SER I 381 -26.63 -21.00 -24.47
CA SER I 381 -26.59 -22.23 -23.69
C SER I 381 -27.03 -21.96 -22.26
N TRP I 382 -28.01 -22.74 -21.79
CA TRP I 382 -28.34 -22.80 -20.37
C TRP I 382 -27.57 -23.94 -19.70
N ASN I 383 -27.81 -24.10 -18.40
CA ASN I 383 -27.07 -25.04 -17.59
C ASN I 383 -28.02 -25.79 -16.67
N PRO I 384 -27.60 -26.94 -16.14
CA PRO I 384 -28.41 -27.59 -15.10
C PRO I 384 -28.48 -26.72 -13.85
N ASN I 385 -29.51 -27.00 -13.04
CA ASN I 385 -29.72 -26.38 -11.73
C ASN I 385 -30.16 -24.92 -11.85
N GLU I 386 -30.14 -24.37 -13.06
CA GLU I 386 -30.54 -22.99 -13.31
C GLU I 386 -31.36 -22.91 -14.59
N PRO I 387 -32.61 -23.34 -14.55
CA PRO I 387 -33.43 -23.35 -15.78
C PRO I 387 -33.78 -21.97 -16.30
N TRP I 388 -33.57 -20.92 -15.51
CA TRP I 388 -34.08 -19.60 -15.83
C TRP I 388 -32.98 -18.60 -16.18
N VAL I 389 -31.84 -19.07 -16.68
CA VAL I 389 -30.78 -18.19 -17.16
C VAL I 389 -30.19 -18.79 -18.43
N ILE I 390 -29.73 -17.93 -19.32
CA ILE I 390 -29.17 -18.35 -20.61
C ILE I 390 -27.88 -17.59 -20.84
N CYS I 391 -26.79 -18.33 -21.05
CA CYS I 391 -25.56 -17.73 -21.55
C CYS I 391 -25.62 -17.67 -23.07
N SER I 392 -25.00 -16.62 -23.63
CA SER I 392 -25.05 -16.42 -25.07
C SER I 392 -23.80 -15.71 -25.53
N VAL I 393 -23.27 -16.15 -26.67
CA VAL I 393 -22.02 -15.65 -27.20
C VAL I 393 -22.30 -14.90 -28.50
N SER I 394 -21.98 -13.61 -28.52
CA SER I 394 -22.13 -12.80 -29.70
C SER I 394 -20.79 -12.67 -30.43
N GLU I 395 -20.85 -12.12 -31.64
CA GLU I 395 -19.63 -11.89 -32.41
C GLU I 395 -18.73 -10.86 -31.73
N ASP I 396 -19.28 -9.98 -30.90
CA ASP I 396 -18.53 -8.91 -30.27
C ASP I 396 -17.80 -9.37 -29.02
N ASN I 397 -17.54 -10.67 -28.89
CA ASN I 397 -16.81 -11.25 -27.79
C ASN I 397 -17.58 -11.12 -26.47
N ILE I 398 -18.87 -10.82 -26.55
CA ILE I 398 -19.67 -10.49 -25.37
C ILE I 398 -20.30 -11.76 -24.84
N MET I 399 -20.16 -11.97 -23.53
CA MET I 399 -20.84 -13.08 -22.87
C MET I 399 -22.03 -12.51 -22.11
N GLN I 400 -23.23 -12.96 -22.48
CA GLN I 400 -24.48 -12.46 -21.88
C GLN I 400 -25.14 -13.56 -21.07
N VAL I 401 -25.41 -13.27 -19.80
CA VAL I 401 -26.20 -14.14 -18.94
C VAL I 401 -27.31 -13.30 -18.34
N TRP I 402 -28.54 -13.82 -18.40
CA TRP I 402 -29.69 -13.02 -17.99
C TRP I 402 -30.80 -13.95 -17.56
N GLN I 403 -31.62 -13.46 -16.63
CA GLN I 403 -32.76 -14.19 -16.11
C GLN I 403 -34.03 -13.41 -16.38
N MET I 404 -35.01 -14.07 -16.98
CA MET I 404 -36.29 -13.43 -17.24
C MET I 404 -37.04 -13.23 -15.93
N ALA I 405 -38.01 -12.33 -15.94
CA ALA I 405 -38.89 -12.17 -14.80
C ALA I 405 -39.72 -13.43 -14.61
N GLU I 406 -39.98 -13.78 -13.35
CA GLU I 406 -40.84 -14.92 -13.07
C GLU I 406 -42.28 -14.63 -13.47
N ASN I 407 -42.63 -13.35 -13.60
CA ASN I 407 -44.03 -12.97 -13.83
C ASN I 407 -44.59 -13.56 -15.11
N ILE I 408 -43.76 -13.68 -16.16
CA ILE I 408 -44.27 -14.21 -17.42
C ILE I 408 -44.73 -15.66 -17.24
N TYR I 409 -43.96 -16.47 -16.52
CA TYR I 409 -44.36 -17.83 -16.19
C TYR I 409 -44.89 -17.90 -14.76
N ASN I 410 -45.60 -16.87 -14.34
CA ASN I 410 -46.21 -16.77 -13.01
C ASN I 410 -45.18 -16.87 -11.90
N ALA J 16 57.24 -55.84 64.66
CA ALA J 16 55.81 -55.57 64.53
C ALA J 16 55.56 -54.45 63.51
N LYS J 17 54.41 -54.52 62.83
CA LYS J 17 54.02 -53.54 61.84
C LYS J 17 52.75 -52.84 62.28
N ALA J 18 52.64 -51.56 61.98
CA ALA J 18 51.49 -50.76 62.39
C ALA J 18 50.58 -50.45 61.21
N LYS J 19 49.28 -50.38 61.49
CA LYS J 19 48.29 -49.96 60.52
C LYS J 19 47.47 -48.83 61.11
N THR J 20 47.03 -47.92 60.24
CA THR J 20 46.23 -46.79 60.70
C THR J 20 44.86 -47.27 61.16
N ARG J 21 44.35 -46.61 62.19
CA ARG J 21 43.02 -46.97 62.70
C ARG J 21 41.93 -46.62 61.71
N SER J 22 42.13 -45.57 60.92
CA SER J 22 41.10 -45.13 59.98
C SER J 22 40.81 -46.23 58.96
N SER J 23 41.85 -46.89 58.47
CA SER J 23 41.65 -48.06 57.63
C SER J 23 40.93 -49.18 58.38
N ARG J 24 41.35 -49.43 59.62
CA ARG J 24 40.78 -50.52 60.40
C ARG J 24 39.28 -50.35 60.59
N ALA J 25 38.79 -49.11 60.56
CA ALA J 25 37.36 -48.86 60.53
C ALA J 25 36.84 -48.70 59.11
N GLY J 26 37.71 -48.83 58.11
CA GLY J 26 37.30 -48.54 56.75
C GLY J 26 36.90 -47.10 56.55
N LEU J 27 37.51 -46.19 57.28
CA LEU J 27 37.16 -44.78 57.23
C LEU J 27 38.33 -43.99 56.67
N GLN J 28 38.05 -42.75 56.28
CA GLN J 28 39.06 -41.87 55.70
C GLN J 28 39.51 -40.78 56.65
N PHE J 29 38.63 -40.29 57.52
CA PHE J 29 38.97 -39.18 58.39
C PHE J 29 39.96 -39.63 59.46
N PRO J 30 40.77 -38.71 59.98
CA PRO J 30 41.84 -39.05 60.93
C PRO J 30 41.37 -39.35 62.36
N VAL J 31 40.96 -40.60 62.58
CA VAL J 31 40.64 -41.04 63.94
C VAL J 31 41.84 -40.87 64.86
N GLY J 32 43.03 -41.19 64.36
CA GLY J 32 44.23 -41.03 65.17
C GLY J 32 44.43 -39.60 65.62
N ARG J 33 44.20 -38.64 64.72
CA ARG J 33 44.35 -37.24 65.08
C ARG J 33 43.22 -36.78 66.00
N VAL J 34 41.98 -37.05 65.61
CA VAL J 34 40.84 -36.46 66.32
C VAL J 34 40.76 -36.98 67.75
N HIS J 35 41.26 -38.20 67.98
CA HIS J 35 41.27 -38.74 69.33
C HIS J 35 42.13 -37.88 70.24
N ARG J 36 43.28 -37.41 69.74
CA ARG J 36 44.12 -36.54 70.54
C ARG J 36 43.41 -35.25 70.89
N LEU J 37 42.56 -34.76 69.99
CA LEU J 37 41.88 -33.49 70.23
C LEU J 37 41.01 -33.53 71.48
N LEU J 38 40.21 -34.58 71.64
CA LEU J 38 39.37 -34.68 72.84
C LEU J 38 40.24 -34.83 74.08
N ARG J 39 41.39 -35.49 73.94
CA ARG J 39 42.28 -35.65 75.09
C ARG J 39 42.76 -34.30 75.60
N LYS J 40 43.10 -33.40 74.69
CA LYS J 40 43.50 -32.06 75.08
C LYS J 40 42.33 -31.08 75.15
N GLY J 41 41.15 -31.50 74.71
CA GLY J 41 40.00 -30.62 74.71
C GLY J 41 39.35 -30.42 76.06
N ASN J 42 39.78 -31.17 77.08
CA ASN J 42 39.32 -31.03 78.45
C ASN J 42 37.80 -31.18 78.58
N TYR J 43 37.15 -31.78 77.58
CA TYR J 43 35.75 -32.12 77.73
C TYR J 43 35.53 -33.25 78.74
N ALA J 44 36.56 -34.04 79.00
CA ALA J 44 36.49 -35.10 79.99
C ALA J 44 37.91 -35.46 80.37
N GLU J 45 38.05 -36.19 81.48
CA GLU J 45 39.36 -36.62 81.92
C GLU J 45 39.74 -37.97 81.31
N ARG J 46 38.76 -38.79 80.99
CA ARG J 46 38.99 -40.08 80.36
C ARG J 46 38.04 -40.25 79.19
N VAL J 47 38.55 -40.75 78.07
CA VAL J 47 37.74 -41.00 76.89
C VAL J 47 37.74 -42.49 76.59
N GLY J 48 36.54 -43.06 76.49
CA GLY J 48 36.41 -44.42 76.04
C GLY J 48 36.92 -44.55 74.62
N ALA J 49 37.75 -45.57 74.38
CA ALA J 49 38.39 -45.69 73.07
C ALA J 49 37.39 -45.85 71.94
N GLY J 50 36.18 -46.34 72.25
CA GLY J 50 35.19 -46.48 71.21
C GLY J 50 34.60 -45.17 70.73
N ALA J 51 34.60 -44.14 71.56
CA ALA J 51 33.96 -42.88 71.21
C ALA J 51 34.55 -42.23 69.96
N PRO J 52 35.87 -42.01 69.84
CA PRO J 52 36.36 -41.28 68.66
C PRO J 52 36.05 -41.97 67.35
N VAL J 53 36.20 -43.30 67.32
CA VAL J 53 35.91 -44.05 66.09
C VAL J 53 34.48 -43.78 65.67
N TYR J 54 33.56 -43.80 66.63
CA TYR J 54 32.20 -43.37 66.33
C TYR J 54 32.20 -41.94 65.82
N LEU J 55 32.91 -41.04 66.50
CA LEU J 55 32.83 -39.62 66.17
C LEU J 55 33.31 -39.37 64.74
N ALA J 56 34.50 -39.87 64.40
CA ALA J 56 35.05 -39.61 63.08
C ALA J 56 34.12 -40.12 61.99
N ALA J 57 33.45 -41.23 62.26
CA ALA J 57 32.49 -41.76 61.29
C ALA J 57 31.39 -40.74 61.03
N VAL J 58 30.88 -40.11 62.08
CA VAL J 58 29.80 -39.15 61.91
C VAL J 58 30.22 -38.05 60.94
N LEU J 59 31.38 -37.46 61.18
CA LEU J 59 31.81 -36.32 60.38
C LEU J 59 31.87 -36.69 58.90
N GLU J 60 32.43 -37.86 58.59
CA GLU J 60 32.55 -38.25 57.20
C GLU J 60 31.18 -38.34 56.55
N TYR J 61 30.18 -38.81 57.30
CA TYR J 61 28.83 -38.79 56.78
C TYR J 61 28.35 -37.36 56.57
N LEU J 62 28.56 -36.49 57.56
CA LEU J 62 28.12 -35.10 57.41
C LEU J 62 28.81 -34.42 56.25
N THR J 63 30.13 -34.52 56.17
CA THR J 63 30.83 -33.84 55.09
C THR J 63 30.39 -34.38 53.74
N ALA J 64 30.17 -35.69 53.63
CA ALA J 64 29.76 -36.28 52.37
C ALA J 64 28.39 -35.75 51.95
N GLU J 65 27.55 -35.42 52.91
CA GLU J 65 26.18 -35.03 52.58
C GLU J 65 26.15 -33.71 51.83
N ILE J 66 27.11 -32.82 52.09
CA ILE J 66 26.97 -31.45 51.62
C ILE J 66 27.55 -31.30 50.22
N LEU J 67 28.75 -31.83 49.96
CA LEU J 67 29.36 -31.58 48.67
C LEU J 67 28.63 -32.34 47.56
N GLU J 68 27.98 -33.44 47.93
CA GLU J 68 27.04 -34.08 47.01
C GLU J 68 26.04 -33.05 46.50
N LEU J 69 25.45 -32.30 47.41
CA LEU J 69 24.57 -31.20 47.00
C LEU J 69 25.38 -30.13 46.28
N ALA J 70 26.58 -29.84 46.75
CA ALA J 70 27.41 -28.83 46.09
C ALA J 70 27.79 -29.27 44.69
N GLY J 71 28.17 -30.53 44.53
CA GLY J 71 28.57 -31.02 43.22
C GLY J 71 27.51 -30.88 42.17
N ASN J 72 26.25 -31.09 42.53
CA ASN J 72 25.16 -30.92 41.58
C ASN J 72 25.06 -29.46 41.14
N ALA J 73 25.25 -28.53 42.07
CA ALA J 73 25.21 -27.12 41.71
C ALA J 73 26.31 -26.78 40.72
N ALA J 74 27.52 -27.30 40.95
CA ALA J 74 28.63 -27.04 40.04
C ALA J 74 28.31 -27.56 38.65
N ARG J 75 27.53 -28.64 38.56
CA ARG J 75 27.12 -29.14 37.26
C ARG J 75 26.25 -28.13 36.53
N ASP J 76 25.34 -27.46 37.25
CA ASP J 76 24.44 -26.52 36.61
C ASP J 76 25.20 -25.35 36.01
N ASN J 77 26.17 -24.81 36.74
CA ASN J 77 26.99 -23.72 36.22
C ASN J 77 28.16 -24.23 35.38
N LYS J 78 28.34 -25.55 35.29
CA LYS J 78 29.27 -26.22 34.39
C LYS J 78 30.74 -26.03 34.77
N LYS J 79 31.03 -25.27 35.82
CA LYS J 79 32.41 -25.17 36.27
C LYS J 79 32.86 -26.47 36.91
N THR J 80 34.06 -26.92 36.55
CA THR J 80 34.61 -28.13 37.13
C THR J 80 35.13 -27.90 38.55
N ARG J 81 35.57 -26.69 38.86
CA ARG J 81 36.12 -26.35 40.16
C ARG J 81 34.97 -25.99 41.08
N ILE J 82 34.98 -26.53 42.30
CA ILE J 82 33.92 -26.21 43.24
C ILE J 82 34.20 -24.87 43.90
N ILE J 83 33.14 -24.12 44.19
CA ILE J 83 33.30 -22.74 44.64
C ILE J 83 32.34 -22.48 45.80
N PRO J 84 32.65 -21.56 46.72
CA PRO J 84 31.70 -21.28 47.81
C PRO J 84 30.33 -20.87 47.34
N ARG J 85 30.21 -20.15 46.23
CA ARG J 85 28.89 -19.78 45.72
C ARG J 85 28.04 -21.02 45.52
N HIS J 86 28.66 -22.11 45.05
CA HIS J 86 27.97 -23.40 45.07
C HIS J 86 27.60 -23.77 46.49
N LEU J 87 28.57 -23.67 47.41
CA LEU J 87 28.40 -24.21 48.75
C LEU J 87 27.26 -23.52 49.47
N GLN J 88 27.22 -22.19 49.42
CA GLN J 88 26.12 -21.46 50.03
C GLN J 88 24.81 -21.84 49.37
N LEU J 89 24.81 -21.99 48.05
CA LEU J 89 23.60 -22.37 47.34
C LEU J 89 23.15 -23.76 47.75
N ALA J 90 24.09 -24.70 47.87
CA ALA J 90 23.71 -26.08 48.15
C ALA J 90 23.11 -26.21 49.54
N VAL J 91 23.78 -25.67 50.56
CA VAL J 91 23.35 -25.91 51.94
C VAL J 91 22.14 -25.10 52.34
N ARG J 92 21.65 -24.22 51.47
CA ARG J 92 20.48 -23.41 51.80
C ARG J 92 19.19 -23.92 51.21
N ASN J 93 19.24 -24.57 50.04
CA ASN J 93 18.02 -25.10 49.45
C ASN J 93 17.46 -26.26 50.26
N ASP J 94 18.33 -27.13 50.76
CA ASP J 94 17.89 -28.23 51.63
C ASP J 94 17.40 -27.64 52.94
N GLU J 95 16.09 -27.70 53.16
CA GLU J 95 15.52 -27.17 54.39
C GLU J 95 16.07 -27.87 55.61
N GLU J 96 16.38 -29.15 55.52
CA GLU J 96 16.83 -29.90 56.67
C GLU J 96 18.23 -29.47 57.10
N LEU J 97 19.19 -29.52 56.18
CA LEU J 97 20.54 -29.06 56.49
C LEU J 97 20.56 -27.60 56.89
N ASN J 98 19.58 -26.83 56.41
CA ASN J 98 19.50 -25.42 56.77
C ASN J 98 19.43 -25.25 58.28
N LYS J 99 18.66 -26.10 58.95
CA LYS J 99 18.49 -25.99 60.39
C LYS J 99 19.78 -26.21 61.17
N LEU J 100 20.71 -27.00 60.63
CA LEU J 100 21.98 -27.18 61.32
C LEU J 100 22.76 -25.88 61.40
N LEU J 101 22.75 -25.10 60.34
CA LEU J 101 23.55 -23.88 60.25
C LEU J 101 22.67 -22.64 60.14
N GLY J 102 21.61 -22.58 60.94
CA GLY J 102 20.69 -21.46 60.86
C GLY J 102 21.30 -20.13 61.22
N ARG J 103 22.45 -20.13 61.90
CA ARG J 103 23.11 -18.90 62.33
C ARG J 103 24.58 -18.88 61.93
N VAL J 104 24.89 -19.35 60.73
CA VAL J 104 26.23 -19.28 60.17
C VAL J 104 26.15 -18.51 58.86
N THR J 105 27.13 -17.65 58.62
CA THR J 105 27.23 -16.89 57.38
C THR J 105 28.54 -17.25 56.68
N ILE J 106 28.44 -17.58 55.39
CA ILE J 106 29.57 -18.05 54.61
C ILE J 106 30.24 -16.85 53.95
N ALA J 107 31.57 -16.86 53.91
CA ALA J 107 32.30 -15.80 53.23
C ALA J 107 31.90 -15.74 51.76
N GLN J 108 31.60 -14.53 51.29
CA GLN J 108 31.19 -14.24 49.91
C GLN J 108 30.06 -15.14 49.43
N GLY J 109 29.21 -15.63 50.34
CA GLY J 109 28.20 -16.60 49.94
C GLY J 109 27.15 -16.02 49.01
N GLY J 110 26.65 -14.84 49.33
CA GLY J 110 25.56 -14.28 48.55
C GLY J 110 24.22 -14.90 48.93
N VAL J 111 23.16 -14.10 48.85
CA VAL J 111 21.84 -14.55 49.27
C VAL J 111 21.29 -15.54 48.25
N LEU J 112 20.27 -16.30 48.65
CA LEU J 112 19.58 -17.16 47.71
C LEU J 112 18.78 -16.29 46.73
N PRO J 113 18.66 -16.73 45.48
CA PRO J 113 17.80 -15.99 44.54
C PRO J 113 16.34 -16.14 44.92
N ASN J 114 15.75 -15.05 45.40
CA ASN J 114 14.36 -15.08 45.83
C ASN J 114 13.78 -13.67 45.73
N ILE J 115 12.54 -13.58 45.26
CA ILE J 115 11.84 -12.31 45.16
C ILE J 115 10.43 -12.51 45.67
N GLN J 116 9.96 -11.58 46.49
CA GLN J 116 8.58 -11.65 46.99
C GLN J 116 7.61 -11.47 45.83
N SER J 117 6.57 -12.29 45.81
CA SER J 117 5.63 -12.32 44.69
C SER J 117 4.97 -10.96 44.46
N VAL J 118 4.64 -10.25 45.53
CA VAL J 118 3.96 -8.96 45.40
C VAL J 118 4.84 -7.98 44.63
N LEU J 119 6.16 -8.08 44.82
CA LEU J 119 7.07 -7.18 44.12
C LEU J 119 6.99 -7.36 42.61
N LEU J 120 6.62 -8.55 42.14
CA LEU J 120 6.55 -8.78 40.70
C LEU J 120 5.37 -8.02 40.09
N PRO J 121 5.41 -7.77 38.79
CA PRO J 121 4.30 -7.08 38.13
C PRO J 121 3.02 -7.90 38.21
N LYS J 122 1.89 -7.20 38.11
CA LYS J 122 0.59 -7.83 38.31
C LYS J 122 0.33 -8.93 37.28
N CYS J 123 0.88 -8.79 36.08
CA CYS J 123 0.66 -9.78 35.03
C CYS J 123 1.97 -10.35 34.52
N ARG K 28 61.24 -22.09 57.26
CA ARG K 28 60.71 -23.45 57.14
C ARG K 28 60.52 -24.09 58.51
N LYS K 29 59.43 -23.71 59.18
CA LYS K 29 59.13 -24.21 60.52
C LYS K 29 57.63 -24.05 60.76
N THR K 30 57.24 -24.19 62.03
CA THR K 30 55.86 -24.03 62.51
C THR K 30 54.83 -24.63 61.54
N ARG K 31 54.93 -25.95 61.37
CA ARG K 31 54.00 -26.67 60.52
C ARG K 31 52.57 -26.49 61.00
N LYS K 32 51.66 -26.18 60.08
CA LYS K 32 50.26 -26.04 60.42
C LYS K 32 49.58 -27.42 60.41
N GLU K 33 48.42 -27.49 61.06
CA GLU K 33 47.63 -28.71 61.10
C GLU K 33 46.23 -28.39 60.58
N SER K 34 45.72 -29.25 59.70
CA SER K 34 44.43 -29.01 59.08
C SER K 34 43.87 -30.31 58.55
N TYR K 35 42.68 -30.23 57.97
CA TYR K 35 42.02 -31.38 57.37
C TYR K 35 42.02 -31.34 55.85
N ALA K 36 42.94 -30.60 55.24
CA ALA K 36 42.92 -30.41 53.79
C ALA K 36 43.06 -31.73 53.04
N ILE K 37 43.99 -32.57 53.49
CA ILE K 37 44.18 -33.85 52.80
C ILE K 37 42.90 -34.68 52.88
N TYR K 38 42.27 -34.70 54.05
CA TYR K 38 41.17 -35.62 54.29
C TYR K 38 39.94 -35.25 53.48
N VAL K 39 39.53 -33.98 53.53
CA VAL K 39 38.35 -33.57 52.78
C VAL K 39 38.59 -33.78 51.29
N TYR K 40 39.81 -33.53 50.84
CA TYR K 40 40.14 -33.69 49.43
C TYR K 40 39.89 -35.13 48.97
N LYS K 41 40.31 -36.10 49.79
CA LYS K 41 40.18 -37.50 49.37
C LYS K 41 38.71 -37.90 49.22
N VAL K 42 37.87 -37.54 50.19
CA VAL K 42 36.48 -37.96 50.13
C VAL K 42 35.77 -37.31 48.96
N LEU K 43 36.26 -36.16 48.50
CA LEU K 43 35.66 -35.50 47.36
C LEU K 43 35.69 -36.40 46.14
N LYS K 44 36.77 -37.16 45.97
CA LYS K 44 36.90 -38.05 44.83
C LYS K 44 35.80 -39.10 44.78
N GLN K 45 35.47 -39.70 45.92
CA GLN K 45 34.49 -40.79 45.95
C GLN K 45 33.11 -40.35 45.52
N VAL K 46 32.78 -39.07 45.67
CA VAL K 46 31.46 -38.59 45.26
C VAL K 46 31.45 -37.94 43.89
N HIS K 47 32.47 -37.14 43.57
CA HIS K 47 32.57 -36.49 42.27
C HIS K 47 33.99 -36.64 41.78
N PRO K 48 34.31 -37.76 41.13
CA PRO K 48 35.71 -38.01 40.73
C PRO K 48 36.27 -36.96 39.79
N ASP K 49 35.42 -36.12 39.22
CA ASP K 49 35.85 -35.11 38.26
C ASP K 49 36.04 -33.73 38.89
N THR K 50 35.21 -33.38 39.87
CA THR K 50 35.11 -32.00 40.32
C THR K 50 36.41 -31.54 40.98
N GLY K 51 36.82 -30.30 40.65
CA GLY K 51 37.94 -29.68 41.32
C GLY K 51 37.46 -28.80 42.47
N ILE K 52 38.39 -28.50 43.37
CA ILE K 52 38.07 -27.79 44.61
C ILE K 52 38.90 -26.51 44.70
N SER K 53 38.23 -25.38 44.87
CA SER K 53 38.93 -24.11 45.03
C SER K 53 39.69 -24.08 46.35
N SER K 54 40.77 -23.30 46.39
CA SER K 54 41.57 -23.22 47.59
C SER K 54 40.84 -22.51 48.72
N LYS K 55 40.25 -21.35 48.42
CA LYS K 55 39.61 -20.57 49.47
C LYS K 55 38.37 -21.26 50.02
N ALA K 56 37.65 -22.01 49.18
CA ALA K 56 36.56 -22.82 49.69
C ALA K 56 37.06 -23.86 50.68
N MET K 57 38.23 -24.45 50.40
CA MET K 57 38.77 -25.47 51.29
C MET K 57 38.95 -24.96 52.71
N SER K 58 39.14 -23.65 52.86
CA SER K 58 39.15 -23.10 54.21
C SER K 58 37.81 -23.30 54.90
N ILE K 59 36.71 -23.15 54.16
CA ILE K 59 35.38 -23.20 54.77
C ILE K 59 35.14 -24.59 55.35
N MET K 60 35.44 -25.64 54.59
CA MET K 60 35.42 -26.98 55.16
C MET K 60 36.38 -27.11 56.32
N ASN K 61 37.60 -26.60 56.17
CA ASN K 61 38.54 -26.65 57.28
C ASN K 61 38.01 -25.87 58.47
N SER K 62 37.08 -24.94 58.22
CA SER K 62 36.42 -24.23 59.30
C SER K 62 35.15 -24.94 59.74
N PHE K 63 34.27 -25.25 58.79
CA PHE K 63 32.97 -25.83 59.12
C PHE K 63 33.11 -27.08 59.96
N VAL K 64 33.89 -28.05 59.50
CA VAL K 64 33.97 -29.33 60.19
C VAL K 64 34.59 -29.14 61.58
N ASN K 65 35.47 -28.14 61.71
CA ASN K 65 35.94 -27.79 63.03
C ASN K 65 34.82 -27.25 63.90
N ASP K 66 33.94 -26.42 63.32
CA ASP K 66 32.84 -25.86 64.09
C ASP K 66 31.97 -26.95 64.69
N VAL K 67 31.65 -27.97 63.89
CA VAL K 67 30.82 -29.06 64.40
C VAL K 67 31.56 -29.81 65.50
N PHE K 68 32.86 -30.06 65.31
CA PHE K 68 33.57 -30.97 66.19
C PHE K 68 33.55 -30.48 67.64
N GLU K 69 33.67 -29.18 67.85
CA GLU K 69 33.53 -28.64 69.19
C GLU K 69 32.08 -28.57 69.65
N ARG K 70 31.14 -28.29 68.75
CA ARG K 70 29.75 -28.20 69.17
C ARG K 70 29.28 -29.51 69.78
N ILE K 71 29.65 -30.64 69.17
CA ILE K 71 29.30 -31.92 69.74
C ILE K 71 30.11 -32.20 71.00
N ALA K 72 31.41 -31.91 70.97
CA ALA K 72 32.29 -32.30 72.07
C ALA K 72 31.89 -31.63 73.38
N GLY K 73 31.59 -30.34 73.34
CA GLY K 73 31.06 -29.70 74.54
C GLY K 73 29.71 -30.26 74.95
N GLU K 74 28.86 -30.55 73.96
CA GLU K 74 27.56 -31.12 74.27
C GLU K 74 27.71 -32.46 74.97
N ALA K 75 28.62 -33.29 74.49
CA ALA K 75 28.86 -34.58 75.12
C ALA K 75 29.42 -34.42 76.53
N SER K 76 30.25 -33.40 76.73
CA SER K 76 30.90 -33.23 78.03
C SER K 76 29.87 -33.02 79.13
N ARG K 77 28.86 -32.20 78.89
CA ARG K 77 27.90 -31.87 79.93
C ARG K 77 27.10 -33.10 80.35
N LEU K 78 26.81 -33.99 79.40
CA LEU K 78 26.07 -35.19 79.74
C LEU K 78 26.82 -36.04 80.76
N ALA K 79 28.12 -36.22 80.56
CA ALA K 79 28.92 -36.92 81.55
C ALA K 79 28.88 -36.20 82.88
N HIS K 80 28.96 -34.87 82.84
CA HIS K 80 28.86 -34.08 84.07
C HIS K 80 27.49 -34.26 84.71
N TYR K 81 26.43 -34.24 83.90
CA TYR K 81 25.09 -34.42 84.46
C TYR K 81 24.97 -35.77 85.14
N ASN K 82 25.54 -36.81 84.55
CA ASN K 82 25.45 -38.14 85.11
C ASN K 82 26.69 -38.54 85.88
N LYS K 83 27.64 -37.62 86.06
CA LYS K 83 28.78 -37.83 86.94
C LYS K 83 29.69 -38.96 86.48
N ARG K 84 29.45 -39.50 85.29
CA ARG K 84 30.38 -40.44 84.71
C ARG K 84 31.68 -39.73 84.38
N SER K 85 32.79 -40.25 84.88
CA SER K 85 34.08 -39.61 84.68
C SER K 85 34.64 -39.83 83.29
N THR K 86 33.84 -40.35 82.36
CA THR K 86 34.29 -40.71 81.03
C THR K 86 33.26 -40.32 79.99
N ILE K 87 33.70 -40.20 78.75
CA ILE K 87 32.82 -40.04 77.60
C ILE K 87 33.05 -41.23 76.67
N THR K 88 31.99 -41.97 76.38
CA THR K 88 32.08 -43.14 75.53
C THR K 88 31.09 -43.02 74.37
N SER K 89 31.09 -44.06 73.53
CA SER K 89 30.27 -44.05 72.33
C SER K 89 28.80 -43.83 72.66
N ARG K 90 28.37 -44.24 73.86
CA ARG K 90 26.98 -44.02 74.25
C ARG K 90 26.65 -42.53 74.26
N GLU K 91 27.50 -41.72 74.90
CA GLU K 91 27.18 -40.31 75.08
C GLU K 91 27.00 -39.63 73.74
N ILE K 92 27.98 -39.78 72.85
CA ILE K 92 27.89 -39.12 71.55
C ILE K 92 26.67 -39.61 70.79
N GLN K 93 26.38 -40.91 70.89
CA GLN K 93 25.23 -41.45 70.20
C GLN K 93 23.95 -40.73 70.62
N THR K 94 23.77 -40.52 71.92
CA THR K 94 22.70 -39.63 72.36
C THR K 94 22.97 -38.21 71.89
N ALA K 95 24.21 -37.75 72.01
CA ALA K 95 24.52 -36.37 71.67
C ALA K 95 24.17 -36.07 70.22
N VAL K 96 24.62 -36.92 69.30
CA VAL K 96 24.29 -36.70 67.90
C VAL K 96 22.78 -36.78 67.70
N ARG K 97 22.09 -37.51 68.57
CA ARG K 97 20.64 -37.56 68.45
C ARG K 97 20.00 -36.24 68.85
N LEU K 98 20.77 -35.33 69.44
CA LEU K 98 20.23 -34.04 69.83
C LEU K 98 20.46 -32.97 68.76
N LEU K 99 21.72 -32.75 68.38
CA LEU K 99 22.04 -31.62 67.52
C LEU K 99 21.42 -31.77 66.14
N LEU K 100 21.57 -32.91 65.50
CA LEU K 100 21.08 -33.08 64.15
C LEU K 100 19.56 -33.05 64.15
N PRO K 101 18.94 -32.14 63.42
CA PRO K 101 17.48 -32.08 63.40
C PRO K 101 16.87 -33.22 62.64
N GLY K 102 16.23 -34.14 63.35
CA GLY K 102 15.46 -35.19 62.71
C GLY K 102 16.25 -36.17 61.86
N GLU K 103 16.08 -36.05 60.54
CA GLU K 103 16.35 -37.18 59.65
C GLU K 103 17.80 -37.65 59.78
N LEU K 104 18.77 -36.74 59.64
CA LEU K 104 20.17 -37.13 59.51
C LEU K 104 20.57 -38.14 60.58
N ALA K 105 19.97 -38.04 61.76
CA ALA K 105 20.46 -38.81 62.90
C ALA K 105 20.50 -40.30 62.62
N LYS K 106 19.39 -40.84 62.09
CA LYS K 106 19.32 -42.29 61.89
C LYS K 106 20.43 -42.78 60.96
N HIS K 107 20.65 -42.09 59.85
CA HIS K 107 21.81 -42.43 59.02
C HIS K 107 23.09 -42.20 59.80
N ALA K 108 23.20 -41.05 60.47
CA ALA K 108 24.40 -40.75 61.24
C ALA K 108 24.58 -41.77 62.34
N VAL K 109 23.50 -42.10 63.06
CA VAL K 109 23.60 -43.14 64.07
C VAL K 109 23.97 -44.46 63.43
N SER K 110 23.29 -44.81 62.34
CA SER K 110 23.66 -46.02 61.60
C SER K 110 25.11 -45.96 61.16
N GLU K 111 25.56 -44.78 60.74
CA GLU K 111 26.92 -44.64 60.24
C GLU K 111 27.93 -45.03 61.31
N GLY K 112 27.75 -44.53 62.53
CA GLY K 112 28.67 -44.90 63.60
C GLY K 112 28.57 -46.36 63.97
N THR K 113 27.35 -46.88 64.11
CA THR K 113 27.16 -48.25 64.54
C THR K 113 27.91 -49.22 63.65
N LYS K 114 27.70 -49.13 62.34
CA LYS K 114 28.44 -50.00 61.44
C LYS K 114 29.93 -49.77 61.57
N ALA K 115 30.34 -48.50 61.65
CA ALA K 115 31.76 -48.20 61.77
C ALA K 115 32.35 -48.84 63.01
N VAL K 116 31.62 -48.79 64.13
CA VAL K 116 32.09 -49.44 65.34
C VAL K 116 32.21 -50.94 65.12
N THR K 117 31.20 -51.54 64.48
CA THR K 117 31.20 -52.99 64.30
C THR K 117 32.42 -53.45 63.54
N LYS K 118 32.73 -52.79 62.43
CA LYS K 118 33.93 -53.14 61.67
C LYS K 118 35.18 -52.97 62.51
N TYR K 119 35.27 -51.85 63.26
CA TYR K 119 36.43 -51.65 64.11
C TYR K 119 36.50 -52.72 65.20
N THR K 120 35.36 -53.00 65.84
CA THR K 120 35.35 -54.00 66.90
C THR K 120 35.73 -55.38 66.36
N SER K 121 35.22 -55.73 65.17
CA SER K 121 35.54 -57.02 64.59
C SER K 121 37.02 -57.17 64.31
N ALA K 122 37.69 -56.10 63.91
CA ALA K 122 39.12 -56.11 63.62
C ALA K 122 39.87 -55.22 64.59
N LYS K 123 39.46 -55.28 65.86
CA LYS K 123 40.09 -54.48 66.90
C LYS K 123 41.53 -54.91 67.11
N ALA M 16 49.08 -23.79 113.30
CA ALA M 16 47.66 -23.99 113.56
C ALA M 16 46.90 -22.68 113.46
N LYS M 17 45.73 -22.63 114.12
CA LYS M 17 44.87 -21.44 114.12
C LYS M 17 44.46 -21.06 112.69
N ALA M 18 43.76 -21.99 112.04
CA ALA M 18 43.31 -21.75 110.67
C ALA M 18 42.23 -20.68 110.65
N LYS M 19 42.05 -20.07 109.48
CA LYS M 19 41.08 -19.00 109.32
C LYS M 19 40.50 -19.05 107.91
N THR M 20 39.32 -18.45 107.77
CA THR M 20 38.61 -18.49 106.50
C THR M 20 39.30 -17.63 105.47
N ARG M 21 39.46 -18.16 104.25
CA ARG M 21 39.96 -17.34 103.16
C ARG M 21 39.01 -16.21 102.84
N SER M 22 37.70 -16.46 102.92
CA SER M 22 36.72 -15.39 102.75
C SER M 22 36.91 -14.34 103.82
N SER M 23 37.15 -14.76 105.06
CA SER M 23 37.49 -13.81 106.11
C SER M 23 38.84 -13.16 105.84
N ARG M 24 39.76 -13.90 105.23
CA ARG M 24 41.08 -13.35 104.93
C ARG M 24 40.97 -12.15 104.01
N ALA M 25 40.09 -12.22 103.02
CA ALA M 25 39.76 -11.08 102.17
C ALA M 25 38.60 -10.28 102.71
N GLY M 26 37.98 -10.72 103.81
CA GLY M 26 36.79 -10.05 104.30
C GLY M 26 35.59 -10.20 103.40
N LEU M 27 35.40 -11.39 102.82
CA LEU M 27 34.29 -11.62 101.92
C LEU M 27 33.27 -12.55 102.56
N GLN M 28 32.00 -12.33 102.23
CA GLN M 28 30.95 -13.19 102.76
C GLN M 28 30.90 -14.53 102.02
N PHE M 29 31.13 -14.50 100.72
CA PHE M 29 30.97 -15.70 99.91
C PHE M 29 32.08 -16.72 100.23
N PRO M 30 31.77 -18.00 100.12
CA PRO M 30 32.77 -19.03 100.47
C PRO M 30 33.83 -19.22 99.40
N VAL M 31 35.03 -18.71 99.66
CA VAL M 31 36.16 -18.98 98.77
C VAL M 31 36.53 -20.45 98.80
N GLY M 32 36.23 -21.16 99.87
CA GLY M 32 36.60 -22.54 99.98
C GLY M 32 35.97 -23.43 98.93
N ARG M 33 34.65 -23.28 98.74
CA ARG M 33 33.94 -24.20 97.86
C ARG M 33 34.14 -23.85 96.39
N VAL M 34 34.26 -22.55 96.08
CA VAL M 34 34.30 -22.15 94.67
C VAL M 34 35.54 -22.71 93.99
N HIS M 35 36.70 -22.61 94.66
CA HIS M 35 37.92 -23.14 94.07
C HIS M 35 37.85 -24.65 93.88
N ARG M 36 37.05 -25.33 94.70
CA ARG M 36 36.82 -26.76 94.50
C ARG M 36 36.17 -27.01 93.14
N LEU M 37 35.17 -26.20 92.78
CA LEU M 37 34.45 -26.42 91.54
C LEU M 37 35.36 -26.30 90.33
N LEU M 38 36.26 -25.32 90.33
CA LEU M 38 37.09 -25.09 89.16
C LEU M 38 37.98 -26.28 88.87
N ARG M 39 38.55 -26.89 89.91
CA ARG M 39 39.29 -28.13 89.70
C ARG M 39 38.36 -29.21 89.17
N LYS M 40 37.14 -29.28 89.68
CA LYS M 40 36.20 -30.30 89.21
C LYS M 40 35.46 -29.90 87.95
N GLY M 41 35.46 -28.62 87.60
CA GLY M 41 34.72 -28.19 86.43
C GLY M 41 35.39 -28.44 85.10
N ASN M 42 36.64 -28.87 85.10
CA ASN M 42 37.38 -29.17 83.87
C ASN M 42 37.51 -27.95 82.97
N TYR M 43 37.35 -26.77 83.55
CA TYR M 43 37.47 -25.56 82.75
C TYR M 43 38.91 -25.34 82.31
N ALA M 44 39.86 -25.77 83.11
CA ALA M 44 41.27 -25.69 82.76
C ALA M 44 41.99 -26.82 83.49
N GLU M 45 43.28 -26.94 83.21
CA GLU M 45 44.04 -28.01 83.85
C GLU M 45 44.81 -27.51 85.08
N ARG M 46 45.06 -26.21 85.18
CA ARG M 46 45.56 -25.59 86.40
C ARG M 46 44.79 -24.31 86.67
N VAL M 47 44.71 -23.95 87.94
CA VAL M 47 43.98 -22.76 88.38
C VAL M 47 44.93 -21.89 89.19
N GLY M 48 45.08 -20.64 88.77
CA GLY M 48 45.87 -19.71 89.55
C GLY M 48 45.20 -19.34 90.86
N ALA M 49 46.03 -19.01 91.84
CA ALA M 49 45.53 -18.77 93.19
C ALA M 49 44.61 -17.55 93.25
N GLY M 50 44.98 -16.47 92.55
CA GLY M 50 44.22 -15.23 92.69
C GLY M 50 42.82 -15.33 92.13
N ALA M 51 42.65 -16.10 91.06
CA ALA M 51 41.39 -16.07 90.32
C ALA M 51 40.16 -16.37 91.17
N PRO M 52 40.11 -17.44 91.96
CA PRO M 52 38.88 -17.69 92.72
C PRO M 52 38.52 -16.56 93.66
N VAL M 53 39.52 -15.89 94.23
CA VAL M 53 39.25 -14.75 95.09
C VAL M 53 38.51 -13.68 94.31
N TYR M 54 39.01 -13.34 93.13
CA TYR M 54 38.35 -12.35 92.30
C TYR M 54 36.95 -12.79 91.95
N LEU M 55 36.79 -14.05 91.56
CA LEU M 55 35.48 -14.53 91.17
C LEU M 55 34.50 -14.42 92.33
N ALA M 56 34.91 -14.82 93.52
CA ALA M 56 34.03 -14.72 94.68
C ALA M 56 33.60 -13.28 94.91
N ALA M 57 34.52 -12.33 94.66
CA ALA M 57 34.21 -10.93 94.92
C ALA M 57 33.05 -10.44 94.07
N VAL M 58 33.11 -10.67 92.76
CA VAL M 58 32.11 -10.08 91.87
C VAL M 58 30.72 -10.63 92.20
N LEU M 59 30.62 -11.93 92.46
CA LEU M 59 29.32 -12.51 92.78
C LEU M 59 28.65 -11.79 93.93
N GLU M 60 29.42 -11.46 94.97
CA GLU M 60 28.86 -10.73 96.09
C GLU M 60 28.27 -9.41 95.65
N TYR M 61 28.95 -8.72 94.73
CA TYR M 61 28.41 -7.49 94.19
C TYR M 61 27.08 -7.74 93.50
N LEU M 62 27.02 -8.78 92.67
CA LEU M 62 25.83 -9.02 91.87
C LEU M 62 24.63 -9.32 92.75
N THR M 63 24.77 -10.29 93.65
CA THR M 63 23.64 -10.69 94.46
C THR M 63 23.19 -9.57 95.37
N ALA M 64 24.14 -8.82 95.92
CA ALA M 64 23.77 -7.68 96.76
C ALA M 64 23.02 -6.65 95.95
N GLU M 65 23.45 -6.42 94.72
CA GLU M 65 22.79 -5.44 93.86
C GLU M 65 21.34 -5.80 93.65
N ILE M 66 21.07 -7.04 93.24
CA ILE M 66 19.70 -7.44 92.93
C ILE M 66 18.88 -7.54 94.21
N LEU M 67 19.48 -8.08 95.27
CA LEU M 67 18.71 -8.28 96.50
C LEU M 67 18.20 -6.97 97.05
N GLU M 68 19.04 -5.93 97.04
CA GLU M 68 18.63 -4.65 97.58
C GLU M 68 17.37 -4.14 96.90
N LEU M 69 17.36 -4.17 95.56
CA LEU M 69 16.21 -3.68 94.83
C LEU M 69 14.95 -4.46 95.18
N ALA M 70 15.06 -5.78 95.22
CA ALA M 70 13.92 -6.61 95.56
C ALA M 70 13.45 -6.31 96.98
N GLY M 71 14.36 -6.35 97.95
CA GLY M 71 13.99 -6.05 99.31
C GLY M 71 13.43 -4.65 99.46
N ASN M 72 14.00 -3.69 98.73
CA ASN M 72 13.47 -2.34 98.75
C ASN M 72 12.03 -2.31 98.24
N ALA M 73 11.82 -2.86 97.05
CA ALA M 73 10.51 -2.75 96.40
C ALA M 73 9.43 -3.47 97.19
N ALA M 74 9.74 -4.66 97.71
CA ALA M 74 8.75 -5.39 98.50
C ALA M 74 8.36 -4.60 99.73
N ARG M 75 9.34 -3.97 100.37
CA ARG M 75 9.03 -3.04 101.46
C ARG M 75 8.19 -1.89 100.96
N ASP M 76 8.51 -1.38 99.77
CA ASP M 76 7.70 -0.33 99.16
C ASP M 76 6.29 -0.80 98.89
N ASN M 77 6.07 -2.10 98.78
CA ASN M 77 4.72 -2.65 98.67
C ASN M 77 4.17 -3.10 100.01
N LYS M 78 4.71 -2.59 101.11
CA LYS M 78 4.22 -2.85 102.46
C LYS M 78 4.35 -4.31 102.86
N LYS M 79 5.30 -5.04 102.28
CA LYS M 79 5.50 -6.45 102.58
C LYS M 79 6.94 -6.66 103.02
N THR M 80 7.13 -7.57 103.97
CA THR M 80 8.43 -7.79 104.58
C THR M 80 9.03 -9.15 104.27
N ARG M 81 8.36 -9.99 103.48
CA ARG M 81 8.90 -11.27 103.07
C ARG M 81 9.09 -11.24 101.56
N ILE M 82 10.30 -11.56 101.10
CA ILE M 82 10.61 -11.48 99.68
C ILE M 82 10.01 -12.68 98.96
N ILE M 83 9.31 -12.40 97.87
CA ILE M 83 8.70 -13.45 97.04
C ILE M 83 9.02 -13.19 95.59
N PRO M 84 8.98 -14.23 94.75
CA PRO M 84 9.43 -14.07 93.35
C PRO M 84 8.77 -12.94 92.59
N ARG M 85 7.50 -12.63 92.86
CA ARG M 85 6.88 -11.51 92.16
C ARG M 85 7.66 -10.22 92.39
N HIS M 86 8.11 -9.99 93.62
CA HIS M 86 9.02 -8.88 93.87
C HIS M 86 10.29 -9.04 93.06
N LEU M 87 10.83 -10.25 93.02
CA LEU M 87 12.14 -10.49 92.42
C LEU M 87 12.12 -10.15 90.93
N GLN M 88 11.04 -10.53 90.24
CA GLN M 88 10.95 -10.22 88.82
C GLN M 88 10.91 -8.72 88.58
N LEU M 89 10.21 -7.98 89.44
CA LEU M 89 10.04 -6.55 89.23
C LEU M 89 11.38 -5.83 89.19
N ALA M 90 12.30 -6.20 90.08
CA ALA M 90 13.58 -5.50 90.14
C ALA M 90 14.39 -5.73 88.87
N VAL M 91 14.46 -6.98 88.40
CA VAL M 91 15.29 -7.30 87.25
C VAL M 91 14.81 -6.56 86.01
N ARG M 92 13.50 -6.61 85.75
CA ARG M 92 12.98 -6.06 84.51
C ARG M 92 12.94 -4.53 84.56
N ASN M 93 12.92 -3.94 85.74
CA ASN M 93 12.89 -2.49 85.85
C ASN M 93 14.26 -1.85 85.70
N ASP M 94 15.34 -2.61 85.84
CA ASP M 94 16.70 -2.09 85.65
C ASP M 94 17.24 -2.68 84.34
N GLU M 95 17.40 -1.82 83.34
CA GLU M 95 17.89 -2.29 82.05
C GLU M 95 19.30 -2.88 82.17
N GLU M 96 20.11 -2.36 83.08
CA GLU M 96 21.49 -2.84 83.19
C GLU M 96 21.51 -4.31 83.55
N LEU M 97 20.68 -4.72 84.50
CA LEU M 97 20.54 -6.13 84.78
C LEU M 97 19.71 -6.86 83.75
N ASN M 98 18.76 -6.17 83.12
CA ASN M 98 17.93 -6.81 82.10
C ASN M 98 18.77 -7.42 81.00
N LYS M 99 19.93 -6.83 80.71
CA LYS M 99 20.83 -7.43 79.74
C LYS M 99 21.32 -8.79 80.17
N LEU M 100 21.73 -8.94 81.43
CA LEU M 100 22.23 -10.23 81.88
C LEU M 100 21.13 -11.27 81.94
N LEU M 101 19.92 -10.87 82.32
CA LEU M 101 18.82 -11.79 82.55
C LEU M 101 17.69 -11.63 81.53
N GLY M 102 18.01 -11.15 80.33
CA GLY M 102 17.02 -11.08 79.29
C GLY M 102 16.54 -12.45 78.83
N ARG M 103 17.43 -13.45 78.87
CA ARG M 103 17.08 -14.79 78.43
C ARG M 103 16.18 -15.49 79.45
N VAL M 104 16.66 -15.61 80.68
CA VAL M 104 15.98 -16.46 81.67
C VAL M 104 14.67 -15.81 82.11
N THR M 105 13.66 -16.65 82.32
CA THR M 105 12.43 -16.27 82.98
C THR M 105 12.31 -17.01 84.30
N ILE M 106 11.69 -16.38 85.28
CA ILE M 106 11.67 -16.88 86.65
C ILE M 106 10.30 -17.47 86.94
N ALA M 107 10.28 -18.59 87.67
CA ALA M 107 9.03 -19.26 87.99
C ALA M 107 8.10 -18.33 88.77
N GLN M 108 6.83 -18.33 88.38
CA GLN M 108 5.82 -17.43 88.97
C GLN M 108 6.27 -15.98 88.91
N GLY M 109 7.03 -15.63 87.87
CA GLY M 109 7.56 -14.28 87.79
C GLY M 109 6.47 -13.24 87.65
N GLY M 110 5.52 -13.47 86.76
CA GLY M 110 4.51 -12.47 86.48
C GLY M 110 5.03 -11.39 85.57
N VAL M 111 4.17 -10.90 84.68
CA VAL M 111 4.60 -9.89 83.72
C VAL M 111 4.54 -8.51 84.37
N LEU M 112 5.45 -7.63 83.95
CA LEU M 112 5.40 -6.25 84.39
C LEU M 112 4.09 -5.61 83.96
N PRO M 113 3.49 -4.77 84.80
CA PRO M 113 2.27 -4.06 84.39
C PRO M 113 2.57 -3.13 83.24
N ASN M 114 1.96 -3.39 82.09
CA ASN M 114 2.18 -2.59 80.90
C ASN M 114 1.00 -2.73 79.96
N ILE M 115 0.58 -1.62 79.37
CA ILE M 115 -0.49 -1.60 78.38
C ILE M 115 -0.08 -0.65 77.28
N GLN M 116 -0.27 -1.06 76.03
CA GLN M 116 0.10 -0.21 74.91
C GLN M 116 -0.83 0.99 74.83
N SER M 117 -0.26 2.13 74.43
CA SER M 117 -1.01 3.38 74.47
C SER M 117 -2.21 3.35 73.54
N VAL M 118 -2.05 2.78 72.35
CA VAL M 118 -3.16 2.75 71.40
C VAL M 118 -4.32 1.95 71.94
N LEU M 119 -4.05 0.99 72.81
CA LEU M 119 -5.12 0.19 73.40
C LEU M 119 -5.99 1.01 74.35
N LEU M 120 -5.57 2.21 74.70
CA LEU M 120 -6.29 3.00 75.69
C LEU M 120 -7.66 3.41 75.15
N PRO M 121 -8.60 3.74 76.03
CA PRO M 121 -9.93 4.16 75.58
C PRO M 121 -9.83 5.39 74.68
N LYS M 122 -10.77 5.46 73.73
CA LYS M 122 -10.76 6.48 72.68
C LYS M 122 -10.85 7.90 73.22
N CYS M 123 -11.33 8.09 74.44
CA CYS M 123 -11.39 9.42 75.02
C CYS M 123 -10.37 9.58 76.14
N LYS N 29 21.07 -38.48 106.06
CA LYS N 29 21.98 -38.66 104.95
C LYS N 29 21.61 -37.74 103.79
N THR N 30 21.94 -38.16 102.56
CA THR N 30 21.64 -37.41 101.34
C THR N 30 22.08 -35.95 101.46
N ARG N 31 23.33 -35.75 101.86
CA ARG N 31 23.85 -34.40 102.02
C ARG N 31 23.92 -33.70 100.67
N LYS N 32 23.35 -32.50 100.59
CA LYS N 32 23.27 -31.73 99.35
C LYS N 32 23.75 -30.32 99.62
N GLU N 33 24.62 -29.82 98.74
CA GLU N 33 25.20 -28.49 98.92
C GLU N 33 24.38 -27.42 98.23
N SER N 34 24.52 -26.19 98.69
CA SER N 34 23.83 -25.04 98.13
C SER N 34 24.55 -23.78 98.57
N TYR N 35 23.91 -22.63 98.36
CA TYR N 35 24.42 -21.35 98.81
C TYR N 35 23.38 -20.56 99.60
N ALA N 36 22.50 -21.25 100.33
CA ALA N 36 21.41 -20.57 101.03
C ALA N 36 21.93 -19.62 102.10
N ILE N 37 22.83 -20.12 102.95
CA ILE N 37 23.27 -19.33 104.10
C ILE N 37 23.97 -18.06 103.64
N TYR N 38 24.80 -18.17 102.60
CA TYR N 38 25.53 -17.01 102.12
C TYR N 38 24.57 -15.97 101.55
N VAL N 39 23.55 -16.41 100.82
CA VAL N 39 22.53 -15.49 100.35
C VAL N 39 21.89 -14.78 101.54
N TYR N 40 21.60 -15.52 102.60
CA TYR N 40 21.03 -14.92 103.79
C TYR N 40 21.99 -13.90 104.40
N LYS N 41 23.27 -14.25 104.47
CA LYS N 41 24.23 -13.42 105.19
C LYS N 41 24.33 -12.03 104.56
N VAL N 42 24.49 -11.96 103.24
CA VAL N 42 24.63 -10.66 102.58
C VAL N 42 23.32 -9.89 102.65
N LEU N 43 22.19 -10.60 102.61
CA LEU N 43 20.89 -9.94 102.73
C LEU N 43 20.85 -9.06 103.96
N LYS N 44 21.31 -9.58 105.09
CA LYS N 44 21.32 -8.80 106.31
C LYS N 44 22.28 -7.62 106.18
N GLN N 45 23.40 -7.83 105.50
CA GLN N 45 24.41 -6.77 105.36
C GLN N 45 23.84 -5.54 104.69
N VAL N 46 22.81 -5.69 103.87
CA VAL N 46 22.17 -4.56 103.23
C VAL N 46 20.84 -4.30 103.91
N HIS N 47 20.13 -5.35 104.25
CA HIS N 47 18.80 -5.24 104.86
C HIS N 47 18.73 -6.20 106.03
N PRO N 48 18.96 -5.73 107.24
CA PRO N 48 18.95 -6.65 108.40
C PRO N 48 17.56 -7.02 108.86
N ASP N 49 16.50 -6.47 108.25
CA ASP N 49 15.16 -6.67 108.78
C ASP N 49 14.28 -7.54 107.88
N THR N 50 14.28 -7.27 106.57
CA THR N 50 13.26 -7.84 105.69
C THR N 50 13.46 -9.34 105.53
N GLY N 51 12.35 -10.07 105.39
CA GLY N 51 12.38 -11.50 105.23
C GLY N 51 12.25 -11.92 103.77
N ILE N 52 12.52 -13.21 103.52
CA ILE N 52 12.49 -13.79 102.19
C ILE N 52 11.75 -15.11 102.25
N SER N 53 11.05 -15.46 101.18
CA SER N 53 10.37 -16.74 101.10
C SER N 53 11.30 -17.80 100.52
N SER N 54 11.01 -19.06 100.86
CA SER N 54 11.87 -20.16 100.44
C SER N 54 11.92 -20.31 98.92
N LYS N 55 10.82 -20.00 98.24
CA LYS N 55 10.80 -20.09 96.78
C LYS N 55 11.83 -19.15 96.17
N ALA N 56 11.76 -17.86 96.53
CA ALA N 56 12.72 -16.91 95.98
C ALA N 56 14.14 -17.26 96.38
N MET N 57 14.33 -17.93 97.52
CA MET N 57 15.66 -18.33 97.92
C MET N 57 16.25 -19.28 96.88
N SER N 58 15.45 -20.25 96.43
CA SER N 58 15.94 -21.21 95.45
C SER N 58 16.40 -20.50 94.18
N ILE N 59 15.74 -19.41 93.81
CA ILE N 59 16.07 -18.72 92.56
C ILE N 59 17.50 -18.20 92.62
N MET N 60 17.86 -17.51 93.71
CA MET N 60 19.25 -17.16 93.90
C MET N 60 20.13 -18.39 93.93
N ASN N 61 19.74 -19.41 94.67
CA ASN N 61 20.50 -20.66 94.66
C ASN N 61 20.65 -21.16 93.24
N SER N 62 19.60 -20.99 92.44
CA SER N 62 19.73 -21.27 91.01
C SER N 62 20.59 -20.21 90.33
N PHE N 63 20.28 -18.93 90.56
CA PHE N 63 20.92 -17.86 89.80
C PHE N 63 22.40 -17.77 90.10
N VAL N 64 22.77 -17.92 91.37
CA VAL N 64 24.17 -17.82 91.75
C VAL N 64 24.98 -18.88 91.01
N ASN N 65 24.37 -20.04 90.80
CA ASN N 65 24.98 -21.02 89.92
C ASN N 65 25.03 -20.49 88.49
N ASP N 66 23.91 -19.96 87.99
CA ASP N 66 23.77 -19.72 86.56
C ASP N 66 24.93 -18.87 86.01
N VAL N 67 25.28 -17.80 86.73
CA VAL N 67 26.41 -16.97 86.32
C VAL N 67 27.70 -17.77 86.33
N PHE N 68 27.84 -18.67 87.31
CA PHE N 68 29.16 -19.18 87.67
C PHE N 68 29.85 -19.84 86.49
N GLU N 69 29.17 -20.74 85.78
CA GLU N 69 29.78 -21.33 84.60
C GLU N 69 29.92 -20.33 83.47
N ARG N 70 28.95 -19.42 83.32
CA ARG N 70 29.00 -18.48 82.19
C ARG N 70 30.31 -17.69 82.21
N ILE N 71 30.68 -17.16 83.37
CA ILE N 71 31.99 -16.54 83.51
C ILE N 71 33.08 -17.60 83.44
N ALA N 72 32.85 -18.75 84.07
CA ALA N 72 33.82 -19.83 83.97
C ALA N 72 33.98 -20.29 82.53
N GLY N 73 32.95 -20.15 81.72
CA GLY N 73 33.03 -20.54 80.32
C GLY N 73 34.06 -19.74 79.56
N GLU N 74 33.80 -18.43 79.41
CA GLU N 74 34.73 -17.57 78.68
C GLU N 74 36.11 -17.59 79.31
N ALA N 75 36.18 -17.71 80.63
CA ALA N 75 37.48 -17.84 81.28
C ALA N 75 38.23 -19.05 80.76
N SER N 76 37.54 -20.18 80.65
CA SER N 76 38.20 -21.39 80.19
C SER N 76 38.76 -21.22 78.79
N ARG N 77 37.92 -20.76 77.85
CA ARG N 77 38.34 -20.69 76.46
C ARG N 77 39.57 -19.80 76.27
N LEU N 78 39.59 -18.65 76.94
CA LEU N 78 40.69 -17.71 76.76
C LEU N 78 42.03 -18.37 77.04
N ALA N 79 42.07 -19.28 78.02
CA ALA N 79 43.32 -19.95 78.36
C ALA N 79 43.90 -20.67 77.16
N HIS N 80 43.11 -21.53 76.51
CA HIS N 80 43.56 -22.17 75.29
C HIS N 80 43.79 -21.13 74.20
N TYR N 81 42.97 -20.06 74.21
CA TYR N 81 43.03 -19.09 73.14
C TYR N 81 44.37 -18.37 73.11
N ASN N 82 44.92 -18.06 74.28
CA ASN N 82 46.30 -17.64 74.35
C ASN N 82 47.24 -18.81 74.58
N LYS N 83 46.75 -20.04 74.42
CA LYS N 83 47.51 -21.26 74.70
C LYS N 83 48.01 -21.30 76.13
N ARG N 84 47.43 -20.48 77.00
CA ARG N 84 47.81 -20.48 78.41
C ARG N 84 47.19 -21.69 79.09
N SER N 85 47.98 -22.35 79.93
CA SER N 85 47.55 -23.59 80.56
C SER N 85 46.99 -23.39 81.96
N THR N 86 46.90 -22.15 82.44
CA THR N 86 46.41 -21.87 83.78
C THR N 86 45.44 -20.71 83.75
N ILE N 87 44.45 -20.77 84.64
CA ILE N 87 43.49 -19.68 84.76
C ILE N 87 43.88 -18.79 85.94
N THR N 88 43.92 -17.49 85.70
CA THR N 88 44.31 -16.52 86.72
C THR N 88 43.33 -15.37 86.72
N SER N 89 43.48 -14.48 87.70
CA SER N 89 42.57 -13.35 87.86
C SER N 89 42.62 -12.42 86.65
N ARG N 90 43.81 -12.22 86.10
CA ARG N 90 43.94 -11.45 84.86
C ARG N 90 43.02 -12.01 83.79
N GLU N 91 43.00 -13.34 83.63
CA GLU N 91 42.08 -13.95 82.69
C GLU N 91 40.65 -13.62 83.04
N ILE N 92 40.33 -13.68 84.33
CA ILE N 92 38.96 -13.45 84.76
C ILE N 92 38.53 -12.02 84.41
N GLN N 93 39.40 -11.06 84.68
CA GLN N 93 39.00 -9.65 84.59
C GLN N 93 38.54 -9.29 83.20
N THR N 94 39.29 -9.69 82.18
CA THR N 94 38.84 -9.46 80.82
C THR N 94 37.51 -10.16 80.55
N ALA N 95 37.34 -11.37 81.09
CA ALA N 95 36.07 -12.07 80.92
C ALA N 95 34.93 -11.28 81.56
N VAL N 96 35.22 -10.54 82.64
CA VAL N 96 34.21 -9.71 83.26
C VAL N 96 33.69 -8.68 82.25
N ARG N 97 34.59 -7.97 81.58
CA ARG N 97 34.15 -6.97 80.62
C ARG N 97 33.34 -7.60 79.50
N LEU N 98 33.66 -8.84 79.13
CA LEU N 98 32.95 -9.49 78.05
C LEU N 98 31.51 -9.76 78.43
N LEU N 99 31.29 -10.38 79.59
CA LEU N 99 29.94 -10.86 79.91
C LEU N 99 29.07 -9.73 80.44
N LEU N 100 29.43 -9.17 81.56
CA LEU N 100 28.62 -8.13 82.16
C LEU N 100 28.75 -6.83 81.38
N PRO N 101 27.64 -6.25 80.95
CA PRO N 101 27.69 -4.97 80.25
C PRO N 101 27.54 -3.80 81.21
N GLY N 102 27.73 -2.61 80.66
CA GLY N 102 27.46 -1.40 81.39
C GLY N 102 28.43 -1.17 82.54
N GLU N 103 27.93 -0.49 83.57
CA GLU N 103 28.79 0.02 84.62
C GLU N 103 29.16 -1.05 85.65
N LEU N 104 28.42 -2.16 85.68
CA LEU N 104 28.76 -3.22 86.62
C LEU N 104 30.18 -3.72 86.41
N ALA N 105 30.67 -3.66 85.18
CA ALA N 105 32.05 -4.04 84.92
C ALA N 105 33.02 -3.25 85.79
N LYS N 106 33.09 -1.94 85.56
CA LYS N 106 34.02 -1.12 86.34
C LYS N 106 33.68 -1.15 87.82
N HIS N 107 32.40 -1.26 88.15
CA HIS N 107 32.01 -1.41 89.55
C HIS N 107 32.61 -2.67 90.14
N ALA N 108 32.21 -3.83 89.59
CA ALA N 108 32.68 -5.09 90.14
C ALA N 108 34.18 -5.25 89.98
N VAL N 109 34.74 -4.79 88.86
CA VAL N 109 36.19 -4.85 88.70
C VAL N 109 36.87 -4.13 89.84
N SER N 110 36.42 -2.91 90.14
CA SER N 110 36.93 -2.20 91.30
C SER N 110 36.81 -3.04 92.56
N GLU N 111 35.66 -3.70 92.73
CA GLU N 111 35.49 -4.61 93.85
C GLU N 111 36.52 -5.73 93.81
N GLY N 112 36.66 -6.37 92.65
CA GLY N 112 37.60 -7.46 92.54
C GLY N 112 39.03 -7.01 92.77
N THR N 113 39.42 -5.90 92.15
CA THR N 113 40.73 -5.34 92.39
C THR N 113 40.92 -5.03 93.86
N LYS N 114 39.91 -4.40 94.47
CA LYS N 114 39.98 -4.12 95.90
C LYS N 114 40.06 -5.41 96.70
N ALA N 115 39.28 -6.43 96.32
CA ALA N 115 39.24 -7.65 97.08
C ALA N 115 40.59 -8.37 97.08
N VAL N 116 41.19 -8.51 95.90
CA VAL N 116 42.41 -9.30 95.81
C VAL N 116 43.54 -8.63 96.59
N THR N 117 43.70 -7.32 96.42
CA THR N 117 44.80 -6.64 97.11
C THR N 117 44.61 -6.73 98.62
N LYS N 118 43.37 -6.76 99.09
CA LYS N 118 43.12 -6.99 100.50
C LYS N 118 43.61 -8.36 100.92
N TYR N 119 43.31 -9.39 100.13
CA TYR N 119 43.76 -10.74 100.49
C TYR N 119 45.27 -10.85 100.40
N THR N 120 45.86 -10.31 99.32
CA THR N 120 47.31 -10.31 99.22
C THR N 120 47.95 -9.52 100.36
N SER N 121 47.25 -8.49 100.86
CA SER N 121 47.71 -7.78 102.04
C SER N 121 47.75 -8.70 103.25
N ALA N 122 46.83 -9.67 103.32
CA ALA N 122 46.77 -10.63 104.42
C ALA N 122 47.01 -12.05 103.92
N LYS N 123 47.85 -12.20 102.91
CA LYS N 123 48.13 -13.50 102.32
C LYS N 123 48.85 -14.42 103.31
N LYS O 38 -32.75 -3.04 80.98
CA LYS O 38 -32.76 -2.56 82.36
C LYS O 38 -31.40 -2.72 83.06
N PRO O 39 -30.82 -3.92 83.08
CA PRO O 39 -29.53 -4.09 83.76
C PRO O 39 -28.44 -3.31 83.05
N HIS O 40 -27.47 -2.84 83.84
CA HIS O 40 -26.34 -2.14 83.27
C HIS O 40 -25.51 -3.07 82.40
N ARG O 41 -24.97 -2.52 81.32
CA ARG O 41 -24.02 -3.23 80.48
C ARG O 41 -22.77 -2.38 80.30
N TYR O 42 -21.61 -2.99 80.50
CA TYR O 42 -20.36 -2.34 80.15
C TYR O 42 -20.24 -2.26 78.63
N ARG O 43 -19.54 -1.22 78.17
CA ARG O 43 -19.29 -1.08 76.75
C ARG O 43 -18.30 -2.16 76.28
N PRO O 44 -18.28 -2.46 74.99
CA PRO O 44 -17.32 -3.45 74.48
C PRO O 44 -15.90 -3.05 74.82
N GLY O 45 -15.10 -4.04 75.20
CA GLY O 45 -13.74 -3.79 75.61
C GLY O 45 -13.58 -3.14 76.97
N THR O 46 -14.63 -2.51 77.49
CA THR O 46 -14.54 -1.90 78.81
C THR O 46 -14.23 -2.95 79.86
N VAL O 47 -14.90 -4.10 79.79
CA VAL O 47 -14.55 -5.19 80.68
C VAL O 47 -13.14 -5.66 80.41
N ALA O 48 -12.81 -5.86 79.13
CA ALA O 48 -11.59 -6.59 78.75
C ALA O 48 -10.35 -5.98 79.39
N LEU O 49 -10.25 -4.65 79.37
CA LEU O 49 -9.06 -4.00 79.90
C LEU O 49 -8.90 -4.28 81.38
N ARG O 50 -10.01 -4.54 82.08
CA ARG O 50 -9.91 -4.78 83.51
C ARG O 50 -9.11 -6.03 83.81
N GLU O 51 -9.38 -7.12 83.10
CA GLU O 51 -8.63 -8.35 83.34
C GLU O 51 -7.16 -8.15 83.02
N ILE O 52 -6.86 -7.34 82.00
CA ILE O 52 -5.48 -6.99 81.72
C ILE O 52 -4.81 -6.52 83.01
N ARG O 53 -5.35 -5.48 83.62
CA ARG O 53 -4.77 -4.93 84.83
C ARG O 53 -4.68 -6.00 85.91
N ARG O 54 -5.74 -6.79 86.07
CA ARG O 54 -5.76 -7.81 87.10
C ARG O 54 -4.68 -8.85 86.88
N TYR O 55 -4.63 -9.41 85.67
CA TYR O 55 -3.77 -10.58 85.46
C TYR O 55 -2.30 -10.22 85.51
N GLN O 56 -1.90 -9.08 84.95
CA GLN O 56 -0.49 -8.70 85.05
C GLN O 56 -0.08 -8.47 86.49
N LYS O 57 -0.98 -7.95 87.33
CA LYS O 57 -0.69 -7.85 88.75
C LYS O 57 -0.50 -9.23 89.36
N SER O 58 -1.35 -10.17 88.99
CA SER O 58 -1.32 -11.51 89.54
C SER O 58 -0.17 -12.31 88.92
N THR O 59 0.20 -13.41 89.58
CA THR O 59 1.36 -14.19 89.14
C THR O 59 1.14 -15.69 89.26
N GLU O 60 -0.10 -16.15 89.19
CA GLU O 60 -0.39 -17.58 89.25
C GLU O 60 -0.62 -18.14 87.86
N LEU O 61 -0.69 -19.47 87.78
CA LEU O 61 -0.91 -20.15 86.52
C LEU O 61 -2.33 -19.92 86.03
N LEU O 62 -2.54 -20.14 84.74
CA LEU O 62 -3.85 -19.92 84.13
C LEU O 62 -4.45 -21.16 83.49
N ILE O 63 -3.64 -22.12 83.05
CA ILE O 63 -4.19 -23.34 82.45
C ILE O 63 -4.80 -24.20 83.55
N ARG O 64 -5.88 -24.90 83.20
CA ARG O 64 -6.41 -25.91 84.10
C ARG O 64 -5.36 -26.97 84.37
N LYS O 65 -5.18 -27.31 85.65
CA LYS O 65 -4.08 -28.17 86.05
C LYS O 65 -4.24 -29.57 85.48
N LEU O 66 -5.41 -30.18 85.66
CA LEU O 66 -5.58 -31.58 85.29
C LEU O 66 -5.35 -31.84 83.81
N PRO O 67 -6.01 -31.14 82.87
CA PRO O 67 -5.85 -31.52 81.46
C PRO O 67 -4.42 -31.43 80.98
N PHE O 68 -3.68 -30.42 81.45
CA PHE O 68 -2.31 -30.23 80.98
C PHE O 68 -1.46 -31.45 81.30
N GLN O 69 -1.62 -32.01 82.50
CA GLN O 69 -0.89 -33.21 82.84
C GLN O 69 -1.34 -34.38 81.99
N ARG O 70 -2.62 -34.42 81.63
CA ARG O 70 -3.09 -35.48 80.76
C ARG O 70 -2.52 -35.34 79.35
N LEU O 71 -2.45 -34.10 78.86
CA LEU O 71 -1.98 -33.90 77.48
C LEU O 71 -0.51 -34.28 77.33
N VAL O 72 0.32 -33.86 78.27
CA VAL O 72 1.75 -34.16 78.17
C VAL O 72 1.96 -35.67 78.21
N ARG O 73 1.16 -36.37 79.01
CA ARG O 73 1.20 -37.83 78.99
C ARG O 73 0.87 -38.36 77.60
N GLU O 74 -0.16 -37.78 76.97
CA GLU O 74 -0.59 -38.25 75.66
C GLU O 74 0.51 -38.11 74.63
N ILE O 75 1.10 -36.93 74.54
CA ILE O 75 2.14 -36.69 73.54
C ILE O 75 3.37 -37.53 73.83
N ALA O 76 3.80 -37.55 75.09
CA ALA O 76 5.00 -38.28 75.46
C ALA O 76 4.87 -39.77 75.22
N GLN O 77 3.64 -40.27 75.08
CA GLN O 77 3.44 -41.70 74.87
C GLN O 77 4.13 -42.19 73.60
N ASP O 78 4.17 -41.36 72.57
CA ASP O 78 4.76 -41.79 71.29
C ASP O 78 6.25 -42.05 71.41
N PHE O 79 7.00 -41.15 72.05
CA PHE O 79 8.44 -41.34 72.15
C PHE O 79 8.79 -42.57 72.95
N LYS O 80 8.01 -42.87 73.99
CA LYS O 80 8.33 -43.96 74.89
C LYS O 80 7.05 -44.43 75.55
N THR O 81 6.95 -45.75 75.71
CA THR O 81 5.78 -46.36 76.32
C THR O 81 5.83 -46.20 77.83
N ASP O 82 4.67 -46.09 78.45
CA ASP O 82 4.44 -46.14 79.89
C ASP O 82 5.52 -45.46 80.74
N LEU O 83 5.93 -44.27 80.35
CA LEU O 83 6.80 -43.48 81.20
C LEU O 83 6.01 -42.90 82.36
N ARG O 84 6.68 -42.68 83.48
CA ARG O 84 6.07 -42.09 84.67
C ARG O 84 6.58 -40.67 84.82
N PHE O 85 5.66 -39.71 84.84
CA PHE O 85 6.03 -38.32 85.04
C PHE O 85 6.19 -38.04 86.53
N GLN O 86 7.37 -37.58 86.93
CA GLN O 86 7.58 -37.20 88.31
C GLN O 86 6.71 -35.99 88.61
N SER O 87 6.05 -35.97 89.78
CA SER O 87 4.98 -35.02 90.03
C SER O 87 5.44 -33.58 89.94
N SER O 88 6.64 -33.25 90.42
CA SER O 88 7.11 -31.88 90.38
C SER O 88 7.47 -31.44 88.98
N ALA O 89 7.86 -32.38 88.13
CA ALA O 89 8.32 -32.03 86.79
C ALA O 89 7.22 -31.43 85.93
N VAL O 90 5.96 -31.84 86.13
CA VAL O 90 4.92 -31.48 85.18
C VAL O 90 4.66 -29.98 85.17
N MET O 91 4.56 -29.36 86.34
CA MET O 91 4.21 -27.94 86.36
C MET O 91 5.32 -27.08 85.76
N ALA O 92 6.56 -27.56 85.81
CA ALA O 92 7.64 -26.84 85.16
C ALA O 92 7.33 -26.63 83.69
N LEU O 93 6.90 -27.70 83.01
CA LEU O 93 6.46 -27.57 81.64
C LEU O 93 5.32 -26.57 81.53
N GLN O 94 4.42 -26.55 82.51
CA GLN O 94 3.37 -25.55 82.49
C GLN O 94 3.95 -24.15 82.59
N GLU O 95 4.86 -23.95 83.55
CA GLU O 95 5.38 -22.61 83.78
C GLU O 95 6.08 -22.07 82.54
N ALA O 96 6.96 -22.87 81.94
CA ALA O 96 7.67 -22.42 80.75
C ALA O 96 6.70 -22.16 79.60
N SER O 97 5.73 -23.06 79.43
CA SER O 97 4.82 -22.93 78.31
C SER O 97 4.07 -21.61 78.34
N GLU O 98 3.46 -21.27 79.48
CA GLU O 98 2.79 -19.99 79.58
C GLU O 98 3.75 -18.84 79.37
N ALA O 99 4.95 -18.92 79.96
CA ALA O 99 5.95 -17.88 79.74
C ALA O 99 6.30 -17.78 78.26
N TYR O 100 6.53 -18.93 77.62
CA TYR O 100 6.79 -18.92 76.19
C TYR O 100 5.57 -18.41 75.43
N LEU O 101 4.39 -18.84 75.84
CA LEU O 101 3.17 -18.42 75.15
C LEU O 101 2.96 -16.93 75.27
N VAL O 102 3.06 -16.39 76.49
CA VAL O 102 2.78 -14.96 76.69
C VAL O 102 3.69 -14.12 75.82
N ALA O 103 4.96 -14.49 75.75
CA ALA O 103 5.91 -13.75 74.92
C ALA O 103 5.43 -13.69 73.48
N LEU O 104 4.79 -14.75 72.99
CA LEU O 104 4.29 -14.73 71.62
C LEU O 104 3.26 -13.63 71.44
N PHE O 105 2.22 -13.62 72.28
CA PHE O 105 1.10 -12.72 72.03
C PHE O 105 1.54 -11.26 72.12
N GLU O 106 2.34 -10.92 73.13
CA GLU O 106 2.79 -9.54 73.27
C GLU O 106 3.55 -9.11 72.01
N ASP O 107 4.36 -10.01 71.46
CA ASP O 107 5.07 -9.70 70.23
C ASP O 107 4.11 -9.59 69.06
N THR O 108 3.21 -10.58 68.91
CA THR O 108 2.21 -10.48 67.87
C THR O 108 1.31 -9.28 68.06
N ASN O 109 1.21 -8.78 69.28
CA ASN O 109 0.39 -7.60 69.51
C ASN O 109 0.95 -6.40 68.76
N LEU O 110 2.27 -6.20 68.84
CA LEU O 110 2.86 -4.98 68.31
C LEU O 110 2.61 -4.84 66.82
N CYS O 111 2.84 -5.92 66.06
CA CYS O 111 2.69 -5.84 64.61
C CYS O 111 1.26 -5.50 64.22
N ALA O 112 0.28 -5.98 65.00
CA ALA O 112 -1.09 -5.60 64.74
C ALA O 112 -1.26 -4.09 64.83
N ILE O 113 -0.68 -3.47 65.85
CA ILE O 113 -0.66 -2.03 65.92
C ILE O 113 0.14 -1.46 64.75
N HIS O 114 1.29 -2.07 64.47
CA HIS O 114 2.06 -1.68 63.30
C HIS O 114 1.24 -1.82 62.03
N ALA O 115 0.28 -2.73 62.02
CA ALA O 115 -0.67 -2.85 60.93
C ALA O 115 -1.88 -1.97 61.12
N LYS O 116 -1.86 -1.07 62.09
CA LYS O 116 -2.98 -0.17 62.41
C LYS O 116 -4.24 -0.92 62.79
N ARG O 117 -4.11 -2.13 63.31
CA ARG O 117 -5.26 -2.93 63.72
C ARG O 117 -5.31 -3.05 65.24
N VAL O 118 -6.44 -3.54 65.72
CA VAL O 118 -6.64 -3.80 67.14
C VAL O 118 -6.73 -5.29 67.42
N THR O 119 -7.29 -6.05 66.50
CA THR O 119 -7.49 -7.47 66.71
C THR O 119 -6.42 -8.27 65.98
N ILE O 120 -5.90 -9.30 66.65
CA ILE O 120 -4.92 -10.17 66.04
C ILE O 120 -5.61 -11.30 65.29
N MET O 121 -5.03 -11.68 64.15
CA MET O 121 -5.41 -12.84 63.37
C MET O 121 -4.17 -13.63 63.03
N PRO O 122 -4.31 -14.91 62.65
CA PRO O 122 -3.14 -15.80 62.60
C PRO O 122 -1.98 -15.29 61.79
N LYS O 123 -2.24 -14.51 60.74
CA LYS O 123 -1.16 -14.03 59.88
C LYS O 123 -0.10 -13.29 60.67
N ASP O 124 -0.49 -12.64 61.76
CA ASP O 124 0.50 -11.95 62.59
C ASP O 124 1.44 -12.95 63.25
N ILE O 125 0.89 -14.01 63.85
CA ILE O 125 1.72 -14.97 64.55
C ILE O 125 2.72 -15.62 63.60
N GLN O 126 2.28 -15.96 62.39
CA GLN O 126 3.20 -16.48 61.39
C GLN O 126 4.35 -15.52 61.18
N LEU O 127 4.03 -14.23 61.00
CA LEU O 127 5.06 -13.22 60.83
C LEU O 127 6.00 -13.17 62.02
N ALA O 128 5.44 -13.13 63.23
CA ALA O 128 6.25 -13.07 64.43
C ALA O 128 7.12 -14.30 64.57
N ARG O 129 6.53 -15.48 64.34
CA ARG O 129 7.32 -16.70 64.36
C ARG O 129 8.36 -16.69 63.25
N ARG O 130 8.03 -16.09 62.11
CA ARG O 130 8.98 -16.00 61.02
C ARG O 130 10.19 -15.17 61.42
N ILE O 131 9.95 -13.98 61.96
CA ILE O 131 11.05 -13.05 62.20
C ILE O 131 12.03 -13.60 63.22
N ARG O 132 11.50 -14.15 64.32
CA ARG O 132 12.39 -14.75 65.30
C ARG O 132 13.21 -15.88 64.68
N GLY O 133 12.62 -16.62 63.75
CA GLY O 133 13.33 -17.65 63.03
C GLY O 133 13.03 -19.08 63.44
N GLU O 134 11.81 -19.39 63.85
CA GLU O 134 11.46 -20.75 64.21
C GLU O 134 10.58 -21.41 63.17
N ARG O 135 9.56 -20.71 62.70
CA ARG O 135 8.71 -21.24 61.64
C ARG O 135 9.51 -21.47 60.37
N ALA O 136 10.36 -20.52 60.00
CA ALA O 136 11.23 -20.67 58.85
C ALA O 136 12.60 -21.20 59.30
N LYS P 17 -6.38 -50.47 87.46
CA LYS P 17 -5.93 -51.30 86.35
C LYS P 17 -4.44 -51.11 86.09
N ARG P 18 -3.91 -51.83 85.10
CA ARG P 18 -2.50 -51.74 84.77
C ARG P 18 -2.26 -51.71 83.27
N HIS P 19 -3.17 -51.15 82.48
CA HIS P 19 -3.02 -51.09 81.04
C HIS P 19 -3.78 -49.89 80.51
N ARG P 20 -3.47 -49.52 79.26
CA ARG P 20 -4.11 -48.44 78.54
C ARG P 20 -3.84 -47.08 79.17
N LYS P 21 -4.13 -46.01 78.44
CA LYS P 21 -3.91 -44.66 78.93
C LYS P 21 -4.78 -43.70 78.15
N VAL P 22 -4.97 -42.50 78.72
CA VAL P 22 -5.75 -41.45 78.08
C VAL P 22 -4.93 -40.87 76.94
N LEU P 23 -5.28 -41.24 75.70
CA LEU P 23 -4.49 -40.82 74.54
C LEU P 23 -5.37 -40.30 73.41
N ARG P 24 -6.33 -39.43 73.71
CA ARG P 24 -7.19 -38.90 72.67
C ARG P 24 -7.71 -37.52 73.06
N ASP P 25 -7.72 -36.61 72.09
CA ASP P 25 -8.41 -35.33 72.19
C ASP P 25 -7.85 -34.42 73.27
N ASN P 26 -6.76 -34.84 73.91
CA ASN P 26 -6.20 -34.04 75.00
C ASN P 26 -5.76 -32.67 74.54
N ILE P 27 -5.52 -32.49 73.24
CA ILE P 27 -5.24 -31.17 72.71
C ILE P 27 -6.40 -30.23 72.94
N GLN P 28 -7.61 -30.76 73.14
CA GLN P 28 -8.73 -29.92 73.48
C GLN P 28 -8.84 -29.66 74.97
N GLY P 29 -7.94 -30.22 75.77
CA GLY P 29 -7.93 -29.91 77.20
C GLY P 29 -7.67 -28.44 77.46
N ILE P 30 -7.02 -27.76 76.52
CA ILE P 30 -6.80 -26.32 76.64
C ILE P 30 -8.05 -25.62 76.16
N THR P 31 -8.98 -25.37 77.07
CA THR P 31 -10.28 -24.83 76.70
C THR P 31 -10.16 -23.37 76.29
N LYS P 32 -11.09 -22.95 75.46
CA LYS P 32 -11.09 -21.63 74.83
C LYS P 32 -10.87 -20.49 75.82
N PRO P 33 -11.55 -20.45 76.96
CA PRO P 33 -11.24 -19.37 77.93
C PRO P 33 -9.82 -19.42 78.43
N ALA P 34 -9.21 -20.60 78.51
CA ALA P 34 -7.85 -20.69 79.05
C ALA P 34 -6.87 -19.87 78.22
N ILE P 35 -6.94 -20.00 76.90
CA ILE P 35 -6.15 -19.14 76.04
C ILE P 35 -6.61 -17.70 76.18
N ARG P 36 -7.92 -17.47 76.24
CA ARG P 36 -8.45 -16.12 76.35
C ARG P 36 -7.89 -15.42 77.58
N ARG P 37 -7.80 -16.14 78.71
CA ARG P 37 -7.16 -15.56 79.88
C ARG P 37 -5.67 -15.33 79.63
N LEU P 38 -5.00 -16.32 79.02
CA LEU P 38 -3.57 -16.19 78.78
C LEU P 38 -3.27 -14.97 77.94
N ALA P 39 -4.05 -14.76 76.87
CA ALA P 39 -3.83 -13.61 76.02
C ALA P 39 -4.09 -12.30 76.76
N ARG P 40 -4.99 -12.31 77.73
CA ARG P 40 -5.25 -11.11 78.51
C ARG P 40 -3.99 -10.68 79.25
N ARG P 41 -3.24 -11.63 79.77
CA ARG P 41 -1.98 -11.29 80.42
C ARG P 41 -0.99 -10.69 79.43
N GLY P 42 -1.13 -11.01 78.16
CA GLY P 42 -0.34 -10.38 77.12
C GLY P 42 -0.79 -8.98 76.74
N GLY P 43 -1.96 -8.56 77.19
CA GLY P 43 -2.44 -7.22 76.96
C GLY P 43 -3.23 -7.02 75.69
N VAL P 44 -3.50 -8.06 74.92
CA VAL P 44 -4.30 -7.92 73.71
C VAL P 44 -5.72 -7.56 74.11
N LYS P 45 -6.31 -6.59 73.41
CA LYS P 45 -7.63 -6.13 73.79
C LYS P 45 -8.73 -6.96 73.14
N ARG P 46 -8.65 -7.17 71.82
CA ARG P 46 -9.71 -7.84 71.07
C ARG P 46 -9.11 -8.95 70.22
N ILE P 47 -9.75 -10.11 70.24
CA ILE P 47 -9.24 -11.29 69.55
C ILE P 47 -10.34 -11.89 68.69
N SER P 48 -10.01 -12.22 67.45
CA SER P 48 -10.96 -12.88 66.56
C SER P 48 -11.02 -14.36 66.87
N GLY P 49 -12.11 -15.00 66.43
CA GLY P 49 -12.32 -16.39 66.81
C GLY P 49 -11.42 -17.37 66.11
N LEU P 50 -10.72 -16.93 65.06
CA LEU P 50 -9.95 -17.86 64.26
C LEU P 50 -8.67 -18.33 64.95
N ILE P 51 -8.12 -17.54 65.87
CA ILE P 51 -6.75 -17.76 66.31
C ILE P 51 -6.63 -18.97 67.24
N TYR P 52 -7.75 -19.50 67.71
CA TYR P 52 -7.69 -20.56 68.72
C TYR P 52 -6.98 -21.80 68.20
N GLU P 53 -7.25 -22.17 66.95
CA GLU P 53 -6.71 -23.43 66.45
C GLU P 53 -5.20 -23.35 66.26
N GLU P 54 -4.71 -22.21 65.79
CA GLU P 54 -3.30 -22.08 65.44
C GLU P 54 -2.41 -22.27 66.66
N THR P 55 -2.75 -21.61 67.76
CA THR P 55 -1.91 -21.69 68.94
C THR P 55 -1.84 -23.10 69.50
N ARG P 56 -2.95 -23.84 69.47
CA ARG P 56 -2.90 -25.23 69.92
C ARG P 56 -1.84 -26.00 69.16
N GLY P 57 -1.82 -25.87 67.84
CA GLY P 57 -0.75 -26.46 67.06
C GLY P 57 0.57 -25.85 67.44
N VAL P 58 0.61 -24.52 67.52
CA VAL P 58 1.86 -23.83 67.88
C VAL P 58 2.33 -24.28 69.24
N LEU P 59 1.42 -24.32 70.21
CA LEU P 59 1.79 -24.80 71.54
C LEU P 59 2.29 -26.23 71.46
N LYS P 60 1.57 -27.08 70.76
CA LYS P 60 2.06 -28.45 70.58
C LYS P 60 3.40 -28.45 69.87
N VAL P 61 3.51 -27.69 68.78
CA VAL P 61 4.73 -27.68 67.98
C VAL P 61 5.94 -27.39 68.86
N PHE P 62 5.82 -26.39 69.72
CA PHE P 62 6.88 -26.11 70.67
C PHE P 62 7.08 -27.26 71.63
N LEU P 63 6.00 -28.00 71.92
CA LEU P 63 6.00 -28.85 73.10
C LEU P 63 6.86 -30.09 72.93
N GLU P 64 6.56 -30.93 71.93
CA GLU P 64 7.29 -32.20 71.84
C GLU P 64 8.77 -31.93 71.64
N ASN P 65 9.09 -30.80 71.01
CA ASN P 65 10.48 -30.38 70.92
C ASN P 65 11.13 -30.38 72.30
N VAL P 66 10.38 -29.92 73.31
CA VAL P 66 10.89 -29.91 74.67
C VAL P 66 10.92 -31.33 75.22
N ILE P 67 9.88 -32.12 74.94
CA ILE P 67 9.82 -33.47 75.50
C ILE P 67 10.83 -34.37 74.84
N ARG P 68 10.96 -34.28 73.52
CA ARG P 68 11.73 -35.26 72.76
C ARG P 68 13.14 -35.40 73.28
N ASP P 69 13.85 -34.29 73.41
CA ASP P 69 15.17 -34.33 74.00
C ASP P 69 15.09 -34.65 75.49
N ALA P 70 14.03 -34.17 76.16
CA ALA P 70 13.87 -34.50 77.57
C ALA P 70 13.76 -36.01 77.75
N VAL P 71 13.00 -36.66 76.87
CA VAL P 71 12.97 -38.11 76.88
C VAL P 71 14.36 -38.68 76.68
N THR P 72 15.13 -38.07 75.79
CA THR P 72 16.45 -38.61 75.45
C THR P 72 17.35 -38.64 76.68
N TYR P 73 17.26 -37.62 77.52
CA TYR P 73 18.08 -37.61 78.73
C TYR P 73 17.76 -38.82 79.61
N THR P 74 16.48 -39.12 79.77
CA THR P 74 16.09 -40.19 80.68
C THR P 74 16.63 -41.53 80.21
N GLU P 75 16.48 -41.84 78.93
CA GLU P 75 16.90 -43.15 78.45
C GLU P 75 18.39 -43.35 78.59
N HIS P 76 19.17 -42.29 78.36
CA HIS P 76 20.61 -42.39 78.59
C HIS P 76 20.89 -42.67 80.05
N ALA P 77 20.13 -42.04 80.94
CA ALA P 77 20.23 -42.33 82.36
C ALA P 77 19.62 -43.66 82.73
N LYS P 78 18.93 -44.32 81.80
CA LYS P 78 18.32 -45.62 82.02
C LYS P 78 17.27 -45.57 83.13
N ARG P 79 16.55 -44.45 83.22
CA ARG P 79 15.42 -44.37 84.12
C ARG P 79 14.13 -44.67 83.38
N LYS P 80 13.02 -44.68 84.12
CA LYS P 80 11.69 -44.71 83.54
C LYS P 80 10.90 -43.46 83.87
N THR P 81 11.20 -42.81 84.99
CA THR P 81 10.49 -41.62 85.41
C THR P 81 11.17 -40.38 84.86
N VAL P 82 10.38 -39.36 84.58
CA VAL P 82 10.86 -38.11 84.01
C VAL P 82 11.03 -37.11 85.16
N THR P 83 12.26 -36.73 85.45
CA THR P 83 12.54 -35.80 86.53
C THR P 83 12.49 -34.37 86.03
N ALA P 84 12.23 -33.45 86.96
CA ALA P 84 12.24 -32.04 86.62
C ALA P 84 13.63 -31.57 86.25
N MET P 85 14.66 -32.14 86.89
CA MET P 85 16.03 -31.77 86.58
C MET P 85 16.36 -31.95 85.11
N ASP P 86 15.73 -32.94 84.46
CA ASP P 86 15.92 -33.11 83.04
C ASP P 86 15.17 -32.07 82.23
N VAL P 87 13.99 -31.68 82.70
CA VAL P 87 13.15 -30.74 81.96
C VAL P 87 13.87 -29.42 81.78
N VAL P 88 14.47 -28.90 82.85
CA VAL P 88 15.18 -27.64 82.76
C VAL P 88 16.40 -27.78 81.85
N TYR P 89 17.06 -28.94 81.90
CA TYR P 89 18.25 -29.15 81.08
C TYR P 89 17.95 -28.91 79.60
N ALA P 90 16.92 -29.55 79.08
CA ALA P 90 16.58 -29.35 77.68
C ALA P 90 16.17 -27.91 77.43
N LEU P 91 15.41 -27.32 78.34
CA LEU P 91 15.01 -25.93 78.19
C LEU P 91 16.22 -25.02 78.09
N LYS P 92 17.32 -25.40 78.74
CA LYS P 92 18.56 -24.65 78.58
C LYS P 92 19.08 -24.77 77.16
N ARG P 93 19.09 -26.00 76.61
CA ARG P 93 19.60 -26.20 75.26
C ARG P 93 18.80 -25.43 74.23
N GLN P 94 17.47 -25.47 74.32
CA GLN P 94 16.63 -24.68 73.44
C GLN P 94 16.84 -23.18 73.64
N GLY P 95 17.32 -22.78 74.82
CA GLY P 95 17.65 -21.39 75.06
C GLY P 95 16.96 -20.79 76.27
N ARG P 96 15.68 -21.10 76.46
CA ARG P 96 14.91 -20.50 77.54
C ARG P 96 15.21 -21.18 78.88
N THR P 97 16.21 -20.65 79.57
CA THR P 97 16.54 -21.13 80.90
C THR P 97 15.43 -20.77 81.88
N LEU P 98 15.26 -21.62 82.89
CA LEU P 98 14.21 -21.45 83.89
C LEU P 98 14.84 -21.37 85.28
N TYR P 99 14.48 -20.33 86.01
CA TYR P 99 14.87 -20.24 87.41
C TYR P 99 13.78 -20.80 88.32
N GLY P 100 14.21 -21.54 89.33
CA GLY P 100 13.33 -21.94 90.42
C GLY P 100 13.09 -23.42 90.58
N PHE P 101 13.88 -24.28 89.94
CA PHE P 101 13.69 -25.71 90.09
C PHE P 101 14.95 -26.51 90.35
N GLY P 102 16.12 -25.96 90.01
CA GLY P 102 17.36 -26.69 90.20
C GLY P 102 18.54 -25.83 89.82
N GLY P 103 19.73 -26.37 90.08
CA GLY P 103 20.96 -25.66 89.77
C GLY P 103 21.81 -25.37 90.99
N ASN Q 164 -22.19 -3.88 -1.83
CA ASN Q 164 -22.79 -2.82 -1.03
C ASN Q 164 -24.32 -2.98 -0.90
N LYS Q 165 -24.77 -3.12 0.34
CA LYS Q 165 -26.20 -3.36 0.59
C LYS Q 165 -27.02 -2.09 0.39
N ARG Q 166 -26.51 -0.94 0.85
CA ARG Q 166 -27.20 0.33 0.73
C ARG Q 166 -27.07 0.95 -0.64
N ARG Q 167 -26.67 0.17 -1.64
CA ARG Q 167 -26.46 0.68 -3.00
C ARG Q 167 -27.78 1.19 -3.56
N LYS Q 168 -27.87 2.50 -3.77
CA LYS Q 168 -29.07 3.10 -4.34
C LYS Q 168 -29.05 2.92 -5.86
N LEU Q 169 -29.94 3.65 -6.54
CA LEU Q 169 -30.06 3.53 -7.98
C LEU Q 169 -28.78 4.00 -8.68
N LYS Q 170 -28.77 3.84 -10.01
CA LYS Q 170 -27.59 4.15 -10.80
C LYS Q 170 -27.32 5.64 -10.92
N ASN Q 171 -28.23 6.49 -10.45
CA ASN Q 171 -28.10 7.93 -10.65
C ASN Q 171 -26.94 8.54 -9.87
N LYS Q 172 -26.35 7.80 -8.92
CA LYS Q 172 -25.31 8.36 -8.06
C LYS Q 172 -23.99 8.50 -8.81
N ARG Q 173 -23.90 9.48 -9.71
CA ARG Q 173 -22.66 9.66 -10.47
C ARG Q 173 -21.98 11.02 -10.28
N ARG Q 174 -22.69 12.12 -10.58
CA ARG Q 174 -22.05 13.43 -10.62
C ARG Q 174 -23.11 14.51 -10.74
N ARG Q 175 -22.65 15.77 -10.63
CA ARG Q 175 -23.51 16.94 -10.77
C ARG Q 175 -23.40 17.56 -12.17
N SER Q 176 -22.19 17.89 -12.61
CA SER Q 176 -21.96 18.45 -13.92
C SER Q 176 -20.61 18.00 -14.44
N LEU Q 177 -20.63 17.34 -15.59
CA LEU Q 177 -19.43 16.81 -16.21
C LEU Q 177 -19.49 17.09 -17.71
N PRO Q 178 -18.35 17.08 -18.40
CA PRO Q 178 -18.37 17.30 -19.85
C PRO Q 178 -19.21 16.27 -20.58
N ARG Q 179 -19.81 16.70 -21.68
CA ARG Q 179 -20.68 15.82 -22.45
C ARG Q 179 -19.88 14.68 -23.06
N PRO Q 180 -20.43 13.46 -23.09
CA PRO Q 180 -19.69 12.31 -23.62
C PRO Q 180 -19.72 12.18 -25.13
N HIS Q 181 -20.17 13.22 -25.86
CA HIS Q 181 -20.11 13.28 -27.33
C HIS Q 181 -21.14 12.32 -27.93
N ASP Q 182 -21.97 12.84 -28.84
CA ASP Q 182 -23.06 12.06 -29.41
C ASP Q 182 -22.59 11.26 -30.61
N PHE Q 183 -23.05 10.00 -30.68
CA PHE Q 183 -22.59 9.09 -31.73
C PHE Q 183 -23.22 9.41 -33.09
N PHE Q 184 -24.40 10.00 -33.10
CA PHE Q 184 -25.09 10.27 -34.37
C PHE Q 184 -24.38 11.37 -35.14
N ASP Q 185 -24.85 11.59 -36.37
CA ASP Q 185 -24.27 12.60 -37.25
C ASP Q 185 -25.38 13.34 -37.98
N ALA Q 186 -25.02 14.47 -38.60
CA ALA Q 186 -26.01 15.32 -39.23
C ALA Q 186 -26.40 14.81 -40.62
N GLN Q 187 -25.41 14.57 -41.48
CA GLN Q 187 -25.72 14.23 -42.87
C GLN Q 187 -26.53 12.95 -42.97
N THR Q 188 -26.34 12.01 -42.05
CA THR Q 188 -27.20 10.84 -42.01
C THR Q 188 -28.59 11.19 -41.52
N LEU Q 189 -28.69 12.18 -40.63
CA LEU Q 189 -29.99 12.60 -40.13
C LEU Q 189 -30.85 13.17 -41.25
N ASP Q 190 -30.27 14.01 -42.10
CA ASP Q 190 -31.03 14.57 -43.22
C ASP Q 190 -31.45 13.49 -44.20
N ALA Q 191 -30.55 12.54 -44.49
CA ALA Q 191 -30.88 11.46 -45.40
C ALA Q 191 -32.03 10.62 -44.88
N ILE Q 192 -32.02 10.33 -43.57
CA ILE Q 192 -33.11 9.58 -42.96
C ILE Q 192 -34.41 10.36 -43.07
N ARG Q 193 -34.36 11.67 -42.78
CA ARG Q 193 -35.57 12.50 -42.86
C ARG Q 193 -36.14 12.49 -44.26
N HIS Q 194 -35.30 12.77 -45.26
CA HIS Q 194 -35.79 12.74 -46.63
C HIS Q 194 -36.26 11.36 -47.04
N ARG Q 195 -35.56 10.31 -46.58
CA ARG Q 195 -36.05 8.96 -46.78
C ARG Q 195 -37.41 8.77 -46.12
N ALA Q 196 -37.55 9.30 -44.90
CA ALA Q 196 -38.86 9.29 -44.24
C ALA Q 196 -39.86 10.15 -45.00
N ILE Q 197 -39.42 11.31 -45.50
CA ILE Q 197 -40.32 12.21 -46.22
C ILE Q 197 -40.84 11.53 -47.48
N CYS Q 198 -39.93 11.00 -48.30
CA CYS Q 198 -40.36 10.31 -49.51
C CYS Q 198 -41.13 9.04 -49.18
N PHE Q 199 -40.89 8.46 -48.00
CA PHE Q 199 -41.68 7.32 -47.55
C PHE Q 199 -43.12 7.73 -47.30
N ASN Q 200 -43.32 8.91 -46.70
CA ASN Q 200 -44.67 9.39 -46.44
C ASN Q 200 -45.37 9.83 -47.71
N LEU Q 201 -44.61 10.17 -48.75
CA LEU Q 201 -45.21 10.58 -50.01
C LEU Q 201 -46.03 9.47 -50.65
N SER Q 202 -45.72 8.21 -50.35
CA SER Q 202 -46.45 7.07 -50.88
C SER Q 202 -47.23 6.31 -49.83
N ALA Q 203 -46.63 6.04 -48.67
CA ALA Q 203 -47.31 5.31 -47.61
C ALA Q 203 -48.18 6.19 -46.74
N HIS Q 204 -47.83 7.46 -46.58
CA HIS Q 204 -48.62 8.43 -45.81
C HIS Q 204 -48.83 7.98 -44.38
N ILE Q 205 -47.78 7.44 -43.76
CA ILE Q 205 -47.87 7.03 -42.35
C ILE Q 205 -48.13 8.24 -41.47
N GLU Q 206 -47.36 9.31 -41.67
CA GLU Q 206 -47.50 10.51 -40.85
C GLU Q 206 -48.74 11.32 -41.20
N SER Q 207 -49.03 11.48 -42.49
CA SER Q 207 -50.14 12.33 -42.91
C SER Q 207 -51.48 11.64 -42.77
N LEU Q 208 -51.62 10.44 -43.32
CA LEU Q 208 -52.90 9.75 -43.35
C LEU Q 208 -53.01 8.62 -42.33
N GLY Q 209 -51.92 7.90 -42.09
CA GLY Q 209 -51.94 6.79 -41.16
C GLY Q 209 -51.73 7.15 -39.71
N LYS Q 210 -51.50 8.43 -39.40
CA LYS Q 210 -51.30 8.90 -38.04
C LYS Q 210 -50.11 8.22 -37.37
N GLY Q 211 -49.10 7.87 -38.15
CA GLY Q 211 -47.89 7.26 -37.62
C GLY Q 211 -48.01 5.78 -37.29
N HIS Q 212 -49.15 5.17 -37.57
CA HIS Q 212 -49.35 3.76 -37.24
C HIS Q 212 -50.10 2.99 -38.33
N SER Q 213 -50.41 3.60 -39.45
CA SER Q 213 -51.22 2.97 -40.48
C SER Q 213 -50.75 3.42 -41.86
N VAL Q 214 -51.10 2.64 -42.87
CA VAL Q 214 -50.73 2.92 -44.25
C VAL Q 214 -51.98 2.81 -45.11
N VAL Q 215 -52.10 3.70 -46.10
CA VAL Q 215 -53.27 3.79 -46.95
C VAL Q 215 -53.00 3.07 -48.27
N PHE Q 216 -53.95 2.23 -48.68
CA PHE Q 216 -53.86 1.45 -49.92
C PHE Q 216 -55.06 1.80 -50.79
N HIS Q 217 -54.79 2.41 -51.94
CA HIS Q 217 -55.85 2.72 -52.89
C HIS Q 217 -55.90 1.64 -53.96
N SER Q 218 -57.11 1.17 -54.27
CA SER Q 218 -57.27 0.00 -55.13
C SER Q 218 -57.33 0.39 -56.60
N THR Q 219 -56.68 -0.44 -57.43
CA THR Q 219 -56.77 -0.33 -58.87
C THR Q 219 -56.94 -1.73 -59.44
N VAL Q 220 -57.49 -1.81 -60.65
CA VAL Q 220 -57.84 -3.08 -61.29
C VAL Q 220 -56.89 -3.32 -62.46
N ILE Q 221 -56.31 -4.51 -62.51
CA ILE Q 221 -55.47 -4.92 -63.63
C ILE Q 221 -56.27 -5.75 -64.63
N ALA Q 222 -57.11 -6.68 -64.15
CA ALA Q 222 -57.84 -7.56 -65.04
C ALA Q 222 -59.29 -7.65 -64.58
N LYS Q 223 -60.19 -7.81 -65.56
CA LYS Q 223 -61.60 -8.04 -65.30
C LYS Q 223 -61.96 -9.48 -65.64
N ARG Q 224 -62.55 -10.18 -64.69
CA ARG Q 224 -62.86 -11.59 -64.84
C ARG Q 224 -64.37 -11.81 -64.71
N LYS Q 225 -64.94 -12.49 -65.71
CA LYS Q 225 -66.36 -12.84 -65.68
C LYS Q 225 -66.50 -14.34 -65.77
N GLU Q 226 -67.27 -14.91 -64.86
CA GLU Q 226 -67.51 -16.35 -64.84
C GLU Q 226 -68.72 -16.67 -65.72
N ASP Q 227 -69.21 -17.91 -65.65
CA ASP Q 227 -70.43 -18.26 -66.35
C ASP Q 227 -71.63 -17.54 -65.77
N SER Q 228 -71.59 -17.23 -64.47
CA SER Q 228 -72.66 -16.52 -63.81
C SER Q 228 -72.35 -15.02 -63.75
N GLY Q 229 -73.14 -14.29 -62.97
CA GLY Q 229 -73.01 -12.85 -62.87
C GLY Q 229 -72.01 -12.41 -61.81
N LYS Q 230 -71.13 -13.33 -61.39
CA LYS Q 230 -70.11 -12.99 -60.41
C LYS Q 230 -68.87 -12.43 -61.09
N ILE Q 231 -69.03 -11.36 -61.88
CA ILE Q 231 -67.91 -10.74 -62.56
C ILE Q 231 -66.95 -10.21 -61.50
N LYS Q 232 -65.66 -10.50 -61.67
CA LYS Q 232 -64.66 -10.14 -60.68
C LYS Q 232 -63.57 -9.24 -61.27
N LEU Q 233 -62.89 -8.53 -60.37
CA LEU Q 233 -61.78 -7.65 -60.70
C LEU Q 233 -60.58 -8.03 -59.84
N LEU Q 234 -59.39 -7.87 -60.39
CA LEU Q 234 -58.16 -8.18 -59.67
C LEU Q 234 -57.57 -6.88 -59.12
N LEU Q 235 -57.83 -6.60 -57.84
CA LEU Q 235 -57.42 -5.34 -57.23
C LEU Q 235 -55.92 -5.28 -57.02
N HIS Q 236 -55.34 -4.12 -57.30
CA HIS Q 236 -53.91 -3.89 -57.19
C HIS Q 236 -53.68 -2.50 -56.61
N TRP Q 237 -52.59 -2.38 -55.83
CA TRP Q 237 -52.31 -1.16 -55.09
C TRP Q 237 -50.95 -0.62 -55.51
N MET Q 238 -50.84 0.71 -55.56
CA MET Q 238 -49.66 1.39 -56.10
C MET Q 238 -48.30 1.07 -55.45
N PRO Q 239 -48.18 0.82 -54.14
CA PRO Q 239 -46.84 0.65 -53.58
C PRO Q 239 -46.07 -0.51 -54.16
N GLU Q 240 -46.77 -1.50 -54.74
CA GLU Q 240 -46.16 -2.64 -55.42
C GLU Q 240 -45.41 -3.55 -54.46
N ASP Q 241 -45.33 -3.16 -53.20
CA ASP Q 241 -44.86 -4.02 -52.12
C ASP Q 241 -46.01 -4.57 -51.31
N ILE Q 242 -47.25 -4.30 -51.72
CA ILE Q 242 -48.45 -4.70 -51.01
C ILE Q 242 -48.67 -6.20 -51.07
N LEU Q 243 -49.66 -6.69 -50.32
CA LEU Q 243 -50.05 -8.09 -50.21
C LEU Q 243 -50.24 -8.72 -51.58
N PRO Q 244 -50.18 -10.06 -51.70
CA PRO Q 244 -50.38 -10.70 -53.00
C PRO Q 244 -51.74 -10.36 -53.59
N ASP Q 245 -51.76 -10.26 -54.91
CA ASP Q 245 -52.87 -9.61 -55.60
C ASP Q 245 -54.08 -10.55 -55.65
N VAL Q 246 -55.26 -10.00 -55.36
CA VAL Q 246 -56.45 -10.79 -55.06
C VAL Q 246 -57.57 -10.44 -56.03
N TRP Q 247 -58.47 -11.39 -56.27
CA TRP Q 247 -59.64 -11.17 -57.11
C TRP Q 247 -60.80 -10.66 -56.26
N VAL Q 248 -61.44 -9.58 -56.70
CA VAL Q 248 -62.61 -9.03 -56.04
C VAL Q 248 -63.72 -8.87 -57.06
N ASN Q 249 -64.95 -8.79 -56.59
CA ASN Q 249 -66.08 -8.64 -57.50
C ASN Q 249 -66.37 -7.15 -57.75
N GLU Q 250 -67.35 -6.91 -58.62
CA GLU Q 250 -67.78 -5.56 -58.92
C GLU Q 250 -68.51 -4.91 -57.75
N SER Q 251 -69.29 -5.69 -57.00
CA SER Q 251 -70.09 -5.11 -55.91
C SER Q 251 -69.23 -4.42 -54.86
N GLU Q 252 -68.12 -5.03 -54.45
CA GLU Q 252 -67.25 -4.42 -53.46
C GLU Q 252 -66.09 -3.64 -54.07
N ARG Q 253 -66.22 -3.22 -55.33
CA ARG Q 253 -65.43 -2.11 -55.85
C ARG Q 253 -65.92 -0.79 -55.26
N HIS Q 254 -65.03 0.22 -55.29
CA HIS Q 254 -65.32 1.62 -54.99
C HIS Q 254 -65.38 1.94 -53.49
N GLN Q 255 -65.32 0.94 -52.60
CA GLN Q 255 -65.02 1.31 -51.22
C GLN Q 255 -63.70 0.70 -50.78
N LEU Q 256 -63.27 -0.36 -51.44
CA LEU Q 256 -61.90 -0.85 -51.25
C LEU Q 256 -60.88 0.06 -51.92
N LYS Q 257 -61.34 1.15 -52.52
CA LYS Q 257 -60.45 2.09 -53.19
C LYS Q 257 -59.58 2.86 -52.20
N THR Q 258 -59.79 2.63 -50.89
CA THR Q 258 -58.97 3.22 -49.82
C THR Q 258 -58.87 2.17 -48.71
N LYS Q 259 -57.81 1.37 -48.75
CA LYS Q 259 -57.60 0.36 -47.72
C LYS Q 259 -56.52 0.80 -46.75
N VAL Q 260 -56.80 0.65 -45.46
CA VAL Q 260 -55.88 1.01 -44.39
C VAL Q 260 -55.50 -0.25 -43.63
N VAL Q 261 -54.21 -0.53 -43.53
CA VAL Q 261 -53.70 -1.71 -42.86
C VAL Q 261 -52.72 -1.28 -41.79
N HIS Q 262 -52.87 -1.84 -40.58
CA HIS Q 262 -51.98 -1.53 -39.49
C HIS Q 262 -50.61 -2.12 -39.73
N LEU Q 263 -49.61 -1.57 -39.04
CA LEU Q 263 -48.24 -2.02 -39.22
C LEU Q 263 -48.05 -3.46 -38.77
N SER Q 264 -48.70 -3.85 -37.68
CA SER Q 264 -48.59 -5.21 -37.17
C SER Q 264 -49.19 -6.23 -38.13
N LYS Q 265 -50.03 -5.80 -39.06
CA LYS Q 265 -50.69 -6.72 -39.99
C LYS Q 265 -49.94 -6.87 -41.30
N LEU Q 266 -48.79 -6.23 -41.45
CA LEU Q 266 -48.06 -6.29 -42.71
C LEU Q 266 -47.40 -7.65 -42.87
N PRO Q 267 -47.25 -8.14 -44.11
CA PRO Q 267 -46.60 -9.43 -44.34
C PRO Q 267 -45.12 -9.40 -43.98
N LYS Q 268 -44.54 -10.61 -43.89
CA LYS Q 268 -43.14 -10.75 -43.50
C LYS Q 268 -42.22 -10.05 -44.49
N ASP Q 269 -42.41 -10.30 -45.78
CA ASP Q 269 -41.49 -9.76 -46.78
C ASP Q 269 -41.61 -8.24 -46.90
N THR Q 270 -42.79 -7.69 -46.62
CA THR Q 270 -43.01 -6.26 -46.74
C THR Q 270 -42.14 -5.45 -45.77
N ALA Q 271 -41.58 -6.12 -44.76
CA ALA Q 271 -40.74 -5.41 -43.79
C ALA Q 271 -39.54 -4.77 -44.46
N LEU Q 272 -38.90 -5.49 -45.39
CA LEU Q 272 -37.73 -4.97 -46.08
C LEU Q 272 -38.10 -4.26 -47.37
N LEU Q 273 -39.26 -4.57 -47.96
CA LEU Q 273 -39.66 -3.93 -49.20
C LEU Q 273 -39.87 -2.43 -49.02
N LEU Q 274 -40.58 -2.04 -47.96
CA LEU Q 274 -40.84 -0.62 -47.72
C LEU Q 274 -39.56 0.14 -47.45
N ASP Q 275 -38.67 -0.42 -46.65
CA ASP Q 275 -37.40 0.20 -46.31
C ASP Q 275 -36.37 -0.87 -45.95
N PRO Q 276 -35.26 -0.95 -46.69
CA PRO Q 276 -34.20 -1.88 -46.27
C PRO Q 276 -33.67 -1.58 -44.89
N ASN Q 277 -33.56 -0.30 -44.54
CA ASN Q 277 -33.01 0.11 -43.26
C ASN Q 277 -33.87 -0.34 -42.08
N ILE Q 278 -35.10 -0.80 -42.32
CA ILE Q 278 -35.89 -1.38 -41.25
C ILE Q 278 -35.14 -2.57 -40.64
N TYR Q 279 -34.53 -3.40 -41.47
CA TYR Q 279 -33.66 -4.47 -40.98
C TYR Q 279 -32.60 -4.75 -42.03
N ARG Q 280 -31.34 -4.60 -41.65
CA ARG Q 280 -30.22 -4.91 -42.53
C ARG Q 280 -29.47 -6.11 -41.97
N THR Q 281 -29.31 -7.14 -42.78
CA THR Q 281 -28.44 -8.26 -42.43
C THR Q 281 -27.01 -7.76 -42.54
N MET Q 282 -26.42 -7.39 -41.39
CA MET Q 282 -25.18 -6.64 -41.38
C MET Q 282 -24.05 -7.31 -42.17
N PRO Q 283 -23.82 -8.63 -42.06
CA PRO Q 283 -22.77 -9.23 -42.90
C PRO Q 283 -23.00 -9.02 -44.39
N GLN Q 284 -24.27 -9.03 -44.83
CA GLN Q 284 -24.67 -8.74 -46.21
C GLN Q 284 -24.18 -9.81 -47.17
N LYS Q 285 -23.40 -10.77 -46.68
CA LYS Q 285 -22.86 -11.84 -47.51
C LYS Q 285 -22.17 -12.85 -46.60
N ARG Q 286 -21.79 -13.99 -47.18
CA ARG Q 286 -21.19 -15.08 -46.43
C ARG Q 286 -19.67 -14.90 -46.32
N LEU Q 287 -19.29 -13.90 -45.53
CA LEU Q 287 -17.88 -13.75 -45.20
C LEU Q 287 -17.37 -14.94 -44.40
N LYS Q 288 -18.16 -15.40 -43.44
CA LYS Q 288 -17.81 -16.57 -42.64
C LYS Q 288 -19.09 -17.10 -41.98
N ARG Q 289 -18.99 -18.31 -41.45
CA ARG Q 289 -20.10 -18.89 -40.71
C ARG Q 289 -20.35 -18.10 -39.42
N SAH R . -7.00 17.52 -15.82
CA SAH R . -7.23 18.77 -16.54
CB SAH R . -5.99 19.66 -16.43
CG SAH R . -5.02 19.30 -15.32
SD SAH R . -3.73 20.55 -15.14
C SAH R . -7.57 18.54 -18.00
O SAH R . -8.42 19.25 -18.56
OXT SAH R . -7.02 17.67 -18.65
C5' SAH R . -4.58 21.28 -13.72
C4' SAH R . -5.61 22.31 -14.12
O4' SAH R . -6.87 21.69 -14.24
C3' SAH R . -5.72 23.43 -13.10
O3' SAH R . -5.31 24.64 -13.69
C2' SAH R . -7.18 23.49 -12.72
O2' SAH R . -7.71 24.75 -13.06
C1' SAH R . -7.87 22.41 -13.53
N9 SAH R . -8.60 21.48 -12.65
C8 SAH R . -8.01 20.54 -11.84
N7 SAH R . -8.97 19.88 -11.17
C5 SAH R . -10.17 20.39 -11.54
C6 SAH R . -11.47 20.06 -11.15
N6 SAH R . -11.68 19.11 -10.25
N1 SAH R . -12.53 20.75 -11.69
C2 SAH R . -12.29 21.75 -12.61
N3 SAH R . -11.00 22.06 -12.99
C4 SAH R . -9.96 21.39 -12.47
#